data_5FJJ
#
_entry.id   5FJJ
#
_cell.length_a   139.020
_cell.length_b   141.463
_cell.length_c   193.339
_cell.angle_alpha   90.00
_cell.angle_beta   90.00
_cell.angle_gamma   90.00
#
_symmetry.space_group_name_H-M   'P 21 21 21'
#
loop_
_entity.id
_entity.type
_entity.pdbx_description
1 polymer BETA-GLUCOSIDASE
2 branched beta-D-mannopyranose-(1-4)-2-acetamido-2-deoxy-beta-D-glucopyranose-(1-4)-2-acetamido-2-deoxy-beta-D-glucopyranose
3 branched alpha-D-mannopyranose-(1-6)-beta-D-mannopyranose-(1-4)-2-acetamido-2-deoxy-beta-D-glucopyranose-(1-4)-2-acetamido-2-deoxy-beta-D-glucopyranose
4 branched alpha-D-mannopyranose-(1-2)-alpha-D-mannopyranose-(1-2)-alpha-D-mannopyranose-(1-3)-[alpha-D-mannopyranose-(1-2)-alpha-D-mannopyranose-(1-3)-[alpha-D-mannopyranose-(1-2)-alpha-D-mannopyranose-(1-6)]alpha-D-mannopyranose-(1-6)]beta-D-mannopyranose-(1-4)-2-acetamido-2-deoxy-beta-D-glucopyranose-(1-4)-2-acetamido-2-deoxy-beta-D-glucopyranose
5 branched 2-acetamido-2-deoxy-beta-D-glucopyranose-(1-4)-2-acetamido-2-deoxy-beta-D-glucopyranose
6 branched alpha-D-mannopyranose-(1-2)-alpha-D-mannopyranose-(1-6)-alpha-D-mannopyranose-(1-6)-beta-D-mannopyranose-(1-4)-2-acetamido-2-deoxy-beta-D-glucopyranose-(1-4)-2-acetamido-2-deoxy-beta-D-glucopyranose
7 branched alpha-D-mannopyranose-(1-2)-alpha-D-mannopyranose-(1-3)-alpha-D-mannopyranose-(1-6)-[alpha-D-mannopyranose-(1-3)]beta-D-mannopyranose-(1-4)-2-acetamido-2-deoxy-beta-D-glucopyranose-(1-4)-2-acetamido-2-deoxy-beta-D-glucopyranose
8 branched alpha-D-mannopyranose-(1-2)-alpha-D-mannopyranose-(1-3)-[alpha-D-mannopyranose-(1-6)]beta-D-mannopyranose-(1-4)-2-acetamido-2-deoxy-beta-D-glucopyranose-(1-4)-2-acetamido-2-deoxy-beta-D-glucopyranose
9 branched alpha-D-mannopyranose-(1-2)-alpha-D-mannopyranose-(1-6)-[alpha-D-mannopyranose-(1-3)]alpha-D-mannopyranose-(1-6)-beta-D-mannopyranose-(1-4)-2-acetamido-2-deoxy-beta-D-glucopyranose-(1-4)-2-acetamido-2-deoxy-beta-D-glucopyranose
10 branched alpha-D-mannopyranose-(1-3)-alpha-D-mannopyranose-(1-6)-beta-D-mannopyranose-(1-4)-2-acetamido-2-deoxy-beta-D-glucopyranose-(1-4)-2-acetamido-2-deoxy-beta-D-glucopyranose
11 branched alpha-D-mannopyranose-(1-2)-alpha-D-mannopyranose-(1-3)-beta-D-mannopyranose-(1-4)-2-acetamido-2-deoxy-beta-D-glucopyranose-(1-4)-2-acetamido-2-deoxy-beta-D-glucopyranose
12 branched alpha-D-mannopyranose-(1-2)-alpha-D-mannopyranose-(1-3)-[alpha-D-mannopyranose-(1-2)-alpha-D-mannopyranose-(1-6)]alpha-D-mannopyranose-(1-6)-[alpha-D-mannopyranose-(1-3)]beta-D-mannopyranose-(1-4)-2-acetamido-2-deoxy-beta-D-glucopyranose-(1-4)-2-acetamido-2-deoxy-beta-D-glucopyranose
13 branched alpha-D-mannopyranose-(1-3)-beta-D-mannopyranose-(1-4)-2-acetamido-2-deoxy-beta-D-glucopyranose-(1-4)-2-acetamido-2-deoxy-beta-D-glucopyranose
14 branched alpha-D-mannopyranose-(1-2)-alpha-D-mannopyranose-(1-3)-[alpha-D-mannopyranose-(1-2)-alpha-D-mannopyranose-(1-6)]alpha-D-mannopyranose-(1-6)-beta-D-mannopyranose-(1-4)-2-acetamido-2-deoxy-beta-D-glucopyranose-(1-4)-2-acetamido-2-deoxy-beta-D-glucopyranose
15 non-polymer 2-acetamido-2-deoxy-beta-D-glucopyranose
16 non-polymer DI(HYDROXYETHYL)ETHER
17 non-polymer 'MAGNESIUM ION'
18 non-polymer 'PHOSPHATE ION'
19 non-polymer 'CHLORIDE ION'
20 water water
#
_entity_poly.entity_id   1
_entity_poly.type   'polypeptide(L)'
_entity_poly.pdbx_seq_one_letter_code
;KDDLAYSPPFYPSPWADGQGEWAEVYKRAVDIVSQMTLTEKVNLTTGTGWQLERCVGQTGSVPRLNIPSLCLQDSPLGIR
FSDYNSAFPAGVNVAATWDKTLAYLRGQAMGEEFSDKGIDVQLGPAAGPLGAHPDGGRNWEGFSPDPALTGVLFAETIKG
IQDAGVIATAKHYIMNEQEHFRQQPEAAGYGFNVSDSLSSNVDDKTMHELYLWPFADAVRAGVGAVMCSYNQINNSYGCE
NSETLNKLLKAELGFQGFVMSDWTAHHSGVGAALAGLDMSMPGDVTFDSGTSFWGANLTVGVLNGTIPQWRVDDMAVRIM
AAYYKVGRDTKYTPPNFSSWTRDEYGFAHNHVSEGAYERVNEFVDVQRDHADLIRRIGAQSTVLLKNKGALPLSRKEKLV
ALLGEDAGSNSWGANGCDDRGCDNGTLAMAWGSGTANFPYLVTPEQAIQNEVLQGRGNVFAVTDSWALDKIAAAARQASV
SLVFVNSDSGEGYLSVDGNEGDRNNITLWKNGDNVVKTAANNCNNTVVIIHSVGPVLIDEWYDHPNVTGILWAGLPGQES
GNSIADVLYGRVNPGAKSPFTWGKTRESYGSPLVKDANNGNGAPQSDFTQGVFIDYRHFDKFNETPIYEFGYGLSYTTFE
LSDLHVQPLNASRYTPTSGMTEAAKNFGEIGDASEYVYPEGLERIHEFIYPWINSTDLKASSDDSNYGWEDSKYIPEGAT
DGSAQPRLPASGGAGGNPGLYEDLFRVSVKVKNTGNVAGDEVPQLYVSLGGPNEPKVVLRKFERIHLAPSQEAVWTTTLT
RRDLANWDVSAQDWTVTPYPKTIYVGNSSRKLPLQASLPKAQ
;
_entity_poly.pdbx_strand_id   A,B,C,D
#
# COMPACT_ATOMS: atom_id res chain seq x y z
N LEU A 4 -25.86 -16.47 -61.52
CA LEU A 4 -25.72 -15.74 -60.23
C LEU A 4 -26.63 -16.29 -59.13
N ALA A 5 -26.10 -16.37 -57.92
CA ALA A 5 -26.89 -16.85 -56.79
C ALA A 5 -28.12 -15.96 -56.64
N TYR A 6 -29.25 -16.55 -56.28
CA TYR A 6 -30.53 -15.85 -56.19
C TYR A 6 -31.12 -15.97 -54.78
N SER A 7 -31.63 -14.86 -54.25
CA SER A 7 -32.26 -14.82 -52.93
C SER A 7 -33.76 -14.80 -53.08
N PRO A 8 -34.44 -15.93 -52.83
CA PRO A 8 -35.86 -15.91 -53.13
C PRO A 8 -36.69 -14.96 -52.24
N PRO A 9 -37.91 -14.60 -52.71
CA PRO A 9 -38.73 -13.67 -51.97
C PRO A 9 -39.42 -14.35 -50.78
N PHE A 10 -39.50 -13.63 -49.65
CA PHE A 10 -40.35 -14.05 -48.52
C PHE A 10 -41.10 -12.83 -48.04
N TYR A 11 -42.42 -12.87 -48.24
CA TYR A 11 -43.28 -11.75 -47.90
C TYR A 11 -44.59 -12.26 -47.41
N PRO A 12 -45.35 -11.47 -46.67
CA PRO A 12 -44.98 -10.13 -46.13
C PRO A 12 -43.96 -10.11 -44.99
N SER A 13 -43.50 -8.91 -44.66
CA SER A 13 -42.63 -8.69 -43.52
C SER A 13 -43.40 -8.95 -42.22
N PRO A 14 -43.03 -10.01 -41.45
CA PRO A 14 -43.86 -10.33 -40.29
C PRO A 14 -43.98 -9.18 -39.27
N TRP A 15 -45.19 -9.04 -38.73
CA TRP A 15 -45.48 -7.95 -37.80
C TRP A 15 -45.31 -8.48 -36.38
N ALA A 16 -44.91 -7.59 -35.46
CA ALA A 16 -44.73 -7.92 -34.05
C ALA A 16 -46.02 -8.49 -33.46
N ASP A 17 -45.87 -9.31 -32.42
CA ASP A 17 -47.03 -9.90 -31.75
C ASP A 17 -46.90 -10.06 -30.22
N GLY A 18 -45.90 -9.41 -29.61
CA GLY A 18 -45.68 -9.50 -28.15
C GLY A 18 -45.44 -10.89 -27.62
N GLN A 19 -44.88 -11.77 -28.44
CA GLN A 19 -44.57 -13.14 -28.01
C GLN A 19 -43.53 -13.18 -26.85
N GLY A 20 -43.71 -14.19 -25.98
CA GLY A 20 -42.80 -14.43 -24.89
C GLY A 20 -42.71 -13.26 -23.95
N GLU A 21 -41.48 -12.85 -23.67
CA GLU A 21 -41.20 -11.79 -22.71
C GLU A 21 -41.46 -10.37 -23.29
N TRP A 22 -41.94 -10.27 -24.54
CA TRP A 22 -42.23 -8.97 -25.13
C TRP A 22 -43.69 -8.54 -24.92
N ALA A 23 -44.51 -9.37 -24.25
CA ALA A 23 -45.95 -9.13 -24.16
C ALA A 23 -46.34 -7.76 -23.62
N GLU A 24 -45.74 -7.31 -22.52
CA GLU A 24 -46.16 -6.07 -21.90
C GLU A 24 -45.65 -4.90 -22.68
N VAL A 25 -44.42 -4.97 -23.16
CA VAL A 25 -43.86 -3.81 -23.88
C VAL A 25 -44.51 -3.67 -25.27
N TYR A 26 -44.87 -4.78 -25.89
CA TYR A 26 -45.64 -4.75 -27.14
C TYR A 26 -46.97 -4.03 -26.94
N LYS A 27 -47.72 -4.40 -25.89
CA LYS A 27 -48.97 -3.71 -25.52
C LYS A 27 -48.77 -2.20 -25.34
N ARG A 28 -47.76 -1.82 -24.58
CA ARG A 28 -47.47 -0.41 -24.40
C ARG A 28 -47.03 0.26 -25.69
N ALA A 29 -46.29 -0.45 -26.55
CA ALA A 29 -45.76 0.16 -27.80
C ALA A 29 -46.94 0.47 -28.72
N VAL A 30 -47.82 -0.50 -28.87
CA VAL A 30 -49.04 -0.35 -29.64
C VAL A 30 -49.86 0.85 -29.14
N ASP A 31 -50.00 0.95 -27.82
CA ASP A 31 -50.78 2.02 -27.16
C ASP A 31 -50.23 3.39 -27.56
N ILE A 32 -48.93 3.59 -27.45
CA ILE A 32 -48.35 4.90 -27.81
C ILE A 32 -48.24 5.15 -29.35
N VAL A 33 -47.94 4.13 -30.14
CA VAL A 33 -47.86 4.28 -31.60
C VAL A 33 -49.26 4.54 -32.19
N SER A 34 -50.30 4.00 -31.55
CA SER A 34 -51.69 4.34 -31.89
C SER A 34 -52.03 5.83 -31.77
N GLN A 35 -51.34 6.56 -30.90
CA GLN A 35 -51.57 7.98 -30.70
CA GLN A 35 -51.56 7.99 -30.71
C GLN A 35 -50.76 8.83 -31.71
N MET A 36 -49.88 8.21 -32.50
CA MET A 36 -48.93 8.98 -33.33
C MET A 36 -49.51 9.34 -34.68
N THR A 37 -49.11 10.47 -35.21
CA THR A 37 -49.43 10.84 -36.59
C THR A 37 -48.42 10.11 -37.51
N LEU A 38 -48.69 10.04 -38.81
CA LEU A 38 -47.78 9.38 -39.75
C LEU A 38 -46.37 9.92 -39.69
N THR A 39 -46.22 11.24 -39.64
CA THR A 39 -44.89 11.86 -39.60
C THR A 39 -44.13 11.68 -38.29
N GLU A 40 -44.86 11.48 -37.20
CA GLU A 40 -44.23 11.15 -35.92
C GLU A 40 -43.62 9.73 -35.96
N LYS A 41 -44.38 8.80 -36.57
CA LYS A 41 -43.91 7.44 -36.79
C LYS A 41 -42.69 7.43 -37.69
N VAL A 42 -42.77 8.15 -38.81
CA VAL A 42 -41.65 8.22 -39.75
C VAL A 42 -40.40 8.79 -39.09
N ASN A 43 -40.60 9.70 -38.15
CA ASN A 43 -39.48 10.29 -37.44
C ASN A 43 -38.65 9.24 -36.65
N LEU A 44 -39.33 8.29 -36.03
CA LEU A 44 -38.63 7.22 -35.29
C LEU A 44 -37.81 6.32 -36.22
N THR A 45 -38.32 6.11 -37.44
CA THR A 45 -37.71 5.21 -38.41
C THR A 45 -36.49 5.76 -39.13
N THR A 46 -36.22 7.04 -39.01
CA THR A 46 -35.26 7.67 -39.90
C THR A 46 -34.36 8.55 -39.12
N GLY A 47 -33.05 8.35 -39.31
CA GLY A 47 -32.08 9.20 -38.68
C GLY A 47 -32.12 10.58 -39.30
N THR A 48 -31.54 11.54 -38.61
CA THR A 48 -31.65 12.93 -38.98
C THR A 48 -30.51 13.44 -39.80
N GLY A 49 -29.60 12.51 -40.20
CA GLY A 49 -28.47 12.85 -41.07
C GLY A 49 -27.12 12.93 -40.40
N TRP A 50 -26.09 12.56 -41.18
CA TRP A 50 -24.73 12.40 -40.66
C TRP A 50 -24.15 13.65 -40.05
N GLN A 51 -23.69 13.57 -38.82
CA GLN A 51 -23.06 14.71 -38.14
C GLN A 51 -23.97 15.94 -37.84
N LEU A 52 -25.27 15.70 -37.73
CA LEU A 52 -26.25 16.79 -37.51
C LEU A 52 -26.71 16.94 -36.08
N GLU A 53 -26.56 15.89 -35.27
CA GLU A 53 -26.86 15.97 -33.83
C GLU A 53 -25.66 15.46 -33.03
N ARG A 54 -25.86 14.74 -31.95
CA ARG A 54 -24.73 14.43 -31.01
C ARG A 54 -24.14 13.08 -31.28
N CYS A 55 -24.99 12.10 -31.56
CA CYS A 55 -24.61 10.72 -31.62
C CYS A 55 -24.39 10.30 -33.06
N VAL A 56 -23.71 9.17 -33.26
CA VAL A 56 -23.40 8.75 -34.61
C VAL A 56 -24.70 8.40 -35.39
N GLY A 57 -25.75 8.01 -34.69
CA GLY A 57 -27.10 7.91 -35.23
C GLY A 57 -28.08 8.57 -34.25
N GLN A 58 -29.06 9.31 -34.77
CA GLN A 58 -30.17 9.91 -33.93
C GLN A 58 -31.42 9.89 -34.73
N THR A 59 -32.50 9.38 -34.14
CA THR A 59 -33.75 9.33 -34.84
C THR A 59 -34.41 10.71 -34.70
N GLY A 60 -35.51 10.91 -35.43
CA GLY A 60 -36.37 12.04 -35.18
C GLY A 60 -37.04 11.79 -33.84
N SER A 61 -37.62 12.85 -33.26
CA SER A 61 -38.27 12.82 -31.95
C SER A 61 -39.79 12.82 -32.14
N VAL A 62 -40.51 12.62 -31.05
CA VAL A 62 -41.96 12.77 -31.03
C VAL A 62 -42.26 13.67 -29.85
N PRO A 63 -41.93 14.98 -29.97
CA PRO A 63 -42.07 15.89 -28.84
C PRO A 63 -43.53 16.00 -28.31
N ARG A 64 -44.53 15.94 -29.19
CA ARG A 64 -45.93 15.96 -28.74
C ARG A 64 -46.24 14.88 -27.69
N LEU A 65 -45.64 13.70 -27.82
CA LEU A 65 -45.81 12.60 -26.85
C LEU A 65 -44.67 12.41 -25.82
N ASN A 66 -43.79 13.41 -25.68
CA ASN A 66 -42.64 13.31 -24.75
C ASN A 66 -41.72 12.12 -25.06
N ILE A 67 -41.51 11.82 -26.35
CA ILE A 67 -40.53 10.79 -26.76
C ILE A 67 -39.33 11.48 -27.38
N PRO A 68 -38.21 11.46 -26.70
CA PRO A 68 -37.04 12.13 -27.25
C PRO A 68 -36.42 11.29 -28.34
N SER A 69 -35.54 11.92 -29.11
CA SER A 69 -34.73 11.27 -30.11
C SER A 69 -33.92 10.09 -29.49
N LEU A 70 -33.92 8.94 -30.17
CA LEU A 70 -33.05 7.80 -29.78
C LEU A 70 -31.64 8.11 -30.22
N CYS A 71 -30.71 8.11 -29.28
CA CYS A 71 -29.33 8.30 -29.56
C CYS A 71 -28.68 6.90 -29.70
N LEU A 72 -27.99 6.67 -30.84
CA LEU A 72 -27.34 5.38 -31.19
C LEU A 72 -25.87 5.60 -31.30
N GLN A 73 -25.07 4.81 -30.58
CA GLN A 73 -23.60 5.05 -30.51
C GLN A 73 -22.79 3.76 -30.59
N ASP A 74 -21.77 3.77 -31.44
CA ASP A 74 -20.67 2.80 -31.40
C ASP A 74 -20.01 2.86 -29.99
N SER A 75 -19.27 1.83 -29.53
CA SER A 75 -18.88 0.59 -30.23
C SER A 75 -19.14 -0.63 -29.35
N PRO A 76 -18.85 -1.84 -29.89
CA PRO A 76 -19.01 -3.06 -29.08
C PRO A 76 -18.03 -3.22 -27.89
N LEU A 77 -17.02 -2.36 -27.79
CA LEU A 77 -16.03 -2.39 -26.70
C LEU A 77 -15.89 -1.09 -25.91
N GLY A 78 -16.86 -0.19 -26.06
CA GLY A 78 -16.82 1.13 -25.40
C GLY A 78 -17.32 2.29 -26.24
N ILE A 79 -17.61 3.39 -25.57
CA ILE A 79 -18.29 4.51 -26.21
C ILE A 79 -17.33 5.15 -27.20
N ARG A 80 -17.77 5.26 -28.44
CA ARG A 80 -16.98 5.88 -29.48
C ARG A 80 -17.15 7.39 -29.47
N PHE A 81 -16.10 8.12 -29.87
CA PHE A 81 -16.16 9.56 -30.09
C PHE A 81 -16.59 10.37 -28.85
N SER A 82 -16.03 10.03 -27.69
CA SER A 82 -16.47 10.68 -26.45
C SER A 82 -15.29 10.93 -25.56
N ASP A 83 -15.54 11.22 -24.28
CA ASP A 83 -14.47 11.44 -23.32
C ASP A 83 -14.87 10.90 -21.93
N TYR A 84 -13.89 10.78 -21.02
CA TYR A 84 -14.09 10.28 -19.67
C TYR A 84 -14.88 8.99 -19.60
N ASN A 85 -14.54 8.09 -20.54
CA ASN A 85 -15.10 6.81 -20.71
C ASN A 85 -13.97 5.76 -20.71
N SER A 86 -14.35 4.49 -20.64
CA SER A 86 -13.41 3.40 -20.58
C SER A 86 -13.24 2.78 -21.96
N ALA A 87 -12.08 2.15 -22.18
CA ALA A 87 -11.84 1.33 -23.39
C ALA A 87 -11.71 -0.14 -22.90
N PHE A 88 -12.74 -0.94 -23.18
CA PHE A 88 -12.78 -2.32 -22.76
C PHE A 88 -12.00 -3.24 -23.72
N PRO A 89 -11.68 -4.48 -23.26
CA PRO A 89 -11.04 -5.43 -24.15
C PRO A 89 -12.02 -5.78 -25.25
N ALA A 90 -11.49 -6.14 -26.40
CA ALA A 90 -12.26 -6.49 -27.55
C ALA A 90 -13.01 -7.77 -27.38
N GLY A 91 -13.95 -7.98 -28.29
CA GLY A 91 -14.79 -9.14 -28.22
C GLY A 91 -14.01 -10.43 -28.34
N VAL A 92 -12.97 -10.45 -29.17
CA VAL A 92 -12.13 -11.62 -29.25
C VAL A 92 -11.48 -12.02 -27.90
N ASN A 93 -11.12 -11.03 -27.09
CA ASN A 93 -10.67 -11.29 -25.73
C ASN A 93 -11.73 -11.95 -24.90
N VAL A 94 -12.97 -11.50 -25.05
CA VAL A 94 -14.02 -12.07 -24.27
C VAL A 94 -14.15 -13.53 -24.67
N ALA A 95 -14.02 -13.83 -25.97
CA ALA A 95 -14.10 -15.19 -26.43
C ALA A 95 -13.04 -16.01 -25.77
N ALA A 96 -11.83 -15.45 -25.68
CA ALA A 96 -10.69 -16.14 -25.07
C ALA A 96 -10.91 -16.47 -23.61
N THR A 97 -11.77 -15.77 -22.91
CA THR A 97 -12.05 -16.06 -21.49
C THR A 97 -12.85 -17.32 -21.34
N TRP A 98 -13.62 -17.68 -22.36
CA TRP A 98 -14.56 -18.81 -22.28
C TRP A 98 -15.45 -18.65 -21.03
N ASP A 99 -15.71 -17.40 -20.63
CA ASP A 99 -16.37 -17.08 -19.37
C ASP A 99 -17.68 -16.26 -19.50
N LYS A 100 -18.81 -16.94 -19.34
CA LYS A 100 -20.15 -16.32 -19.42
C LYS A 100 -20.32 -15.12 -18.49
N THR A 101 -19.75 -15.23 -17.31
CA THR A 101 -19.92 -14.22 -16.29
C THR A 101 -19.12 -12.99 -16.63
N LEU A 102 -17.89 -13.13 -17.13
CA LEU A 102 -17.14 -11.96 -17.54
C LEU A 102 -17.81 -11.25 -18.76
N ALA A 103 -18.38 -12.01 -19.69
CA ALA A 103 -19.12 -11.42 -20.84
C ALA A 103 -20.30 -10.58 -20.34
N TYR A 104 -21.11 -11.17 -19.44
CA TYR A 104 -22.20 -10.46 -18.81
C TYR A 104 -21.75 -9.22 -18.06
N LEU A 105 -20.73 -9.36 -17.23
CA LEU A 105 -20.25 -8.21 -16.45
C LEU A 105 -19.73 -7.06 -17.32
N ARG A 106 -19.05 -7.42 -18.38
CA ARG A 106 -18.50 -6.43 -19.31
C ARG A 106 -19.67 -5.71 -19.98
N GLY A 107 -20.72 -6.47 -20.34
CA GLY A 107 -21.92 -5.90 -20.97
C GLY A 107 -22.59 -4.89 -20.05
N GLN A 108 -22.71 -5.28 -18.78
CA GLN A 108 -23.21 -4.40 -17.74
C GLN A 108 -22.40 -3.13 -17.57
N ALA A 109 -21.08 -3.26 -17.53
CA ALA A 109 -20.20 -2.10 -17.30
C ALA A 109 -20.26 -1.11 -18.49
N MET A 110 -20.29 -1.67 -19.69
CA MET A 110 -20.45 -0.85 -20.93
C MET A 110 -21.84 -0.15 -20.92
N GLY A 111 -22.89 -0.91 -20.63
CA GLY A 111 -24.24 -0.36 -20.56
C GLY A 111 -24.38 0.79 -19.58
N GLU A 112 -23.74 0.69 -18.42
CA GLU A 112 -23.67 1.78 -17.47
C GLU A 112 -23.09 3.03 -18.08
N GLU A 113 -21.99 2.89 -18.82
CA GLU A 113 -21.29 4.07 -19.32
C GLU A 113 -22.12 4.70 -20.44
N PHE A 114 -22.65 3.88 -21.33
CA PHE A 114 -23.49 4.39 -22.40
C PHE A 114 -24.67 5.16 -21.85
N SER A 115 -25.37 4.54 -20.89
CA SER A 115 -26.54 5.14 -20.25
C SER A 115 -26.24 6.50 -19.65
N ASP A 116 -25.13 6.63 -18.95
CA ASP A 116 -24.72 7.85 -18.24
C ASP A 116 -24.27 8.99 -19.17
N LYS A 117 -23.95 8.67 -20.41
CA LYS A 117 -23.69 9.71 -21.42
C LYS A 117 -24.95 10.12 -22.15
N GLY A 118 -26.08 9.49 -21.82
CA GLY A 118 -27.33 9.77 -22.51
C GLY A 118 -27.47 9.06 -23.83
N ILE A 119 -26.88 7.88 -23.94
CA ILE A 119 -27.05 7.01 -25.09
C ILE A 119 -28.11 5.96 -24.84
N ASP A 120 -29.01 5.78 -25.79
CA ASP A 120 -30.10 4.85 -25.67
C ASP A 120 -29.82 3.46 -26.34
N VAL A 121 -28.96 3.46 -27.37
CA VAL A 121 -28.66 2.27 -28.13
C VAL A 121 -27.16 2.11 -28.32
N GLN A 122 -26.64 0.97 -27.84
CA GLN A 122 -25.25 0.61 -28.06
C GLN A 122 -25.20 -0.17 -29.35
N LEU A 123 -24.28 0.20 -30.24
CA LEU A 123 -24.15 -0.49 -31.54
C LEU A 123 -23.18 -1.66 -31.41
N GLY A 124 -23.71 -2.69 -30.77
CA GLY A 124 -22.94 -3.87 -30.40
C GLY A 124 -23.81 -4.73 -29.51
N PRO A 125 -23.44 -5.98 -29.30
CA PRO A 125 -22.12 -6.52 -29.62
C PRO A 125 -22.15 -7.12 -31.03
N ALA A 126 -21.06 -7.76 -31.46
CA ALA A 126 -20.97 -8.39 -32.80
C ALA A 126 -20.78 -9.92 -32.79
N ALA A 127 -21.53 -10.60 -33.66
CA ALA A 127 -21.28 -11.98 -34.05
C ALA A 127 -21.19 -12.17 -35.59
N GLY A 128 -21.01 -11.08 -36.33
CA GLY A 128 -20.98 -11.11 -37.80
C GLY A 128 -20.08 -9.95 -38.15
N PRO A 129 -18.89 -10.18 -38.74
CA PRO A 129 -18.38 -11.47 -39.14
C PRO A 129 -18.16 -12.45 -37.99
N LEU A 130 -18.58 -13.68 -38.23
CA LEU A 130 -18.30 -14.79 -37.34
C LEU A 130 -16.81 -15.12 -37.34
N GLY A 131 -16.25 -15.27 -38.53
CA GLY A 131 -14.80 -15.44 -38.69
C GLY A 131 -14.36 -16.54 -39.65
N ALA A 132 -15.02 -16.63 -40.80
CA ALA A 132 -14.68 -17.60 -41.81
C ALA A 132 -13.29 -17.42 -42.34
N HIS A 133 -12.82 -16.19 -42.43
CA HIS A 133 -11.51 -15.86 -42.98
C HIS A 133 -10.62 -15.38 -41.83
N PRO A 134 -9.50 -16.04 -41.52
CA PRO A 134 -8.71 -15.53 -40.39
C PRO A 134 -8.13 -14.14 -40.63
N ASP A 135 -8.09 -13.72 -41.89
CA ASP A 135 -7.60 -12.41 -42.27
C ASP A 135 -8.71 -11.37 -42.43
N GLY A 136 -9.96 -11.76 -42.19
CA GLY A 136 -11.09 -10.83 -42.20
C GLY A 136 -10.83 -9.70 -41.23
N GLY A 137 -11.02 -8.46 -41.71
CA GLY A 137 -10.56 -7.29 -40.96
C GLY A 137 -11.26 -7.00 -39.61
N ARG A 138 -12.50 -7.50 -39.44
CA ARG A 138 -13.32 -7.17 -38.26
C ARG A 138 -13.69 -8.36 -37.38
N ASN A 139 -13.08 -9.52 -37.60
CA ASN A 139 -13.37 -10.71 -36.77
C ASN A 139 -13.17 -10.42 -35.25
N TRP A 140 -12.13 -9.69 -34.91
CA TRP A 140 -11.82 -9.26 -33.54
C TRP A 140 -12.94 -8.54 -32.77
N GLU A 141 -13.84 -7.84 -33.47
CA GLU A 141 -14.96 -7.15 -32.82
C GLU A 141 -15.99 -8.13 -32.25
N GLY A 142 -16.06 -9.32 -32.85
CA GLY A 142 -16.96 -10.36 -32.49
C GLY A 142 -16.35 -11.26 -31.42
N PHE A 143 -16.56 -12.58 -31.53
CA PHE A 143 -16.04 -13.53 -30.54
C PHE A 143 -15.13 -14.59 -31.16
N SER A 144 -15.71 -15.58 -31.79
CA SER A 144 -14.97 -16.69 -32.29
C SER A 144 -15.60 -17.24 -33.58
N PRO A 145 -14.81 -17.93 -34.40
CA PRO A 145 -15.44 -18.58 -35.53
C PRO A 145 -16.36 -19.67 -35.10
N ASP A 146 -16.19 -20.17 -33.89
CA ASP A 146 -17.13 -21.18 -33.39
C ASP A 146 -18.47 -20.58 -33.01
N PRO A 147 -19.57 -21.12 -33.57
CA PRO A 147 -20.89 -20.54 -33.34
C PRO A 147 -21.43 -20.76 -31.96
N ALA A 148 -21.14 -21.90 -31.36
CA ALA A 148 -21.60 -22.15 -29.98
C ALA A 148 -20.95 -21.19 -28.95
N LEU A 149 -19.65 -21.13 -28.93
CA LEU A 149 -18.94 -20.21 -28.07
C LEU A 149 -19.36 -18.75 -28.29
N THR A 150 -19.33 -18.30 -29.56
CA THR A 150 -19.79 -16.97 -29.90
C THR A 150 -21.21 -16.71 -29.42
N GLY A 151 -22.13 -17.63 -29.71
CA GLY A 151 -23.52 -17.44 -29.34
C GLY A 151 -23.76 -17.21 -27.85
N VAL A 152 -23.14 -18.06 -27.02
CA VAL A 152 -23.26 -17.94 -25.57
C VAL A 152 -22.76 -16.56 -25.08
N LEU A 153 -21.59 -16.15 -25.52
CA LEU A 153 -20.97 -14.94 -24.99
C LEU A 153 -21.57 -13.64 -25.61
N PHE A 154 -22.06 -13.76 -26.86
CA PHE A 154 -22.89 -12.74 -27.54
C PHE A 154 -24.13 -12.48 -26.69
N ALA A 155 -24.88 -13.55 -26.39
CA ALA A 155 -26.09 -13.47 -25.56
C ALA A 155 -25.84 -12.86 -24.18
N GLU A 156 -24.76 -13.26 -23.50
CA GLU A 156 -24.51 -12.73 -22.16
C GLU A 156 -24.18 -11.26 -22.23
N THR A 157 -23.39 -10.87 -23.25
CA THR A 157 -23.05 -9.49 -23.43
C THR A 157 -24.32 -8.66 -23.62
N ILE A 158 -25.22 -9.13 -24.44
CA ILE A 158 -26.49 -8.48 -24.70
C ILE A 158 -27.29 -8.34 -23.41
N LYS A 159 -27.41 -9.43 -22.64
CA LYS A 159 -28.12 -9.36 -21.35
C LYS A 159 -27.53 -8.33 -20.41
N GLY A 160 -26.21 -8.20 -20.39
CA GLY A 160 -25.56 -7.27 -19.48
C GLY A 160 -25.78 -5.83 -19.89
N ILE A 161 -25.68 -5.57 -21.21
CA ILE A 161 -25.99 -4.22 -21.71
C ILE A 161 -27.45 -3.87 -21.40
N GLN A 162 -28.37 -4.76 -21.69
CA GLN A 162 -29.79 -4.46 -21.54
C GLN A 162 -30.27 -4.40 -20.12
N ASP A 163 -29.70 -5.22 -19.23
CA ASP A 163 -29.97 -5.09 -17.78
C ASP A 163 -29.48 -3.74 -17.24
N ALA A 164 -28.50 -3.12 -17.86
CA ALA A 164 -28.09 -1.76 -17.46
C ALA A 164 -28.90 -0.63 -18.12
N GLY A 165 -29.91 -0.99 -18.93
CA GLY A 165 -30.93 -0.06 -19.43
C GLY A 165 -30.62 0.61 -20.76
N VAL A 166 -29.84 -0.08 -21.59
CA VAL A 166 -29.44 0.37 -22.91
C VAL A 166 -29.82 -0.70 -23.88
N ILE A 167 -30.34 -0.28 -25.04
CA ILE A 167 -30.68 -1.25 -26.09
C ILE A 167 -29.40 -1.78 -26.70
N ALA A 168 -29.28 -3.10 -26.80
CA ALA A 168 -28.17 -3.69 -27.52
C ALA A 168 -28.54 -3.92 -28.97
N THR A 169 -27.54 -3.89 -29.84
CA THR A 169 -27.72 -4.13 -31.28
C THR A 169 -26.87 -5.31 -31.75
N ALA A 170 -27.50 -6.44 -32.00
CA ALA A 170 -26.83 -7.60 -32.59
C ALA A 170 -26.37 -7.25 -34.01
N LYS A 171 -25.07 -7.21 -34.26
CA LYS A 171 -24.57 -6.91 -35.62
C LYS A 171 -23.44 -7.86 -36.06
N HIS A 172 -23.05 -7.90 -37.34
CA HIS A 172 -23.76 -7.39 -38.52
C HIS A 172 -24.52 -8.53 -39.16
N TYR A 173 -25.82 -8.36 -39.35
CA TYR A 173 -26.73 -9.38 -39.85
C TYR A 173 -26.91 -9.22 -41.42
N ILE A 174 -26.25 -10.02 -42.24
CA ILE A 174 -25.48 -11.23 -41.92
C ILE A 174 -24.56 -11.54 -43.12
N MET A 175 -23.51 -12.33 -42.89
CA MET A 175 -22.57 -12.81 -43.92
C MET A 175 -21.58 -11.79 -44.40
N ASN A 176 -21.31 -10.77 -43.57
CA ASN A 176 -20.32 -9.76 -43.84
C ASN A 176 -18.98 -10.29 -43.32
N GLU A 177 -18.48 -11.35 -43.97
CA GLU A 177 -17.32 -12.08 -43.49
C GLU A 177 -16.02 -11.47 -43.93
N GLN A 178 -16.07 -10.42 -44.76
CA GLN A 178 -14.86 -9.70 -45.14
C GLN A 178 -15.16 -8.24 -45.41
N GLU A 179 -14.13 -7.41 -45.41
CA GLU A 179 -14.24 -6.00 -45.70
C GLU A 179 -14.12 -5.62 -47.20
N HIS A 180 -13.28 -6.33 -47.95
CA HIS A 180 -13.08 -6.04 -49.36
C HIS A 180 -14.42 -6.04 -50.07
N PHE A 181 -14.71 -4.95 -50.83
CA PHE A 181 -15.93 -4.88 -51.65
C PHE A 181 -17.22 -4.79 -50.84
N ARG A 182 -17.13 -4.45 -49.57
CA ARG A 182 -18.37 -4.43 -48.75
C ARG A 182 -19.28 -3.30 -49.20
N GLN A 183 -18.67 -2.22 -49.70
CA GLN A 183 -19.37 -1.06 -50.22
C GLN A 183 -18.77 -0.68 -51.54
N GLN A 184 -19.66 -0.39 -52.49
CA GLN A 184 -19.24 -0.01 -53.84
C GLN A 184 -18.38 1.24 -53.82
N PRO A 185 -18.80 2.32 -53.14
CA PRO A 185 -17.92 3.50 -53.16
C PRO A 185 -16.56 3.32 -52.51
N GLU A 186 -16.46 2.42 -51.52
CA GLU A 186 -15.15 2.10 -50.92
C GLU A 186 -14.24 1.39 -51.91
N ALA A 187 -14.80 0.39 -52.59
CA ALA A 187 -14.09 -0.35 -53.61
C ALA A 187 -13.61 0.62 -54.72
N ALA A 188 -14.48 1.55 -55.13
CA ALA A 188 -14.10 2.58 -56.12
C ALA A 188 -12.91 3.36 -55.65
N GLY A 189 -12.96 3.82 -54.41
CA GLY A 189 -11.86 4.60 -53.84
C GLY A 189 -10.58 3.82 -53.77
N TYR A 190 -10.67 2.49 -53.67
CA TYR A 190 -9.48 1.64 -53.72
C TYR A 190 -9.09 1.18 -55.15
N GLY A 191 -9.67 1.79 -56.17
CA GLY A 191 -9.34 1.49 -57.56
C GLY A 191 -10.03 0.30 -58.19
N PHE A 192 -11.13 -0.20 -57.63
CA PHE A 192 -11.89 -1.27 -58.32
C PHE A 192 -13.12 -0.66 -58.98
N ASN A 193 -13.63 -1.31 -60.02
CA ASN A 193 -14.82 -0.86 -60.68
C ASN A 193 -15.84 -1.99 -60.61
N VAL A 194 -16.80 -1.86 -59.67
CA VAL A 194 -17.80 -2.89 -59.45
C VAL A 194 -19.11 -2.18 -59.29
N SER A 195 -20.19 -2.82 -59.66
CA SER A 195 -21.45 -2.13 -59.75
C SER A 195 -22.28 -2.27 -58.47
N ASP A 196 -21.90 -3.24 -57.61
CA ASP A 196 -22.50 -3.37 -56.29
C ASP A 196 -21.55 -4.10 -55.31
N SER A 197 -21.94 -4.11 -54.03
CA SER A 197 -21.18 -4.78 -52.95
C SER A 197 -21.06 -6.26 -53.20
N LEU A 198 -20.00 -6.83 -52.66
CA LEU A 198 -19.79 -8.29 -52.59
C LEU A 198 -21.00 -9.02 -52.16
N SER A 199 -21.26 -10.15 -52.82
CA SER A 199 -22.32 -11.06 -52.44
C SER A 199 -21.74 -12.30 -51.82
N SER A 200 -22.26 -12.60 -50.63
CA SER A 200 -21.92 -13.83 -49.90
C SER A 200 -22.97 -14.82 -50.26
N ASN A 201 -22.57 -15.91 -50.90
CA ASN A 201 -23.52 -16.89 -51.36
C ASN A 201 -23.39 -18.15 -50.49
N VAL A 202 -24.46 -18.50 -49.79
CA VAL A 202 -24.37 -19.52 -48.75
C VAL A 202 -25.62 -20.36 -48.79
N ASP A 203 -25.44 -21.65 -48.57
CA ASP A 203 -26.50 -22.55 -48.57
C ASP A 203 -27.35 -22.46 -47.28
N ASP A 204 -28.55 -23.03 -47.35
CA ASP A 204 -29.53 -22.91 -46.28
C ASP A 204 -29.12 -23.69 -45.00
N LYS A 205 -28.53 -24.87 -45.20
CA LYS A 205 -28.02 -25.68 -44.09
C LYS A 205 -26.90 -24.95 -43.31
N THR A 206 -25.88 -24.53 -44.02
CA THR A 206 -24.77 -23.78 -43.47
C THR A 206 -25.20 -22.49 -42.80
N MET A 207 -26.18 -21.82 -43.39
CA MET A 207 -26.74 -20.62 -42.79
C MET A 207 -27.28 -20.96 -41.39
N HIS A 208 -28.09 -21.99 -41.32
CA HIS A 208 -28.75 -22.35 -40.05
C HIS A 208 -27.81 -22.93 -38.97
N GLU A 209 -26.86 -23.74 -39.42
CA GLU A 209 -25.96 -24.46 -38.51
C GLU A 209 -24.73 -23.66 -38.09
N LEU A 210 -24.37 -22.62 -38.85
CA LEU A 210 -23.21 -21.83 -38.56
C LEU A 210 -23.56 -20.37 -38.34
N TYR A 211 -23.82 -19.60 -39.42
CA TYR A 211 -23.77 -18.14 -39.35
C TYR A 211 -24.97 -17.52 -38.58
N LEU A 212 -26.14 -18.10 -38.75
CA LEU A 212 -27.37 -17.65 -38.09
C LEU A 212 -27.45 -18.03 -36.61
N TRP A 213 -26.81 -19.13 -36.22
CA TRP A 213 -26.86 -19.70 -34.84
C TRP A 213 -26.62 -18.70 -33.71
N PRO A 214 -25.51 -17.91 -33.76
CA PRO A 214 -25.40 -16.88 -32.70
C PRO A 214 -26.50 -15.80 -32.68
N PHE A 215 -27.11 -15.53 -33.84
CA PHE A 215 -28.27 -14.59 -33.90
C PHE A 215 -29.52 -15.18 -33.28
N ALA A 216 -29.77 -16.48 -33.40
CA ALA A 216 -30.83 -17.09 -32.63
C ALA A 216 -30.61 -16.84 -31.15
N ASP A 217 -29.36 -17.01 -30.68
CA ASP A 217 -29.03 -16.80 -29.27
C ASP A 217 -29.36 -15.38 -28.89
N ALA A 218 -28.97 -14.41 -29.73
CA ALA A 218 -29.24 -12.99 -29.43
C ALA A 218 -30.74 -12.69 -29.33
N VAL A 219 -31.50 -13.24 -30.26
CA VAL A 219 -32.95 -13.10 -30.21
C VAL A 219 -33.54 -13.73 -28.96
N ARG A 220 -33.10 -14.93 -28.63
CA ARG A 220 -33.58 -15.62 -27.42
C ARG A 220 -33.18 -14.84 -26.16
N ALA A 221 -32.04 -14.17 -26.18
CA ALA A 221 -31.59 -13.38 -25.03
C ALA A 221 -32.33 -12.04 -24.91
N GLY A 222 -33.25 -11.73 -25.83
CA GLY A 222 -34.09 -10.54 -25.75
C GLY A 222 -33.47 -9.31 -26.34
N VAL A 223 -32.55 -9.47 -27.30
CA VAL A 223 -31.87 -8.32 -27.90
C VAL A 223 -32.94 -7.39 -28.52
N GLY A 224 -32.77 -6.09 -28.30
CA GLY A 224 -33.72 -5.08 -28.77
C GLY A 224 -33.62 -4.74 -30.26
N ALA A 225 -32.40 -4.74 -30.80
CA ALA A 225 -32.15 -4.35 -32.19
C ALA A 225 -31.14 -5.27 -32.87
N VAL A 226 -31.22 -5.31 -34.22
CA VAL A 226 -30.31 -6.01 -35.10
C VAL A 226 -29.89 -5.05 -36.20
N MET A 227 -28.62 -5.05 -36.55
CA MET A 227 -28.10 -4.14 -37.59
C MET A 227 -27.86 -4.97 -38.82
N CYS A 228 -28.58 -4.65 -39.93
CA CYS A 228 -28.43 -5.42 -41.16
C CYS A 228 -27.13 -4.93 -41.88
N SER A 229 -26.54 -5.80 -42.69
CA SER A 229 -25.14 -5.60 -43.17
C SER A 229 -24.98 -4.88 -44.52
N TYR A 230 -23.77 -4.41 -44.78
CA TYR A 230 -23.38 -3.81 -46.08
C TYR A 230 -23.38 -4.75 -47.31
N ASN A 231 -23.01 -5.99 -47.11
CA ASN A 231 -22.86 -6.95 -48.21
C ASN A 231 -24.21 -7.44 -48.71
N GLN A 232 -24.17 -8.15 -49.82
CA GLN A 232 -25.36 -8.87 -50.27
C GLN A 232 -25.28 -10.30 -49.79
N ILE A 233 -26.43 -10.95 -49.72
CA ILE A 233 -26.48 -12.36 -49.56
C ILE A 233 -27.25 -12.90 -50.74
N ASN A 234 -26.64 -13.83 -51.48
CA ASN A 234 -27.20 -14.33 -52.74
C ASN A 234 -27.72 -13.15 -53.57
N ASN A 235 -26.90 -12.12 -53.72
CA ASN A 235 -27.20 -10.95 -54.56
C ASN A 235 -28.49 -10.21 -54.22
N SER A 236 -28.73 -10.06 -52.92
CA SER A 236 -29.74 -9.18 -52.39
C SER A 236 -29.13 -8.51 -51.16
N TYR A 237 -29.11 -7.18 -51.15
CA TYR A 237 -28.50 -6.43 -50.09
C TYR A 237 -29.05 -6.80 -48.69
N GLY A 238 -28.14 -6.79 -47.70
CA GLY A 238 -28.46 -7.14 -46.32
C GLY A 238 -29.66 -6.39 -45.76
N CYS A 239 -29.74 -5.09 -46.09
CA CYS A 239 -30.81 -4.24 -45.58
C CYS A 239 -32.07 -4.24 -46.44
N GLU A 240 -32.16 -5.19 -47.38
CA GLU A 240 -33.41 -5.44 -48.09
C GLU A 240 -33.51 -6.88 -48.52
N ASN A 241 -32.93 -7.77 -47.71
CA ASN A 241 -32.94 -9.17 -48.02
C ASN A 241 -34.13 -9.77 -47.33
N SER A 242 -35.17 -10.11 -48.10
CA SER A 242 -36.40 -10.61 -47.51
C SER A 242 -36.23 -12.00 -46.86
N GLU A 243 -35.33 -12.83 -47.42
CA GLU A 243 -35.03 -14.13 -46.81
C GLU A 243 -34.38 -13.97 -45.43
N THR A 244 -33.33 -13.16 -45.32
CA THR A 244 -32.64 -13.05 -44.03
C THR A 244 -33.47 -12.27 -43.01
N LEU A 245 -34.06 -11.13 -43.40
CA LEU A 245 -34.82 -10.25 -42.47
C LEU A 245 -36.22 -10.75 -42.18
N ASN A 246 -36.99 -11.07 -43.22
CA ASN A 246 -38.36 -11.51 -43.02
C ASN A 246 -38.47 -12.98 -42.67
N LYS A 247 -37.83 -13.87 -43.44
CA LYS A 247 -38.02 -15.30 -43.25
C LYS A 247 -37.21 -15.79 -41.98
N LEU A 248 -35.91 -15.55 -41.95
CA LEU A 248 -35.04 -16.12 -40.91
C LEU A 248 -35.17 -15.35 -39.61
N LEU A 249 -34.86 -14.07 -39.64
CA LEU A 249 -34.86 -13.28 -38.40
C LEU A 249 -36.24 -13.09 -37.79
N LYS A 250 -37.22 -12.68 -38.62
CA LYS A 250 -38.53 -12.35 -38.11
C LYS A 250 -39.50 -13.54 -38.05
N ALA A 251 -39.60 -14.33 -39.10
CA ALA A 251 -40.59 -15.37 -39.11
C ALA A 251 -40.11 -16.58 -38.31
N GLU A 252 -38.84 -16.97 -38.51
CA GLU A 252 -38.32 -18.18 -37.92
C GLU A 252 -37.83 -17.92 -36.49
N LEU A 253 -36.90 -17.02 -36.32
CA LEU A 253 -36.39 -16.66 -35.00
C LEU A 253 -37.33 -15.83 -34.12
N GLY A 254 -38.39 -15.29 -34.70
CA GLY A 254 -39.41 -14.58 -33.92
C GLY A 254 -38.97 -13.26 -33.36
N PHE A 255 -37.95 -12.66 -33.95
CA PHE A 255 -37.44 -11.36 -33.50
C PHE A 255 -38.53 -10.28 -33.42
N GLN A 256 -38.65 -9.65 -32.24
CA GLN A 256 -39.72 -8.66 -31.92
C GLN A 256 -39.24 -7.26 -31.91
N GLY A 257 -37.92 -7.06 -31.92
CA GLY A 257 -37.34 -5.73 -31.90
C GLY A 257 -37.22 -5.19 -33.32
N PHE A 258 -36.31 -4.26 -33.51
CA PHE A 258 -36.21 -3.52 -34.76
C PHE A 258 -34.90 -3.73 -35.48
N VAL A 259 -34.96 -3.80 -36.80
CA VAL A 259 -33.77 -3.87 -37.63
C VAL A 259 -33.37 -2.49 -38.06
N MET A 260 -32.14 -2.08 -37.74
CA MET A 260 -31.55 -0.85 -38.26
C MET A 260 -30.54 -1.17 -39.35
N SER A 261 -30.34 -0.25 -40.29
CA SER A 261 -29.28 -0.39 -41.27
C SER A 261 -27.92 -0.02 -40.66
N ASP A 262 -26.89 -0.67 -41.18
CA ASP A 262 -25.53 -0.13 -41.09
C ASP A 262 -25.50 1.18 -41.89
N TRP A 263 -24.43 1.92 -41.70
CA TRP A 263 -24.42 3.35 -42.01
C TRP A 263 -24.18 3.52 -43.51
N THR A 264 -25.26 3.84 -44.22
CA THR A 264 -25.31 3.88 -45.68
C THR A 264 -25.48 2.49 -46.25
N ALA A 265 -26.06 1.57 -45.47
CA ALA A 265 -26.34 0.26 -45.97
C ALA A 265 -27.76 0.15 -46.49
N HIS A 266 -28.54 1.22 -46.28
CA HIS A 266 -29.93 1.30 -46.75
C HIS A 266 -29.89 1.78 -48.21
N HIS A 267 -30.49 1.00 -49.08
CA HIS A 267 -30.41 1.18 -50.55
C HIS A 267 -31.72 1.61 -51.24
N SER A 268 -32.88 1.41 -50.61
CA SER A 268 -34.14 1.77 -51.24
C SER A 268 -35.27 1.91 -50.25
N GLY A 269 -36.20 2.83 -50.52
CA GLY A 269 -37.28 3.13 -49.58
C GLY A 269 -38.30 2.02 -49.52
N VAL A 270 -39.01 1.81 -50.61
CA VAL A 270 -40.07 0.83 -50.69
C VAL A 270 -39.54 -0.59 -50.53
N GLY A 271 -38.47 -0.92 -51.27
CA GLY A 271 -37.89 -2.27 -51.24
C GLY A 271 -37.47 -2.71 -49.82
N ALA A 272 -36.65 -1.90 -49.17
CA ALA A 272 -36.18 -2.18 -47.82
C ALA A 272 -37.38 -2.34 -46.82
N ALA A 273 -38.33 -1.40 -46.88
CA ALA A 273 -39.42 -1.36 -45.93
C ALA A 273 -40.26 -2.61 -46.00
N LEU A 274 -40.48 -3.10 -47.21
CA LEU A 274 -41.28 -4.30 -47.38
C LEU A 274 -40.47 -5.55 -47.15
N ALA A 275 -39.15 -5.45 -47.35
CA ALA A 275 -38.22 -6.55 -47.14
C ALA A 275 -37.80 -6.76 -45.65
N GLY A 276 -38.11 -5.78 -44.81
CA GLY A 276 -38.03 -5.92 -43.34
C GLY A 276 -37.16 -4.95 -42.56
N LEU A 277 -36.60 -3.94 -43.21
CA LEU A 277 -35.93 -2.87 -42.49
C LEU A 277 -36.93 -2.07 -41.62
N ASP A 278 -36.47 -1.60 -40.47
CA ASP A 278 -37.27 -0.79 -39.56
C ASP A 278 -36.66 0.57 -39.24
N MET A 279 -35.38 0.78 -39.56
CA MET A 279 -34.73 2.04 -39.21
C MET A 279 -33.60 2.33 -40.17
N SER A 280 -33.57 3.56 -40.71
CA SER A 280 -32.54 4.02 -41.63
C SER A 280 -31.52 4.86 -40.92
N MET A 281 -30.26 4.44 -40.93
CA MET A 281 -29.16 5.22 -40.29
C MET A 281 -27.99 5.43 -41.24
N PRO A 282 -27.31 6.57 -41.17
CA PRO A 282 -27.65 7.70 -40.32
C PRO A 282 -28.82 8.59 -40.82
N GLY A 283 -29.56 8.14 -41.83
CA GLY A 283 -30.83 8.78 -42.21
C GLY A 283 -30.84 9.29 -43.63
N ASP A 284 -29.67 9.66 -44.11
CA ASP A 284 -29.54 10.20 -45.46
C ASP A 284 -29.22 9.11 -46.48
N VAL A 285 -29.39 9.45 -47.77
CA VAL A 285 -29.08 8.52 -48.85
C VAL A 285 -27.59 8.21 -48.81
N THR A 286 -26.82 9.26 -48.67
CA THR A 286 -25.39 9.18 -48.43
C THR A 286 -25.13 10.26 -47.45
N PHE A 287 -23.96 10.22 -46.82
CA PHE A 287 -23.64 11.15 -45.76
C PHE A 287 -23.83 12.56 -46.23
N ASP A 288 -24.75 13.26 -45.56
CA ASP A 288 -24.99 14.69 -45.80
C ASP A 288 -25.52 15.03 -47.19
N SER A 289 -26.19 14.08 -47.81
CA SER A 289 -26.88 14.31 -49.05
C SER A 289 -28.11 15.24 -48.88
N GLY A 290 -28.63 15.42 -47.66
CA GLY A 290 -29.89 16.13 -47.44
C GLY A 290 -31.10 15.47 -48.06
N THR A 291 -30.98 14.20 -48.44
CA THR A 291 -32.07 13.41 -48.96
C THR A 291 -32.11 12.14 -48.15
N SER A 292 -33.20 11.39 -48.25
CA SER A 292 -33.31 10.11 -47.58
C SER A 292 -34.08 9.13 -48.43
N PHE A 293 -33.75 7.83 -48.33
CA PHE A 293 -34.63 6.81 -48.91
C PHE A 293 -35.95 6.73 -48.17
N TRP A 294 -35.95 7.16 -46.92
CA TRP A 294 -37.16 7.22 -46.11
C TRP A 294 -37.40 8.72 -45.80
N GLY A 295 -37.63 9.12 -44.53
CA GLY A 295 -38.05 10.50 -44.24
C GLY A 295 -39.26 10.82 -45.12
N ALA A 296 -39.18 11.92 -45.88
CA ALA A 296 -40.29 12.31 -46.79
C ALA A 296 -40.68 11.20 -47.74
N ASN A 297 -39.71 10.46 -48.23
CA ASN A 297 -40.04 9.32 -49.07
C ASN A 297 -40.84 8.23 -48.44
N LEU A 298 -40.69 8.08 -47.13
CA LEU A 298 -41.44 7.04 -46.44
C LEU A 298 -42.86 7.57 -46.20
N THR A 299 -42.94 8.82 -45.78
CA THR A 299 -44.26 9.51 -45.69
C THR A 299 -45.05 9.39 -47.03
N VAL A 300 -44.38 9.69 -48.14
CA VAL A 300 -44.98 9.61 -49.46
C VAL A 300 -45.35 8.20 -49.82
N GLY A 301 -44.46 7.25 -49.54
CA GLY A 301 -44.73 5.85 -49.87
C GLY A 301 -45.93 5.27 -49.14
N VAL A 302 -46.24 5.84 -47.97
CA VAL A 302 -47.46 5.48 -47.28
C VAL A 302 -48.63 6.24 -47.93
N LEU A 303 -48.49 7.55 -48.05
CA LEU A 303 -49.57 8.43 -48.60
C LEU A 303 -50.06 7.99 -49.98
N ASN A 304 -49.16 7.56 -50.84
CA ASN A 304 -49.53 7.10 -52.17
C ASN A 304 -50.01 5.66 -52.26
N GLY A 305 -50.18 4.98 -51.12
CA GLY A 305 -50.79 3.64 -51.08
C GLY A 305 -49.88 2.47 -51.39
N THR A 306 -48.57 2.71 -51.51
CA THR A 306 -47.63 1.63 -51.89
C THR A 306 -47.20 0.84 -50.64
N ILE A 307 -46.67 1.55 -49.64
CA ILE A 307 -46.25 0.94 -48.39
C ILE A 307 -47.41 0.90 -47.39
N PRO A 308 -47.92 -0.30 -47.10
CA PRO A 308 -49.08 -0.33 -46.19
C PRO A 308 -48.81 0.36 -44.86
N GLN A 309 -49.84 0.98 -44.31
CA GLN A 309 -49.73 1.63 -43.01
C GLN A 309 -49.23 0.63 -41.94
N TRP A 310 -49.73 -0.60 -41.99
CA TRP A 310 -49.31 -1.62 -41.01
C TRP A 310 -47.81 -1.89 -40.97
N ARG A 311 -47.16 -1.81 -42.13
CA ARG A 311 -45.70 -1.93 -42.18
C ARG A 311 -44.99 -0.80 -41.42
N VAL A 312 -45.28 0.47 -41.71
CA VAL A 312 -44.65 1.57 -40.99
C VAL A 312 -45.09 1.60 -39.52
N ASP A 313 -46.34 1.26 -39.23
CA ASP A 313 -46.77 1.12 -37.81
C ASP A 313 -45.94 0.07 -37.08
N ASP A 314 -45.73 -1.07 -37.74
CA ASP A 314 -44.90 -2.15 -37.19
C ASP A 314 -43.48 -1.72 -36.89
N MET A 315 -42.91 -0.89 -37.75
CA MET A 315 -41.58 -0.37 -37.49
C MET A 315 -41.55 0.39 -36.18
N ALA A 316 -42.53 1.29 -35.99
CA ALA A 316 -42.58 2.12 -34.80
C ALA A 316 -42.91 1.26 -33.54
N VAL A 317 -43.74 0.24 -33.69
CA VAL A 317 -44.08 -0.66 -32.58
C VAL A 317 -42.80 -1.40 -32.11
N ARG A 318 -42.04 -1.92 -33.07
CA ARG A 318 -40.79 -2.62 -32.79
C ARG A 318 -39.78 -1.71 -32.09
N ILE A 319 -39.64 -0.48 -32.56
CA ILE A 319 -38.69 0.47 -31.98
C ILE A 319 -39.08 0.84 -30.57
N MET A 320 -40.36 1.16 -30.39
CA MET A 320 -40.83 1.55 -29.06
C MET A 320 -40.83 0.36 -28.09
N ALA A 321 -41.12 -0.83 -28.59
CA ALA A 321 -41.15 -2.00 -27.74
C ALA A 321 -39.76 -2.22 -27.15
N ALA A 322 -38.73 -2.07 -27.97
CA ALA A 322 -37.34 -2.23 -27.53
C ALA A 322 -36.97 -1.19 -26.49
N TYR A 323 -37.40 0.03 -26.75
CA TYR A 323 -37.08 1.18 -25.89
C TYR A 323 -37.66 0.93 -24.51
N TYR A 324 -38.90 0.49 -24.49
CA TYR A 324 -39.54 0.13 -23.22
C TYR A 324 -38.94 -1.12 -22.56
N LYS A 325 -38.56 -2.10 -23.37
CA LYS A 325 -38.03 -3.37 -22.87
C LYS A 325 -36.82 -3.20 -21.99
N VAL A 326 -35.95 -2.29 -22.31
CA VAL A 326 -34.79 -1.99 -21.43
C VAL A 326 -35.04 -0.92 -20.43
N GLY A 327 -36.24 -0.34 -20.40
CA GLY A 327 -36.57 0.69 -19.42
C GLY A 327 -36.01 2.05 -19.75
N ARG A 328 -35.82 2.32 -21.04
CA ARG A 328 -35.21 3.61 -21.42
C ARG A 328 -36.11 4.81 -21.07
N ASP A 329 -37.41 4.58 -21.03
CA ASP A 329 -38.36 5.63 -20.61
C ASP A 329 -38.14 6.10 -19.19
N THR A 330 -37.64 5.23 -18.32
CA THR A 330 -37.29 5.62 -16.95
C THR A 330 -35.84 6.04 -16.80
N LYS A 331 -34.94 5.57 -17.65
CA LYS A 331 -33.51 5.88 -17.50
C LYS A 331 -33.06 7.06 -18.38
N TYR A 332 -33.95 7.60 -19.23
CA TYR A 332 -33.53 8.61 -20.23
C TYR A 332 -32.80 9.79 -19.60
N THR A 333 -31.67 10.16 -20.18
CA THR A 333 -31.05 11.47 -19.94
C THR A 333 -30.52 12.00 -21.32
N PRO A 334 -30.53 13.33 -21.56
CA PRO A 334 -30.14 13.79 -22.90
C PRO A 334 -28.65 13.60 -23.15
N PRO A 335 -28.25 13.39 -24.40
CA PRO A 335 -26.83 13.24 -24.66
C PRO A 335 -26.09 14.39 -24.05
N ASN A 336 -25.01 14.09 -23.33
CA ASN A 336 -24.24 15.14 -22.65
C ASN A 336 -22.84 15.26 -23.20
N PHE A 337 -22.64 14.77 -24.43
CA PHE A 337 -21.37 14.90 -25.16
C PHE A 337 -21.72 15.09 -26.62
N SER A 338 -20.69 15.39 -27.40
CA SER A 338 -20.76 15.38 -28.87
C SER A 338 -19.75 14.40 -29.50
N SER A 339 -20.18 13.65 -30.50
CA SER A 339 -19.32 12.77 -31.28
C SER A 339 -18.37 13.53 -32.15
N TRP A 340 -18.64 14.80 -32.45
CA TRP A 340 -17.96 15.50 -33.55
C TRP A 340 -16.88 16.48 -33.14
N THR A 341 -16.81 16.79 -31.86
CA THR A 341 -15.77 17.65 -31.34
C THR A 341 -15.59 17.32 -29.85
N ARG A 342 -14.40 17.61 -29.33
CA ARG A 342 -14.15 17.51 -27.90
C ARG A 342 -14.22 18.86 -27.24
N ASP A 343 -14.50 19.92 -28.00
CA ASP A 343 -14.66 21.26 -27.38
C ASP A 343 -15.87 21.34 -26.48
N GLU A 344 -15.78 22.20 -25.47
CA GLU A 344 -16.92 22.44 -24.63
C GLU A 344 -18.15 23.01 -25.39
N TYR A 345 -17.89 23.98 -26.28
CA TYR A 345 -18.94 24.70 -27.01
C TYR A 345 -18.88 24.43 -28.49
N GLY A 346 -20.05 24.43 -29.12
CA GLY A 346 -20.14 24.25 -30.56
C GLY A 346 -21.56 24.41 -31.02
N PHE A 347 -21.74 24.36 -32.32
CA PHE A 347 -23.08 24.44 -32.90
C PHE A 347 -23.85 23.14 -32.67
N ALA A 348 -25.15 23.28 -32.36
CA ALA A 348 -26.01 22.15 -32.16
C ALA A 348 -26.01 21.18 -33.37
N HIS A 349 -25.84 21.72 -34.60
CA HIS A 349 -25.82 20.90 -35.82
C HIS A 349 -24.47 21.03 -36.49
N ASN A 350 -23.62 20.07 -36.17
CA ASN A 350 -22.20 20.28 -36.33
C ASN A 350 -21.78 20.41 -37.80
N HIS A 351 -22.31 19.58 -38.68
CA HIS A 351 -21.79 19.54 -40.07
C HIS A 351 -22.02 20.84 -40.84
N VAL A 352 -23.09 21.58 -40.48
CA VAL A 352 -23.50 22.80 -41.19
C VAL A 352 -23.31 24.07 -40.35
N SER A 353 -22.82 23.94 -39.11
CA SER A 353 -22.69 25.07 -38.19
C SER A 353 -23.99 25.87 -38.04
N GLU A 354 -25.09 25.18 -37.76
CA GLU A 354 -26.41 25.81 -37.53
C GLU A 354 -26.97 25.34 -36.21
N GLY A 355 -28.12 25.90 -35.83
CA GLY A 355 -28.67 25.74 -34.48
C GLY A 355 -27.90 26.61 -33.48
N ALA A 356 -28.27 26.49 -32.21
CA ALA A 356 -27.62 27.25 -31.12
C ALA A 356 -26.16 26.93 -30.98
N TYR A 357 -25.38 27.94 -30.64
CA TYR A 357 -24.01 27.76 -30.27
C TYR A 357 -24.04 27.54 -28.77
N GLU A 358 -23.82 26.31 -28.35
CA GLU A 358 -24.10 25.92 -26.96
C GLU A 358 -23.07 24.93 -26.41
N ARG A 359 -23.22 24.59 -25.13
CA ARG A 359 -22.38 23.59 -24.49
C ARG A 359 -22.73 22.22 -25.04
N VAL A 360 -21.85 21.68 -25.87
CA VAL A 360 -22.07 20.35 -26.47
C VAL A 360 -21.32 19.22 -25.75
N ASN A 361 -20.42 19.55 -24.82
CA ASN A 361 -19.74 18.56 -23.99
C ASN A 361 -19.77 18.97 -22.54
N GLU A 362 -20.31 18.09 -21.71
CA GLU A 362 -20.35 18.33 -20.26
C GLU A 362 -19.24 17.57 -19.53
N PHE A 363 -18.48 16.73 -20.26
CA PHE A 363 -17.33 16.02 -19.70
C PHE A 363 -17.68 15.10 -18.54
N VAL A 364 -18.75 14.37 -18.67
CA VAL A 364 -19.25 13.60 -17.53
C VAL A 364 -18.38 12.35 -17.37
N ASP A 365 -17.78 12.20 -16.20
CA ASP A 365 -17.00 11.04 -15.84
C ASP A 365 -17.92 9.82 -15.69
N VAL A 366 -17.90 8.89 -16.64
CA VAL A 366 -18.75 7.70 -16.57
C VAL A 366 -18.00 6.40 -16.25
N GLN A 367 -16.73 6.52 -15.86
CA GLN A 367 -15.83 5.40 -15.79
C GLN A 367 -16.06 4.51 -14.57
N ARG A 368 -16.66 5.07 -13.49
CA ARG A 368 -16.84 4.35 -12.24
C ARG A 368 -15.50 3.67 -11.86
N ASP A 369 -15.56 2.39 -11.53
CA ASP A 369 -14.42 1.57 -11.18
C ASP A 369 -14.18 0.55 -12.27
N HIS A 370 -14.62 0.84 -13.48
CA HIS A 370 -14.62 -0.16 -14.55
C HIS A 370 -13.22 -0.51 -14.98
N ALA A 371 -12.25 0.35 -14.67
CA ALA A 371 -10.84 0.00 -14.86
C ALA A 371 -10.43 -1.34 -14.24
N ASP A 372 -10.94 -1.64 -13.06
CA ASP A 372 -10.61 -2.93 -12.37
C ASP A 372 -11.11 -4.13 -13.13
N LEU A 373 -12.36 -4.05 -13.61
CA LEU A 373 -12.93 -5.09 -14.46
C LEU A 373 -12.14 -5.28 -15.80
N ILE A 374 -11.67 -4.19 -16.36
CA ILE A 374 -10.91 -4.23 -17.64
C ILE A 374 -9.56 -4.88 -17.43
N ARG A 375 -8.85 -4.46 -16.42
CA ARG A 375 -7.66 -5.13 -16.02
C ARG A 375 -7.87 -6.67 -15.81
N ARG A 376 -8.96 -7.03 -15.11
CA ARG A 376 -9.25 -8.42 -14.80
CA ARG A 376 -9.28 -8.41 -14.76
C ARG A 376 -9.54 -9.21 -16.05
N ILE A 377 -10.35 -8.65 -16.98
CA ILE A 377 -10.69 -9.37 -18.20
C ILE A 377 -9.44 -9.52 -19.08
N GLY A 378 -8.63 -8.50 -19.13
CA GLY A 378 -7.35 -8.60 -19.80
C GLY A 378 -6.50 -9.74 -19.31
N ALA A 379 -6.35 -9.87 -17.98
CA ALA A 379 -5.60 -11.00 -17.41
C ALA A 379 -6.24 -12.34 -17.75
N GLN A 380 -7.55 -12.41 -17.65
CA GLN A 380 -8.29 -13.62 -17.83
C GLN A 380 -8.50 -14.02 -19.27
N SER A 381 -8.16 -13.12 -20.22
CA SER A 381 -8.26 -13.41 -21.65
C SER A 381 -6.87 -13.68 -22.22
N THR A 382 -5.84 -13.72 -21.37
CA THR A 382 -4.47 -14.00 -21.83
C THR A 382 -4.25 -15.50 -21.91
N VAL A 383 -4.03 -16.02 -23.13
CA VAL A 383 -3.82 -17.45 -23.36
C VAL A 383 -2.36 -17.81 -23.27
N LEU A 384 -2.02 -18.70 -22.32
CA LEU A 384 -0.66 -19.18 -22.18
C LEU A 384 -0.53 -20.35 -23.18
N LEU A 385 0.30 -20.18 -24.20
CA LEU A 385 0.43 -21.22 -25.24
C LEU A 385 1.63 -22.16 -25.06
N LYS A 386 2.68 -21.65 -24.43
CA LYS A 386 3.93 -22.37 -24.20
C LYS A 386 4.55 -21.86 -22.90
N ASN A 387 5.02 -22.78 -22.06
CA ASN A 387 5.78 -22.41 -20.87
C ASN A 387 6.72 -23.54 -20.47
N LYS A 388 8.00 -23.36 -20.74
CA LYS A 388 9.04 -24.30 -20.39
C LYS A 388 9.66 -23.87 -19.05
N GLY A 389 8.85 -23.85 -18.01
CA GLY A 389 9.27 -23.33 -16.70
C GLY A 389 9.80 -21.92 -16.64
N ALA A 390 9.38 -21.05 -17.55
CA ALA A 390 9.80 -19.65 -17.53
C ALA A 390 8.90 -18.85 -16.62
N LEU A 391 7.61 -19.25 -16.52
CA LEU A 391 6.60 -18.43 -15.89
C LEU A 391 5.95 -19.17 -14.76
N PRO A 392 5.55 -18.49 -13.71
CA PRO A 392 5.59 -17.02 -13.59
C PRO A 392 6.95 -16.53 -13.24
N LEU A 393 7.24 -15.27 -13.56
CA LEU A 393 8.45 -14.60 -13.12
C LEU A 393 8.44 -14.33 -11.61
N SER A 394 9.62 -14.19 -11.03
CA SER A 394 9.76 -14.00 -9.56
C SER A 394 9.86 -12.55 -9.05
N ARG A 395 10.25 -11.63 -9.94
CA ARG A 395 10.65 -10.26 -9.53
C ARG A 395 12.03 -10.19 -8.85
N LYS A 396 12.76 -11.30 -8.84
CA LYS A 396 14.15 -11.33 -8.43
C LYS A 396 15.08 -11.47 -9.65
N GLU A 397 14.54 -11.47 -10.86
CA GLU A 397 15.34 -11.57 -12.07
C GLU A 397 16.34 -10.43 -12.06
N LYS A 398 17.60 -10.72 -12.45
CA LYS A 398 18.68 -9.75 -12.31
C LYS A 398 18.50 -8.61 -13.35
N LEU A 399 18.10 -8.97 -14.55
CA LEU A 399 17.90 -7.97 -15.59
C LEU A 399 16.79 -8.43 -16.52
N VAL A 400 15.85 -7.55 -16.74
CA VAL A 400 14.74 -7.80 -17.66
C VAL A 400 14.94 -6.92 -18.92
N ALA A 401 14.74 -7.51 -20.12
CA ALA A 401 14.70 -6.77 -21.37
C ALA A 401 13.29 -6.83 -21.90
N LEU A 402 12.77 -5.67 -22.25
CA LEU A 402 11.45 -5.51 -22.84
C LEU A 402 11.77 -5.11 -24.25
N LEU A 403 11.21 -5.87 -25.21
CA LEU A 403 11.64 -5.80 -26.58
C LEU A 403 10.46 -5.79 -27.55
N GLY A 404 10.52 -4.85 -28.48
CA GLY A 404 9.51 -4.69 -29.50
C GLY A 404 8.71 -3.40 -29.32
N GLU A 405 8.27 -2.85 -30.46
CA GLU A 405 7.46 -1.68 -30.48
C GLU A 405 6.13 -1.94 -29.76
N ASP A 406 5.61 -3.14 -29.83
CA ASP A 406 4.37 -3.46 -29.13
C ASP A 406 4.41 -3.30 -27.58
N ALA A 407 5.60 -3.22 -27.03
CA ALA A 407 5.75 -2.92 -25.60
C ALA A 407 5.57 -1.45 -25.28
N GLY A 408 5.81 -0.59 -26.25
CA GLY A 408 5.94 0.84 -25.99
C GLY A 408 4.71 1.69 -26.26
N SER A 409 4.95 2.99 -26.29
CA SER A 409 3.88 3.99 -26.42
C SER A 409 3.61 4.37 -27.88
N ASN A 410 2.36 4.69 -28.16
CA ASN A 410 2.01 5.44 -29.37
C ASN A 410 2.46 6.88 -29.17
N SER A 411 3.49 7.33 -29.91
CA SER A 411 4.06 8.66 -29.62
C SER A 411 3.12 9.82 -30.00
N TRP A 412 2.03 9.54 -30.68
CA TRP A 412 0.98 10.53 -30.96
C TRP A 412 -0.11 10.58 -29.88
N GLY A 413 0.07 9.79 -28.80
CA GLY A 413 -0.97 9.59 -27.78
C GLY A 413 -1.78 8.34 -28.02
N ALA A 414 -2.36 7.82 -26.93
CA ALA A 414 -3.21 6.66 -27.01
C ALA A 414 -4.31 6.82 -28.01
N ASN A 415 -4.87 8.02 -28.13
CA ASN A 415 -5.88 8.30 -29.16
C ASN A 415 -5.34 9.07 -30.40
N GLY A 416 -4.05 9.03 -30.63
CA GLY A 416 -3.43 9.86 -31.66
C GLY A 416 -3.72 9.51 -33.11
N CYS A 417 -4.24 8.32 -33.38
CA CYS A 417 -4.61 7.95 -34.74
C CYS A 417 -6.13 7.85 -34.77
N ASP A 418 -6.73 8.57 -35.71
CA ASP A 418 -8.20 8.62 -35.81
C ASP A 418 -8.73 7.23 -35.98
N ASP A 419 -9.79 6.89 -35.26
CA ASP A 419 -10.36 5.59 -35.30
C ASP A 419 -9.34 4.46 -35.00
N ARG A 420 -8.27 4.77 -34.26
CA ARG A 420 -7.16 3.84 -33.99
C ARG A 420 -6.50 3.28 -35.29
N GLY A 421 -6.54 4.07 -36.37
CA GLY A 421 -6.04 3.63 -37.68
C GLY A 421 -4.53 3.73 -37.78
N CYS A 422 -3.85 2.95 -36.96
CA CYS A 422 -2.39 2.75 -37.08
C CYS A 422 -2.00 1.55 -36.22
N ASP A 423 -0.74 1.15 -36.34
CA ASP A 423 -0.19 0.10 -35.46
C ASP A 423 1.05 0.61 -34.80
N ASN A 424 0.91 1.75 -34.12
CA ASN A 424 2.04 2.42 -33.48
C ASN A 424 2.01 2.15 -31.99
N GLY A 425 3.11 1.71 -31.42
CA GLY A 425 3.16 1.35 -29.97
C GLY A 425 2.32 0.12 -29.70
N THR A 426 1.97 -0.09 -28.44
CA THR A 426 1.20 -1.30 -28.05
C THR A 426 -0.16 -1.40 -28.67
N LEU A 427 -0.55 -2.59 -29.12
CA LEU A 427 -1.80 -2.75 -29.83
C LEU A 427 -2.81 -3.16 -28.79
N ALA A 428 -3.67 -2.22 -28.40
CA ALA A 428 -4.67 -2.48 -27.36
C ALA A 428 -6.07 -2.42 -27.90
N MET A 429 -6.19 -1.98 -29.17
CA MET A 429 -7.47 -1.78 -29.80
C MET A 429 -7.21 -1.71 -31.30
N ALA A 430 -7.99 -2.44 -32.07
CA ALA A 430 -7.88 -2.47 -33.50
C ALA A 430 -8.72 -1.31 -34.10
N TRP A 431 -8.92 -1.23 -35.41
CA TRP A 431 -9.32 0.07 -36.01
C TRP A 431 -10.67 0.06 -36.63
N GLY A 432 -11.21 1.27 -36.75
CA GLY A 432 -12.48 1.48 -37.47
C GLY A 432 -13.52 2.03 -36.56
N SER A 433 -14.77 1.69 -36.84
CA SER A 433 -15.87 2.21 -36.04
C SER A 433 -16.06 1.43 -34.75
N GLY A 434 -15.50 0.23 -34.66
CA GLY A 434 -15.60 -0.59 -33.44
C GLY A 434 -14.59 -0.17 -32.36
N THR A 435 -14.47 1.14 -32.12
CA THR A 435 -13.43 1.71 -31.29
C THR A 435 -13.99 2.66 -30.22
N ALA A 436 -13.15 2.98 -29.25
CA ALA A 436 -13.44 4.00 -28.27
C ALA A 436 -12.19 4.76 -28.01
N ASN A 437 -12.33 5.96 -27.44
CA ASN A 437 -11.20 6.71 -26.98
C ASN A 437 -10.76 6.21 -25.60
N PHE A 438 -9.46 6.02 -25.48
CA PHE A 438 -8.82 5.65 -24.24
C PHE A 438 -8.90 6.79 -23.26
N PRO A 439 -9.15 6.49 -21.97
CA PRO A 439 -8.96 7.56 -20.99
C PRO A 439 -7.49 7.70 -20.62
N TYR A 440 -6.75 6.63 -20.88
CA TYR A 440 -5.29 6.50 -20.71
C TYR A 440 -4.93 5.11 -21.26
N LEU A 441 -3.66 4.83 -21.39
CA LEU A 441 -3.28 3.49 -21.81
C LEU A 441 -2.02 3.11 -21.11
N VAL A 442 -2.12 2.05 -20.31
CA VAL A 442 -0.97 1.51 -19.62
C VAL A 442 -0.27 0.54 -20.57
N THR A 443 0.97 0.85 -20.91
CA THR A 443 1.74 0.00 -21.86
C THR A 443 2.45 -1.12 -21.12
N PRO A 444 2.84 -2.17 -21.85
CA PRO A 444 3.65 -3.16 -21.21
C PRO A 444 4.96 -2.66 -20.64
N GLU A 445 5.63 -1.77 -21.37
CA GLU A 445 6.82 -1.15 -20.89
C GLU A 445 6.61 -0.51 -19.51
N GLN A 446 5.54 0.26 -19.39
CA GLN A 446 5.22 0.97 -18.14
C GLN A 446 4.95 -0.02 -16.99
N ALA A 447 4.06 -0.96 -17.23
CA ALA A 447 3.63 -1.86 -16.16
C ALA A 447 4.77 -2.77 -15.68
N ILE A 448 5.52 -3.36 -16.61
CA ILE A 448 6.57 -4.27 -16.26
C ILE A 448 7.77 -3.55 -15.67
N GLN A 449 8.13 -2.36 -16.17
CA GLN A 449 9.16 -1.61 -15.49
C GLN A 449 8.75 -1.31 -14.10
N ASN A 450 7.54 -0.84 -13.89
CA ASN A 450 7.06 -0.61 -12.50
C ASN A 450 7.16 -1.81 -11.59
N GLU A 451 6.79 -2.97 -12.13
CA GLU A 451 6.93 -4.22 -11.38
C GLU A 451 8.39 -4.47 -10.98
N VAL A 452 9.29 -4.41 -11.96
CA VAL A 452 10.70 -4.69 -11.72
C VAL A 452 11.30 -3.75 -10.73
N LEU A 453 10.94 -2.48 -10.82
CA LEU A 453 11.51 -1.47 -9.95
C LEU A 453 11.04 -1.54 -8.52
N GLN A 454 10.06 -2.37 -8.20
CA GLN A 454 9.78 -2.70 -6.80
C GLN A 454 10.91 -3.52 -6.16
N GLY A 455 11.73 -4.22 -6.95
CA GLY A 455 12.86 -4.97 -6.45
C GLY A 455 14.18 -4.40 -6.91
N ARG A 456 15.21 -5.24 -6.96
CA ARG A 456 16.54 -4.81 -7.40
C ARG A 456 16.81 -4.96 -8.92
N GLY A 457 15.85 -5.48 -9.64
CA GLY A 457 16.11 -5.78 -11.06
C GLY A 457 16.46 -4.57 -11.86
N ASN A 458 17.34 -4.76 -12.83
CA ASN A 458 17.64 -3.78 -13.82
C ASN A 458 16.68 -4.01 -14.94
N VAL A 459 16.38 -2.98 -15.72
CA VAL A 459 15.44 -3.18 -16.83
C VAL A 459 15.69 -2.18 -17.98
N PHE A 460 15.61 -2.71 -19.21
CA PHE A 460 15.82 -1.94 -20.43
C PHE A 460 14.67 -2.21 -21.35
N ALA A 461 14.22 -1.16 -22.05
CA ALA A 461 13.11 -1.30 -22.98
C ALA A 461 13.56 -0.81 -24.36
N VAL A 462 13.56 -1.74 -25.33
CA VAL A 462 13.96 -1.43 -26.69
C VAL A 462 12.72 -1.57 -27.54
N THR A 463 12.16 -0.43 -27.93
CA THR A 463 10.86 -0.41 -28.55
C THR A 463 10.88 0.02 -30.04
N ASP A 464 12.08 0.06 -30.64
CA ASP A 464 12.23 0.12 -32.06
C ASP A 464 12.40 -1.30 -32.66
N SER A 465 11.38 -1.80 -33.32
CA SER A 465 11.41 -3.14 -33.90
C SER A 465 12.31 -3.29 -35.11
N TRP A 466 12.81 -2.17 -35.63
CA TRP A 466 13.78 -2.16 -36.73
C TRP A 466 15.21 -1.98 -36.27
N ALA A 467 15.46 -1.78 -34.99
CA ALA A 467 16.79 -1.69 -34.46
C ALA A 467 17.25 -3.05 -33.90
N LEU A 468 17.43 -4.01 -34.79
CA LEU A 468 17.77 -5.39 -34.37
C LEU A 468 19.09 -5.49 -33.65
N ASP A 469 20.05 -4.63 -33.98
CA ASP A 469 21.28 -4.55 -33.21
C ASP A 469 21.01 -4.21 -31.71
N LYS A 470 20.12 -3.27 -31.47
CA LYS A 470 19.81 -2.81 -30.09
C LYS A 470 18.99 -3.87 -29.35
N ILE A 471 18.08 -4.51 -30.08
CA ILE A 471 17.34 -5.66 -29.52
C ILE A 471 18.26 -6.78 -29.09
N ALA A 472 19.21 -7.16 -29.95
CA ALA A 472 20.20 -8.21 -29.65
C ALA A 472 21.02 -7.85 -28.41
N ALA A 473 21.53 -6.63 -28.35
CA ALA A 473 22.39 -6.21 -27.24
C ALA A 473 21.70 -6.24 -25.87
N ALA A 474 20.43 -5.88 -25.84
CA ALA A 474 19.70 -5.91 -24.57
C ALA A 474 19.41 -7.35 -24.19
N ALA A 475 19.01 -8.15 -25.17
CA ALA A 475 18.68 -9.54 -24.99
C ALA A 475 19.84 -10.33 -24.43
N ARG A 476 21.01 -10.08 -25.00
CA ARG A 476 22.28 -10.67 -24.52
CA ARG A 476 22.28 -10.66 -24.50
C ARG A 476 22.54 -10.45 -23.01
N GLN A 477 22.21 -9.29 -22.48
CA GLN A 477 22.41 -9.00 -21.04
C GLN A 477 21.30 -9.50 -20.08
N ALA A 478 20.18 -9.95 -20.61
CA ALA A 478 19.00 -10.17 -19.79
C ALA A 478 18.92 -11.55 -19.18
N SER A 479 18.34 -11.63 -17.99
CA SER A 479 17.92 -12.91 -17.39
C SER A 479 16.68 -13.40 -18.10
N VAL A 480 15.82 -12.47 -18.47
CA VAL A 480 14.62 -12.80 -19.21
C VAL A 480 14.36 -11.67 -20.22
N SER A 481 13.97 -12.06 -21.42
CA SER A 481 13.59 -11.16 -22.49
C SER A 481 12.10 -11.34 -22.71
N LEU A 482 11.34 -10.25 -22.54
CA LEU A 482 9.93 -10.25 -22.82
C LEU A 482 9.76 -9.51 -24.17
N VAL A 483 9.36 -10.26 -25.18
CA VAL A 483 9.18 -9.78 -26.52
C VAL A 483 7.68 -9.55 -26.77
N PHE A 484 7.34 -8.32 -27.13
CA PHE A 484 5.99 -7.98 -27.51
C PHE A 484 5.88 -7.75 -29.00
N VAL A 485 4.87 -8.35 -29.59
CA VAL A 485 4.66 -8.28 -31.02
C VAL A 485 3.18 -8.21 -31.33
N ASN A 486 2.83 -7.76 -32.54
CA ASN A 486 1.42 -7.62 -32.92
C ASN A 486 1.09 -7.82 -34.40
N SER A 487 -0.20 -8.00 -34.67
CA SER A 487 -0.80 -7.96 -36.02
C SER A 487 -2.17 -7.30 -35.93
N ASP A 488 -2.44 -6.34 -36.82
CA ASP A 488 -3.59 -5.42 -36.73
C ASP A 488 -4.47 -5.60 -37.95
N SER A 489 -5.74 -5.23 -37.79
CA SER A 489 -6.70 -5.16 -38.89
C SER A 489 -7.86 -4.25 -38.45
N GLY A 490 -8.82 -4.04 -39.35
CA GLY A 490 -9.91 -3.17 -39.04
C GLY A 490 -10.98 -3.07 -40.10
N GLU A 491 -11.78 -2.00 -39.99
CA GLU A 491 -12.89 -1.74 -40.89
C GLU A 491 -12.41 -1.22 -42.25
N GLY A 492 -13.14 -1.64 -43.29
CA GLY A 492 -12.74 -1.52 -44.70
C GLY A 492 -12.55 -0.11 -45.24
N TYR A 493 -13.15 0.88 -44.58
CA TYR A 493 -13.02 2.26 -44.98
C TYR A 493 -11.67 2.82 -44.68
N LEU A 494 -10.91 2.15 -43.83
CA LEU A 494 -9.62 2.74 -43.37
C LEU A 494 -8.51 1.78 -43.77
N SER A 495 -7.50 2.30 -44.47
CA SER A 495 -6.39 1.50 -44.98
C SER A 495 -5.15 1.86 -44.20
N VAL A 496 -4.49 0.86 -43.60
CA VAL A 496 -3.26 1.10 -42.88
C VAL A 496 -2.20 0.26 -43.57
N ASP A 497 -1.17 0.94 -44.07
CA ASP A 497 -0.06 0.32 -44.82
C ASP A 497 -0.56 -0.60 -45.90
N GLY A 498 -1.55 -0.14 -46.66
CA GLY A 498 -2.14 -0.94 -47.72
C GLY A 498 -3.09 -2.03 -47.30
N ASN A 499 -3.32 -2.21 -45.99
CA ASN A 499 -4.30 -3.20 -45.55
C ASN A 499 -5.66 -2.52 -45.50
N GLU A 500 -6.52 -2.92 -46.43
CA GLU A 500 -7.81 -2.25 -46.62
C GLU A 500 -8.79 -2.89 -45.72
N GLY A 501 -8.62 -2.57 -44.44
CA GLY A 501 -9.40 -3.28 -43.40
C GLY A 501 -8.91 -4.72 -43.15
N ASP A 502 -9.33 -5.62 -44.04
CA ASP A 502 -8.79 -6.98 -44.11
C ASP A 502 -7.28 -6.91 -44.07
N ARG A 503 -6.63 -7.87 -43.37
CA ARG A 503 -5.16 -7.89 -43.34
C ARG A 503 -4.62 -8.72 -44.49
N ASN A 504 -3.62 -8.15 -45.17
CA ASN A 504 -3.04 -8.73 -46.40
C ASN A 504 -2.26 -10.00 -46.16
N ASN A 505 -1.77 -10.16 -44.93
CA ASN A 505 -1.23 -11.44 -44.48
C ASN A 505 -1.58 -11.70 -43.00
N ILE A 506 -1.23 -12.89 -42.48
CA ILE A 506 -1.40 -13.16 -41.05
C ILE A 506 -0.07 -13.38 -40.37
N THR A 507 0.90 -12.61 -40.81
CA THR A 507 2.23 -12.56 -40.25
C THR A 507 2.33 -11.37 -39.28
N LEU A 508 3.26 -11.42 -38.33
CA LEU A 508 3.42 -10.33 -37.38
C LEU A 508 3.79 -9.06 -38.10
N TRP A 509 3.24 -7.93 -37.68
CA TRP A 509 3.56 -6.64 -38.26
C TRP A 509 4.83 -6.11 -37.65
N LYS A 510 5.33 -5.03 -38.22
CA LYS A 510 6.47 -4.26 -37.66
C LYS A 510 7.67 -5.16 -37.33
N ASN A 511 8.10 -5.94 -38.32
CA ASN A 511 9.30 -6.73 -38.21
C ASN A 511 9.25 -7.74 -37.04
N GLY A 512 8.06 -8.19 -36.68
CA GLY A 512 7.88 -9.00 -35.46
C GLY A 512 8.63 -10.33 -35.41
N ASP A 513 8.55 -11.13 -36.48
CA ASP A 513 9.29 -12.40 -36.54
C ASP A 513 10.76 -12.19 -36.35
N ASN A 514 11.31 -11.13 -36.94
CA ASN A 514 12.71 -10.79 -36.70
C ASN A 514 13.08 -10.30 -35.30
N VAL A 515 12.15 -9.61 -34.64
CA VAL A 515 12.35 -9.25 -33.24
C VAL A 515 12.45 -10.51 -32.37
N VAL A 516 11.50 -11.45 -32.55
CA VAL A 516 11.50 -12.73 -31.81
C VAL A 516 12.80 -13.49 -32.06
N LYS A 517 13.16 -13.59 -33.32
CA LYS A 517 14.37 -14.39 -33.68
C LYS A 517 15.66 -13.81 -33.16
N THR A 518 15.78 -12.48 -33.26
CA THR A 518 16.95 -11.77 -32.73
C THR A 518 17.04 -11.94 -31.23
N ALA A 519 15.90 -11.85 -30.56
CA ALA A 519 15.88 -12.03 -29.10
C ALA A 519 16.24 -13.50 -28.72
N ALA A 520 15.59 -14.45 -29.37
CA ALA A 520 15.80 -15.86 -29.05
C ALA A 520 17.18 -16.35 -29.39
N ASN A 521 17.79 -15.78 -30.42
CA ASN A 521 19.21 -16.08 -30.73
C ASN A 521 20.19 -15.55 -29.71
N ASN A 522 19.80 -14.53 -28.94
CA ASN A 522 20.71 -13.91 -27.95
C ASN A 522 20.37 -14.13 -26.47
N CYS A 523 19.20 -14.72 -26.18
CA CYS A 523 18.76 -14.92 -24.83
C CYS A 523 18.10 -16.27 -24.71
N ASN A 524 18.54 -17.03 -23.73
CA ASN A 524 18.06 -18.39 -23.56
C ASN A 524 16.70 -18.47 -22.84
N ASN A 525 16.14 -17.31 -22.44
CA ASN A 525 14.86 -17.27 -21.74
C ASN A 525 14.00 -16.16 -22.29
N THR A 526 13.55 -16.40 -23.51
CA THR A 526 12.77 -15.45 -24.28
C THR A 526 11.28 -15.81 -24.20
N VAL A 527 10.49 -14.90 -23.64
CA VAL A 527 9.04 -15.03 -23.61
C VAL A 527 8.42 -14.08 -24.63
N VAL A 528 7.50 -14.60 -25.41
CA VAL A 528 6.88 -13.80 -26.49
C VAL A 528 5.42 -13.55 -26.11
N ILE A 529 5.01 -12.28 -26.13
CA ILE A 529 3.61 -11.88 -25.90
C ILE A 529 3.02 -11.27 -27.19
N ILE A 530 1.92 -11.83 -27.65
CA ILE A 530 1.30 -11.40 -28.90
C ILE A 530 0.02 -10.64 -28.62
N HIS A 531 -0.07 -9.38 -29.10
CA HIS A 531 -1.34 -8.66 -29.15
C HIS A 531 -1.81 -8.65 -30.60
N SER A 532 -2.97 -9.19 -30.87
CA SER A 532 -3.41 -9.30 -32.21
C SER A 532 -4.88 -9.48 -32.34
N VAL A 533 -5.37 -9.12 -33.51
CA VAL A 533 -6.75 -9.30 -33.90
C VAL A 533 -7.21 -10.72 -34.08
N GLY A 534 -6.27 -11.64 -34.22
CA GLY A 534 -6.58 -13.05 -34.39
C GLY A 534 -5.29 -13.84 -34.59
N PRO A 535 -5.37 -15.05 -35.19
CA PRO A 535 -4.19 -15.89 -35.29
C PRO A 535 -3.09 -15.29 -36.13
N VAL A 536 -1.86 -15.55 -35.75
CA VAL A 536 -0.72 -15.20 -36.57
C VAL A 536 0.11 -16.46 -36.85
N LEU A 537 0.95 -16.38 -37.87
CA LEU A 537 1.92 -17.45 -38.15
C LEU A 537 3.09 -17.40 -37.20
N ILE A 538 3.26 -18.48 -36.46
CA ILE A 538 4.35 -18.56 -35.46
C ILE A 538 5.33 -19.72 -35.77
N ASP A 539 5.09 -20.43 -36.91
CA ASP A 539 5.83 -21.65 -37.24
C ASP A 539 7.30 -21.45 -37.26
N GLU A 540 7.75 -20.29 -37.65
CA GLU A 540 9.15 -20.12 -37.80
C GLU A 540 9.94 -20.08 -36.44
N TRP A 541 9.29 -19.66 -35.36
CA TRP A 541 9.99 -19.44 -34.04
C TRP A 541 9.37 -20.12 -32.79
N TYR A 542 8.16 -20.69 -32.88
CA TYR A 542 7.47 -21.14 -31.70
C TYR A 542 8.21 -22.26 -30.96
N ASP A 543 8.95 -23.09 -31.70
CA ASP A 543 9.68 -24.23 -31.11
C ASP A 543 11.18 -23.96 -31.04
N HIS A 544 11.59 -22.70 -31.18
CA HIS A 544 12.95 -22.30 -30.94
C HIS A 544 13.26 -22.71 -29.49
N PRO A 545 14.44 -23.29 -29.25
CA PRO A 545 14.73 -23.81 -27.89
C PRO A 545 14.87 -22.71 -26.83
N ASN A 546 15.23 -21.53 -27.26
CA ASN A 546 15.22 -20.35 -26.38
C ASN A 546 13.89 -19.61 -26.13
N VAL A 547 12.84 -19.95 -26.87
CA VAL A 547 11.55 -19.36 -26.67
C VAL A 547 10.93 -20.21 -25.58
N THR A 548 11.06 -19.72 -24.35
CA THR A 548 10.59 -20.45 -23.18
C THR A 548 9.16 -20.13 -22.79
N GLY A 549 8.61 -19.06 -23.37
CA GLY A 549 7.22 -18.71 -23.15
C GLY A 549 6.54 -18.07 -24.35
N ILE A 550 5.26 -18.40 -24.53
CA ILE A 550 4.44 -17.76 -25.57
C ILE A 550 3.04 -17.49 -24.99
N LEU A 551 2.59 -16.23 -25.12
CA LEU A 551 1.24 -15.83 -24.69
C LEU A 551 0.54 -15.01 -25.79
N TRP A 552 -0.75 -15.21 -25.92
CA TRP A 552 -1.57 -14.38 -26.75
C TRP A 552 -2.53 -13.57 -25.87
N ALA A 553 -2.41 -12.24 -25.93
CA ALA A 553 -3.15 -11.32 -25.09
C ALA A 553 -4.20 -10.46 -25.83
N GLY A 554 -4.39 -10.71 -27.12
CA GLY A 554 -5.46 -10.06 -27.90
C GLY A 554 -5.34 -8.54 -27.91
N LEU A 555 -6.48 -7.86 -27.66
CA LEU A 555 -6.63 -6.39 -27.71
C LEU A 555 -7.24 -5.93 -26.33
N PRO A 556 -6.41 -5.74 -25.32
CA PRO A 556 -6.92 -5.71 -23.94
C PRO A 556 -7.54 -4.41 -23.45
N GLY A 557 -7.50 -3.34 -24.25
CA GLY A 557 -7.96 -2.06 -23.76
C GLY A 557 -7.00 -1.36 -22.84
N GLN A 558 -7.54 -0.43 -22.04
CA GLN A 558 -6.76 0.61 -21.38
C GLN A 558 -5.78 0.14 -20.35
N GLU A 559 -6.05 -1.05 -19.77
CA GLU A 559 -5.19 -1.59 -18.68
C GLU A 559 -4.17 -2.65 -19.19
N SER A 560 -3.90 -2.63 -20.51
CA SER A 560 -3.10 -3.66 -21.14
C SER A 560 -1.83 -4.08 -20.39
N GLY A 561 -0.97 -3.13 -20.07
CA GLY A 561 0.23 -3.39 -19.33
C GLY A 561 0.01 -4.12 -18.02
N ASN A 562 -1.01 -3.68 -17.27
CA ASN A 562 -1.27 -4.23 -15.92
C ASN A 562 -1.83 -5.62 -16.03
N SER A 563 -2.74 -5.84 -16.98
CA SER A 563 -3.25 -7.15 -17.28
C SER A 563 -2.15 -8.22 -17.60
N ILE A 564 -1.18 -7.84 -18.45
CA ILE A 564 -0.10 -8.76 -18.78
C ILE A 564 0.89 -8.90 -17.61
N ALA A 565 1.17 -7.84 -16.89
CA ALA A 565 2.04 -7.99 -15.74
C ALA A 565 1.42 -8.96 -14.70
N ASP A 566 0.12 -8.86 -14.47
CA ASP A 566 -0.58 -9.73 -13.54
C ASP A 566 -0.33 -11.20 -13.88
N VAL A 567 -0.41 -11.52 -15.17
CA VAL A 567 -0.18 -12.88 -15.62
C VAL A 567 1.28 -13.28 -15.49
N LEU A 568 2.17 -12.43 -16.00
CA LEU A 568 3.58 -12.78 -16.04
C LEU A 568 4.16 -12.97 -14.66
N TYR A 569 3.71 -12.20 -13.69
CA TYR A 569 4.23 -12.28 -12.31
C TYR A 569 3.36 -13.18 -11.40
N GLY A 570 2.37 -13.85 -11.98
CA GLY A 570 1.61 -14.87 -11.26
C GLY A 570 0.53 -14.42 -10.31
N ARG A 571 0.19 -13.14 -10.29
CA ARG A 571 -0.98 -12.70 -9.56
C ARG A 571 -2.27 -13.32 -10.15
N VAL A 572 -2.28 -13.57 -11.43
CA VAL A 572 -3.37 -14.27 -12.06
C VAL A 572 -2.68 -15.46 -12.74
N ASN A 573 -3.23 -16.66 -12.51
CA ASN A 573 -2.77 -17.83 -13.13
C ASN A 573 -3.57 -17.90 -14.40
N PRO A 574 -2.91 -17.83 -15.56
CA PRO A 574 -3.73 -17.74 -16.76
C PRO A 574 -4.59 -19.00 -16.97
N GLY A 575 -5.82 -18.80 -17.41
CA GLY A 575 -6.73 -19.87 -17.72
C GLY A 575 -7.57 -19.64 -18.99
N ALA A 576 -7.18 -18.68 -19.83
CA ALA A 576 -7.82 -18.50 -21.16
C ALA A 576 -7.45 -19.66 -22.11
N LYS A 577 -8.38 -19.98 -23.02
CA LYS A 577 -8.15 -20.93 -24.09
C LYS A 577 -8.30 -20.21 -25.42
N SER A 578 -7.58 -20.69 -26.43
CA SER A 578 -7.63 -20.11 -27.75
C SER A 578 -9.03 -20.21 -28.36
N PRO A 579 -9.62 -19.05 -28.76
CA PRO A 579 -10.93 -19.06 -29.38
C PRO A 579 -10.88 -19.22 -30.92
N PHE A 580 -9.68 -19.51 -31.44
CA PHE A 580 -9.48 -19.89 -32.83
C PHE A 580 -8.22 -20.81 -32.98
N THR A 581 -8.01 -21.32 -34.19
CA THR A 581 -6.95 -22.27 -34.48
C THR A 581 -5.73 -21.53 -34.91
N TRP A 582 -4.56 -21.99 -34.44
CA TRP A 582 -3.24 -21.43 -34.85
C TRP A 582 -2.62 -22.45 -35.84
N GLY A 583 -2.66 -22.14 -37.14
CA GLY A 583 -2.26 -23.07 -38.19
C GLY A 583 -0.83 -22.85 -38.63
N LYS A 584 -0.26 -23.78 -39.41
CA LYS A 584 1.14 -23.63 -39.84
C LYS A 584 1.31 -22.58 -40.91
N THR A 585 0.35 -22.51 -41.84
CA THR A 585 0.36 -21.55 -42.94
C THR A 585 -1.02 -20.90 -43.09
N ARG A 586 -1.07 -19.84 -43.90
CA ARG A 586 -2.36 -19.25 -44.25
C ARG A 586 -3.21 -20.26 -44.95
N GLU A 587 -2.57 -21.07 -45.79
CA GLU A 587 -3.28 -22.08 -46.59
C GLU A 587 -3.89 -23.19 -45.74
N SER A 588 -3.33 -23.51 -44.58
CA SER A 588 -3.93 -24.52 -43.67
C SER A 588 -5.39 -24.22 -43.29
N TYR A 589 -5.78 -22.93 -43.33
CA TYR A 589 -7.11 -22.48 -42.93
C TYR A 589 -8.14 -22.62 -44.03
N GLY A 590 -7.68 -22.69 -45.28
CA GLY A 590 -8.63 -22.60 -46.41
C GLY A 590 -9.29 -21.22 -46.37
N SER A 591 -10.56 -21.18 -46.77
CA SER A 591 -11.34 -19.98 -46.85
C SER A 591 -10.55 -18.73 -47.25
N PRO A 592 -10.02 -18.67 -48.49
CA PRO A 592 -9.35 -17.43 -48.92
C PRO A 592 -10.35 -16.26 -48.98
N LEU A 593 -9.88 -15.06 -48.73
CA LEU A 593 -10.69 -13.84 -48.97
C LEU A 593 -10.89 -13.60 -50.48
N VAL A 594 -12.02 -13.00 -50.87
CA VAL A 594 -12.18 -12.49 -52.25
C VAL A 594 -11.53 -11.12 -52.30
N LYS A 595 -10.31 -11.08 -52.81
CA LYS A 595 -9.51 -9.84 -52.95
C LYS A 595 -9.53 -9.20 -54.35
N ASP A 596 -10.23 -9.83 -55.29
N ASP A 596 -10.22 -9.82 -55.29
CA ASP A 596 -10.25 -9.38 -56.68
CA ASP A 596 -10.24 -9.33 -56.67
C ASP A 596 -11.69 -9.24 -57.17
C ASP A 596 -11.67 -9.25 -57.19
N ALA A 597 -11.90 -8.30 -58.09
CA ALA A 597 -13.20 -8.09 -58.69
C ALA A 597 -13.49 -9.26 -59.61
N ASN A 598 -14.00 -10.35 -59.03
CA ASN A 598 -14.01 -11.65 -59.69
C ASN A 598 -15.27 -11.90 -60.54
N ASN A 599 -16.06 -10.85 -60.80
CA ASN A 599 -17.28 -10.98 -61.59
C ASN A 599 -17.39 -9.84 -62.58
N GLY A 600 -16.28 -9.55 -63.25
CA GLY A 600 -16.22 -8.46 -64.21
C GLY A 600 -16.39 -7.14 -63.50
N ASN A 601 -17.25 -6.29 -64.07
CA ASN A 601 -17.62 -5.04 -63.44
C ASN A 601 -18.88 -5.21 -62.57
N GLY A 602 -19.33 -6.44 -62.39
CA GLY A 602 -20.44 -6.73 -61.50
C GLY A 602 -20.01 -6.88 -60.05
N ALA A 603 -20.99 -7.21 -59.21
CA ALA A 603 -20.72 -7.47 -57.79
C ALA A 603 -19.84 -8.71 -57.64
N PRO A 604 -18.66 -8.57 -57.00
CA PRO A 604 -17.87 -9.78 -56.73
C PRO A 604 -18.64 -10.82 -55.92
N GLN A 605 -18.32 -12.09 -56.12
CA GLN A 605 -19.09 -13.17 -55.60
C GLN A 605 -18.17 -13.98 -54.68
N SER A 606 -18.67 -14.37 -53.50
CA SER A 606 -17.92 -15.16 -52.52
C SER A 606 -18.81 -16.29 -52.15
N ASP A 607 -18.48 -17.46 -52.68
CA ASP A 607 -19.25 -18.66 -52.45
C ASP A 607 -18.73 -19.37 -51.22
N PHE A 608 -19.66 -19.74 -50.34
CA PHE A 608 -19.30 -20.34 -49.06
C PHE A 608 -19.37 -21.86 -49.24
N THR A 609 -18.45 -22.35 -50.06
CA THR A 609 -18.40 -23.76 -50.43
C THR A 609 -17.81 -24.63 -49.32
N GLN A 610 -17.05 -24.04 -48.38
CA GLN A 610 -16.61 -24.77 -47.19
C GLN A 610 -17.76 -25.24 -46.26
N GLY A 611 -18.95 -24.67 -46.40
CA GLY A 611 -20.10 -25.00 -45.56
C GLY A 611 -19.81 -24.70 -44.08
N VAL A 612 -20.12 -25.65 -43.22
CA VAL A 612 -19.84 -25.52 -41.77
C VAL A 612 -18.37 -25.69 -41.40
N PHE A 613 -17.53 -26.10 -42.37
CA PHE A 613 -16.14 -26.43 -42.11
C PHE A 613 -15.23 -25.21 -42.16
N ILE A 614 -15.35 -24.41 -41.11
CA ILE A 614 -14.43 -23.29 -40.91
C ILE A 614 -13.63 -23.50 -39.63
N ASP A 615 -12.55 -22.74 -39.49
CA ASP A 615 -11.58 -22.84 -38.38
C ASP A 615 -11.28 -24.33 -38.05
N TYR A 616 -11.42 -24.75 -36.79
CA TYR A 616 -11.08 -26.13 -36.41
C TYR A 616 -11.85 -27.20 -37.19
N ARG A 617 -13.07 -26.90 -37.62
CA ARG A 617 -13.83 -27.91 -38.42
C ARG A 617 -13.12 -28.18 -39.78
N HIS A 618 -12.54 -27.15 -40.38
CA HIS A 618 -11.71 -27.29 -41.59
C HIS A 618 -10.43 -28.08 -41.36
N PHE A 619 -9.68 -27.70 -40.33
CA PHE A 619 -8.48 -28.41 -39.91
C PHE A 619 -8.77 -29.88 -39.67
N ASP A 620 -9.87 -30.17 -38.99
CA ASP A 620 -10.17 -31.56 -38.68
C ASP A 620 -10.49 -32.30 -39.99
N LYS A 621 -11.31 -31.71 -40.86
CA LYS A 621 -11.70 -32.39 -42.10
C LYS A 621 -10.52 -32.67 -43.03
N PHE A 622 -9.64 -31.69 -43.21
CA PHE A 622 -8.54 -31.81 -44.13
C PHE A 622 -7.32 -32.42 -43.44
N ASN A 623 -7.48 -32.98 -42.25
CA ASN A 623 -6.34 -33.48 -41.49
C ASN A 623 -5.10 -32.56 -41.39
N GLU A 624 -5.33 -31.27 -41.22
CA GLU A 624 -4.26 -30.33 -40.96
C GLU A 624 -4.04 -30.36 -39.46
N THR A 625 -2.78 -30.48 -39.04
CA THR A 625 -2.46 -30.41 -37.61
C THR A 625 -2.14 -28.99 -37.17
N PRO A 626 -2.95 -28.43 -36.26
CA PRO A 626 -2.65 -27.06 -35.79
C PRO A 626 -1.42 -27.06 -34.95
N ILE A 627 -0.68 -25.96 -34.94
CA ILE A 627 0.36 -25.76 -33.93
C ILE A 627 -0.31 -25.73 -32.57
N TYR A 628 -1.32 -24.86 -32.44
CA TYR A 628 -2.15 -24.75 -31.23
C TYR A 628 -3.59 -24.77 -31.64
N GLU A 629 -4.35 -25.70 -31.07
CA GLU A 629 -5.67 -25.97 -31.56
C GLU A 629 -6.70 -25.05 -30.93
N PHE A 630 -7.85 -24.99 -31.57
CA PHE A 630 -9.03 -24.34 -30.95
C PHE A 630 -9.29 -24.97 -29.58
N GLY A 631 -9.45 -24.11 -28.57
CA GLY A 631 -9.74 -24.56 -27.20
C GLY A 631 -8.55 -24.82 -26.31
N TYR A 632 -7.36 -24.56 -26.81
CA TYR A 632 -6.16 -24.95 -26.12
C TYR A 632 -5.58 -23.80 -25.32
N GLY A 633 -5.04 -24.11 -24.16
CA GLY A 633 -4.25 -23.17 -23.39
C GLY A 633 -3.68 -23.85 -22.19
N LEU A 634 -2.61 -23.29 -21.64
CA LEU A 634 -1.89 -23.85 -20.49
C LEU A 634 -2.23 -23.09 -19.22
N SER A 635 -1.58 -23.48 -18.11
CA SER A 635 -1.83 -22.86 -16.83
C SER A 635 -0.61 -23.06 -15.98
N TYR A 636 -0.50 -22.37 -14.86
CA TYR A 636 0.63 -22.61 -13.91
C TYR A 636 0.34 -23.85 -12.97
N THR A 637 -0.80 -24.50 -13.15
CA THR A 637 -1.09 -25.74 -12.48
C THR A 637 -1.45 -26.82 -13.54
N THR A 638 -1.90 -27.99 -13.07
CA THR A 638 -2.34 -29.08 -13.91
C THR A 638 -3.73 -29.53 -13.45
N PHE A 639 -4.46 -30.11 -14.38
CA PHE A 639 -5.79 -30.55 -14.13
C PHE A 639 -5.96 -31.93 -14.73
N GLU A 640 -6.89 -32.68 -14.16
CA GLU A 640 -7.32 -33.97 -14.69
C GLU A 640 -8.82 -34.05 -14.76
N LEU A 641 -9.31 -34.61 -15.86
CA LEU A 641 -10.72 -34.81 -16.06
C LEU A 641 -10.99 -36.29 -15.90
N SER A 642 -12.05 -36.66 -15.24
CA SER A 642 -12.40 -38.08 -15.13
C SER A 642 -13.89 -38.28 -14.87
N ASP A 643 -14.34 -39.52 -14.92
CA ASP A 643 -15.69 -39.90 -14.50
C ASP A 643 -16.80 -39.20 -15.31
N LEU A 644 -16.75 -39.36 -16.64
CA LEU A 644 -17.80 -38.83 -17.51
C LEU A 644 -19.10 -39.62 -17.33
N HIS A 645 -20.16 -38.94 -16.97
CA HIS A 645 -21.46 -39.55 -16.92
C HIS A 645 -22.50 -38.78 -17.74
N VAL A 646 -23.46 -39.54 -18.26
CA VAL A 646 -24.55 -39.02 -19.05
C VAL A 646 -25.86 -39.41 -18.37
N GLN A 647 -26.69 -38.42 -18.04
CA GLN A 647 -28.04 -38.64 -17.55
C GLN A 647 -29.14 -38.27 -18.60
N PRO A 648 -29.81 -39.27 -19.20
CA PRO A 648 -30.97 -38.91 -20.05
C PRO A 648 -32.03 -38.24 -19.21
N LEU A 649 -32.65 -37.22 -19.79
CA LEU A 649 -33.70 -36.47 -19.13
C LEU A 649 -35.02 -36.83 -19.75
N ASN A 650 -36.07 -36.79 -18.93
CA ASN A 650 -37.42 -37.05 -19.44
C ASN A 650 -37.94 -35.79 -20.12
N ALA A 651 -37.78 -35.73 -21.44
CA ALA A 651 -38.07 -34.55 -22.26
C ALA A 651 -39.36 -34.66 -23.08
N SER A 652 -40.01 -33.53 -23.31
CA SER A 652 -41.16 -33.49 -24.23
C SER A 652 -40.67 -33.59 -25.68
N ARG A 653 -41.49 -34.24 -26.51
CA ARG A 653 -41.22 -34.38 -27.95
C ARG A 653 -41.13 -33.04 -28.67
N TYR A 654 -40.47 -33.01 -29.81
CA TYR A 654 -40.45 -31.82 -30.63
C TYR A 654 -41.72 -31.80 -31.43
N THR A 655 -42.39 -30.66 -31.44
CA THR A 655 -43.62 -30.48 -32.24
C THR A 655 -43.32 -29.38 -33.24
N PRO A 656 -43.22 -29.73 -34.52
CA PRO A 656 -43.11 -28.66 -35.52
C PRO A 656 -44.27 -27.67 -35.39
N THR A 657 -43.96 -26.39 -35.46
CA THR A 657 -44.98 -25.35 -35.31
C THR A 657 -45.90 -25.30 -36.55
N SER A 658 -47.19 -25.10 -36.31
CA SER A 658 -48.20 -24.97 -37.37
C SER A 658 -49.14 -23.80 -37.08
N GLY A 659 -50.19 -23.63 -37.90
CA GLY A 659 -51.18 -22.59 -37.69
C GLY A 659 -50.76 -21.30 -38.33
N MET A 660 -51.43 -20.24 -37.91
CA MET A 660 -51.42 -18.97 -38.60
C MET A 660 -51.08 -17.88 -37.62
N THR A 661 -50.47 -16.80 -38.11
CA THR A 661 -50.35 -15.55 -37.34
C THR A 661 -51.71 -14.82 -37.31
N GLU A 662 -51.78 -13.72 -36.58
CA GLU A 662 -52.89 -12.77 -36.73
C GLU A 662 -52.67 -12.00 -38.02
N ALA A 663 -53.75 -11.37 -38.51
CA ALA A 663 -53.66 -10.45 -39.64
C ALA A 663 -53.07 -9.16 -39.15
N ALA A 664 -52.41 -8.43 -40.05
CA ALA A 664 -51.80 -7.14 -39.72
C ALA A 664 -52.80 -6.12 -39.23
N LYS A 665 -52.37 -5.18 -38.40
CA LYS A 665 -53.24 -4.15 -37.86
C LYS A 665 -52.66 -2.80 -38.11
N ASN A 666 -53.55 -1.83 -38.34
CA ASN A 666 -53.20 -0.43 -38.38
C ASN A 666 -53.38 0.14 -37.03
N PHE A 667 -52.40 0.93 -36.58
CA PHE A 667 -52.45 1.54 -35.26
C PHE A 667 -52.39 3.05 -35.50
N GLY A 668 -53.46 3.73 -35.12
CA GLY A 668 -53.64 5.14 -35.42
C GLY A 668 -54.20 5.35 -36.82
N GLU A 669 -54.35 6.61 -37.20
CA GLU A 669 -55.05 7.00 -38.42
C GLU A 669 -54.14 7.78 -39.29
N ILE A 670 -54.34 7.71 -40.59
CA ILE A 670 -53.66 8.63 -41.52
C ILE A 670 -54.68 9.48 -42.27
N GLY A 671 -54.48 10.80 -42.24
CA GLY A 671 -55.41 11.72 -42.89
C GLY A 671 -54.94 12.11 -44.28
N ASP A 672 -55.24 13.37 -44.63
CA ASP A 672 -54.91 13.94 -45.94
C ASP A 672 -53.45 14.33 -45.99
N ALA A 673 -52.89 14.24 -47.20
CA ALA A 673 -51.51 14.70 -47.47
C ALA A 673 -51.18 16.03 -46.84
N SER A 674 -52.12 16.98 -46.90
CA SER A 674 -51.93 18.33 -46.30
C SER A 674 -51.56 18.36 -44.82
N GLU A 675 -51.99 17.35 -44.05
CA GLU A 675 -51.66 17.28 -42.61
C GLU A 675 -50.15 17.14 -42.38
N TYR A 676 -49.44 16.57 -43.36
CA TYR A 676 -48.03 16.18 -43.23
C TYR A 676 -47.07 17.08 -44.01
N VAL A 677 -47.56 18.21 -44.52
CA VAL A 677 -46.67 19.24 -45.12
C VAL A 677 -45.88 19.92 -44.00
N TYR A 678 -44.66 20.42 -44.30
CA TYR A 678 -43.84 21.13 -43.31
C TYR A 678 -44.67 22.21 -42.62
N PRO A 679 -44.50 22.41 -41.30
N PRO A 679 -44.53 22.36 -41.29
CA PRO A 679 -45.07 23.63 -40.68
CA PRO A 679 -45.21 23.47 -40.63
C PRO A 679 -44.35 24.91 -41.20
C PRO A 679 -44.62 24.79 -40.99
N GLU A 680 -45.04 26.02 -41.46
N GLU A 680 -45.52 25.79 -40.97
CA GLU A 680 -44.35 27.14 -42.15
CA GLU A 680 -45.18 27.17 -41.18
C GLU A 680 -43.29 27.87 -41.30
C GLU A 680 -44.34 27.47 -39.98
N GLY A 681 -43.50 27.94 -39.98
N GLY A 681 -43.23 28.15 -40.22
CA GLY A 681 -42.56 28.63 -39.08
CA GLY A 681 -42.44 28.69 -39.15
C GLY A 681 -41.34 27.82 -38.62
C GLY A 681 -41.30 27.84 -38.63
N LEU A 682 -41.21 26.58 -39.07
CA LEU A 682 -40.08 25.73 -38.68
C LEU A 682 -38.88 26.14 -39.54
N GLU A 683 -37.78 26.57 -38.88
CA GLU A 683 -36.51 26.84 -39.56
C GLU A 683 -35.90 25.48 -39.92
N ARG A 684 -35.85 25.19 -41.20
CA ARG A 684 -35.24 23.97 -41.70
C ARG A 684 -33.73 24.07 -41.64
N ILE A 685 -33.12 23.16 -40.88
CA ILE A 685 -31.67 23.07 -40.80
C ILE A 685 -31.20 22.36 -42.09
N HIS A 686 -30.18 22.90 -42.75
CA HIS A 686 -29.62 22.30 -43.97
C HIS A 686 -29.04 20.92 -43.68
N GLU A 687 -29.28 20.01 -44.61
CA GLU A 687 -28.92 18.58 -44.54
C GLU A 687 -29.67 17.74 -43.54
N PHE A 688 -30.52 18.33 -42.70
CA PHE A 688 -31.28 17.61 -41.68
C PHE A 688 -32.41 16.87 -42.35
N ILE A 689 -32.65 15.65 -41.91
CA ILE A 689 -33.68 14.78 -42.46
C ILE A 689 -34.94 14.82 -41.56
N TYR A 690 -36.02 15.35 -42.14
CA TYR A 690 -37.29 15.58 -41.48
C TYR A 690 -38.29 14.58 -42.08
N PRO A 691 -39.39 14.32 -41.38
CA PRO A 691 -40.41 13.42 -41.88
C PRO A 691 -41.44 14.08 -42.84
N TRP A 692 -41.46 15.40 -42.86
CA TRP A 692 -42.45 16.22 -43.58
C TRP A 692 -42.25 16.27 -45.11
N ILE A 693 -43.34 16.51 -45.84
CA ILE A 693 -43.31 16.65 -47.30
C ILE A 693 -43.40 18.13 -47.71
N ASN A 694 -42.76 18.46 -48.82
CA ASN A 694 -42.76 19.87 -49.28
C ASN A 694 -44.15 20.39 -49.62
N SER A 695 -44.95 19.54 -50.25
CA SER A 695 -46.33 19.88 -50.65
C SER A 695 -47.17 18.64 -50.76
N THR A 696 -48.46 18.82 -51.02
CA THR A 696 -49.34 17.70 -51.26
C THR A 696 -49.14 17.03 -52.63
N ASP A 697 -48.28 17.57 -53.47
CA ASP A 697 -47.83 16.84 -54.67
C ASP A 697 -46.82 15.76 -54.22
N LEU A 698 -47.25 14.50 -54.24
CA LEU A 698 -46.44 13.39 -53.72
C LEU A 698 -45.24 13.09 -54.62
N LYS A 699 -45.46 13.00 -55.94
CA LYS A 699 -44.35 12.79 -56.91
C LYS A 699 -43.24 13.81 -56.75
N ALA A 700 -43.63 15.07 -56.66
CA ALA A 700 -42.65 16.16 -56.52
C ALA A 700 -41.97 16.08 -55.16
N SER A 701 -42.74 15.74 -54.11
CA SER A 701 -42.20 15.69 -52.73
C SER A 701 -41.15 14.57 -52.53
N SER A 702 -41.32 13.46 -53.27
CA SER A 702 -40.33 12.36 -53.35
C SER A 702 -39.11 12.70 -54.21
N ASP A 703 -39.35 13.17 -55.44
CA ASP A 703 -38.28 13.57 -56.38
C ASP A 703 -37.52 12.37 -56.95
N ASP A 704 -38.04 11.17 -56.74
CA ASP A 704 -37.41 9.99 -57.25
C ASP A 704 -37.71 9.97 -58.74
N SER A 705 -36.68 10.03 -59.58
CA SER A 705 -36.86 10.09 -61.03
C SER A 705 -37.52 8.84 -61.62
N ASN A 706 -37.64 7.75 -60.87
CA ASN A 706 -38.49 6.60 -61.30
C ASN A 706 -39.83 6.48 -60.57
N TYR A 707 -40.28 7.57 -59.94
CA TYR A 707 -41.52 7.56 -59.14
C TYR A 707 -42.73 7.09 -59.90
N GLY A 708 -43.57 6.28 -59.27
CA GLY A 708 -44.94 6.10 -59.71
C GLY A 708 -45.30 4.87 -60.50
N TRP A 709 -44.42 3.88 -60.60
CA TRP A 709 -44.75 2.63 -61.32
C TRP A 709 -45.81 1.83 -60.60
N GLU A 710 -46.48 0.96 -61.35
CA GLU A 710 -47.40 -0.05 -60.79
C GLU A 710 -46.54 -1.03 -59.96
N ASP A 711 -47.13 -1.52 -58.87
CA ASP A 711 -46.43 -2.35 -57.88
C ASP A 711 -45.71 -3.54 -58.53
N SER A 712 -46.42 -4.27 -59.39
CA SER A 712 -45.90 -5.48 -60.06
C SER A 712 -44.65 -5.29 -60.92
N LYS A 713 -44.34 -4.03 -61.26
CA LYS A 713 -43.13 -3.74 -61.99
C LYS A 713 -41.85 -3.84 -61.13
N TYR A 714 -41.94 -3.61 -59.81
CA TYR A 714 -40.72 -3.55 -58.97
C TYR A 714 -40.87 -4.06 -57.50
N ILE A 715 -41.97 -4.75 -57.19
CA ILE A 715 -42.31 -5.18 -55.82
C ILE A 715 -42.77 -6.62 -55.93
N PRO A 716 -42.15 -7.53 -55.15
CA PRO A 716 -42.55 -8.93 -55.29
C PRO A 716 -43.97 -9.20 -54.82
N GLU A 717 -44.51 -10.32 -55.26
CA GLU A 717 -45.82 -10.78 -54.83
C GLU A 717 -45.87 -10.93 -53.31
N GLY A 718 -47.00 -10.58 -52.71
CA GLY A 718 -47.18 -10.75 -51.26
C GLY A 718 -46.59 -9.65 -50.37
N ALA A 719 -45.76 -8.77 -50.93
CA ALA A 719 -45.08 -7.76 -50.14
C ALA A 719 -46.00 -6.79 -49.41
N THR A 720 -47.24 -6.65 -49.90
CA THR A 720 -48.24 -5.78 -49.25
C THR A 720 -49.42 -6.61 -48.77
N ASP A 721 -49.29 -7.93 -48.70
CA ASP A 721 -50.33 -8.81 -48.18
C ASP A 721 -50.40 -8.76 -46.65
N GLY A 722 -51.47 -8.20 -46.10
CA GLY A 722 -51.63 -8.08 -44.65
C GLY A 722 -52.42 -9.19 -43.99
N SER A 723 -52.75 -10.25 -44.72
CA SER A 723 -53.58 -11.30 -44.14
C SER A 723 -52.75 -12.16 -43.16
N ALA A 724 -53.46 -12.87 -42.28
CA ALA A 724 -52.86 -13.95 -41.48
C ALA A 724 -51.93 -14.78 -42.36
N GLN A 725 -50.69 -15.01 -41.89
CA GLN A 725 -49.71 -15.84 -42.58
C GLN A 725 -49.44 -17.18 -41.88
N PRO A 726 -48.99 -18.20 -42.64
CA PRO A 726 -48.60 -19.46 -42.00
C PRO A 726 -47.36 -19.30 -41.11
N ARG A 727 -47.37 -19.99 -39.97
CA ARG A 727 -46.18 -20.05 -39.09
C ARG A 727 -45.19 -21.07 -39.64
N LEU A 728 -43.92 -20.73 -39.62
CA LEU A 728 -42.91 -21.66 -40.14
C LEU A 728 -42.70 -22.82 -39.12
N PRO A 729 -42.34 -24.03 -39.61
CA PRO A 729 -42.19 -25.19 -38.68
C PRO A 729 -41.10 -25.00 -37.57
N ALA A 730 -39.99 -24.34 -37.90
CA ALA A 730 -38.92 -24.05 -36.96
C ALA A 730 -39.12 -22.79 -36.11
N SER A 731 -40.28 -22.13 -36.26
CA SER A 731 -40.65 -20.98 -35.44
C SER A 731 -41.40 -21.46 -34.21
N GLY A 732 -41.83 -20.49 -33.41
CA GLY A 732 -42.67 -20.73 -32.26
C GLY A 732 -42.29 -19.97 -31.01
N GLY A 733 -41.12 -19.35 -30.96
CA GLY A 733 -40.64 -18.66 -29.77
C GLY A 733 -39.39 -17.88 -30.08
N ALA A 734 -38.84 -17.20 -29.08
CA ALA A 734 -37.64 -16.38 -29.28
C ALA A 734 -36.45 -17.25 -29.54
N GLY A 735 -35.90 -17.16 -30.74
CA GLY A 735 -34.78 -17.98 -31.15
C GLY A 735 -35.20 -19.28 -31.78
N GLY A 736 -36.49 -19.39 -32.10
CA GLY A 736 -37.01 -20.58 -32.77
C GLY A 736 -37.92 -21.39 -31.89
N ASN A 737 -38.42 -22.46 -32.48
CA ASN A 737 -39.31 -23.43 -31.85
C ASN A 737 -38.82 -23.73 -30.43
N PRO A 738 -39.67 -23.55 -29.41
CA PRO A 738 -39.17 -23.77 -28.04
C PRO A 738 -38.74 -25.22 -27.77
N GLY A 739 -39.23 -26.19 -28.55
CA GLY A 739 -38.75 -27.56 -28.53
C GLY A 739 -37.24 -27.71 -28.78
N LEU A 740 -36.62 -26.74 -29.45
CA LEU A 740 -35.15 -26.75 -29.64
C LEU A 740 -34.38 -26.63 -28.32
N TYR A 741 -34.99 -25.98 -27.34
CA TYR A 741 -34.33 -25.64 -26.08
C TYR A 741 -34.81 -26.52 -24.95
N GLU A 742 -35.46 -27.62 -25.30
CA GLU A 742 -35.76 -28.68 -24.37
C GLU A 742 -34.44 -29.41 -24.03
N ASP A 743 -34.19 -29.62 -22.73
CA ASP A 743 -33.03 -30.38 -22.29
C ASP A 743 -33.17 -31.87 -22.52
N LEU A 744 -32.24 -32.47 -23.26
CA LEU A 744 -32.28 -33.89 -23.50
C LEU A 744 -31.35 -34.70 -22.54
N PHE A 745 -30.19 -34.15 -22.21
CA PHE A 745 -29.16 -34.89 -21.47
C PHE A 745 -28.49 -33.94 -20.53
N ARG A 746 -28.20 -34.42 -19.33
CA ARG A 746 -27.23 -33.80 -18.44
C ARG A 746 -25.95 -34.60 -18.49
N VAL A 747 -24.87 -33.91 -18.68
CA VAL A 747 -23.56 -34.50 -18.85
C VAL A 747 -22.66 -33.95 -17.73
N SER A 748 -22.05 -34.87 -16.97
CA SER A 748 -21.22 -34.48 -15.84
C SER A 748 -19.84 -35.09 -16.00
N VAL A 749 -18.85 -34.39 -15.49
CA VAL A 749 -17.47 -34.83 -15.49
C VAL A 749 -16.75 -34.19 -14.28
N LYS A 750 -15.78 -34.92 -13.71
CA LYS A 750 -15.03 -34.45 -12.54
C LYS A 750 -13.79 -33.74 -13.04
N VAL A 751 -13.50 -32.59 -12.44
CA VAL A 751 -12.33 -31.81 -12.83
C VAL A 751 -11.52 -31.64 -11.54
N LYS A 752 -10.23 -31.91 -11.60
CA LYS A 752 -9.37 -31.83 -10.41
C LYS A 752 -8.13 -31.01 -10.68
N ASN A 753 -7.80 -30.07 -9.80
CA ASN A 753 -6.54 -29.38 -9.81
C ASN A 753 -5.48 -30.28 -9.12
N THR A 754 -4.63 -30.88 -9.95
CA THR A 754 -3.63 -31.82 -9.52
C THR A 754 -2.24 -31.18 -9.26
N GLY A 755 -2.13 -29.84 -9.32
CA GLY A 755 -0.86 -29.15 -9.14
C GLY A 755 -0.85 -28.34 -7.87
N ASN A 756 0.05 -27.36 -7.82
CA ASN A 756 0.34 -26.64 -6.58
C ASN A 756 -0.16 -25.20 -6.52
N VAL A 757 -0.84 -24.73 -7.57
CA VAL A 757 -1.38 -23.36 -7.61
C VAL A 757 -2.84 -23.38 -7.96
N ALA A 758 -3.60 -22.48 -7.33
CA ALA A 758 -5.00 -22.25 -7.64
C ALA A 758 -5.11 -21.77 -9.09
N GLY A 759 -6.16 -22.21 -9.77
CA GLY A 759 -6.29 -21.81 -11.18
C GLY A 759 -7.60 -22.23 -11.77
N ASP A 760 -7.79 -21.84 -13.00
CA ASP A 760 -9.03 -22.15 -13.73
C ASP A 760 -8.75 -23.18 -14.80
N GLU A 761 -9.69 -24.08 -15.00
CA GLU A 761 -9.69 -24.96 -16.18
C GLU A 761 -10.96 -24.62 -16.98
N VAL A 762 -10.92 -24.89 -18.28
CA VAL A 762 -12.07 -24.76 -19.18
C VAL A 762 -12.42 -26.12 -19.80
N PRO A 763 -13.18 -26.94 -19.07
CA PRO A 763 -13.57 -28.19 -19.66
C PRO A 763 -14.56 -27.87 -20.81
N GLN A 764 -14.55 -28.72 -21.82
CA GLN A 764 -15.28 -28.53 -23.07
C GLN A 764 -15.96 -29.82 -23.48
N LEU A 765 -17.20 -29.72 -23.97
CA LEU A 765 -17.97 -30.84 -24.45
C LEU A 765 -18.17 -30.60 -25.93
N TYR A 766 -17.75 -31.57 -26.74
CA TYR A 766 -17.88 -31.56 -28.18
C TYR A 766 -18.82 -32.68 -28.56
N VAL A 767 -19.59 -32.49 -29.65
CA VAL A 767 -20.43 -33.60 -30.17
C VAL A 767 -20.10 -33.96 -31.63
N SER A 768 -20.27 -35.25 -31.91
CA SER A 768 -20.22 -35.81 -33.25
C SER A 768 -21.67 -36.08 -33.58
N LEU A 769 -22.23 -35.28 -34.48
CA LEU A 769 -23.65 -35.39 -34.84
C LEU A 769 -23.93 -36.59 -35.72
N GLY A 770 -22.88 -37.10 -36.38
CA GLY A 770 -22.98 -38.34 -37.11
C GLY A 770 -23.50 -38.10 -38.51
N GLY A 771 -23.32 -39.11 -39.33
CA GLY A 771 -23.73 -39.01 -40.68
C GLY A 771 -22.58 -38.52 -41.53
N PRO A 772 -22.74 -38.55 -42.88
N PRO A 772 -22.70 -38.72 -42.85
CA PRO A 772 -21.65 -38.45 -43.90
CA PRO A 772 -21.65 -38.30 -43.72
C PRO A 772 -20.81 -37.18 -44.01
C PRO A 772 -21.81 -36.78 -43.96
N ASN A 773 -21.38 -36.01 -44.26
N ASN A 773 -20.73 -36.15 -44.31
CA ASN A 773 -20.47 -34.85 -44.35
CA ASN A 773 -20.82 -34.73 -44.48
C ASN A 773 -20.68 -33.91 -43.17
C ASN A 773 -20.76 -33.89 -43.19
N GLU A 774 -20.77 -34.51 -41.99
CA GLU A 774 -20.83 -33.76 -40.71
C GLU A 774 -19.46 -33.67 -40.08
N PRO A 775 -19.17 -32.55 -39.40
CA PRO A 775 -17.85 -32.49 -38.79
C PRO A 775 -17.63 -33.58 -37.73
N LYS A 776 -16.39 -34.02 -37.61
CA LYS A 776 -16.02 -35.03 -36.62
C LYS A 776 -16.49 -34.59 -35.20
N VAL A 777 -16.15 -33.34 -34.88
CA VAL A 777 -16.64 -32.72 -33.68
C VAL A 777 -17.05 -31.27 -33.92
N VAL A 778 -18.06 -30.84 -33.18
CA VAL A 778 -18.40 -29.42 -33.02
C VAL A 778 -18.56 -29.13 -31.53
N LEU A 779 -18.08 -27.95 -31.10
CA LEU A 779 -18.26 -27.54 -29.70
C LEU A 779 -19.71 -27.31 -29.37
N ARG A 780 -20.13 -27.74 -28.19
CA ARG A 780 -21.47 -27.47 -27.71
C ARG A 780 -21.56 -26.83 -26.35
N LYS A 781 -20.75 -27.26 -25.39
CA LYS A 781 -20.75 -26.67 -24.03
C LYS A 781 -19.34 -26.51 -23.45
N PHE A 782 -19.22 -25.64 -22.46
CA PHE A 782 -17.94 -25.30 -21.87
C PHE A 782 -18.25 -24.50 -20.59
N GLU A 783 -17.24 -24.35 -19.76
CA GLU A 783 -17.38 -23.63 -18.51
C GLU A 783 -15.98 -23.37 -17.99
N ARG A 784 -15.79 -22.27 -17.30
CA ARG A 784 -14.52 -21.97 -16.68
C ARG A 784 -14.71 -22.15 -15.18
N ILE A 785 -13.91 -23.01 -14.61
CA ILE A 785 -14.05 -23.49 -13.22
C ILE A 785 -12.77 -23.17 -12.46
N HIS A 786 -12.89 -22.47 -11.33
CA HIS A 786 -11.76 -22.15 -10.49
C HIS A 786 -11.57 -23.23 -9.42
N LEU A 787 -10.36 -23.74 -9.30
CA LEU A 787 -10.05 -24.80 -8.38
C LEU A 787 -8.81 -24.47 -7.60
N ALA A 788 -8.91 -24.61 -6.27
CA ALA A 788 -7.71 -24.63 -5.41
C ALA A 788 -6.89 -25.88 -5.65
N PRO A 789 -5.61 -25.86 -5.28
CA PRO A 789 -4.77 -27.06 -5.41
C PRO A 789 -5.41 -28.22 -4.65
N SER A 790 -5.47 -29.37 -5.31
CA SER A 790 -6.16 -30.59 -4.82
C SER A 790 -7.69 -30.58 -4.91
N GLN A 791 -8.32 -29.43 -5.16
CA GLN A 791 -9.76 -29.36 -5.26
C GLN A 791 -10.34 -30.13 -6.46
N GLU A 792 -11.45 -30.81 -6.23
CA GLU A 792 -12.23 -31.45 -7.29
C GLU A 792 -13.65 -30.92 -7.29
N ALA A 793 -14.20 -30.80 -8.48
CA ALA A 793 -15.54 -30.33 -8.66
C ALA A 793 -16.08 -31.13 -9.81
N VAL A 794 -17.37 -31.41 -9.73
CA VAL A 794 -18.07 -32.02 -10.85
C VAL A 794 -18.74 -30.91 -11.66
N TRP A 795 -18.47 -30.88 -12.95
CA TRP A 795 -19.08 -29.90 -13.86
C TRP A 795 -20.26 -30.57 -14.51
N THR A 796 -21.45 -30.02 -14.33
CA THR A 796 -22.58 -30.56 -15.05
C THR A 796 -23.01 -29.50 -16.08
N THR A 797 -23.24 -29.96 -17.30
CA THR A 797 -23.89 -29.16 -18.33
C THR A 797 -25.05 -29.93 -18.94
N THR A 798 -25.72 -29.30 -19.89
CA THR A 798 -26.88 -29.88 -20.54
C THR A 798 -26.72 -29.86 -22.02
N LEU A 799 -27.31 -30.84 -22.69
CA LEU A 799 -27.43 -30.82 -24.11
C LEU A 799 -28.94 -30.65 -24.41
N THR A 800 -29.24 -29.62 -25.20
CA THR A 800 -30.57 -29.38 -25.71
C THR A 800 -30.81 -30.17 -27.01
N ARG A 801 -32.08 -30.23 -27.40
CA ARG A 801 -32.43 -30.73 -28.72
C ARG A 801 -31.66 -30.07 -29.86
N ARG A 802 -31.58 -28.76 -29.80
CA ARG A 802 -30.87 -28.04 -30.83
C ARG A 802 -29.40 -28.42 -30.90
N ASP A 803 -28.78 -28.65 -29.73
CA ASP A 803 -27.37 -29.08 -29.68
C ASP A 803 -27.11 -30.36 -30.46
N LEU A 804 -28.13 -31.21 -30.57
CA LEU A 804 -28.02 -32.52 -31.23
C LEU A 804 -28.69 -32.59 -32.61
N ALA A 805 -29.21 -31.47 -33.09
CA ALA A 805 -30.01 -31.45 -34.33
C ALA A 805 -29.21 -31.00 -35.57
N ASN A 806 -29.79 -31.29 -36.75
CA ASN A 806 -29.33 -30.75 -38.01
C ASN A 806 -30.46 -30.04 -38.73
N TRP A 807 -30.13 -29.08 -39.59
CA TRP A 807 -31.15 -28.35 -40.35
C TRP A 807 -31.48 -29.16 -41.57
N ASP A 808 -32.74 -29.52 -41.71
CA ASP A 808 -33.25 -30.34 -42.83
C ASP A 808 -33.87 -29.36 -43.85
N VAL A 809 -33.22 -29.19 -44.98
CA VAL A 809 -33.65 -28.24 -46.00
C VAL A 809 -35.04 -28.58 -46.59
N SER A 810 -35.37 -29.87 -46.66
CA SER A 810 -36.66 -30.32 -47.16
C SER A 810 -37.83 -30.08 -46.24
N ALA A 811 -37.65 -30.37 -44.96
CA ALA A 811 -38.71 -30.10 -44.00
C ALA A 811 -38.73 -28.64 -43.60
N GLN A 812 -37.68 -27.88 -43.93
CA GLN A 812 -37.48 -26.54 -43.38
C GLN A 812 -37.64 -26.56 -41.87
N ASP A 813 -36.89 -27.46 -41.26
CA ASP A 813 -36.98 -27.65 -39.82
C ASP A 813 -35.67 -28.24 -39.30
N TRP A 814 -35.50 -28.13 -37.99
CA TRP A 814 -34.40 -28.78 -37.28
C TRP A 814 -34.82 -30.21 -36.98
N THR A 815 -33.94 -31.13 -37.26
CA THR A 815 -34.21 -32.52 -37.00
C THR A 815 -33.03 -33.16 -36.28
N VAL A 816 -33.31 -33.96 -35.26
CA VAL A 816 -32.28 -34.85 -34.66
C VAL A 816 -32.22 -36.10 -35.53
N THR A 817 -31.15 -36.26 -36.29
CA THR A 817 -31.04 -37.31 -37.32
C THR A 817 -30.87 -38.67 -36.65
N PRO A 818 -31.24 -39.77 -37.37
CA PRO A 818 -31.07 -41.12 -36.78
C PRO A 818 -29.62 -41.56 -36.60
N TYR A 819 -28.67 -40.90 -37.22
CA TYR A 819 -27.27 -41.22 -37.01
C TYR A 819 -26.89 -41.21 -35.52
N PRO A 820 -26.09 -42.18 -35.10
CA PRO A 820 -25.67 -42.18 -33.70
C PRO A 820 -24.87 -40.93 -33.36
N LYS A 821 -25.15 -40.36 -32.18
CA LYS A 821 -24.38 -39.21 -31.70
C LYS A 821 -23.44 -39.66 -30.60
N THR A 822 -22.25 -39.06 -30.58
CA THR A 822 -21.21 -39.34 -29.59
C THR A 822 -20.74 -38.04 -29.01
N ILE A 823 -20.48 -38.03 -27.70
CA ILE A 823 -19.88 -36.86 -27.04
C ILE A 823 -18.44 -37.12 -26.67
N TYR A 824 -17.67 -36.02 -26.64
CA TYR A 824 -16.27 -36.02 -26.30
C TYR A 824 -16.08 -34.91 -25.28
N VAL A 825 -15.40 -35.21 -24.17
CA VAL A 825 -15.09 -34.25 -23.13
C VAL A 825 -13.61 -34.19 -22.85
N GLY A 826 -13.15 -32.97 -22.62
CA GLY A 826 -11.75 -32.74 -22.49
C GLY A 826 -11.46 -31.26 -22.27
N ASN A 827 -10.24 -30.84 -22.56
CA ASN A 827 -9.92 -29.44 -22.35
C ASN A 827 -9.32 -28.74 -23.59
N SER A 828 -9.47 -29.35 -24.78
CA SER A 828 -9.30 -28.65 -26.05
C SER A 828 -10.03 -29.42 -27.12
N SER A 829 -10.08 -28.89 -28.35
CA SER A 829 -10.74 -29.59 -29.43
C SER A 829 -9.96 -30.83 -29.87
N ARG A 830 -8.72 -30.98 -29.42
CA ARG A 830 -7.95 -32.20 -29.68
C ARG A 830 -7.50 -33.00 -28.46
N LYS A 831 -7.81 -32.54 -27.26
CA LYS A 831 -7.42 -33.23 -26.01
C LYS A 831 -8.74 -33.64 -25.39
N LEU A 832 -9.25 -34.73 -25.91
CA LEU A 832 -10.59 -35.23 -25.60
C LEU A 832 -10.48 -36.68 -25.16
N PRO A 833 -9.90 -36.94 -23.97
CA PRO A 833 -9.75 -38.33 -23.49
C PRO A 833 -11.01 -39.06 -23.08
N LEU A 834 -12.11 -38.36 -22.84
CA LEU A 834 -13.35 -38.99 -22.39
C LEU A 834 -14.40 -38.92 -23.47
N GLN A 835 -15.20 -39.96 -23.56
CA GLN A 835 -16.23 -40.07 -24.56
C GLN A 835 -17.38 -41.03 -24.16
N ALA A 836 -18.52 -40.85 -24.80
CA ALA A 836 -19.69 -41.70 -24.59
C ALA A 836 -20.62 -41.60 -25.80
N SER A 837 -21.17 -42.74 -26.22
CA SER A 837 -22.27 -42.81 -27.19
C SER A 837 -23.57 -42.41 -26.50
N LEU A 838 -24.34 -41.52 -27.12
CA LEU A 838 -25.59 -41.05 -26.51
C LEU A 838 -26.67 -42.00 -26.93
N PRO A 839 -27.62 -42.31 -26.00
CA PRO A 839 -28.78 -43.02 -26.49
C PRO A 839 -29.68 -42.12 -27.32
N LYS A 840 -30.60 -42.72 -28.08
CA LYS A 840 -31.60 -42.01 -28.87
C LYS A 840 -32.43 -41.16 -27.94
N ALA A 841 -32.62 -39.91 -28.33
CA ALA A 841 -33.31 -38.97 -27.48
C ALA A 841 -34.76 -38.80 -27.92
N GLN A 842 -35.67 -38.53 -26.96
CA GLN A 842 -37.11 -38.42 -27.32
C GLN A 842 -37.43 -37.14 -28.11
N LEU B 4 52.52 34.74 -31.21
CA LEU B 4 51.85 33.61 -30.46
C LEU B 4 52.06 33.72 -28.94
N ALA B 5 50.99 33.44 -28.19
CA ALA B 5 51.09 33.42 -26.73
C ALA B 5 52.14 32.38 -26.31
N TYR B 6 52.89 32.70 -25.27
CA TYR B 6 54.02 31.90 -24.86
C TYR B 6 53.84 31.47 -23.40
N SER B 7 54.16 30.21 -23.12
CA SER B 7 54.10 29.68 -21.75
C SER B 7 55.50 29.56 -21.18
N PRO B 8 55.88 30.47 -20.27
CA PRO B 8 57.27 30.40 -19.83
C PRO B 8 57.65 29.14 -19.07
N PRO B 9 58.97 28.87 -18.98
CA PRO B 9 59.42 27.66 -18.27
C PRO B 9 59.40 27.83 -16.75
N PHE B 10 59.01 26.80 -16.03
CA PHE B 10 59.18 26.74 -14.56
C PHE B 10 59.68 25.34 -14.19
N TYR B 11 60.92 25.28 -13.70
CA TYR B 11 61.62 24.04 -13.45
C TYR B 11 62.49 24.23 -12.27
N PRO B 12 62.90 23.16 -11.60
CA PRO B 12 62.41 21.79 -11.78
C PRO B 12 60.96 21.50 -11.33
N SER B 13 60.49 20.30 -11.69
CA SER B 13 59.20 19.80 -11.23
C SER B 13 59.24 19.56 -9.75
N PRO B 14 58.51 20.38 -8.94
CA PRO B 14 58.62 20.18 -7.48
C PRO B 14 58.30 18.75 -6.96
N TRP B 15 59.08 18.32 -6.01
CA TRP B 15 59.01 16.96 -5.49
C TRP B 15 58.18 17.00 -4.25
N ALA B 16 57.46 15.90 -4.01
CA ALA B 16 56.61 15.77 -2.83
C ALA B 16 57.40 15.99 -1.54
N ASP B 17 56.70 16.39 -0.51
CA ASP B 17 57.34 16.60 0.80
C ASP B 17 56.48 16.27 2.03
N GLY B 18 55.36 15.55 1.83
CA GLY B 18 54.47 15.18 2.94
C GLY B 18 53.90 16.34 3.76
N GLN B 19 53.72 17.49 3.12
CA GLN B 19 53.04 18.67 3.62
C GLN B 19 51.67 18.37 4.20
N GLY B 20 51.33 18.98 5.33
CA GLY B 20 49.99 18.95 5.84
C GLY B 20 49.54 17.56 6.19
N GLU B 21 48.37 17.21 5.69
CA GLU B 21 47.77 15.93 5.99
C GLU B 21 48.41 14.77 5.17
N TRP B 22 49.44 15.03 4.37
CA TRP B 22 50.07 13.99 3.60
C TRP B 22 51.28 13.40 4.29
N ALA B 23 51.59 13.87 5.50
CA ALA B 23 52.86 13.48 6.18
C ALA B 23 53.07 11.99 6.36
N GLU B 24 52.06 11.27 6.86
CA GLU B 24 52.22 9.84 7.09
C GLU B 24 52.23 9.03 5.79
N VAL B 25 51.38 9.37 4.85
CA VAL B 25 51.31 8.59 3.62
C VAL B 25 52.57 8.86 2.72
N TYR B 26 53.10 10.07 2.76
CA TYR B 26 54.39 10.39 2.13
C TYR B 26 55.52 9.51 2.69
N LYS B 27 55.63 9.44 4.01
CA LYS B 27 56.57 8.53 4.68
C LYS B 27 56.44 7.10 4.16
N ARG B 28 55.23 6.59 4.15
CA ARG B 28 55.02 5.22 3.71
C ARG B 28 55.28 5.06 2.25
N ALA B 29 55.00 6.09 1.45
CA ALA B 29 55.19 5.99 0.01
C ALA B 29 56.68 5.92 -0.32
N VAL B 30 57.43 6.79 0.32
CA VAL B 30 58.89 6.79 0.22
C VAL B 30 59.45 5.42 0.61
N ASP B 31 58.96 4.87 1.72
CA ASP B 31 59.45 3.60 2.17
C ASP B 31 59.27 2.50 1.13
N ILE B 32 58.08 2.36 0.58
CA ILE B 32 57.85 1.29 -0.39
C ILE B 32 58.55 1.59 -1.77
N VAL B 33 58.56 2.84 -2.21
CA VAL B 33 59.21 3.20 -3.48
C VAL B 33 60.75 2.98 -3.38
N SER B 34 61.29 3.15 -2.18
CA SER B 34 62.68 2.84 -1.91
C SER B 34 63.07 1.39 -2.17
N GLN B 35 62.12 0.48 -2.06
CA GLN B 35 62.36 -0.91 -2.28
C GLN B 35 62.21 -1.29 -3.75
N MET B 36 61.74 -0.39 -4.60
CA MET B 36 61.38 -0.76 -5.96
C MET B 36 62.58 -0.68 -6.92
N THR B 37 62.57 -1.53 -7.93
CA THR B 37 63.54 -1.45 -9.02
C THR B 37 63.02 -0.37 -10.00
N LEU B 38 63.85 0.10 -10.92
CA LEU B 38 63.43 1.13 -11.87
C LEU B 38 62.21 0.73 -12.66
N THR B 39 62.18 -0.52 -13.13
CA THR B 39 61.07 -0.97 -13.96
C THR B 39 59.76 -1.18 -13.19
N GLU B 40 59.87 -1.43 -11.90
CA GLU B 40 58.68 -1.48 -11.05
C GLU B 40 58.06 -0.07 -10.93
N LYS B 41 58.92 0.93 -10.76
CA LYS B 41 58.50 2.33 -10.68
C LYS B 41 57.86 2.79 -11.98
N VAL B 42 58.52 2.47 -13.08
CA VAL B 42 57.99 2.82 -14.38
C VAL B 42 56.61 2.18 -14.61
N ASN B 43 56.42 0.98 -14.07
CA ASN B 43 55.17 0.27 -14.22
C ASN B 43 53.97 1.08 -13.61
N LEU B 44 54.19 1.70 -12.47
CA LEU B 44 53.14 2.53 -11.83
C LEU B 44 52.81 3.77 -12.69
N THR B 45 53.81 4.31 -13.40
CA THR B 45 53.64 5.56 -14.15
C THR B 45 52.98 5.38 -15.49
N THR B 46 52.80 4.17 -15.97
CA THR B 46 52.43 3.98 -17.36
C THR B 46 51.32 2.98 -17.45
N GLY B 47 50.26 3.34 -18.13
CA GLY B 47 49.20 2.41 -18.38
C GLY B 47 49.66 1.30 -19.31
N THR B 48 48.89 0.22 -19.34
CA THR B 48 49.26 -0.95 -20.09
C THR B 48 48.65 -1.04 -21.49
N GLY B 49 47.94 0.01 -21.92
CA GLY B 49 47.43 0.13 -23.27
C GLY B 49 45.93 -0.03 -23.40
N TRP B 50 45.36 0.64 -24.39
CA TRP B 50 43.92 0.77 -24.57
C TRP B 50 43.25 -0.57 -24.77
N GLN B 51 42.27 -0.89 -23.92
CA GLN B 51 41.48 -2.12 -24.06
C GLN B 51 42.24 -3.43 -23.80
N LEU B 52 43.32 -3.35 -23.04
CA LEU B 52 44.14 -4.52 -22.78
C LEU B 52 43.88 -5.20 -21.46
N GLU B 53 43.30 -4.48 -20.50
CA GLU B 53 42.91 -5.05 -19.20
C GLU B 53 41.45 -4.71 -18.95
N ARG B 54 41.05 -4.45 -17.72
CA ARG B 54 39.61 -4.38 -17.37
C ARG B 54 39.08 -2.95 -17.42
N CYS B 55 39.87 -2.03 -16.92
CA CYS B 55 39.43 -0.65 -16.68
C CYS B 55 39.91 0.27 -17.83
N VAL B 56 39.30 1.43 -17.95
CA VAL B 56 39.62 2.32 -19.06
C VAL B 56 41.07 2.77 -18.94
N GLY B 57 41.63 2.80 -17.73
CA GLY B 57 43.05 2.96 -17.49
C GLY B 57 43.51 1.91 -16.47
N GLN B 58 44.66 1.28 -16.69
CA GLN B 58 45.29 0.37 -15.68
C GLN B 58 46.75 0.55 -15.72
N THR B 59 47.38 0.73 -14.56
CA THR B 59 48.81 0.88 -14.54
C THR B 59 49.43 -0.53 -14.63
N GLY B 60 50.76 -0.58 -14.75
CA GLY B 60 51.49 -1.82 -14.48
C GLY B 60 51.42 -2.09 -12.99
N SER B 61 51.77 -3.32 -12.60
CA SER B 61 51.74 -3.80 -11.23
C SER B 61 53.15 -3.86 -10.64
N VAL B 62 53.26 -4.11 -9.34
CA VAL B 62 54.52 -4.42 -8.72
C VAL B 62 54.34 -5.71 -7.93
N PRO B 63 54.29 -6.85 -8.65
CA PRO B 63 53.91 -8.12 -7.96
C PRO B 63 54.91 -8.56 -6.92
N ARG B 64 56.18 -8.29 -7.14
CA ARG B 64 57.20 -8.57 -6.10
C ARG B 64 56.85 -7.96 -4.72
N LEU B 65 56.29 -6.75 -4.70
CA LEU B 65 55.91 -6.06 -3.43
C LEU B 65 54.40 -6.10 -3.10
N ASN B 66 53.67 -7.00 -3.76
CA ASN B 66 52.22 -7.13 -3.56
CA ASN B 66 52.22 -7.14 -3.50
C ASN B 66 51.45 -5.82 -3.77
N ILE B 67 51.86 -5.08 -4.80
CA ILE B 67 51.09 -3.92 -5.25
C ILE B 67 50.39 -4.29 -6.54
N PRO B 68 49.06 -4.38 -6.51
CA PRO B 68 48.36 -4.62 -7.74
C PRO B 68 48.28 -3.39 -8.64
N SER B 69 47.90 -3.66 -9.90
CA SER B 69 47.64 -2.62 -10.90
C SER B 69 46.52 -1.65 -10.40
N LEU B 70 46.72 -0.36 -10.63
CA LEU B 70 45.69 0.64 -10.25
C LEU B 70 44.70 0.63 -11.38
N CYS B 71 43.43 0.41 -11.05
CA CYS B 71 42.35 0.50 -11.98
C CYS B 71 41.70 1.91 -11.94
N LEU B 72 41.64 2.57 -13.11
CA LEU B 72 41.15 3.95 -13.26
C LEU B 72 39.92 3.91 -14.10
N GLN B 73 38.81 4.49 -13.65
CA GLN B 73 37.52 4.39 -14.40
C GLN B 73 36.78 5.74 -14.40
N ASP B 74 36.28 6.13 -15.59
CA ASP B 74 35.23 7.12 -15.76
C ASP B 74 33.99 6.64 -14.95
N SER B 75 33.09 7.52 -14.52
CA SER B 75 32.94 8.94 -14.89
C SER B 75 32.64 9.75 -13.64
N PRO B 76 32.57 11.08 -13.77
CA PRO B 76 32.19 11.93 -12.64
C PRO B 76 30.76 11.75 -12.08
N LEU B 77 29.90 11.01 -12.77
CA LEU B 77 28.48 10.81 -12.37
C LEU B 77 28.11 9.33 -12.22
N GLY B 78 29.11 8.45 -12.19
CA GLY B 78 28.84 7.01 -12.14
C GLY B 78 29.81 6.16 -12.94
N ILE B 79 29.83 4.86 -12.65
CA ILE B 79 30.80 3.99 -13.24
C ILE B 79 30.47 3.84 -14.71
N ARG B 80 31.48 4.11 -15.57
CA ARG B 80 31.34 3.90 -16.99
C ARG B 80 31.59 2.42 -17.37
N PHE B 81 30.91 1.96 -18.41
CA PHE B 81 31.21 0.69 -19.07
C PHE B 81 31.06 -0.53 -18.14
N SER B 82 29.99 -0.55 -17.38
CA SER B 82 29.83 -1.57 -16.38
C SER B 82 28.40 -1.94 -16.27
N ASP B 83 28.06 -2.68 -15.23
CA ASP B 83 26.70 -3.14 -15.03
C ASP B 83 26.34 -3.13 -13.57
N TYR B 84 25.04 -3.23 -13.29
CA TYR B 84 24.53 -3.26 -11.91
C TYR B 84 25.10 -2.13 -11.05
N ASN B 85 25.14 -0.96 -11.68
CA ASN B 85 25.60 0.26 -11.09
C ASN B 85 24.49 1.33 -11.25
N SER B 86 24.68 2.46 -10.59
CA SER B 86 23.75 3.57 -10.65
C SER B 86 24.22 4.66 -11.61
N ALA B 87 23.27 5.44 -12.13
CA ALA B 87 23.55 6.64 -12.93
C ALA B 87 23.09 7.85 -12.17
N PHE B 88 24.04 8.58 -11.61
CA PHE B 88 23.75 9.72 -10.77
C PHE B 88 23.42 10.98 -11.62
N PRO B 89 22.81 12.03 -10.97
CA PRO B 89 22.65 13.28 -11.68
C PRO B 89 24.01 13.89 -11.98
N ALA B 90 24.04 14.70 -13.03
CA ALA B 90 25.27 15.32 -13.47
C ALA B 90 25.73 16.33 -12.53
N GLY B 91 26.97 16.71 -12.71
CA GLY B 91 27.54 17.73 -11.86
C GLY B 91 26.76 19.08 -11.88
N VAL B 92 26.28 19.49 -13.06
CA VAL B 92 25.51 20.73 -13.15
C VAL B 92 24.24 20.72 -12.24
N ASN B 93 23.64 19.55 -12.08
CA ASN B 93 22.54 19.36 -11.13
C ASN B 93 23.02 19.58 -9.72
N VAL B 94 24.20 19.07 -9.40
CA VAL B 94 24.76 19.26 -8.06
C VAL B 94 24.94 20.77 -7.82
N ALA B 95 25.45 21.49 -8.83
CA ALA B 95 25.62 22.92 -8.71
C ALA B 95 24.28 23.61 -8.44
N ALA B 96 23.24 23.22 -9.17
CA ALA B 96 21.88 23.74 -8.94
C ALA B 96 21.33 23.51 -7.54
N THR B 97 21.78 22.48 -6.81
CA THR B 97 21.35 22.26 -5.45
C THR B 97 21.88 23.31 -4.47
N TRP B 98 23.05 23.87 -4.78
CA TRP B 98 23.75 24.81 -3.87
C TRP B 98 23.94 24.19 -2.51
N ASP B 99 24.09 22.85 -2.50
CA ASP B 99 24.07 22.07 -1.25
C ASP B 99 25.34 21.23 -1.02
N LYS B 100 26.21 21.68 -0.11
CA LYS B 100 27.48 21.02 0.26
C LYS B 100 27.22 19.54 0.63
N THR B 101 26.11 19.28 1.31
CA THR B 101 25.84 18.01 1.88
C THR B 101 25.43 17.03 0.80
N LEU B 102 24.60 17.46 -0.13
CA LEU B 102 24.25 16.60 -1.22
C LEU B 102 25.47 16.28 -2.11
N ALA B 103 26.36 17.23 -2.29
CA ALA B 103 27.61 16.99 -3.08
C ALA B 103 28.45 15.92 -2.41
N TYR B 104 28.69 16.11 -1.12
CA TYR B 104 29.39 15.12 -0.33
C TYR B 104 28.73 13.71 -0.42
N LEU B 105 27.41 13.65 -0.21
CA LEU B 105 26.71 12.36 -0.15
C LEU B 105 26.74 11.65 -1.48
N ARG B 106 26.67 12.42 -2.56
CA ARG B 106 26.77 11.87 -3.88
C ARG B 106 28.16 11.33 -4.14
N GLY B 107 29.18 12.04 -3.67
CA GLY B 107 30.56 11.62 -3.75
C GLY B 107 30.76 10.27 -3.05
N GLN B 108 30.20 10.19 -1.85
CA GLN B 108 30.26 8.96 -1.03
C GLN B 108 29.58 7.79 -1.68
N ALA B 109 28.39 8.02 -2.23
CA ALA B 109 27.64 6.98 -2.90
C ALA B 109 28.37 6.44 -4.16
N MET B 110 28.91 7.35 -4.94
CA MET B 110 29.70 7.00 -6.11
C MET B 110 30.94 6.20 -5.65
N GLY B 111 31.65 6.69 -4.64
CA GLY B 111 32.85 6.05 -4.20
C GLY B 111 32.60 4.60 -3.76
N GLU B 112 31.47 4.37 -3.11
CA GLU B 112 31.09 3.06 -2.67
C GLU B 112 30.93 2.15 -3.84
N GLU B 113 30.27 2.63 -4.92
CA GLU B 113 30.05 1.80 -6.09
C GLU B 113 31.39 1.51 -6.82
N PHE B 114 32.22 2.52 -7.03
CA PHE B 114 33.52 2.31 -7.67
C PHE B 114 34.37 1.30 -6.90
N SER B 115 34.48 1.52 -5.59
CA SER B 115 35.24 0.61 -4.72
C SER B 115 34.80 -0.87 -4.85
N ASP B 116 33.49 -1.10 -4.86
CA ASP B 116 32.92 -2.44 -4.85
C ASP B 116 33.10 -3.16 -6.17
N LYS B 117 33.35 -2.41 -7.24
CA LYS B 117 33.69 -3.00 -8.56
C LYS B 117 35.19 -3.28 -8.66
N GLY B 118 35.96 -2.94 -7.62
CA GLY B 118 37.41 -3.06 -7.68
C GLY B 118 38.11 -1.94 -8.43
N ILE B 119 37.54 -0.76 -8.41
CA ILE B 119 38.14 0.43 -9.03
C ILE B 119 38.83 1.27 -7.96
N ASP B 120 40.08 1.63 -8.23
CA ASP B 120 40.92 2.35 -7.28
C ASP B 120 40.84 3.88 -7.50
N VAL B 121 40.55 4.30 -8.73
CA VAL B 121 40.60 5.72 -9.09
C VAL B 121 39.36 6.06 -9.87
N GLN B 122 38.59 7.03 -9.36
CA GLN B 122 37.46 7.53 -10.09
C GLN B 122 37.98 8.71 -10.93
N LEU B 123 37.61 8.75 -12.20
CA LEU B 123 38.05 9.84 -13.09
C LEU B 123 37.01 10.99 -13.02
N GLY B 124 37.12 11.72 -11.91
CA GLY B 124 36.18 12.80 -11.57
C GLY B 124 36.41 13.18 -10.13
N PRO B 125 35.80 14.26 -9.66
CA PRO B 125 34.84 15.09 -10.40
C PRO B 125 35.52 16.12 -11.32
N ALA B 126 34.71 16.98 -11.96
CA ALA B 126 35.22 18.01 -12.89
C ALA B 126 34.93 19.46 -12.45
N ALA B 127 35.93 20.32 -12.59
CA ALA B 127 35.78 21.78 -12.56
C ALA B 127 36.46 22.49 -13.78
N GLY B 128 36.77 21.75 -14.82
CA GLY B 128 37.38 22.25 -16.05
C GLY B 128 36.82 21.36 -17.15
N PRO B 129 36.01 21.86 -18.08
CA PRO B 129 35.69 23.28 -18.27
C PRO B 129 34.87 23.84 -17.12
N LEU B 130 35.26 25.02 -16.67
CA LEU B 130 34.52 25.78 -15.71
C LEU B 130 33.20 26.25 -16.29
N GLY B 131 33.28 26.83 -17.49
CA GLY B 131 32.07 27.18 -18.24
C GLY B 131 32.06 28.57 -18.81
N ALA B 132 33.16 28.98 -19.43
CA ALA B 132 33.27 30.26 -20.11
C ALA B 132 32.31 30.40 -21.28
N HIS B 133 32.05 29.31 -22.02
CA HIS B 133 31.20 29.31 -23.16
C HIS B 133 29.91 28.54 -22.86
N PRO B 134 28.73 29.19 -22.87
CA PRO B 134 27.51 28.41 -22.50
C PRO B 134 27.22 27.24 -23.44
N ASP B 135 27.81 27.30 -24.63
CA ASP B 135 27.70 26.23 -25.63
C ASP B 135 28.86 25.22 -25.60
N GLY B 136 29.81 25.37 -24.67
CA GLY B 136 30.85 24.40 -24.49
C GLY B 136 30.26 23.02 -24.19
N GLY B 137 30.75 21.99 -24.88
CA GLY B 137 30.09 20.72 -24.90
C GLY B 137 30.08 19.93 -23.57
N ARG B 138 31.05 20.20 -22.67
CA ARG B 138 31.22 19.45 -21.44
C ARG B 138 31.03 20.23 -20.13
N ASN B 139 30.46 21.44 -20.17
CA ASN B 139 30.27 22.22 -18.97
C ASN B 139 29.43 21.46 -17.92
N TRP B 140 28.40 20.79 -18.41
CA TRP B 140 27.51 19.94 -17.60
C TRP B 140 28.15 18.87 -16.72
N GLU B 141 29.34 18.39 -17.07
CA GLU B 141 30.06 17.45 -16.25
C GLU B 141 30.62 18.06 -15.00
N GLY B 142 30.88 19.35 -15.05
CA GLY B 142 31.43 20.15 -13.93
C GLY B 142 30.30 20.68 -13.02
N PHE B 143 30.42 21.93 -12.55
CA PHE B 143 29.41 22.52 -11.67
C PHE B 143 28.83 23.80 -12.26
N SER B 144 29.54 24.89 -12.10
CA SER B 144 29.02 26.20 -12.50
C SER B 144 30.14 27.05 -13.10
N PRO B 145 29.78 28.05 -13.95
CA PRO B 145 30.82 29.01 -14.35
C PRO B 145 31.30 29.80 -13.17
N ASP B 146 30.53 29.87 -12.09
CA ASP B 146 31.06 30.57 -10.89
C ASP B 146 32.11 29.76 -10.15
N PRO B 147 33.30 30.33 -9.95
CA PRO B 147 34.35 29.58 -9.29
C PRO B 147 34.11 29.24 -7.81
N ALA B 148 33.47 30.13 -7.07
CA ALA B 148 33.23 29.90 -5.65
C ALA B 148 32.25 28.73 -5.43
N LEU B 149 31.11 28.78 -6.10
CA LEU B 149 30.13 27.71 -6.04
C LEU B 149 30.76 26.37 -6.51
N THR B 150 31.41 26.40 -7.68
CA THR B 150 32.10 25.24 -8.20
C THR B 150 33.11 24.70 -7.19
N GLY B 151 33.95 25.56 -6.66
CA GLY B 151 35.00 25.10 -5.79
C GLY B 151 34.51 24.34 -4.55
N VAL B 152 33.49 24.91 -3.89
CA VAL B 152 32.90 24.32 -2.68
C VAL B 152 32.31 22.92 -2.97
N LEU B 153 31.55 22.81 -4.03
CA LEU B 153 30.89 21.54 -4.34
C LEU B 153 31.86 20.49 -4.98
N PHE B 154 32.88 20.97 -5.68
CA PHE B 154 34.01 20.15 -6.21
C PHE B 154 34.68 19.49 -5.02
N ALA B 155 35.13 20.32 -4.07
CA ALA B 155 35.78 19.85 -2.89
C ALA B 155 34.95 18.82 -2.12
N GLU B 156 33.65 19.07 -1.95
CA GLU B 156 32.83 18.17 -1.14
C GLU B 156 32.71 16.88 -1.86
N THR B 157 32.55 16.96 -3.16
CA THR B 157 32.44 15.72 -3.96
C THR B 157 33.71 14.90 -3.79
N ILE B 158 34.87 15.56 -3.85
CA ILE B 158 36.15 14.89 -3.69
C ILE B 158 36.23 14.21 -2.30
N LYS B 159 35.87 14.92 -1.26
CA LYS B 159 35.87 14.36 0.10
C LYS B 159 34.98 13.13 0.26
N GLY B 160 33.82 13.15 -0.37
CA GLY B 160 32.94 12.04 -0.34
C GLY B 160 33.51 10.82 -1.02
N ILE B 161 34.08 11.04 -2.22
CA ILE B 161 34.66 9.92 -2.97
C ILE B 161 35.82 9.31 -2.15
N GLN B 162 36.69 10.17 -1.63
CA GLN B 162 37.88 9.70 -0.93
C GLN B 162 37.60 9.09 0.44
N ASP B 163 36.62 9.62 1.18
CA ASP B 163 36.19 8.99 2.43
C ASP B 163 35.58 7.57 2.17
N ALA B 164 35.04 7.32 0.99
CA ALA B 164 34.62 5.98 0.64
C ALA B 164 35.76 5.07 0.09
N GLY B 165 36.99 5.55 0.03
CA GLY B 165 38.23 4.76 -0.18
C GLY B 165 38.69 4.64 -1.62
N VAL B 166 38.36 5.64 -2.44
CA VAL B 166 38.65 5.67 -3.85
C VAL B 166 39.34 6.99 -4.11
N ILE B 167 40.39 6.95 -4.92
CA ILE B 167 41.11 8.15 -5.27
C ILE B 167 40.23 8.98 -6.21
N ALA B 168 40.05 10.27 -5.89
CA ALA B 168 39.36 11.18 -6.81
C ALA B 168 40.37 11.86 -7.72
N THR B 169 39.91 12.21 -8.91
CA THR B 169 40.75 12.88 -9.95
C THR B 169 40.14 14.21 -10.34
N ALA B 170 40.72 15.30 -9.87
CA ALA B 170 40.31 16.68 -10.25
C ALA B 170 40.61 16.93 -11.74
N LYS B 171 39.61 17.11 -12.56
CA LYS B 171 39.82 17.27 -13.99
C LYS B 171 38.97 18.39 -14.56
N HIS B 172 39.21 18.88 -15.79
CA HIS B 172 40.43 18.70 -16.59
C HIS B 172 41.31 19.94 -16.42
N TYR B 173 42.54 19.71 -16.01
CA TYR B 173 43.46 20.74 -15.62
C TYR B 173 44.32 21.07 -16.88
N ILE B 174 44.10 22.16 -17.59
CA ILE B 174 43.23 23.28 -17.24
C ILE B 174 42.97 24.07 -18.54
N MET B 175 41.88 24.83 -18.58
CA MET B 175 41.52 25.73 -19.70
C MET B 175 40.97 25.00 -20.89
N ASN B 176 40.43 23.81 -20.67
CA ASN B 176 39.79 23.04 -21.71
C ASN B 176 38.31 23.50 -21.78
N GLU B 177 38.12 24.76 -22.20
CA GLU B 177 36.82 25.39 -22.12
C GLU B 177 35.92 25.07 -23.29
N GLN B 178 36.46 24.36 -24.27
CA GLN B 178 35.65 23.92 -25.42
C GLN B 178 36.18 22.63 -25.99
N GLU B 179 35.34 21.97 -26.78
CA GLU B 179 35.69 20.72 -27.45
C GLU B 179 36.33 20.88 -28.83
N HIS B 180 35.90 21.89 -29.59
CA HIS B 180 36.43 22.10 -30.95
C HIS B 180 37.93 22.21 -30.90
N PHE B 181 38.61 21.42 -31.74
CA PHE B 181 40.10 21.50 -31.86
C PHE B 181 40.84 21.02 -30.60
N ARG B 182 40.17 20.30 -29.69
CA ARG B 182 40.85 19.88 -28.47
C ARG B 182 41.95 18.87 -28.77
N GLN B 183 41.77 18.11 -29.87
CA GLN B 183 42.72 17.13 -30.33
C GLN B 183 42.90 17.29 -31.81
N GLN B 184 44.15 17.24 -32.26
CA GLN B 184 44.46 17.34 -33.67
C GLN B 184 43.79 16.25 -34.49
N PRO B 185 43.90 14.97 -34.09
CA PRO B 185 43.26 13.95 -34.98
C PRO B 185 41.73 14.05 -35.05
N GLU B 186 41.10 14.60 -34.00
CA GLU B 186 39.64 14.79 -34.01
C GLU B 186 39.29 15.86 -35.00
N ALA B 187 40.02 16.96 -34.93
CA ALA B 187 39.82 18.08 -35.87
C ALA B 187 39.99 17.60 -37.32
N ALA B 188 41.03 16.79 -37.57
CA ALA B 188 41.24 16.18 -38.88
C ALA B 188 40.03 15.42 -39.33
N GLY B 189 39.51 14.55 -38.45
CA GLY B 189 38.35 13.74 -38.78
C GLY B 189 37.12 14.56 -39.05
N TYR B 190 37.04 15.75 -38.47
CA TYR B 190 35.98 16.68 -38.78
C TYR B 190 36.31 17.65 -39.95
N GLY B 191 37.37 17.38 -40.71
CA GLY B 191 37.71 18.14 -41.92
C GLY B 191 38.55 19.40 -41.74
N PHE B 192 39.17 19.59 -40.58
CA PHE B 192 40.07 20.73 -40.38
C PHE B 192 41.49 20.25 -40.51
N ASN B 193 42.38 21.14 -40.94
CA ASN B 193 43.79 20.81 -41.05
C ASN B 193 44.56 21.75 -40.14
N VAL B 194 44.93 21.25 -38.96
CA VAL B 194 45.61 22.04 -37.95
C VAL B 194 46.74 21.21 -37.44
N SER B 195 47.81 21.84 -37.00
CA SER B 195 49.02 21.10 -36.71
C SER B 195 49.11 20.73 -35.22
N ASP B 196 48.29 21.37 -34.39
CA ASP B 196 48.17 21.02 -32.98
C ASP B 196 46.82 21.47 -32.39
N SER B 197 46.57 21.01 -31.14
CA SER B 197 45.32 21.35 -30.42
C SER B 197 45.20 22.85 -30.22
N LEU B 198 43.95 23.30 -30.09
CA LEU B 198 43.62 24.65 -29.64
C LEU B 198 44.46 25.07 -28.45
N SER B 199 44.89 26.33 -28.46
CA SER B 199 45.53 26.96 -27.33
C SER B 199 44.64 27.98 -26.67
N SER B 200 44.49 27.84 -25.36
CA SER B 200 43.73 28.75 -24.55
C SER B 200 44.78 29.67 -24.01
N ASN B 201 44.64 30.95 -24.32
CA ASN B 201 45.59 31.97 -23.90
C ASN B 201 44.96 32.86 -22.85
N VAL B 202 45.55 32.88 -21.65
CA VAL B 202 44.88 33.47 -20.50
C VAL B 202 45.89 34.11 -19.61
N ASP B 203 45.51 35.28 -19.10
CA ASP B 203 46.39 36.08 -18.32
C ASP B 203 46.51 35.50 -16.89
N ASP B 204 47.52 35.96 -16.18
CA ASP B 204 47.88 35.34 -14.91
C ASP B 204 46.86 35.66 -13.82
N LYS B 205 46.33 36.87 -13.88
CA LYS B 205 45.31 37.30 -12.91
C LYS B 205 44.04 36.48 -13.04
N THR B 206 43.51 36.42 -14.24
CA THR B 206 42.34 35.67 -14.55
C THR B 206 42.52 34.19 -14.18
N MET B 207 43.72 33.67 -14.41
CA MET B 207 44.01 32.27 -14.13
C MET B 207 43.83 32.05 -12.64
N HIS B 208 44.40 32.93 -11.85
CA HIS B 208 44.30 32.79 -10.43
C HIS B 208 42.89 33.02 -9.86
N GLU B 209 42.18 34.00 -10.40
CA GLU B 209 40.93 34.48 -9.79
C GLU B 209 39.72 33.74 -10.30
N LEU B 210 39.84 33.06 -11.44
CA LEU B 210 38.76 32.34 -12.00
C LEU B 210 39.08 30.82 -12.17
N TYR B 211 39.91 30.46 -13.17
CA TYR B 211 39.98 29.07 -13.63
C TYR B 211 40.69 28.14 -12.63
N LEU B 212 41.73 28.65 -11.97
CA LEU B 212 42.52 27.89 -11.00
C LEU B 212 41.84 27.72 -9.66
N TRP B 213 40.99 28.67 -9.32
CA TRP B 213 40.40 28.75 -7.97
C TRP B 213 39.76 27.44 -7.49
N PRO B 214 38.89 26.84 -8.28
CA PRO B 214 38.32 25.54 -7.79
C PRO B 214 39.37 24.43 -7.62
N PHE B 215 40.45 24.47 -8.41
CA PHE B 215 41.54 23.51 -8.25
C PHE B 215 42.31 23.74 -6.95
N ALA B 216 42.50 24.98 -6.52
CA ALA B 216 42.98 25.20 -5.16
C ALA B 216 42.10 24.49 -4.13
N ASP B 217 40.79 24.63 -4.28
CA ASP B 217 39.84 23.97 -3.36
C ASP B 217 40.03 22.47 -3.35
N ALA B 218 40.17 21.87 -4.55
CA ALA B 218 40.42 20.42 -4.67
C ALA B 218 41.67 20.00 -3.94
N VAL B 219 42.74 20.77 -4.13
CA VAL B 219 44.01 20.47 -3.48
C VAL B 219 43.88 20.56 -1.98
N ARG B 220 43.26 21.64 -1.51
CA ARG B 220 43.05 21.82 -0.07
C ARG B 220 42.15 20.71 0.50
N ALA B 221 41.22 20.19 -0.29
CA ALA B 221 40.36 19.11 0.15
C ALA B 221 41.06 17.74 0.14
N GLY B 222 42.35 17.68 -0.30
CA GLY B 222 43.13 16.47 -0.22
C GLY B 222 42.93 15.54 -1.41
N VAL B 223 42.57 16.11 -2.56
CA VAL B 223 42.40 15.29 -3.77
C VAL B 223 43.72 14.54 -4.09
N GLY B 224 43.58 13.26 -4.42
CA GLY B 224 44.73 12.39 -4.71
C GLY B 224 45.36 12.58 -6.09
N ALA B 225 44.54 12.84 -7.09
CA ALA B 225 44.99 12.95 -8.47
C ALA B 225 44.36 14.13 -9.22
N VAL B 226 45.09 14.60 -10.28
CA VAL B 226 44.64 15.65 -11.21
C VAL B 226 44.86 15.09 -12.59
N MET B 227 43.91 15.27 -13.50
CA MET B 227 44.04 14.89 -14.88
C MET B 227 44.38 16.13 -15.72
N CYS B 228 45.55 16.16 -16.38
CA CYS B 228 45.91 17.31 -17.20
C CYS B 228 45.16 17.24 -18.53
N SER B 229 44.97 18.38 -19.20
CA SER B 229 44.04 18.47 -20.33
C SER B 229 44.60 18.33 -21.76
N TYR B 230 43.69 18.09 -22.71
CA TYR B 230 44.03 17.93 -24.12
C TYR B 230 44.54 19.21 -24.79
N ASN B 231 43.99 20.37 -24.38
CA ASN B 231 44.30 21.63 -25.01
C ASN B 231 45.67 22.11 -24.63
N GLN B 232 46.13 23.14 -25.33
CA GLN B 232 47.34 23.88 -24.89
C GLN B 232 46.92 25.05 -24.03
N ILE B 233 47.81 25.49 -23.17
CA ILE B 233 47.65 26.78 -22.53
C ILE B 233 48.85 27.63 -22.97
N ASN B 234 48.60 28.79 -23.57
CA ASN B 234 49.67 29.65 -24.17
C ASN B 234 50.61 28.83 -25.02
N ASN B 235 50.04 27.99 -25.89
CA ASN B 235 50.80 27.10 -26.77
C ASN B 235 51.81 26.15 -26.13
N SER B 236 51.41 25.56 -25.01
CA SER B 236 52.15 24.45 -24.39
C SER B 236 51.12 23.46 -23.88
N TYR B 237 51.22 22.21 -24.34
CA TYR B 237 50.17 21.20 -24.05
C TYR B 237 49.94 21.07 -22.54
N GLY B 238 48.67 20.83 -22.18
CA GLY B 238 48.26 20.63 -20.78
C GLY B 238 49.08 19.63 -20.02
N CYS B 239 49.38 18.51 -20.68
CA CYS B 239 50.18 17.43 -20.06
C CYS B 239 51.71 17.60 -20.15
N GLU B 240 52.16 18.79 -20.53
CA GLU B 240 53.57 19.11 -20.44
C GLU B 240 53.75 20.61 -20.25
N ASN B 241 52.77 21.23 -19.57
CA ASN B 241 52.83 22.64 -19.35
C ASN B 241 53.51 22.86 -18.01
N SER B 242 54.74 23.35 -18.02
CA SER B 242 55.49 23.53 -16.77
C SER B 242 54.93 24.60 -15.90
N GLU B 243 54.32 25.63 -16.50
CA GLU B 243 53.68 26.69 -15.68
C GLU B 243 52.48 26.14 -14.90
N THR B 244 51.56 25.49 -15.58
CA THR B 244 50.33 25.02 -14.92
C THR B 244 50.59 23.84 -13.98
N LEU B 245 51.38 22.84 -14.41
CA LEU B 245 51.70 21.65 -13.60
C LEU B 245 52.78 21.93 -12.53
N ASN B 246 53.95 22.48 -12.93
CA ASN B 246 55.00 22.68 -11.94
C ASN B 246 54.80 23.92 -11.06
N LYS B 247 54.51 25.06 -11.67
CA LYS B 247 54.47 26.34 -10.95
C LYS B 247 53.16 26.51 -10.16
N LEU B 248 52.03 26.43 -10.85
CA LEU B 248 50.72 26.66 -10.21
C LEU B 248 50.29 25.47 -9.34
N LEU B 249 50.18 24.30 -9.94
CA LEU B 249 49.62 23.14 -9.20
C LEU B 249 50.53 22.64 -8.12
N LYS B 250 51.81 22.45 -8.46
CA LYS B 250 52.74 21.82 -7.53
C LYS B 250 53.46 22.78 -6.63
N ALA B 251 54.00 23.86 -7.20
CA ALA B 251 54.79 24.76 -6.35
C ALA B 251 53.86 25.64 -5.52
N GLU B 252 52.84 26.21 -6.16
CA GLU B 252 52.00 27.24 -5.51
C GLU B 252 50.91 26.57 -4.67
N LEU B 253 50.09 25.77 -5.29
CA LEU B 253 49.01 25.05 -4.58
C LEU B 253 49.47 23.87 -3.71
N GLY B 254 50.73 23.45 -3.86
CA GLY B 254 51.31 22.43 -2.98
C GLY B 254 50.79 21.03 -3.19
N PHE B 255 50.20 20.76 -4.36
CA PHE B 255 49.65 19.48 -4.67
C PHE B 255 50.67 18.32 -4.47
N GLN B 256 50.27 17.35 -3.64
CA GLN B 256 51.12 16.21 -3.21
C GLN B 256 50.82 14.91 -3.93
N GLY B 257 49.72 14.86 -4.64
CA GLY B 257 49.30 13.67 -5.37
C GLY B 257 49.91 13.64 -6.75
N PHE B 258 49.26 12.92 -7.67
CA PHE B 258 49.84 12.64 -8.96
C PHE B 258 49.03 13.22 -10.08
N VAL B 259 49.71 13.70 -11.11
CA VAL B 259 49.07 14.15 -12.32
C VAL B 259 49.04 13.05 -13.38
N MET B 260 47.86 12.71 -13.85
CA MET B 260 47.68 11.79 -14.95
C MET B 260 47.26 12.53 -16.18
N SER B 261 47.58 11.97 -17.34
CA SER B 261 47.12 12.53 -18.60
C SER B 261 45.67 12.12 -18.87
N ASP B 262 44.96 13.01 -19.55
CA ASP B 262 43.79 12.59 -20.32
C ASP B 262 44.28 11.61 -21.43
N TRP B 263 43.34 10.93 -22.04
CA TRP B 263 43.60 9.69 -22.78
C TRP B 263 44.10 10.04 -24.18
N THR B 264 45.41 9.85 -24.38
CA THR B 264 46.14 10.34 -25.52
C THR B 264 46.45 11.83 -25.43
N ALA B 265 46.48 12.37 -24.22
CA ALA B 265 46.88 13.76 -24.02
C ALA B 265 48.35 13.89 -23.72
N HIS B 266 49.01 12.75 -23.54
CA HIS B 266 50.46 12.69 -23.30
C HIS B 266 51.20 12.72 -24.65
N HIS B 267 52.06 13.73 -24.80
CA HIS B 267 52.69 14.09 -26.11
C HIS B 267 54.19 13.85 -26.22
N SER B 268 54.89 13.70 -25.09
CA SER B 268 56.33 13.43 -25.12
C SER B 268 56.87 12.85 -23.81
N GLY B 269 57.86 11.98 -23.90
CA GLY B 269 58.38 11.26 -22.73
C GLY B 269 59.15 12.15 -21.80
N VAL B 270 60.27 12.65 -22.30
CA VAL B 270 61.15 13.51 -21.52
C VAL B 270 60.48 14.82 -21.16
N GLY B 271 59.85 15.47 -22.15
CA GLY B 271 59.27 16.80 -21.95
C GLY B 271 58.17 16.80 -20.86
N ALA B 272 57.21 15.91 -20.99
CA ALA B 272 56.11 15.72 -19.99
C ALA B 272 56.66 15.40 -18.60
N ALA B 273 57.61 14.46 -18.52
CA ALA B 273 58.15 14.03 -17.22
C ALA B 273 58.78 15.16 -16.46
N LEU B 274 59.54 15.99 -17.16
CA LEU B 274 60.22 17.09 -16.51
C LEU B 274 59.28 18.29 -16.28
N ALA B 275 58.23 18.39 -17.12
CA ALA B 275 57.23 19.45 -17.02
C ALA B 275 56.13 19.16 -15.96
N GLY B 276 56.08 17.92 -15.45
CA GLY B 276 55.31 17.58 -14.25
C GLY B 276 54.27 16.49 -14.35
N LEU B 277 54.16 15.82 -15.50
CA LEU B 277 53.36 14.64 -15.61
C LEU B 277 53.87 13.52 -14.72
N ASP B 278 52.94 12.71 -14.19
CA ASP B 278 53.28 11.55 -13.30
C ASP B 278 52.71 10.23 -13.76
N MET B 279 51.74 10.24 -14.69
CA MET B 279 51.10 9.02 -15.13
C MET B 279 50.57 9.17 -16.55
N SER B 280 50.92 8.21 -17.41
CA SER B 280 50.54 8.22 -18.81
C SER B 280 49.37 7.30 -19.01
N MET B 281 48.23 7.82 -19.46
CA MET B 281 47.07 7.00 -19.74
C MET B 281 46.52 7.21 -21.16
N PRO B 282 46.05 6.15 -21.84
CA PRO B 282 46.01 4.78 -21.31
C PRO B 282 47.32 4.00 -21.44
N GLY B 283 48.42 4.67 -21.80
CA GLY B 283 49.75 4.08 -21.72
C GLY B 283 50.49 4.05 -23.06
N ASP B 284 49.71 3.99 -24.13
CA ASP B 284 50.26 3.95 -25.48
C ASP B 284 50.37 5.35 -26.10
N VAL B 285 51.14 5.45 -27.19
CA VAL B 285 51.29 6.72 -27.90
C VAL B 285 49.97 7.16 -28.48
N THR B 286 49.33 6.23 -29.17
CA THR B 286 47.94 6.33 -29.58
C THR B 286 47.33 4.97 -29.26
N PHE B 287 46.00 4.91 -29.27
CA PHE B 287 45.28 3.72 -28.84
C PHE B 287 45.73 2.48 -29.59
N ASP B 288 46.25 1.50 -28.85
CA ASP B 288 46.74 0.25 -29.38
C ASP B 288 47.90 0.36 -30.37
N SER B 289 48.73 1.39 -30.22
CA SER B 289 49.93 1.52 -31.03
C SER B 289 51.01 0.50 -30.64
N GLY B 290 50.91 -0.11 -29.45
CA GLY B 290 51.98 -0.95 -28.92
C GLY B 290 53.29 -0.24 -28.62
N THR B 291 53.25 1.08 -28.60
CA THR B 291 54.39 1.90 -28.23
C THR B 291 53.93 2.84 -27.13
N SER B 292 54.86 3.46 -26.43
CA SER B 292 54.55 4.42 -25.39
C SER B 292 55.54 5.55 -25.39
N PHE B 293 55.10 6.75 -25.00
CA PHE B 293 56.05 7.84 -24.69
C PHE B 293 56.84 7.56 -23.44
N TRP B 294 56.30 6.71 -22.58
CA TRP B 294 57.00 6.26 -21.36
C TRP B 294 57.19 4.74 -21.49
N GLY B 295 56.81 3.92 -20.50
CA GLY B 295 57.15 2.50 -20.52
C GLY B 295 58.66 2.39 -20.77
N ALA B 296 59.05 1.57 -21.78
CA ALA B 296 60.48 1.41 -22.12
C ALA B 296 61.18 2.75 -22.34
N ASN B 297 60.51 3.69 -22.99
CA ASN B 297 61.10 5.06 -23.16
C ASN B 297 61.41 5.77 -21.87
N LEU B 298 60.66 5.48 -20.82
CA LEU B 298 60.93 6.16 -19.53
C LEU B 298 62.08 5.47 -18.87
N THR B 299 62.08 4.13 -18.95
CA THR B 299 63.22 3.34 -18.42
C THR B 299 64.52 3.82 -19.08
N VAL B 300 64.47 3.92 -20.40
CA VAL B 300 65.63 4.41 -21.18
C VAL B 300 66.01 5.84 -20.84
N GLY B 301 65.02 6.71 -20.71
CA GLY B 301 65.27 8.10 -20.34
C GLY B 301 65.94 8.28 -19.00
N VAL B 302 65.74 7.33 -18.10
CA VAL B 302 66.45 7.35 -16.82
C VAL B 302 67.84 6.73 -17.03
N LEU B 303 67.89 5.55 -17.64
CA LEU B 303 69.15 4.83 -17.86
C LEU B 303 70.18 5.65 -18.63
N ASN B 304 69.77 6.41 -19.62
CA ASN B 304 70.70 7.27 -20.40
C ASN B 304 71.05 8.59 -19.76
N GLY B 305 70.62 8.80 -18.52
CA GLY B 305 71.00 9.97 -17.73
C GLY B 305 70.21 11.26 -17.96
N THR B 306 69.17 11.22 -18.80
CA THR B 306 68.45 12.44 -19.17
C THR B 306 67.41 12.83 -18.07
N ILE B 307 66.54 11.87 -17.73
CA ILE B 307 65.51 12.06 -16.73
C ILE B 307 66.08 11.67 -15.37
N PRO B 308 66.32 12.64 -14.48
CA PRO B 308 66.87 12.26 -13.19
C PRO B 308 66.04 11.23 -12.43
N GLN B 309 66.73 10.38 -11.68
CA GLN B 309 66.06 9.33 -10.92
C GLN B 309 65.00 9.95 -9.99
N TRP B 310 65.34 11.08 -9.38
CA TRP B 310 64.44 11.72 -8.43
C TRP B 310 63.07 12.10 -9.03
N ARG B 311 63.07 12.46 -10.32
CA ARG B 311 61.83 12.76 -11.03
C ARG B 311 60.94 11.49 -11.14
N VAL B 312 61.45 10.38 -11.65
CA VAL B 312 60.66 9.17 -11.72
C VAL B 312 60.33 8.62 -10.34
N ASP B 313 61.25 8.74 -9.38
CA ASP B 313 60.92 8.33 -8.00
C ASP B 313 59.73 9.13 -7.47
N ASP B 314 59.75 10.44 -7.70
CA ASP B 314 58.71 11.35 -7.25
C ASP B 314 57.37 10.98 -7.82
N MET B 315 57.35 10.57 -9.09
CA MET B 315 56.13 10.12 -9.72
C MET B 315 55.53 8.93 -8.91
N ALA B 316 56.40 7.97 -8.55
CA ALA B 316 55.95 6.77 -7.82
C ALA B 316 55.56 7.10 -6.38
N VAL B 317 56.26 8.04 -5.77
CA VAL B 317 55.93 8.48 -4.42
C VAL B 317 54.52 9.13 -4.42
N ARG B 318 54.26 10.05 -5.38
CA ARG B 318 53.00 10.72 -5.46
C ARG B 318 51.84 9.75 -5.71
N ILE B 319 52.05 8.74 -6.56
CA ILE B 319 51.06 7.73 -6.86
C ILE B 319 50.78 6.85 -5.68
N MET B 320 51.83 6.35 -5.02
CA MET B 320 51.65 5.50 -3.81
C MET B 320 51.09 6.31 -2.64
N ALA B 321 51.45 7.59 -2.55
CA ALA B 321 50.94 8.42 -1.42
C ALA B 321 49.43 8.61 -1.51
N ALA B 322 48.94 8.87 -2.72
CA ALA B 322 47.50 8.94 -2.99
C ALA B 322 46.75 7.64 -2.70
N TYR B 323 47.37 6.52 -3.06
CA TYR B 323 46.80 5.19 -2.89
C TYR B 323 46.64 4.89 -1.41
N TYR B 324 47.68 5.17 -0.65
CA TYR B 324 47.62 5.05 0.80
C TYR B 324 46.70 6.06 1.50
N LYS B 325 46.67 7.30 1.01
CA LYS B 325 45.81 8.33 1.58
C LYS B 325 44.32 7.95 1.68
N VAL B 326 43.77 7.31 0.64
CA VAL B 326 42.39 6.89 0.68
C VAL B 326 42.24 5.47 1.26
N GLY B 327 43.32 4.84 1.68
CA GLY B 327 43.25 3.51 2.30
C GLY B 327 43.04 2.38 1.30
N ARG B 328 43.52 2.58 0.06
CA ARG B 328 43.28 1.58 -0.98
C ARG B 328 44.00 0.25 -0.69
N ASP B 329 45.10 0.32 0.04
CA ASP B 329 45.82 -0.85 0.44
C ASP B 329 44.97 -1.77 1.33
N THR B 330 44.05 -1.21 2.10
CA THR B 330 43.14 -2.01 2.95
C THR B 330 41.82 -2.35 2.21
N LYS B 331 41.41 -1.54 1.24
CA LYS B 331 40.14 -1.74 0.57
C LYS B 331 40.26 -2.49 -0.76
N TYR B 332 41.49 -2.82 -1.19
CA TYR B 332 41.68 -3.36 -2.53
C TYR B 332 40.86 -4.62 -2.78
N THR B 333 40.19 -4.66 -3.93
CA THR B 333 39.61 -5.89 -4.44
C THR B 333 39.82 -5.87 -5.99
N PRO B 334 40.09 -7.03 -6.62
CA PRO B 334 40.41 -6.98 -8.04
C PRO B 334 39.17 -6.56 -8.90
N PRO B 335 39.38 -5.86 -10.02
CA PRO B 335 38.29 -5.49 -10.85
C PRO B 335 37.44 -6.69 -11.13
N ASN B 336 36.12 -6.57 -10.94
CA ASN B 336 35.23 -7.74 -11.08
C ASN B 336 34.26 -7.54 -12.23
N PHE B 337 34.62 -6.68 -13.17
CA PHE B 337 33.88 -6.44 -14.40
C PHE B 337 34.92 -6.12 -15.49
N SER B 338 34.41 -6.03 -16.72
CA SER B 338 35.18 -5.57 -17.87
C SER B 338 34.51 -4.38 -18.53
N SER B 339 35.30 -3.37 -18.87
CA SER B 339 34.82 -2.22 -19.62
C SER B 339 34.42 -2.57 -21.04
N TRP B 340 34.92 -3.67 -21.59
CA TRP B 340 34.91 -3.87 -23.04
C TRP B 340 33.85 -4.80 -23.52
N THR B 341 33.26 -5.56 -22.62
CA THR B 341 32.19 -6.48 -22.98
C THR B 341 31.30 -6.65 -21.75
N ARG B 342 30.05 -6.95 -21.99
CA ARG B 342 29.11 -7.33 -20.93
C ARG B 342 29.00 -8.83 -20.81
N ASP B 343 29.72 -9.60 -21.66
CA ASP B 343 29.69 -11.08 -21.56
C ASP B 343 30.34 -11.58 -20.25
N GLU B 344 29.86 -12.72 -19.78
CA GLU B 344 30.45 -13.32 -18.61
C GLU B 344 31.92 -13.70 -18.81
N TYR B 345 32.21 -14.28 -19.97
CA TYR B 345 33.55 -14.81 -20.27
C TYR B 345 34.18 -14.04 -21.43
N GLY B 346 35.50 -13.94 -21.39
CA GLY B 346 36.22 -13.33 -22.46
C GLY B 346 37.70 -13.45 -22.23
N PHE B 347 38.48 -12.99 -23.19
CA PHE B 347 39.92 -12.98 -23.04
C PHE B 347 40.34 -11.90 -22.06
N ALA B 348 41.35 -12.22 -21.25
CA ALA B 348 41.92 -11.29 -20.31
C ALA B 348 42.35 -10.01 -21.00
N HIS B 349 42.82 -10.10 -22.25
CA HIS B 349 43.35 -8.92 -23.00
C HIS B 349 42.50 -8.69 -24.22
N ASN B 350 41.53 -7.80 -24.06
CA ASN B 350 40.37 -7.84 -24.92
C ASN B 350 40.72 -7.43 -26.34
N HIS B 351 41.55 -6.42 -26.52
CA HIS B 351 41.74 -5.87 -27.86
C HIS B 351 42.40 -6.87 -28.84
N VAL B 352 43.20 -7.78 -28.29
CA VAL B 352 44.01 -8.74 -29.08
C VAL B 352 43.57 -10.18 -28.92
N SER B 353 42.54 -10.43 -28.11
CA SER B 353 42.08 -11.77 -27.78
C SER B 353 43.25 -12.69 -27.32
N GLU B 354 44.01 -12.26 -26.33
CA GLU B 354 45.10 -13.02 -25.74
C GLU B 354 44.94 -13.07 -24.22
N GLY B 355 45.85 -13.80 -23.55
CA GLY B 355 45.70 -14.15 -22.13
C GLY B 355 44.65 -15.25 -21.95
N ALA B 356 44.36 -15.56 -20.69
CA ALA B 356 43.33 -16.56 -20.37
C ALA B 356 41.93 -16.19 -20.84
N TYR B 357 41.18 -17.20 -21.26
CA TYR B 357 39.78 -17.04 -21.56
C TYR B 357 39.08 -17.34 -20.26
N GLU B 358 38.56 -16.31 -19.61
CA GLU B 358 38.12 -16.40 -18.23
C GLU B 358 36.89 -15.57 -17.94
N ARG B 359 36.37 -15.72 -16.72
CA ARG B 359 35.25 -14.93 -16.25
C ARG B 359 35.71 -13.45 -16.05
N VAL B 360 35.28 -12.57 -16.95
CA VAL B 360 35.62 -11.17 -16.91
C VAL B 360 34.52 -10.29 -16.30
N ASN B 361 33.32 -10.82 -16.09
CA ASN B 361 32.24 -10.08 -15.44
C ASN B 361 31.63 -10.97 -14.38
N GLU B 362 31.61 -10.46 -13.15
CA GLU B 362 30.99 -11.14 -12.06
C GLU B 362 29.61 -10.57 -11.71
N PHE B 363 29.21 -9.48 -12.40
CA PHE B 363 27.86 -8.93 -12.27
C PHE B 363 27.56 -8.52 -10.85
N VAL B 364 28.51 -7.90 -10.19
CA VAL B 364 28.31 -7.56 -8.78
C VAL B 364 27.36 -6.37 -8.69
N ASP B 365 26.28 -6.55 -7.95
CA ASP B 365 25.30 -5.50 -7.64
C ASP B 365 25.91 -4.47 -6.68
N VAL B 366 26.25 -3.26 -7.15
CA VAL B 366 26.88 -2.27 -6.28
C VAL B 366 25.94 -1.09 -5.96
N GLN B 367 24.65 -1.24 -6.30
CA GLN B 367 23.71 -0.13 -6.29
C GLN B 367 23.29 0.28 -4.91
N ARG B 368 23.37 -0.66 -3.95
CA ARG B 368 22.85 -0.41 -2.58
C ARG B 368 21.45 0.19 -2.64
N ASP B 369 21.20 1.24 -1.87
CA ASP B 369 19.99 2.01 -1.87
C ASP B 369 20.25 3.42 -2.50
N HIS B 370 21.24 3.52 -3.38
CA HIS B 370 21.61 4.81 -3.92
C HIS B 370 20.55 5.43 -4.78
N ALA B 371 19.64 4.61 -5.31
CA ALA B 371 18.52 5.14 -6.04
C ALA B 371 17.74 6.23 -5.29
N ASP B 372 17.62 6.06 -3.98
CA ASP B 372 16.87 7.06 -3.15
C ASP B 372 17.56 8.40 -3.16
N LEU B 373 18.87 8.36 -3.01
CA LEU B 373 19.70 9.59 -3.07
C LEU B 373 19.66 10.27 -4.44
N ILE B 374 19.64 9.46 -5.49
CA ILE B 374 19.55 9.98 -6.84
C ILE B 374 18.20 10.69 -7.08
N ARG B 375 17.11 10.03 -6.68
CA ARG B 375 15.78 10.62 -6.77
C ARG B 375 15.73 11.97 -6.00
N ARG B 376 16.33 11.98 -4.83
CA ARG B 376 16.35 13.15 -3.98
C ARG B 376 17.10 14.27 -4.61
N ILE B 377 18.31 13.98 -5.13
CA ILE B 377 19.16 15.04 -5.72
C ILE B 377 18.47 15.59 -6.94
N GLY B 378 17.83 14.73 -7.68
CA GLY B 378 17.06 15.16 -8.83
C GLY B 378 16.03 16.16 -8.43
N ALA B 379 15.26 15.85 -7.36
CA ALA B 379 14.22 16.79 -6.91
C ALA B 379 14.81 18.11 -6.41
N GLN B 380 15.88 17.99 -5.66
CA GLN B 380 16.54 19.13 -5.04
C GLN B 380 17.39 19.97 -5.98
N SER B 381 17.59 19.48 -7.20
CA SER B 381 18.36 20.23 -8.24
C SER B 381 17.39 20.82 -9.27
N THR B 382 16.07 20.66 -9.08
CA THR B 382 15.07 21.17 -10.00
C THR B 382 14.79 22.64 -9.67
N VAL B 383 15.12 23.54 -10.60
CA VAL B 383 14.93 24.99 -10.39
C VAL B 383 13.57 25.38 -10.88
N LEU B 384 12.75 25.92 -9.97
CA LEU B 384 11.45 26.50 -10.33
C LEU B 384 11.74 27.94 -10.82
N LEU B 385 11.52 28.19 -12.10
CA LEU B 385 11.83 29.52 -12.67
C LEU B 385 10.60 30.48 -12.76
N LYS B 386 9.41 29.91 -12.89
CA LYS B 386 8.16 30.63 -13.04
C LYS B 386 7.03 29.76 -12.46
N ASN B 387 6.15 30.38 -11.68
CA ASN B 387 4.95 29.68 -11.24
C ASN B 387 3.85 30.70 -10.98
N LYS B 388 2.86 30.73 -11.86
CA LYS B 388 1.67 31.58 -11.73
C LYS B 388 0.56 30.75 -11.13
N GLY B 389 0.76 30.33 -9.90
CA GLY B 389 -0.18 29.46 -9.20
C GLY B 389 -0.55 28.15 -9.91
N ALA B 390 0.31 27.64 -10.77
CA ALA B 390 0.07 26.35 -11.41
C ALA B 390 0.49 25.18 -10.49
N LEU B 391 1.52 25.40 -9.68
CA LEU B 391 2.17 24.33 -8.98
C LEU B 391 2.15 24.59 -7.52
N PRO B 392 2.08 23.53 -6.69
CA PRO B 392 2.07 22.13 -7.12
C PRO B 392 0.74 21.61 -7.59
N LEU B 393 0.76 20.55 -8.38
CA LEU B 393 -0.46 19.93 -8.88
C LEU B 393 -1.15 19.18 -7.76
N SER B 394 -2.45 18.95 -7.89
CA SER B 394 -3.25 18.26 -6.86
C SER B 394 -3.45 16.75 -7.00
N ARG B 395 -3.30 16.23 -8.22
CA ARG B 395 -3.69 14.85 -8.55
C ARG B 395 -5.20 14.65 -8.71
N LYS B 396 -5.95 15.74 -8.68
CA LYS B 396 -7.36 15.74 -9.03
C LYS B 396 -7.60 16.45 -10.35
N GLU B 397 -6.55 16.83 -11.06
CA GLU B 397 -6.70 17.42 -12.39
C GLU B 397 -7.47 16.43 -13.25
N LYS B 398 -8.41 16.93 -14.03
CA LYS B 398 -9.32 16.07 -14.78
C LYS B 398 -8.63 15.36 -15.95
N LEU B 399 -7.75 16.07 -16.66
CA LEU B 399 -6.98 15.48 -17.76
C LEU B 399 -5.60 16.12 -17.85
N VAL B 400 -4.57 15.30 -17.88
CA VAL B 400 -3.19 15.76 -17.94
C VAL B 400 -2.65 15.39 -19.32
N ALA B 401 -1.98 16.31 -19.96
CA ALA B 401 -1.31 16.04 -21.21
C ALA B 401 0.18 16.16 -20.99
N LEU B 402 0.90 15.12 -21.44
CA LEU B 402 2.36 15.05 -21.32
C LEU B 402 2.82 15.17 -22.73
N LEU B 403 3.65 16.14 -22.99
CA LEU B 403 3.93 16.59 -24.34
C LEU B 403 5.41 16.79 -24.55
N GLY B 404 5.88 16.25 -25.67
CA GLY B 404 7.28 16.37 -26.08
C GLY B 404 8.01 15.05 -26.01
N GLU B 405 8.96 14.86 -26.92
CA GLU B 405 9.80 13.69 -26.92
C GLU B 405 10.60 13.57 -25.62
N ASP B 406 11.03 14.66 -25.03
CA ASP B 406 11.73 14.58 -23.77
C ASP B 406 10.95 13.92 -22.59
N ALA B 407 9.64 13.80 -22.71
CA ALA B 407 8.86 13.06 -21.75
C ALA B 407 8.96 11.54 -21.90
N GLY B 408 9.34 11.08 -23.10
CA GLY B 408 9.23 9.68 -23.46
C GLY B 408 10.51 8.84 -23.36
N SER B 409 10.40 7.62 -23.88
CA SER B 409 11.48 6.64 -23.85
C SER B 409 12.45 6.79 -25.05
N ASN B 410 13.73 6.52 -24.78
CA ASN B 410 14.65 6.15 -25.82
C ASN B 410 14.25 4.77 -26.34
N SER B 411 13.80 4.71 -27.60
CA SER B 411 13.31 3.43 -28.13
C SER B 411 14.42 2.38 -28.39
N TRP B 412 15.69 2.78 -28.30
CA TRP B 412 16.83 1.85 -28.40
C TRP B 412 17.24 1.32 -27.02
N GLY B 413 16.47 1.66 -25.97
CA GLY B 413 16.86 1.38 -24.58
C GLY B 413 17.54 2.52 -23.94
N ALA B 414 17.47 2.57 -22.60
CA ALA B 414 18.17 3.63 -21.87
C ALA B 414 19.62 3.72 -22.28
N ASN B 415 20.28 2.59 -22.50
CA ASN B 415 21.70 2.60 -22.91
C ASN B 415 21.92 2.32 -24.39
N GLY B 416 20.92 2.57 -25.20
CA GLY B 416 20.91 2.19 -26.60
C GLY B 416 21.82 2.99 -27.53
N CYS B 417 22.28 4.15 -27.11
CA CYS B 417 23.22 4.94 -27.90
C CYS B 417 24.54 4.85 -27.17
N ASP B 418 25.56 4.44 -27.90
CA ASP B 418 26.90 4.30 -27.32
C ASP B 418 27.32 5.57 -26.70
N ASP B 419 27.88 5.51 -25.51
CA ASP B 419 28.30 6.76 -24.82
C ASP B 419 27.18 7.83 -24.70
N ARG B 420 25.91 7.40 -24.71
CA ARG B 420 24.74 8.27 -24.67
C ARG B 420 24.70 9.28 -25.86
N GLY B 421 25.31 8.91 -26.99
CA GLY B 421 25.48 9.86 -28.13
C GLY B 421 24.24 10.01 -28.96
N CYS B 422 23.16 10.49 -28.32
CA CYS B 422 21.94 10.81 -29.01
C CYS B 422 21.10 11.70 -28.13
N ASP B 423 20.04 12.25 -28.70
CA ASP B 423 19.03 12.96 -27.93
C ASP B 423 17.66 12.34 -28.19
N ASN B 424 17.54 11.04 -27.92
CA ASN B 424 16.31 10.29 -28.15
C ASN B 424 15.59 10.01 -26.82
N GLY B 425 14.31 10.33 -26.76
CA GLY B 425 13.57 10.24 -25.52
C GLY B 425 14.11 11.21 -24.49
N THR B 426 13.76 10.95 -23.23
CA THR B 426 14.15 11.89 -22.13
C THR B 426 15.62 12.06 -21.98
N LEU B 427 16.06 13.29 -21.75
CA LEU B 427 17.46 13.56 -21.62
C LEU B 427 17.83 13.51 -20.15
N ALA B 428 18.46 12.41 -19.74
CA ALA B 428 18.86 12.22 -18.32
C ALA B 428 20.35 12.21 -18.09
N MET B 429 21.10 12.19 -19.19
CA MET B 429 22.57 12.09 -19.15
C MET B 429 23.07 12.52 -20.49
N ALA B 430 24.03 13.40 -20.49
CA ALA B 430 24.58 13.95 -21.74
C ALA B 430 25.69 12.99 -22.26
N TRP B 431 26.51 13.34 -23.26
CA TRP B 431 27.29 12.28 -24.00
C TRP B 431 28.77 12.39 -23.89
N GLY B 432 29.40 11.26 -24.16
CA GLY B 432 30.85 11.15 -24.16
C GLY B 432 31.37 10.20 -23.08
N SER B 433 32.57 10.49 -22.60
CA SER B 433 33.20 9.65 -21.60
C SER B 433 32.67 9.92 -20.18
N GLY B 434 32.00 11.04 -19.97
CA GLY B 434 31.46 11.38 -18.68
C GLY B 434 30.13 10.74 -18.39
N THR B 435 30.02 9.44 -18.68
CA THR B 435 28.75 8.74 -18.74
C THR B 435 28.81 7.41 -17.96
N ALA B 436 27.65 6.88 -17.65
CA ALA B 436 27.52 5.58 -17.04
C ALA B 436 26.41 4.92 -17.68
N ASN B 437 26.37 3.59 -17.52
CA ASN B 437 25.19 2.84 -17.98
C ASN B 437 24.10 2.92 -16.93
N PHE B 438 22.90 3.19 -17.39
CA PHE B 438 21.71 3.17 -16.56
C PHE B 438 21.40 1.77 -16.12
N PRO B 439 21.04 1.57 -14.85
CA PRO B 439 20.42 0.26 -14.51
C PRO B 439 18.98 0.15 -14.97
N TYR B 440 18.36 1.32 -15.21
CA TYR B 440 17.01 1.53 -15.70
C TYR B 440 16.88 3.04 -15.86
N LEU B 441 15.81 3.45 -16.50
CA LEU B 441 15.55 4.88 -16.53
C LEU B 441 14.06 5.13 -16.41
N VAL B 442 13.69 5.87 -15.36
CA VAL B 442 12.29 6.24 -15.18
C VAL B 442 12.01 7.56 -15.95
N THR B 443 11.14 7.50 -16.96
CA THR B 443 10.84 8.64 -17.81
C THR B 443 9.72 9.48 -17.20
N PRO B 444 9.66 10.76 -17.61
CA PRO B 444 8.57 11.57 -17.10
C PRO B 444 7.21 11.00 -17.44
N GLU B 445 7.06 10.49 -18.66
CA GLU B 445 5.86 9.84 -19.07
C GLU B 445 5.43 8.74 -18.09
N GLN B 446 6.38 7.93 -17.70
CA GLN B 446 6.12 6.83 -16.74
C GLN B 446 5.75 7.31 -15.35
N ALA B 447 6.56 8.19 -14.81
CA ALA B 447 6.34 8.62 -13.45
C ALA B 447 5.04 9.43 -13.31
N ILE B 448 4.77 10.34 -14.25
CA ILE B 448 3.58 11.17 -14.17
C ILE B 448 2.33 10.41 -14.48
N GLN B 449 2.36 9.50 -15.46
CA GLN B 449 1.21 8.65 -15.69
C GLN B 449 0.91 7.86 -14.45
N ASN B 450 1.91 7.27 -13.83
CA ASN B 450 1.68 6.54 -12.59
C ASN B 450 1.03 7.39 -11.54
N GLU B 451 1.53 8.61 -11.37
CA GLU B 451 0.95 9.55 -10.38
C GLU B 451 -0.55 9.79 -10.66
N VAL B 452 -0.87 10.16 -11.90
CA VAL B 452 -2.21 10.45 -12.30
C VAL B 452 -3.13 9.27 -12.13
N LEU B 453 -2.64 8.08 -12.43
CA LEU B 453 -3.46 6.89 -12.33
C LEU B 453 -3.73 6.41 -10.94
N GLN B 454 -3.12 7.00 -9.93
CA GLN B 454 -3.55 6.79 -8.58
C GLN B 454 -4.95 7.42 -8.32
N GLY B 455 -5.36 8.38 -9.13
CA GLY B 455 -6.66 9.04 -9.01
C GLY B 455 -7.51 8.84 -10.23
N ARG B 456 -8.46 9.75 -10.47
CA ARG B 456 -9.40 9.62 -11.56
C ARG B 456 -8.95 10.36 -12.81
N GLY B 457 -7.82 11.01 -12.74
CA GLY B 457 -7.31 11.75 -13.91
C GLY B 457 -7.15 10.90 -15.15
N ASN B 458 -7.54 11.49 -16.30
CA ASN B 458 -7.28 10.92 -17.62
C ASN B 458 -5.91 11.49 -18.00
N VAL B 459 -5.18 10.79 -18.88
CA VAL B 459 -3.82 11.24 -19.23
C VAL B 459 -3.39 10.70 -20.56
N PHE B 460 -2.79 11.58 -21.36
CA PHE B 460 -2.31 11.27 -22.70
C PHE B 460 -0.89 11.76 -22.81
N ALA B 461 -0.07 11.00 -23.55
CA ALA B 461 1.33 11.33 -23.72
C ALA B 461 1.66 11.37 -25.18
N VAL B 462 1.99 12.58 -25.67
CA VAL B 462 2.34 12.79 -27.07
C VAL B 462 3.84 13.12 -27.11
N THR B 463 4.62 12.16 -27.58
CA THR B 463 6.06 12.23 -27.45
C THR B 463 6.77 12.33 -28.82
N ASP B 464 6.01 12.58 -29.89
CA ASP B 464 6.57 13.04 -31.15
C ASP B 464 6.56 14.57 -31.19
N SER B 465 7.71 15.17 -31.05
CA SER B 465 7.84 16.62 -31.05
C SER B 465 7.57 17.30 -32.43
N TRP B 466 7.45 16.50 -33.46
CA TRP B 466 7.04 17.00 -34.77
C TRP B 466 5.59 16.88 -35.07
N ALA B 467 4.83 16.20 -34.23
CA ALA B 467 3.41 15.97 -34.52
C ALA B 467 2.64 17.06 -33.84
N LEU B 468 2.80 18.29 -34.34
CA LEU B 468 2.22 19.45 -33.69
C LEU B 468 0.70 19.40 -33.65
N ASP B 469 0.09 18.82 -34.68
CA ASP B 469 -1.33 18.59 -34.67
C ASP B 469 -1.79 17.73 -33.46
N LYS B 470 -1.02 16.69 -33.17
CA LYS B 470 -1.36 15.77 -32.04
C LYS B 470 -1.08 16.48 -30.72
N ILE B 471 0.00 17.24 -30.67
CA ILE B 471 0.30 18.05 -29.49
C ILE B 471 -0.81 19.02 -29.19
N ALA B 472 -1.29 19.76 -30.21
CA ALA B 472 -2.38 20.75 -30.06
C ALA B 472 -3.65 20.10 -29.55
N ALA B 473 -4.02 19.01 -30.18
CA ALA B 473 -5.25 18.31 -29.81
C ALA B 473 -5.27 17.86 -28.33
N ALA B 474 -4.14 17.35 -27.84
CA ALA B 474 -4.09 16.82 -26.47
C ALA B 474 -4.12 17.99 -25.54
N ALA B 475 -3.39 19.04 -25.90
CA ALA B 475 -3.33 20.28 -25.10
C ALA B 475 -4.69 20.94 -24.91
N ARG B 476 -5.44 21.03 -26.01
CA ARG B 476 -6.85 21.50 -26.01
C ARG B 476 -7.78 20.80 -24.99
N GLN B 477 -7.64 19.49 -24.83
CA GLN B 477 -8.43 18.73 -23.88
C GLN B 477 -7.96 18.77 -22.42
N ALA B 478 -6.76 19.26 -22.15
CA ALA B 478 -6.14 19.09 -20.84
C ALA B 478 -6.48 20.16 -19.82
N SER B 479 -6.55 19.78 -18.54
CA SER B 479 -6.54 20.72 -17.42
C SER B 479 -5.18 21.30 -17.22
N VAL B 480 -4.15 20.51 -17.48
CA VAL B 480 -2.79 20.96 -17.39
C VAL B 480 -1.99 20.22 -18.47
N SER B 481 -1.09 20.97 -19.11
CA SER B 481 -0.19 20.45 -20.12
C SER B 481 1.22 20.54 -19.54
N LEU B 482 1.90 19.39 -19.45
CA LEU B 482 3.27 19.33 -18.96
C LEU B 482 4.15 19.07 -20.16
N VAL B 483 4.88 20.10 -20.54
CA VAL B 483 5.70 20.08 -21.74
C VAL B 483 7.14 19.82 -21.30
N PHE B 484 7.72 18.76 -21.84
CA PHE B 484 9.13 18.42 -21.63
C PHE B 484 9.96 18.73 -22.87
N VAL B 485 11.07 19.40 -22.65
CA VAL B 485 11.96 19.80 -23.76
C VAL B 485 13.39 19.72 -23.31
N ASN B 486 14.31 19.67 -24.27
CA ASN B 486 15.71 19.51 -23.96
C ASN B 486 16.67 20.17 -24.91
N SER B 487 17.92 20.26 -24.48
CA SER B 487 19.09 20.61 -25.31
C SER B 487 20.29 19.80 -24.78
N ASP B 488 21.05 19.20 -25.73
CA ASP B 488 22.11 18.23 -25.42
C ASP B 488 23.46 18.69 -25.95
N SER B 489 24.51 18.17 -25.34
CA SER B 489 25.87 18.37 -25.78
C SER B 489 26.74 17.27 -25.19
N GLY B 490 28.02 17.28 -25.54
CA GLY B 490 28.92 16.25 -25.03
C GLY B 490 30.37 16.42 -25.45
N GLU B 491 31.11 15.33 -25.33
CA GLU B 491 32.54 15.31 -25.61
C GLU B 491 32.80 15.37 -27.09
N GLY B 492 33.91 16.03 -27.43
CA GLY B 492 34.27 16.36 -28.83
C GLY B 492 34.43 15.21 -29.83
N TYR B 493 34.72 13.97 -29.36
CA TYR B 493 34.93 12.85 -30.23
C TYR B 493 33.66 12.36 -30.85
N LEU B 494 32.50 12.78 -30.32
CA LEU B 494 31.27 12.23 -30.73
C LEU B 494 30.41 13.38 -31.26
N SER B 495 29.87 13.19 -32.47
CA SER B 495 29.07 14.21 -33.11
C SER B 495 27.66 13.74 -33.15
N VAL B 496 26.74 14.54 -32.62
CA VAL B 496 25.31 14.23 -32.75
C VAL B 496 24.64 15.36 -33.53
N ASP B 497 24.00 14.98 -34.65
CA ASP B 497 23.33 15.91 -35.57
C ASP B 497 24.20 17.09 -35.96
N GLY B 498 25.46 16.82 -36.27
CA GLY B 498 26.45 17.87 -36.58
C GLY B 498 27.00 18.65 -35.41
N ASN B 499 26.56 18.37 -34.19
CA ASN B 499 27.15 19.04 -33.02
C ASN B 499 28.37 18.24 -32.58
N GLU B 500 29.56 18.81 -32.80
CA GLU B 500 30.81 18.16 -32.55
C GLU B 500 31.20 18.36 -31.10
N GLY B 501 30.46 17.66 -30.23
CA GLY B 501 30.59 17.87 -28.78
C GLY B 501 29.93 19.18 -28.32
N ASP B 502 30.62 20.29 -28.56
CA ASP B 502 30.05 21.64 -28.39
C ASP B 502 28.73 21.70 -29.10
N ARG B 503 27.78 22.44 -28.54
CA ARG B 503 26.47 22.57 -29.21
C ARG B 503 26.55 23.79 -30.15
N ASN B 504 26.03 23.61 -31.36
CA ASN B 504 26.03 24.65 -32.39
C ASN B 504 25.15 25.85 -32.09
N ASN B 505 24.10 25.65 -31.29
CA ASN B 505 23.34 26.75 -30.73
C ASN B 505 22.89 26.41 -29.31
N ILE B 506 22.24 27.37 -28.65
CA ILE B 506 21.67 27.12 -27.33
C ILE B 506 20.13 27.19 -27.34
N THR B 507 19.55 26.74 -28.44
CA THR B 507 18.09 26.65 -28.59
C THR B 507 17.66 25.22 -28.28
N LEU B 508 16.42 25.07 -27.88
CA LEU B 508 15.92 23.74 -27.59
C LEU B 508 16.06 22.83 -28.79
N TRP B 509 16.44 21.58 -28.57
CA TRP B 509 16.50 20.56 -29.64
C TRP B 509 15.13 19.95 -29.93
N LYS B 510 15.04 19.20 -31.01
CA LYS B 510 13.86 18.44 -31.37
C LYS B 510 12.58 19.33 -31.36
N ASN B 511 12.62 20.47 -32.06
CA ASN B 511 11.44 21.28 -32.30
C ASN B 511 10.83 21.82 -31.01
N GLY B 512 11.67 22.04 -30.00
CA GLY B 512 11.18 22.32 -28.68
C GLY B 512 10.40 23.61 -28.46
N ASP B 513 10.89 24.71 -29.04
CA ASP B 513 10.14 25.98 -29.01
C ASP B 513 8.78 25.84 -29.59
N ASN B 514 8.66 25.10 -30.68
CA ASN B 514 7.38 24.85 -31.28
C ASN B 514 6.43 23.98 -30.46
N VAL B 515 6.99 23.02 -29.72
CA VAL B 515 6.17 22.21 -28.83
C VAL B 515 5.56 23.07 -27.74
N VAL B 516 6.39 23.90 -27.10
CA VAL B 516 5.91 24.82 -26.08
C VAL B 516 4.80 25.74 -26.67
N LYS B 517 5.08 26.33 -27.82
CA LYS B 517 4.16 27.32 -28.36
C LYS B 517 2.82 26.68 -28.72
N THR B 518 2.86 25.49 -29.33
CA THR B 518 1.69 24.80 -29.72
C THR B 518 0.86 24.48 -28.49
N ALA B 519 1.54 24.08 -27.42
CA ALA B 519 0.85 23.72 -26.22
C ALA B 519 0.23 24.97 -25.59
N ALA B 520 1.04 26.02 -25.45
CA ALA B 520 0.57 27.26 -24.82
C ALA B 520 -0.55 27.94 -25.60
N ASN B 521 -0.54 27.81 -26.93
CA ASN B 521 -1.64 28.35 -27.74
C ASN B 521 -2.96 27.59 -27.55
N ASN B 522 -2.90 26.36 -27.05
CA ASN B 522 -4.09 25.53 -26.90
C ASN B 522 -4.52 25.23 -25.47
N CYS B 523 -3.70 25.59 -24.48
CA CYS B 523 -3.96 25.23 -23.12
C CYS B 523 -3.54 26.36 -22.24
N ASN B 524 -4.48 26.79 -21.39
CA ASN B 524 -4.26 27.98 -20.54
C ASN B 524 -3.44 27.70 -19.30
N ASN B 525 -3.03 26.44 -19.11
CA ASN B 525 -2.21 26.04 -17.97
C ASN B 525 -1.08 25.10 -18.44
N THR B 526 -0.12 25.70 -19.14
CA THR B 526 1.03 25.01 -19.70
C THR B 526 2.27 25.18 -18.85
N VAL B 527 2.79 24.05 -18.35
CA VAL B 527 4.00 24.02 -17.54
C VAL B 527 5.11 23.41 -18.40
N VAL B 528 6.26 24.06 -18.43
CA VAL B 528 7.38 23.65 -19.25
C VAL B 528 8.50 23.16 -18.36
N ILE B 529 8.97 21.94 -18.63
CA ILE B 529 10.12 21.34 -17.87
C ILE B 529 11.30 21.14 -18.81
N ILE B 530 12.43 21.71 -18.45
CA ILE B 530 13.59 21.66 -19.33
C ILE B 530 14.65 20.72 -18.76
N HIS B 531 15.05 19.72 -19.54
CA HIS B 531 16.25 18.95 -19.23
C HIS B 531 17.35 19.40 -20.20
N SER B 532 18.45 19.89 -19.68
CA SER B 532 19.46 20.40 -20.55
C SER B 532 20.83 20.51 -19.85
N VAL B 533 21.86 20.54 -20.69
CA VAL B 533 23.23 20.63 -20.29
C VAL B 533 23.59 21.94 -19.71
N GLY B 534 22.76 22.95 -19.98
CA GLY B 534 23.02 24.30 -19.48
C GLY B 534 21.93 25.23 -20.01
N PRO B 535 22.22 26.55 -20.05
CA PRO B 535 21.14 27.49 -20.41
C PRO B 535 20.61 27.28 -21.80
N VAL B 536 19.31 27.52 -21.98
CA VAL B 536 18.74 27.59 -23.29
C VAL B 536 18.07 28.95 -23.48
N LEU B 537 17.84 29.29 -24.74
CA LEU B 537 17.03 30.47 -25.08
C LEU B 537 15.54 30.18 -24.83
N ILE B 538 14.94 30.98 -23.97
CA ILE B 538 13.49 30.85 -23.67
C ILE B 538 12.69 32.10 -24.04
N ASP B 539 13.35 33.07 -24.68
CA ASP B 539 12.77 34.40 -24.90
C ASP B 539 11.49 34.34 -25.72
N GLU B 540 11.37 33.39 -26.62
CA GLU B 540 10.20 33.24 -27.46
C GLU B 540 8.91 32.70 -26.78
N TRP B 541 8.98 32.23 -25.55
CA TRP B 541 7.77 31.73 -24.88
C TRP B 541 7.69 31.89 -23.39
N TYR B 542 8.73 32.33 -22.71
CA TYR B 542 8.72 32.30 -21.27
C TYR B 542 7.63 33.18 -20.65
N ASP B 543 7.27 34.27 -21.32
CA ASP B 543 6.24 35.19 -20.81
C ASP B 543 4.90 35.05 -21.54
N HIS B 544 4.71 33.96 -22.28
CA HIS B 544 3.43 33.62 -22.86
C HIS B 544 2.44 33.52 -21.69
N PRO B 545 1.25 34.14 -21.83
CA PRO B 545 0.32 34.18 -20.68
C PRO B 545 -0.22 32.82 -20.25
N ASN B 546 -0.30 31.89 -21.17
CA ASN B 546 -0.58 30.50 -20.86
C ASN B 546 0.56 29.61 -20.35
N VAL B 547 1.81 30.09 -20.31
CA VAL B 547 2.92 29.36 -19.70
C VAL B 547 2.86 29.72 -18.26
N THR B 548 2.24 28.85 -17.48
CA THR B 548 2.02 29.10 -16.07
C THR B 548 3.12 28.55 -15.17
N GLY B 549 3.96 27.70 -15.76
CA GLY B 549 5.08 27.14 -15.03
C GLY B 549 6.27 26.90 -15.92
N ILE B 550 7.45 27.13 -15.36
CA ILE B 550 8.73 26.81 -16.01
C ILE B 550 9.69 26.22 -14.99
N LEU B 551 10.25 25.04 -15.30
CA LEU B 551 11.28 24.40 -14.45
C LEU B 551 12.49 23.93 -15.27
N TRP B 552 13.66 24.00 -14.66
CA TRP B 552 14.88 23.45 -15.25
C TRP B 552 15.36 22.33 -14.34
N ALA B 553 15.39 21.13 -14.91
CA ALA B 553 15.72 19.89 -14.14
C ALA B 553 17.09 19.27 -14.51
N GLY B 554 17.82 19.90 -15.42
CA GLY B 554 19.14 19.43 -15.77
C GLY B 554 19.16 18.02 -16.34
N LEU B 555 20.10 17.21 -15.85
CA LEU B 555 20.39 15.83 -16.32
C LEU B 555 20.31 14.90 -15.06
N PRO B 556 19.11 14.41 -14.73
CA PRO B 556 18.92 13.87 -13.40
C PRO B 556 19.32 12.43 -13.14
N GLY B 557 19.76 11.70 -14.15
CA GLY B 557 20.07 10.31 -13.99
C GLY B 557 18.85 9.44 -13.89
N GLN B 558 19.02 8.25 -13.30
CA GLN B 558 18.09 7.10 -13.51
C GLN B 558 16.72 7.29 -12.97
N GLU B 559 16.57 8.15 -11.95
CA GLU B 559 15.27 8.39 -11.33
C GLU B 559 14.52 9.68 -11.89
N SER B 560 14.91 10.14 -13.08
CA SER B 560 14.42 11.41 -13.63
C SER B 560 12.92 11.64 -13.48
N GLY B 561 12.11 10.74 -13.94
CA GLY B 561 10.67 10.84 -13.84
C GLY B 561 10.13 11.01 -12.43
N ASN B 562 10.68 10.25 -11.49
CA ASN B 562 10.26 10.31 -10.09
C ASN B 562 10.67 11.63 -9.46
N SER B 563 11.88 12.06 -9.72
CA SER B 563 12.38 13.34 -9.26
C SER B 563 11.48 14.55 -9.67
N ILE B 564 11.06 14.60 -10.93
CA ILE B 564 10.20 15.66 -11.42
C ILE B 564 8.76 15.49 -10.89
N ALA B 565 8.25 14.27 -10.81
CA ALA B 565 6.94 14.08 -10.23
C ALA B 565 6.91 14.56 -8.78
N ASP B 566 7.95 14.31 -8.01
CA ASP B 566 8.03 14.77 -6.62
C ASP B 566 7.85 16.25 -6.51
N VAL B 567 8.53 16.98 -7.38
CA VAL B 567 8.42 18.44 -7.40
C VAL B 567 7.07 18.92 -7.88
N LEU B 568 6.60 18.41 -9.00
CA LEU B 568 5.37 18.85 -9.58
C LEU B 568 4.17 18.61 -8.66
N TYR B 569 4.15 17.46 -7.96
CA TYR B 569 3.05 17.13 -7.05
C TYR B 569 3.31 17.60 -5.62
N GLY B 570 4.39 18.33 -5.39
CA GLY B 570 4.62 19.01 -4.09
C GLY B 570 5.11 18.18 -2.95
N ARG B 571 5.53 16.92 -3.20
CA ARG B 571 6.25 16.14 -2.19
C ARG B 571 7.58 16.78 -1.85
N VAL B 572 8.18 17.50 -2.80
CA VAL B 572 9.36 18.28 -2.55
C VAL B 572 9.01 19.67 -3.02
N ASN B 573 9.27 20.64 -2.16
CA ASN B 573 9.08 22.03 -2.48
C ASN B 573 10.40 22.45 -3.10
N PRO B 574 10.39 22.81 -4.37
CA PRO B 574 11.70 23.08 -5.00
C PRO B 574 12.45 24.26 -4.39
N GLY B 575 13.73 24.10 -4.19
CA GLY B 575 14.58 25.13 -3.62
C GLY B 575 15.92 25.29 -4.33
N ALA B 576 16.08 24.69 -5.51
CA ALA B 576 17.30 24.85 -6.29
C ALA B 576 17.34 26.29 -6.84
N LYS B 577 18.55 26.81 -7.06
CA LYS B 577 18.78 28.08 -7.70
C LYS B 577 19.61 27.85 -8.98
N SER B 578 19.41 28.71 -9.98
CA SER B 578 20.16 28.60 -11.21
C SER B 578 21.64 28.76 -10.99
N PRO B 579 22.45 27.76 -11.42
CA PRO B 579 23.90 27.87 -11.31
C PRO B 579 24.59 28.56 -12.50
N PHE B 580 23.77 29.09 -13.40
CA PHE B 580 24.24 29.91 -14.52
C PHE B 580 23.14 30.93 -14.91
N THR B 581 23.47 31.82 -15.83
CA THR B 581 22.61 32.91 -16.24
C THR B 581 21.79 32.49 -17.42
N TRP B 582 20.51 32.88 -17.45
CA TRP B 582 19.63 32.64 -18.59
C TRP B 582 19.51 33.99 -19.31
N GLY B 583 20.20 34.12 -20.44
CA GLY B 583 20.23 35.38 -21.21
C GLY B 583 19.20 35.43 -22.31
N LYS B 584 19.00 36.62 -22.89
CA LYS B 584 18.00 36.75 -23.98
C LYS B 584 18.45 36.13 -25.24
N THR B 585 19.73 36.28 -25.55
CA THR B 585 20.31 35.77 -26.81
C THR B 585 21.64 35.06 -26.51
N ARG B 586 22.15 34.33 -27.49
CA ARG B 586 23.50 33.79 -27.39
C ARG B 586 24.48 34.91 -27.18
N GLU B 587 24.26 36.03 -27.87
CA GLU B 587 25.19 37.16 -27.87
C GLU B 587 25.25 37.86 -26.51
N SER B 588 24.16 37.82 -25.73
N SER B 588 24.16 37.81 -25.74
CA SER B 588 24.15 38.38 -24.35
CA SER B 588 24.14 38.34 -24.37
C SER B 588 25.25 37.82 -23.45
C SER B 588 25.25 37.82 -23.46
N TYR B 589 25.72 36.59 -23.75
CA TYR B 589 26.78 35.93 -22.95
C TYR B 589 28.18 36.37 -23.29
N GLY B 590 28.39 36.91 -24.48
CA GLY B 590 29.75 37.09 -25.00
C GLY B 590 30.43 35.72 -25.15
N SER B 591 31.73 35.67 -24.87
CA SER B 591 32.56 34.48 -24.97
C SER B 591 32.18 33.53 -26.09
N PRO B 592 32.34 33.95 -27.37
CA PRO B 592 32.07 33.01 -28.43
C PRO B 592 33.09 31.83 -28.43
N LEU B 593 32.65 30.65 -28.86
CA LEU B 593 33.55 29.53 -29.08
C LEU B 593 34.45 29.82 -30.30
N VAL B 594 35.65 29.25 -30.32
CA VAL B 594 36.47 29.20 -31.54
C VAL B 594 36.06 27.98 -32.37
N LYS B 595 35.26 28.22 -33.39
CA LYS B 595 34.75 27.17 -34.25
C LYS B 595 35.44 27.05 -35.62
N ASP B 596 36.44 27.89 -35.85
CA ASP B 596 37.16 27.93 -37.12
C ASP B 596 38.64 27.83 -36.87
N ALA B 597 39.35 27.22 -37.84
CA ALA B 597 40.79 27.12 -37.78
C ALA B 597 41.34 28.51 -37.99
N ASN B 598 41.44 29.27 -36.90
CA ASN B 598 41.70 30.71 -37.00
C ASN B 598 43.18 31.12 -37.04
N ASN B 599 44.08 30.15 -37.25
CA ASN B 599 45.53 30.42 -37.23
C ASN B 599 46.23 29.70 -38.35
N GLY B 600 45.59 29.73 -39.53
CA GLY B 600 46.07 29.03 -40.67
C GLY B 600 45.98 27.53 -40.47
N ASN B 601 47.07 26.84 -40.82
CA ASN B 601 47.21 25.42 -40.56
C ASN B 601 47.91 25.18 -39.21
N GLY B 602 48.11 26.24 -38.43
CA GLY B 602 48.62 26.10 -37.05
C GLY B 602 47.51 25.80 -36.02
N ALA B 603 47.93 25.76 -34.76
CA ALA B 603 47.01 25.54 -33.66
C ALA B 603 46.04 26.74 -33.51
N PRO B 604 44.72 26.49 -33.56
CA PRO B 604 43.81 27.61 -33.34
C PRO B 604 44.00 28.25 -31.97
N GLN B 605 43.70 29.53 -31.86
CA GLN B 605 44.04 30.33 -30.72
C GLN B 605 42.75 30.88 -30.16
N SER B 606 42.59 30.79 -28.84
CA SER B 606 41.40 31.25 -28.13
C SER B 606 41.91 32.10 -27.00
N ASP B 607 41.72 33.42 -27.15
CA ASP B 607 42.21 34.39 -26.17
C ASP B 607 41.13 34.68 -25.16
N PHE B 608 41.49 34.65 -23.89
CA PHE B 608 40.53 34.82 -22.85
C PHE B 608 40.53 36.27 -22.42
N THR B 609 40.09 37.10 -23.35
CA THR B 609 40.10 38.56 -23.20
C THR B 609 38.98 39.07 -22.27
N GLN B 610 37.92 38.26 -22.07
CA GLN B 610 36.91 38.56 -21.08
C GLN B 610 37.42 38.55 -19.62
N GLY B 611 38.59 37.96 -19.36
CA GLY B 611 39.17 37.93 -18.06
C GLY B 611 38.23 37.21 -17.11
N VAL B 612 38.01 37.79 -15.94
CA VAL B 612 37.08 37.20 -14.94
C VAL B 612 35.62 37.36 -15.30
N PHE B 613 35.31 38.11 -16.37
CA PHE B 613 33.95 38.46 -16.71
C PHE B 613 33.31 37.41 -17.57
N ILE B 614 32.96 36.28 -16.94
CA ILE B 614 32.13 35.28 -17.60
C ILE B 614 30.79 35.17 -16.88
N ASP B 615 29.84 34.50 -17.54
CA ASP B 615 28.47 34.30 -17.04
C ASP B 615 27.96 35.60 -16.38
N TYR B 616 27.44 35.57 -15.15
CA TYR B 616 26.82 36.76 -14.56
C TYR B 616 27.78 37.95 -14.47
N ARG B 617 29.09 37.70 -14.34
CA ARG B 617 30.03 38.85 -14.28
C ARG B 617 30.02 39.64 -15.62
N HIS B 618 29.86 38.92 -16.74
CA HIS B 618 29.76 39.54 -18.05
C HIS B 618 28.45 40.34 -18.19
N PHE B 619 27.33 39.72 -17.86
CA PHE B 619 26.02 40.36 -17.84
C PHE B 619 26.05 41.64 -17.03
N ASP B 620 26.68 41.58 -15.87
CA ASP B 620 26.70 42.72 -15.00
C ASP B 620 27.54 43.82 -15.63
N LYS B 621 28.72 43.49 -16.14
CA LYS B 621 29.60 44.50 -16.71
C LYS B 621 28.97 45.18 -17.93
N PHE B 622 28.36 44.40 -18.82
CA PHE B 622 27.81 44.95 -20.06
C PHE B 622 26.37 45.44 -19.89
N ASN B 623 25.89 45.59 -18.66
CA ASN B 623 24.48 45.91 -18.39
C ASN B 623 23.46 45.10 -19.23
N GLU B 624 23.68 43.80 -19.41
CA GLU B 624 22.71 42.92 -20.06
C GLU B 624 21.78 42.43 -18.96
N THR B 625 20.47 42.54 -19.17
CA THR B 625 19.51 42.05 -18.19
C THR B 625 19.16 40.58 -18.50
N PRO B 626 19.47 39.65 -17.57
CA PRO B 626 19.07 38.26 -17.78
C PRO B 626 17.57 38.13 -17.70
N ILE B 627 17.02 37.17 -18.42
CA ILE B 627 15.64 36.73 -18.15
C ILE B 627 15.57 36.17 -16.74
N TYR B 628 16.48 35.24 -16.43
CA TYR B 628 16.63 34.65 -15.06
C TYR B 628 18.11 34.68 -14.71
N GLU B 629 18.44 35.29 -13.58
CA GLU B 629 19.82 35.58 -13.25
C GLU B 629 20.47 34.43 -12.50
N PHE B 630 21.81 34.47 -12.48
CA PHE B 630 22.57 33.52 -11.66
C PHE B 630 22.05 33.62 -10.24
N GLY B 631 21.76 32.46 -9.65
CA GLY B 631 21.38 32.39 -8.26
C GLY B 631 19.88 32.51 -8.00
N TYR B 632 19.11 32.57 -9.07
CA TYR B 632 17.68 32.77 -8.96
C TYR B 632 16.90 31.44 -8.97
N GLY B 633 15.86 31.38 -8.14
CA GLY B 633 14.87 30.32 -8.23
C GLY B 633 13.74 30.62 -7.27
N LEU B 634 12.60 30.01 -7.55
CA LEU B 634 11.37 30.24 -6.80
C LEU B 634 11.12 29.04 -5.89
N SER B 635 10.01 29.08 -5.21
CA SER B 635 9.66 28.07 -4.26
C SER B 635 8.15 28.08 -4.13
N TYR B 636 7.56 27.06 -3.51
CA TYR B 636 6.13 27.11 -3.20
C TYR B 636 5.84 27.97 -1.95
N THR B 637 6.86 28.55 -1.33
CA THR B 637 6.68 29.51 -0.24
C THR B 637 7.45 30.79 -0.56
N THR B 638 7.52 31.70 0.41
CA THR B 638 8.28 32.98 0.28
C THR B 638 9.19 33.14 1.44
N PHE B 639 10.26 33.89 1.24
CA PHE B 639 11.25 34.12 2.29
C PHE B 639 11.62 35.59 2.33
N GLU B 640 12.09 36.02 3.50
CA GLU B 640 12.62 37.38 3.68
C GLU B 640 13.93 37.32 4.39
N LEU B 641 14.84 38.15 3.94
CA LEU B 641 16.13 38.29 4.59
C LEU B 641 16.19 39.63 5.33
N SER B 642 16.74 39.65 6.54
CA SER B 642 16.84 40.90 7.27
C SER B 642 17.98 40.89 8.27
N ASP B 643 18.30 42.07 8.84
CA ASP B 643 19.21 42.19 9.97
C ASP B 643 20.62 41.68 9.66
N LEU B 644 21.20 42.25 8.63
CA LEU B 644 22.59 41.95 8.29
C LEU B 644 23.53 42.51 9.33
N HIS B 645 24.36 41.66 9.96
CA HIS B 645 25.47 42.15 10.81
C HIS B 645 26.85 41.61 10.38
N VAL B 646 27.86 42.45 10.58
CA VAL B 646 29.27 42.20 10.20
C VAL B 646 30.17 42.41 11.39
N GLN B 647 30.92 41.38 11.74
CA GLN B 647 31.84 41.43 12.86
C GLN B 647 33.27 41.26 12.36
N PRO B 648 34.12 42.32 12.50
CA PRO B 648 35.54 42.14 12.24
C PRO B 648 36.20 41.21 13.24
N LEU B 649 37.08 40.33 12.72
CA LEU B 649 37.70 39.28 13.53
C LEU B 649 39.16 39.59 13.69
N ASN B 650 39.73 39.01 14.76
CA ASN B 650 41.08 39.34 15.24
C ASN B 650 41.97 38.34 14.57
N ALA B 651 42.36 38.65 13.34
CA ALA B 651 43.01 37.69 12.45
C ALA B 651 44.53 37.87 12.41
N SER B 652 45.24 36.77 12.21
CA SER B 652 46.69 36.85 12.02
C SER B 652 46.98 37.42 10.66
N ARG B 653 48.08 38.15 10.59
CA ARG B 653 48.51 38.82 9.36
C ARG B 653 48.87 37.81 8.26
N TYR B 654 48.87 38.26 7.02
CA TYR B 654 49.30 37.44 5.94
C TYR B 654 50.80 37.55 5.91
N THR B 655 51.48 36.41 5.82
CA THR B 655 52.95 36.37 5.72
C THR B 655 53.27 35.71 4.41
N PRO B 656 53.85 36.48 3.47
CA PRO B 656 54.26 35.84 2.20
C PRO B 656 55.30 34.77 2.48
N THR B 657 55.14 33.61 1.86
CA THR B 657 56.02 32.48 2.15
C THR B 657 57.41 32.76 1.55
N SER B 658 58.45 32.37 2.28
CA SER B 658 59.85 32.54 1.85
C SER B 658 60.62 31.26 2.12
N GLY B 659 61.93 31.30 1.88
CA GLY B 659 62.79 30.15 2.22
C GLY B 659 62.86 29.17 1.07
N MET B 660 63.34 27.98 1.38
CA MET B 660 63.78 27.01 0.38
C MET B 660 63.10 25.67 0.65
N THR B 661 62.88 24.88 -0.40
CA THR B 661 62.50 23.48 -0.24
C THR B 661 63.72 22.67 0.20
N GLU B 662 63.50 21.37 0.44
CA GLU B 662 64.61 20.42 0.52
C GLU B 662 65.12 20.19 -0.89
N ALA B 663 66.34 19.65 -0.98
CA ALA B 663 66.87 19.14 -2.25
C ALA B 663 66.18 17.81 -2.57
N ALA B 664 66.09 17.49 -3.86
CA ALA B 664 65.50 16.22 -4.31
C ALA B 664 66.25 15.01 -3.75
N LYS B 665 65.55 13.90 -3.55
CA LYS B 665 66.15 12.66 -3.09
C LYS B 665 65.91 11.54 -4.06
N ASN B 666 66.89 10.64 -4.15
CA ASN B 666 66.71 9.36 -4.83
C ASN B 666 66.26 8.35 -3.81
N PHE B 667 65.25 7.56 -4.17
CA PHE B 667 64.72 6.54 -3.30
C PHE B 667 64.92 5.20 -4.02
N GLY B 668 65.75 4.33 -3.43
CA GLY B 668 66.19 3.09 -4.08
C GLY B 668 67.42 3.31 -4.97
N GLU B 669 67.87 2.24 -5.63
CA GLU B 669 69.07 2.26 -6.46
C GLU B 669 68.72 1.86 -7.86
N ILE B 670 69.48 2.37 -8.84
CA ILE B 670 69.38 1.88 -10.21
C ILE B 670 70.69 1.21 -10.61
N GLY B 671 70.61 -0.02 -11.14
CA GLY B 671 71.81 -0.74 -11.58
C GLY B 671 72.12 -0.58 -13.06
N ASP B 672 72.65 -1.66 -13.63
CA ASP B 672 73.03 -1.74 -15.05
C ASP B 672 71.81 -1.96 -15.94
N ALA B 673 71.86 -1.40 -17.14
CA ALA B 673 70.85 -1.60 -18.15
C ALA B 673 70.37 -3.06 -18.21
N SER B 674 71.31 -4.02 -18.11
CA SER B 674 70.97 -5.46 -18.22
C SER B 674 69.95 -5.97 -17.21
N GLU B 675 69.86 -5.31 -16.06
CA GLU B 675 68.88 -5.68 -15.02
C GLU B 675 67.44 -5.46 -15.48
N TYR B 676 67.24 -4.54 -16.45
CA TYR B 676 65.92 -4.12 -16.88
C TYR B 676 65.52 -4.59 -18.27
N VAL B 677 66.29 -5.52 -18.84
CA VAL B 677 65.87 -6.21 -20.09
C VAL B 677 64.69 -7.13 -19.77
N TYR B 678 63.81 -7.37 -20.76
CA TYR B 678 62.68 -8.30 -20.60
C TYR B 678 63.16 -9.64 -20.00
N PRO B 679 62.40 -10.22 -19.04
CA PRO B 679 62.77 -11.55 -18.58
C PRO B 679 62.55 -12.60 -19.63
N GLU B 680 63.41 -13.61 -19.65
N GLU B 680 63.37 -13.65 -19.56
CA GLU B 680 63.42 -14.61 -20.73
CA GLU B 680 63.26 -14.83 -20.38
C GLU B 680 62.07 -15.31 -21.00
C GLU B 680 61.99 -15.55 -19.97
N GLY B 681 61.40 -15.77 -19.94
N GLY B 681 61.20 -15.83 -20.98
CA GLY B 681 60.20 -16.61 -20.08
CA GLY B 681 60.03 -16.63 -20.77
C GLY B 681 58.84 -15.91 -20.17
C GLY B 681 58.78 -15.91 -20.35
N LEU B 682 58.82 -14.57 -20.19
CA LEU B 682 57.59 -13.76 -20.09
C LEU B 682 56.99 -13.74 -21.49
N GLU B 683 55.77 -14.27 -21.62
CA GLU B 683 55.06 -14.20 -22.85
C GLU B 683 54.57 -12.75 -23.01
N ARG B 684 55.08 -12.06 -24.01
CA ARG B 684 54.65 -10.72 -24.30
C ARG B 684 53.32 -10.67 -25.03
N ILE B 685 52.33 -10.01 -24.40
CA ILE B 685 51.03 -9.81 -25.01
C ILE B 685 51.19 -8.68 -26.03
N HIS B 686 50.64 -8.88 -27.23
CA HIS B 686 50.70 -7.86 -28.26
C HIS B 686 49.95 -6.62 -27.81
N GLU B 687 50.51 -5.47 -28.18
CA GLU B 687 50.00 -4.14 -27.87
C GLU B 687 50.13 -3.74 -26.39
N PHE B 688 50.53 -4.65 -25.51
CA PHE B 688 50.64 -4.41 -24.06
C PHE B 688 51.87 -3.63 -23.81
N ILE B 689 51.75 -2.65 -22.91
CA ILE B 689 52.85 -1.72 -22.60
C ILE B 689 53.53 -2.16 -21.32
N TYR B 690 54.80 -2.55 -21.47
CA TYR B 690 55.61 -3.13 -20.36
C TYR B 690 56.68 -2.11 -20.04
N PRO B 691 57.33 -2.22 -18.86
CA PRO B 691 58.37 -1.25 -18.47
C PRO B 691 59.80 -1.62 -18.97
N TRP B 692 59.94 -2.87 -19.43
CA TRP B 692 61.20 -3.50 -19.79
C TRP B 692 61.74 -3.01 -21.16
N ILE B 693 63.06 -3.09 -21.30
CA ILE B 693 63.74 -2.72 -22.57
C ILE B 693 64.12 -4.00 -23.38
N ASN B 694 64.06 -3.91 -24.72
CA ASN B 694 64.40 -5.05 -25.57
C ASN B 694 65.83 -5.54 -25.35
N SER B 695 66.76 -4.61 -25.20
CA SER B 695 68.20 -4.93 -25.00
C SER B 695 68.90 -3.80 -24.27
N THR B 696 70.16 -4.01 -23.93
CA THR B 696 70.97 -2.94 -23.33
C THR B 696 71.39 -1.86 -24.31
N ASP B 697 71.06 -2.02 -25.59
CA ASP B 697 71.17 -0.90 -26.54
C ASP B 697 69.99 0.06 -26.28
N LEU B 698 70.27 1.20 -25.66
CA LEU B 698 69.23 2.15 -25.26
C LEU B 698 68.57 2.81 -26.47
N LYS B 699 69.37 3.29 -27.44
CA LYS B 699 68.82 3.94 -28.63
C LYS B 699 67.85 3.03 -29.35
N ALA B 700 68.26 1.77 -29.53
CA ALA B 700 67.45 0.81 -30.23
C ALA B 700 66.21 0.45 -29.42
N SER B 701 66.37 0.36 -28.11
CA SER B 701 65.25 0.04 -27.23
C SER B 701 64.13 1.11 -27.21
N SER B 702 64.52 2.38 -27.40
CA SER B 702 63.61 3.52 -27.54
C SER B 702 62.98 3.60 -28.90
N ASP B 703 63.82 3.56 -29.95
CA ASP B 703 63.36 3.60 -31.35
C ASP B 703 62.85 5.00 -31.75
N ASP B 704 63.12 6.00 -30.93
CA ASP B 704 62.71 7.35 -31.24
C ASP B 704 63.67 7.85 -32.32
N SER B 705 63.15 8.19 -33.48
CA SER B 705 63.99 8.67 -34.59
C SER B 705 64.75 9.95 -34.32
N ASN B 706 64.40 10.72 -33.30
CA ASN B 706 65.26 11.85 -32.84
C ASN B 706 66.02 11.58 -31.55
N TYR B 707 66.20 10.31 -31.22
CA TYR B 707 66.92 9.94 -29.99
C TYR B 707 68.33 10.51 -29.90
N GLY B 708 68.72 10.95 -28.72
CA GLY B 708 70.11 11.10 -28.40
C GLY B 708 70.73 12.47 -28.44
N TRP B 709 69.93 13.54 -28.59
CA TRP B 709 70.49 14.92 -28.55
C TRP B 709 71.00 15.27 -27.16
N GLU B 710 71.88 16.26 -27.10
CA GLU B 710 72.33 16.85 -25.85
C GLU B 710 71.13 17.59 -25.24
N ASP B 711 71.06 17.61 -23.91
CA ASP B 711 69.92 18.20 -23.16
C ASP B 711 69.54 19.63 -23.60
N SER B 712 70.55 20.50 -23.68
CA SER B 712 70.34 21.92 -24.03
CA SER B 712 70.34 21.92 -24.03
C SER B 712 69.69 22.17 -25.38
N LYS B 713 69.70 21.17 -26.25
CA LYS B 713 69.02 21.29 -27.54
C LYS B 713 67.47 21.24 -27.43
N TYR B 714 66.91 20.55 -26.41
CA TYR B 714 65.46 20.33 -26.35
C TYR B 714 64.82 20.30 -24.94
N ILE B 715 65.56 20.71 -23.92
CA ILE B 715 65.16 20.66 -22.54
C ILE B 715 65.49 22.00 -21.93
N PRO B 716 64.49 22.67 -21.29
CA PRO B 716 64.77 23.99 -20.73
C PRO B 716 65.74 23.94 -19.58
N GLU B 717 66.33 25.09 -19.27
CA GLU B 717 67.24 25.22 -18.17
C GLU B 717 66.52 24.84 -16.88
N GLY B 718 67.24 24.20 -15.96
CA GLY B 718 66.70 23.89 -14.65
C GLY B 718 65.85 22.63 -14.58
N ALA B 719 65.46 22.07 -15.74
CA ALA B 719 64.59 20.90 -15.76
C ALA B 719 65.13 19.65 -15.08
N THR B 720 66.46 19.55 -14.96
CA THR B 720 67.10 18.44 -14.25
C THR B 720 67.86 18.93 -13.01
N ASP B 721 67.56 20.15 -12.56
CA ASP B 721 68.17 20.71 -11.33
C ASP B 721 67.48 20.16 -10.06
N GLY B 722 68.19 19.35 -9.28
CA GLY B 722 67.63 18.74 -8.08
C GLY B 722 67.95 19.47 -6.79
N SER B 723 68.49 20.69 -6.87
CA SER B 723 68.84 21.42 -5.66
C SER B 723 67.61 22.02 -4.98
N ALA B 724 67.75 22.33 -3.70
CA ALA B 724 66.77 23.11 -2.95
C ALA B 724 66.30 24.29 -3.83
N GLN B 725 64.97 24.49 -3.94
CA GLN B 725 64.39 25.57 -4.72
C GLN B 725 63.71 26.60 -3.82
N PRO B 726 63.58 27.84 -4.30
CA PRO B 726 62.85 28.86 -3.54
C PRO B 726 61.36 28.54 -3.43
N ARG B 727 60.76 28.85 -2.29
CA ARG B 727 59.31 28.71 -2.14
C ARG B 727 58.60 29.92 -2.69
N LEU B 728 57.47 29.72 -3.37
CA LEU B 728 56.76 30.82 -3.95
C LEU B 728 55.98 31.56 -2.85
N PRO B 729 55.81 32.90 -3.00
CA PRO B 729 55.15 33.69 -1.95
C PRO B 729 53.72 33.26 -1.63
N ALA B 730 52.97 32.89 -2.66
CA ALA B 730 51.58 32.42 -2.50
C ALA B 730 51.44 30.92 -2.14
N SER B 731 52.57 30.24 -1.96
CA SER B 731 52.59 28.86 -1.46
C SER B 731 52.57 28.84 0.07
N GLY B 732 52.65 27.65 0.63
CA GLY B 732 52.83 27.44 2.05
C GLY B 732 51.92 26.39 2.65
N GLY B 733 50.94 25.91 1.92
CA GLY B 733 50.03 24.86 2.42
C GLY B 733 49.16 24.33 1.29
N ALA B 734 48.27 23.38 1.61
CA ALA B 734 47.40 22.78 0.58
C ALA B 734 46.42 23.81 0.10
N GLY B 735 46.51 24.14 -1.17
CA GLY B 735 45.67 25.16 -1.78
C GLY B 735 46.22 26.56 -1.65
N GLY B 736 47.50 26.66 -1.27
CA GLY B 736 48.17 27.92 -1.18
C GLY B 736 48.49 28.30 0.25
N ASN B 737 49.12 29.47 0.36
CA ASN B 737 49.51 30.10 1.64
C ASN B 737 48.34 29.98 2.67
N PRO B 738 48.61 29.42 3.87
CA PRO B 738 47.48 29.21 4.82
C PRO B 738 46.85 30.51 5.31
N GLY B 739 47.58 31.63 5.19
CA GLY B 739 47.03 32.96 5.43
C GLY B 739 45.85 33.34 4.58
N LEU B 740 45.71 32.71 3.42
CA LEU B 740 44.54 32.94 2.59
C LEU B 740 43.23 32.49 3.28
N TYR B 741 43.34 31.50 4.17
CA TYR B 741 42.16 30.83 4.73
C TYR B 741 41.89 31.27 6.14
N GLU B 742 42.54 32.36 6.54
CA GLU B 742 42.26 33.03 7.80
C GLU B 742 40.92 33.78 7.65
N ASP B 743 40.04 33.63 8.63
CA ASP B 743 38.77 34.36 8.71
C ASP B 743 38.99 35.84 9.08
N LEU B 744 38.53 36.74 8.24
CA LEU B 744 38.60 38.18 8.52
C LEU B 744 37.27 38.81 9.05
N PHE B 745 36.12 38.30 8.62
CA PHE B 745 34.82 38.80 9.03
C PHE B 745 33.87 37.64 9.25
N ARG B 746 33.05 37.79 10.27
CA ARG B 746 31.88 36.97 10.49
CA ARG B 746 31.87 36.97 10.50
C ARG B 746 30.66 37.77 10.06
N VAL B 747 29.83 37.18 9.18
CA VAL B 747 28.69 37.84 8.60
C VAL B 747 27.44 37.01 8.96
N SER B 748 26.43 37.66 9.51
CA SER B 748 25.17 36.97 9.86
C SER B 748 23.97 37.71 9.26
N VAL B 749 22.94 36.96 8.94
CA VAL B 749 21.69 37.50 8.42
C VAL B 749 20.53 36.60 8.87
N LYS B 750 19.35 37.17 9.05
CA LYS B 750 18.16 36.42 9.44
C LYS B 750 17.40 36.04 8.18
N VAL B 751 16.89 34.81 8.16
CA VAL B 751 16.12 34.32 7.03
C VAL B 751 14.79 33.85 7.62
N LYS B 752 13.68 34.25 7.01
CA LYS B 752 12.36 33.86 7.51
C LYS B 752 11.48 33.29 6.40
N ASN B 753 10.81 32.18 6.67
CA ASN B 753 9.78 31.62 5.77
C ASN B 753 8.48 32.36 6.05
N THR B 754 8.12 33.25 5.13
CA THR B 754 6.94 34.11 5.27
C THR B 754 5.69 33.57 4.59
N GLY B 755 5.73 32.34 4.10
CA GLY B 755 4.59 31.73 3.40
C GLY B 755 4.02 30.57 4.16
N ASN B 756 3.31 29.69 3.44
CA ASN B 756 2.49 28.66 4.07
C ASN B 756 2.98 27.23 3.92
N VAL B 757 4.12 27.04 3.25
CA VAL B 757 4.69 25.71 3.07
C VAL B 757 6.13 25.70 3.54
N ALA B 758 6.52 24.59 4.18
CA ALA B 758 7.91 24.33 4.52
C ALA B 758 8.77 24.34 3.24
N GLY B 759 9.97 24.87 3.32
CA GLY B 759 10.86 24.91 2.15
C GLY B 759 12.26 25.39 2.43
N ASP B 760 13.10 25.35 1.38
CA ASP B 760 14.48 25.75 1.50
C ASP B 760 14.68 27.10 0.85
N GLU B 761 15.51 27.93 1.44
CA GLU B 761 16.03 29.12 0.80
C GLU B 761 17.54 28.97 0.68
N VAL B 762 18.11 29.64 -0.32
CA VAL B 762 19.56 29.71 -0.53
C VAL B 762 20.02 31.16 -0.43
N PRO B 763 20.25 31.66 0.81
CA PRO B 763 20.84 32.96 0.93
C PRO B 763 22.26 32.95 0.40
N GLN B 764 22.67 34.08 -0.19
CA GLN B 764 23.90 34.23 -0.92
C GLN B 764 24.60 35.54 -0.49
N LEU B 765 25.92 35.48 -0.30
CA LEU B 765 26.74 36.62 0.05
C LEU B 765 27.66 36.87 -1.12
N TYR B 766 27.58 38.08 -1.69
CA TYR B 766 28.39 38.54 -2.81
C TYR B 766 29.30 39.63 -2.31
N VAL B 767 30.48 39.77 -2.90
CA VAL B 767 31.35 40.90 -2.58
C VAL B 767 31.74 41.72 -3.79
N SER B 768 31.92 43.01 -3.53
CA SER B 768 32.52 43.96 -4.46
C SER B 768 33.92 44.17 -3.96
N LEU B 769 34.89 43.67 -4.70
CA LEU B 769 36.30 43.78 -4.29
C LEU B 769 36.89 45.19 -4.47
N GLY B 770 36.26 45.98 -5.32
CA GLY B 770 36.62 47.38 -5.48
C GLY B 770 37.81 47.58 -6.41
N GLY B 771 38.00 48.83 -6.81
CA GLY B 771 38.99 49.14 -7.77
C GLY B 771 38.40 49.07 -9.16
N PRO B 772 39.13 49.59 -10.15
CA PRO B 772 38.63 49.55 -11.50
C PRO B 772 38.86 48.18 -12.16
N ASN B 773 38.01 47.89 -13.14
CA ASN B 773 37.98 46.61 -13.84
CA ASN B 773 37.93 46.61 -13.84
C ASN B 773 37.77 45.35 -12.96
N GLU B 774 37.23 45.54 -11.75
CA GLU B 774 36.76 44.45 -10.91
C GLU B 774 35.27 44.29 -11.06
N PRO B 775 34.76 43.06 -10.97
CA PRO B 775 33.32 42.92 -11.15
C PRO B 775 32.57 43.64 -10.05
N LYS B 776 31.39 44.15 -10.41
CA LYS B 776 30.50 44.77 -9.43
C LYS B 776 30.30 43.81 -8.21
N VAL B 777 29.97 42.56 -8.51
CA VAL B 777 29.84 41.53 -7.50
C VAL B 777 30.41 40.19 -7.97
N VAL B 778 30.95 39.44 -7.01
CA VAL B 778 31.32 38.05 -7.20
C VAL B 778 30.79 37.25 -6.00
N LEU B 779 30.25 36.05 -6.26
CA LEU B 779 29.75 35.20 -5.16
C LEU B 779 30.88 34.76 -4.28
N ARG B 780 30.65 34.77 -2.97
CA ARG B 780 31.61 34.24 -2.04
C ARG B 780 31.08 33.17 -1.09
N LYS B 781 29.85 33.30 -0.56
CA LYS B 781 29.28 32.35 0.40
C LYS B 781 27.81 32.11 0.13
N PHE B 782 27.30 30.97 0.58
CA PHE B 782 25.95 30.56 0.33
C PHE B 782 25.65 29.37 1.27
N GLU B 783 24.38 29.05 1.41
CA GLU B 783 23.93 27.96 2.26
C GLU B 783 22.49 27.66 1.91
N ARG B 784 22.09 26.42 2.02
CA ARG B 784 20.73 26.03 1.76
C ARG B 784 20.15 25.72 3.11
N ILE B 785 19.07 26.44 3.47
CA ILE B 785 18.46 26.41 4.82
C ILE B 785 16.98 26.04 4.71
N HIS B 786 16.59 25.02 5.46
CA HIS B 786 15.21 24.55 5.46
C HIS B 786 14.44 25.25 6.60
N LEU B 787 13.26 25.78 6.28
CA LEU B 787 12.43 26.53 7.23
C LEU B 787 10.97 26.12 7.13
N ALA B 788 10.35 25.84 8.28
CA ALA B 788 8.92 25.67 8.37
C ALA B 788 8.25 27.00 8.15
N PRO B 789 6.95 26.99 7.76
CA PRO B 789 6.21 28.23 7.66
C PRO B 789 6.30 29.04 8.98
N SER B 790 6.57 30.34 8.84
CA SER B 790 6.82 31.28 9.98
C SER B 790 8.21 31.15 10.65
N GLN B 791 8.95 30.06 10.42
CA GLN B 791 10.24 29.86 11.05
C GLN B 791 11.30 30.87 10.59
N GLU B 792 12.13 31.25 11.52
CA GLU B 792 13.28 32.08 11.28
C GLU B 792 14.53 31.40 11.74
N ALA B 793 15.62 31.70 11.05
CA ALA B 793 16.93 31.22 11.45
C ALA B 793 17.93 32.29 11.04
N VAL B 794 18.97 32.43 11.82
CA VAL B 794 20.08 33.28 11.44
C VAL B 794 21.13 32.41 10.77
N TRP B 795 21.61 32.85 9.61
CA TRP B 795 22.71 32.22 8.91
C TRP B 795 23.97 32.98 9.20
N THR B 796 24.96 32.31 9.76
CA THR B 796 26.29 32.91 9.94
C THR B 796 27.33 32.24 9.03
N THR B 797 28.10 33.06 8.31
CA THR B 797 29.20 32.58 7.48
C THR B 797 30.42 33.40 7.82
N THR B 798 31.52 33.13 7.14
CA THR B 798 32.76 33.95 7.29
C THR B 798 33.27 34.37 5.94
N LEU B 799 34.05 35.45 5.95
CA LEU B 799 34.84 35.84 4.79
C LEU B 799 36.32 35.69 5.16
N THR B 800 37.02 34.91 4.31
CA THR B 800 38.43 34.67 4.45
C THR B 800 39.21 35.75 3.76
N ARG B 801 40.50 35.81 4.07
CA ARG B 801 41.41 36.71 3.33
C ARG B 801 41.32 36.49 1.83
N ARG B 802 41.33 35.23 1.43
CA ARG B 802 41.25 34.95 0.01
C ARG B 802 39.98 35.49 -0.64
N ASP B 803 38.86 35.38 0.09
CA ASP B 803 37.56 35.87 -0.40
C ASP B 803 37.64 37.36 -0.74
N LEU B 804 38.51 38.11 -0.05
CA LEU B 804 38.63 39.56 -0.23
C LEU B 804 39.88 40.01 -1.01
N ALA B 805 40.67 39.05 -1.52
CA ALA B 805 41.97 39.34 -2.14
C ALA B 805 41.93 39.38 -3.64
N ASN B 806 42.98 39.95 -4.20
CA ASN B 806 43.21 39.94 -5.65
C ASN B 806 44.60 39.43 -5.94
N TRP B 807 44.78 38.84 -7.10
CA TRP B 807 46.10 38.29 -7.48
C TRP B 807 46.92 39.46 -8.08
N ASP B 808 48.06 39.70 -7.49
CA ASP B 808 48.99 40.76 -7.87
C ASP B 808 50.10 40.11 -8.72
N VAL B 809 50.07 40.40 -10.00
CA VAL B 809 50.99 39.80 -10.93
C VAL B 809 52.48 40.19 -10.63
N SER B 810 52.71 41.38 -10.08
CA SER B 810 54.06 41.84 -9.76
C SER B 810 54.66 41.21 -8.55
N ALA B 811 53.88 41.11 -7.50
CA ALA B 811 54.35 40.42 -6.30
C ALA B 811 54.29 38.90 -6.46
N GLN B 812 53.56 38.41 -7.46
CA GLN B 812 53.21 36.99 -7.56
C GLN B 812 52.65 36.53 -6.23
N ASP B 813 51.64 37.25 -5.79
CA ASP B 813 51.00 36.97 -4.51
C ASP B 813 49.57 37.50 -4.49
N TRP B 814 48.82 36.98 -3.55
CA TRP B 814 47.45 37.42 -3.31
C TRP B 814 47.57 38.61 -2.41
N THR B 815 46.84 39.65 -2.74
CA THR B 815 46.85 40.85 -1.93
C THR B 815 45.43 41.35 -1.71
N VAL B 816 45.11 41.71 -0.49
CA VAL B 816 43.88 42.45 -0.23
C VAL B 816 44.17 43.93 -0.56
N THR B 817 43.56 44.43 -1.63
CA THR B 817 43.88 45.75 -2.15
C THR B 817 43.31 46.82 -1.22
N PRO B 818 43.88 48.05 -1.25
CA PRO B 818 43.33 49.15 -0.40
C PRO B 818 41.94 49.65 -0.82
N TYR B 819 41.48 49.32 -2.03
CA TYR B 819 40.12 49.68 -2.42
C TYR B 819 39.07 49.23 -1.41
N PRO B 820 38.08 50.08 -1.14
CA PRO B 820 37.04 49.65 -0.20
C PRO B 820 36.27 48.43 -0.72
N LYS B 821 35.96 47.50 0.17
CA LYS B 821 35.14 46.35 -0.19
C LYS B 821 33.74 46.54 0.39
N THR B 822 32.74 46.04 -0.33
CA THR B 822 31.34 46.07 0.08
C THR B 822 30.76 44.66 -0.06
N ILE B 823 29.90 44.25 0.88
CA ILE B 823 29.14 42.98 0.80
C ILE B 823 27.66 43.19 0.53
N TYR B 824 27.07 42.23 -0.18
CA TYR B 824 25.71 42.26 -0.60
C TYR B 824 25.14 40.89 -0.26
N VAL B 825 23.99 40.90 0.41
CA VAL B 825 23.34 39.67 0.82
C VAL B 825 21.91 39.66 0.29
N GLY B 826 21.50 38.49 -0.12
CA GLY B 826 20.22 38.32 -0.76
C GLY B 826 19.96 36.90 -1.18
N ASN B 827 19.09 36.70 -2.13
CA ASN B 827 18.82 35.34 -2.59
C ASN B 827 18.95 35.16 -4.10
N SER B 828 19.61 36.11 -4.77
CA SER B 828 20.09 35.91 -6.13
C SER B 828 21.18 36.93 -6.42
N SER B 829 21.85 36.82 -7.56
CA SER B 829 22.92 37.77 -7.88
C SER B 829 22.35 39.16 -8.18
N ARG B 830 21.03 39.27 -8.35
CA ARG B 830 20.37 40.57 -8.53
C ARG B 830 19.35 40.97 -7.47
N LYS B 831 19.08 40.10 -6.51
CA LYS B 831 18.09 40.35 -5.48
C LYS B 831 18.91 40.40 -4.21
N LEU B 832 19.49 41.57 -3.99
CA LEU B 832 20.46 41.80 -2.96
C LEU B 832 20.03 43.05 -2.17
N PRO B 833 18.96 42.93 -1.37
CA PRO B 833 18.45 44.10 -0.63
C PRO B 833 19.30 44.55 0.55
N LEU B 834 20.22 43.70 1.04
CA LEU B 834 21.04 44.03 2.20
C LEU B 834 22.50 44.22 1.78
N GLN B 835 23.16 45.20 2.41
CA GLN B 835 24.50 45.55 2.09
C GLN B 835 25.22 46.26 3.25
N ALA B 836 26.55 46.26 3.16
CA ALA B 836 27.39 46.85 4.18
C ALA B 836 28.80 47.05 3.60
N SER B 837 29.39 48.23 3.88
CA SER B 837 30.82 48.49 3.59
C SER B 837 31.62 47.80 4.67
N LEU B 838 32.68 47.12 4.26
CA LEU B 838 33.54 46.41 5.19
C LEU B 838 34.58 47.40 5.64
N PRO B 839 34.92 47.40 6.91
CA PRO B 839 36.12 48.14 7.29
C PRO B 839 37.40 47.45 6.76
N LYS B 840 38.51 48.15 6.77
CA LYS B 840 39.74 47.47 6.35
C LYS B 840 40.28 46.45 7.39
N ALA B 841 40.78 45.31 6.90
CA ALA B 841 41.17 44.17 7.75
C ALA B 841 42.62 44.33 8.20
N LEU C 4 -28.82 -54.03 34.26
CA LEU C 4 -27.74 -53.24 33.57
C LEU C 4 -27.53 -53.67 32.10
N ALA C 5 -27.32 -52.68 31.24
CA ALA C 5 -27.07 -52.96 29.81
C ALA C 5 -25.81 -53.80 29.70
N TYR C 6 -25.81 -54.73 28.76
CA TYR C 6 -24.78 -55.76 28.65
C TYR C 6 -24.16 -55.70 27.25
N SER C 7 -22.84 -55.75 27.18
CA SER C 7 -22.12 -55.75 25.91
C SER C 7 -21.65 -57.15 25.58
N PRO C 8 -22.32 -57.83 24.64
CA PRO C 8 -21.94 -59.24 24.43
C PRO C 8 -20.53 -59.44 23.89
N PRO C 9 -19.98 -60.66 24.07
CA PRO C 9 -18.61 -60.96 23.62
C PRO C 9 -18.51 -61.18 22.12
N PHE C 10 -17.46 -60.67 21.50
CA PHE C 10 -17.14 -60.99 20.10
C PHE C 10 -15.64 -61.23 20.02
N TYR C 11 -15.30 -62.49 19.76
CA TYR C 11 -13.92 -62.94 19.75
C TYR C 11 -13.73 -63.95 18.66
N PRO C 12 -12.52 -64.12 18.16
CA PRO C 12 -11.31 -63.42 18.53
C PRO C 12 -11.21 -62.02 17.90
N SER C 13 -10.19 -61.29 18.34
CA SER C 13 -9.87 -60.00 17.77
C SER C 13 -9.36 -60.15 16.36
N PRO C 14 -10.10 -59.62 15.35
CA PRO C 14 -9.69 -59.96 13.98
C PRO C 14 -8.28 -59.47 13.67
N TRP C 15 -7.56 -60.31 12.95
CA TRP C 15 -6.18 -59.99 12.57
C TRP C 15 -6.18 -59.30 11.21
N ALA C 16 -5.21 -58.42 11.00
CA ALA C 16 -5.03 -57.69 9.74
C ALA C 16 -4.89 -58.66 8.57
N ASP C 17 -5.27 -58.20 7.38
CA ASP C 17 -5.12 -59.02 6.18
C ASP C 17 -4.75 -58.27 4.92
N GLY C 18 -4.29 -57.02 5.03
CA GLY C 18 -3.91 -56.23 3.85
C GLY C 18 -5.01 -56.02 2.81
N GLN C 19 -6.27 -56.02 3.24
CA GLN C 19 -7.38 -55.78 2.35
C GLN C 19 -7.34 -54.37 1.72
N GLY C 20 -7.83 -54.31 0.48
CA GLY C 20 -7.95 -53.07 -0.25
C GLY C 20 -6.63 -52.37 -0.46
N GLU C 21 -6.59 -51.10 -0.11
CA GLU C 21 -5.39 -50.28 -0.30
C GLU C 21 -4.27 -50.56 0.75
N TRP C 22 -4.46 -51.55 1.62
CA TRP C 22 -3.47 -51.81 2.67
C TRP C 22 -2.54 -52.95 2.28
N ALA C 23 -2.74 -53.51 1.08
CA ALA C 23 -2.01 -54.71 0.69
C ALA C 23 -0.52 -54.63 0.77
N GLU C 24 0.07 -53.57 0.24
CA GLU C 24 1.51 -53.48 0.21
C GLU C 24 2.08 -53.15 1.57
N VAL C 25 1.44 -52.26 2.31
CA VAL C 25 1.97 -51.86 3.61
C VAL C 25 1.77 -52.99 4.65
N TYR C 26 0.70 -53.78 4.52
CA TYR C 26 0.55 -55.01 5.30
C TYR C 26 1.70 -56.00 5.04
N LYS C 27 2.02 -56.26 3.78
CA LYS C 27 3.17 -57.11 3.43
C LYS C 27 4.48 -56.59 4.08
N ARG C 28 4.73 -55.30 3.99
CA ARG C 28 5.95 -54.73 4.55
C ARG C 28 5.93 -54.75 6.05
N ALA C 29 4.76 -54.57 6.64
CA ALA C 29 4.63 -54.60 8.08
C ALA C 29 4.94 -55.99 8.65
N VAL C 30 4.31 -57.00 8.06
CA VAL C 30 4.59 -58.40 8.38
C VAL C 30 6.09 -58.71 8.26
N ASP C 31 6.72 -58.24 7.16
CA ASP C 31 8.13 -58.50 6.97
C ASP C 31 9.02 -57.97 8.06
N ILE C 32 8.82 -56.72 8.45
CA ILE C 32 9.62 -56.15 9.56
C ILE C 32 9.26 -56.69 10.95
N VAL C 33 7.95 -56.90 11.22
CA VAL C 33 7.52 -57.48 12.51
C VAL C 33 8.02 -58.93 12.67
N SER C 34 8.13 -59.66 11.56
CA SER C 34 8.74 -60.99 11.55
C SER C 34 10.20 -61.03 12.03
N GLN C 35 10.90 -59.92 11.94
CA GLN C 35 12.29 -59.81 12.41
C GLN C 35 12.38 -59.39 13.84
N MET C 36 11.25 -59.04 14.46
CA MET C 36 11.31 -58.44 15.80
C MET C 36 11.32 -59.50 16.90
N THR C 37 11.97 -59.19 18.02
CA THR C 37 11.87 -60.01 19.22
C THR C 37 10.56 -59.62 19.94
N LEU C 38 10.11 -60.44 20.90
CA LEU C 38 8.86 -60.14 21.63
C LEU C 38 8.86 -58.79 22.31
N THR C 39 9.96 -58.46 22.94
CA THR C 39 10.08 -57.16 23.60
C THR C 39 10.16 -55.92 22.65
N GLU C 40 10.67 -56.10 21.45
CA GLU C 40 10.66 -55.03 20.46
C GLU C 40 9.21 -54.75 20.04
N LYS C 41 8.44 -55.82 19.84
CA LYS C 41 7.03 -55.71 19.50
C LYS C 41 6.26 -55.02 20.63
N VAL C 42 6.51 -55.44 21.88
CA VAL C 42 5.85 -54.85 23.01
C VAL C 42 6.16 -53.36 23.12
N ASN C 43 7.36 -53.00 22.73
CA ASN C 43 7.78 -51.59 22.76
C ASN C 43 6.87 -50.68 21.88
N LEU C 44 6.49 -51.17 20.70
CA LEU C 44 5.62 -50.40 19.79
C LEU C 44 4.21 -50.23 20.39
N THR C 45 3.77 -51.24 21.18
CA THR C 45 2.43 -51.26 21.75
C THR C 45 2.23 -50.38 22.99
N THR C 46 3.29 -49.89 23.59
CA THR C 46 3.18 -49.32 24.92
C THR C 46 3.93 -48.05 24.99
N GLY C 47 3.24 -47.01 25.44
CA GLY C 47 3.91 -45.74 25.62
C GLY C 47 4.91 -45.83 26.76
N THR C 48 5.83 -44.86 26.81
CA THR C 48 6.92 -44.88 27.73
C THR C 48 6.67 -44.07 29.00
N GLY C 49 5.44 -43.57 29.19
CA GLY C 49 5.01 -42.94 30.43
C GLY C 49 4.86 -41.44 30.33
N TRP C 50 3.92 -40.94 31.13
CA TRP C 50 3.51 -39.53 31.06
C TRP C 50 4.65 -38.57 31.32
N GLN C 51 4.91 -37.67 30.37
CA GLN C 51 5.93 -36.61 30.55
C GLN C 51 7.40 -37.09 30.58
N LEU C 52 7.63 -38.26 30.02
CA LEU C 52 8.97 -38.86 30.04
C LEU C 52 9.79 -38.64 28.80
N GLU C 53 9.13 -38.33 27.66
CA GLU C 53 9.85 -37.99 26.44
C GLU C 53 9.29 -36.65 25.90
N ARG C 54 9.17 -36.48 24.60
CA ARG C 54 8.88 -35.13 24.03
C ARG C 54 7.38 -34.91 23.82
N CYS C 55 6.72 -35.94 23.30
CA CYS C 55 5.33 -35.83 22.82
C CYS C 55 4.36 -36.33 23.87
N VAL C 56 3.10 -35.96 23.73
CA VAL C 56 2.13 -36.31 24.74
C VAL C 56 1.97 -37.84 24.81
N GLY C 57 2.25 -38.54 23.70
CA GLY C 57 2.41 -40.02 23.69
C GLY C 57 3.68 -40.35 22.93
N GLN C 58 4.46 -41.33 23.39
CA GLN C 58 5.61 -41.87 22.64
C GLN C 58 5.73 -43.31 22.88
N THR C 59 5.86 -44.11 21.84
CA THR C 59 5.99 -45.54 22.01
C THR C 59 7.45 -45.83 22.35
N GLY C 60 7.74 -47.07 22.69
CA GLY C 60 9.11 -47.55 22.70
C GLY C 60 9.61 -47.60 21.28
N SER C 61 10.94 -47.71 21.15
CA SER C 61 11.61 -47.79 19.88
C SER C 61 12.04 -49.25 19.54
N VAL C 62 12.51 -49.46 18.33
CA VAL C 62 13.13 -50.69 17.93
C VAL C 62 14.46 -50.29 17.29
N PRO C 63 15.42 -49.81 18.12
CA PRO C 63 16.71 -49.37 17.58
C PRO C 63 17.50 -50.42 16.76
N ARG C 64 17.44 -51.68 17.12
CA ARG C 64 18.09 -52.74 16.33
C ARG C 64 17.68 -52.72 14.86
N LEU C 65 16.40 -52.42 14.58
CA LEU C 65 15.88 -52.34 13.22
C LEU C 65 15.69 -50.91 12.64
N ASN C 66 16.29 -49.92 13.28
CA ASN C 66 16.18 -48.53 12.87
C ASN C 66 14.73 -48.03 12.79
N ILE C 67 13.92 -48.44 13.77
CA ILE C 67 12.60 -47.90 13.91
C ILE C 67 12.62 -46.98 15.14
N PRO C 68 12.51 -45.66 14.91
CA PRO C 68 12.40 -44.77 16.03
C PRO C 68 11.02 -44.86 16.72
N SER C 69 10.97 -44.27 17.91
CA SER C 69 9.76 -44.11 18.66
C SER C 69 8.71 -43.34 17.82
N LEU C 70 7.44 -43.78 17.88
CA LEU C 70 6.33 -43.03 17.31
C LEU C 70 5.97 -41.93 18.28
N CYS C 71 6.02 -40.68 17.79
CA CYS C 71 5.59 -39.52 18.53
C CYS C 71 4.11 -39.18 18.19
N LEU C 72 3.26 -39.10 19.22
CA LEU C 72 1.79 -38.91 19.11
C LEU C 72 1.43 -37.59 19.78
N GLN C 73 0.75 -36.69 19.09
CA GLN C 73 0.51 -35.33 19.59
C GLN C 73 -0.91 -34.84 19.29
N ASP C 74 -1.55 -34.27 20.32
CA ASP C 74 -2.75 -33.43 20.18
C ASP C 74 -2.39 -32.21 19.28
N SER C 75 -3.36 -31.54 18.62
CA SER C 75 -4.81 -31.71 18.73
C SER C 75 -5.46 -31.76 17.36
N PRO C 76 -6.80 -31.95 17.32
CA PRO C 76 -7.52 -31.91 16.00
C PRO C 76 -7.52 -30.54 15.26
N LEU C 77 -7.08 -29.46 15.90
CA LEU C 77 -7.05 -28.13 15.31
C LEU C 77 -5.67 -27.47 15.34
N GLY C 78 -4.64 -28.26 15.57
CA GLY C 78 -3.28 -27.74 15.64
C GLY C 78 -2.42 -28.41 16.69
N ILE C 79 -1.13 -28.17 16.58
CA ILE C 79 -0.17 -28.87 17.44
C ILE C 79 -0.31 -28.31 18.85
N ARG C 80 -0.53 -29.21 19.80
CA ARG C 80 -0.59 -28.83 21.21
C ARG C 80 0.82 -28.71 21.83
N PHE C 81 0.97 -27.86 22.83
CA PHE C 81 2.13 -27.82 23.68
C PHE C 81 3.43 -27.56 22.89
N SER C 82 3.38 -26.61 21.98
CA SER C 82 4.52 -26.36 21.12
C SER C 82 4.63 -24.87 20.83
N ASP C 83 5.42 -24.52 19.83
CA ASP C 83 5.68 -23.12 19.48
C ASP C 83 5.85 -22.96 17.97
N TYR C 84 5.76 -21.73 17.49
CA TYR C 84 5.91 -21.40 16.08
C TYR C 84 5.05 -22.28 15.18
N ASN C 85 3.80 -22.48 15.66
CA ASN C 85 2.80 -23.29 15.02
C ASN C 85 1.52 -22.48 14.87
N SER C 86 0.57 -23.00 14.10
CA SER C 86 -0.67 -22.28 13.81
C SER C 86 -1.79 -22.83 14.69
N ALA C 87 -2.80 -22.00 14.96
CA ALA C 87 -4.03 -22.41 15.63
C ALA C 87 -5.18 -22.31 14.64
N PHE C 88 -5.65 -23.45 14.19
CA PHE C 88 -6.67 -23.51 13.16
C PHE C 88 -8.06 -23.30 13.76
N PRO C 89 -9.06 -23.00 12.89
CA PRO C 89 -10.42 -23.08 13.37
C PRO C 89 -10.82 -24.49 13.79
N ALA C 90 -11.75 -24.55 14.72
CA ALA C 90 -12.20 -25.79 15.28
C ALA C 90 -12.96 -26.58 14.28
N GLY C 91 -13.14 -27.85 14.63
CA GLY C 91 -13.87 -28.72 13.76
C GLY C 91 -15.27 -28.24 13.48
N VAL C 92 -15.96 -27.73 14.49
CA VAL C 92 -17.31 -27.22 14.28
C VAL C 92 -17.37 -26.16 13.17
N ASN C 93 -16.33 -25.34 13.07
CA ASN C 93 -16.20 -24.35 11.99
C ASN C 93 -16.10 -25.04 10.67
N VAL C 94 -15.37 -26.14 10.61
CA VAL C 94 -15.21 -26.85 9.37
C VAL C 94 -16.58 -27.40 8.98
N ALA C 95 -17.36 -27.88 9.96
CA ALA C 95 -18.73 -28.35 9.68
C ALA C 95 -19.60 -27.24 9.11
N ALA C 96 -19.51 -26.03 9.68
CA ALA C 96 -20.20 -24.88 9.19
C ALA C 96 -19.87 -24.47 7.75
N THR C 97 -18.69 -24.79 7.24
CA THR C 97 -18.33 -24.50 5.87
C THR C 97 -19.10 -25.36 4.89
N TRP C 98 -19.50 -26.55 5.32
CA TRP C 98 -20.13 -27.52 4.41
C TRP C 98 -19.24 -27.77 3.17
N ASP C 99 -17.94 -27.66 3.34
CA ASP C 99 -16.98 -27.63 2.24
C ASP C 99 -15.90 -28.71 2.35
N LYS C 100 -16.03 -29.75 1.53
CA LYS C 100 -15.08 -30.86 1.44
C LYS C 100 -13.63 -30.45 1.16
N THR C 101 -13.48 -29.42 0.31
CA THR C 101 -12.16 -28.91 -0.05
C THR C 101 -11.49 -28.18 1.08
N LEU C 102 -12.21 -27.34 1.81
CA LEU C 102 -11.60 -26.67 2.95
C LEU C 102 -11.23 -27.67 4.08
N ALA C 103 -12.04 -28.72 4.28
CA ALA C 103 -11.70 -29.77 5.25
C ALA C 103 -10.38 -30.45 4.87
N TYR C 104 -10.32 -30.88 3.62
CA TYR C 104 -9.09 -31.45 3.08
C TYR C 104 -7.88 -30.54 3.22
N LEU C 105 -8.03 -29.28 2.82
CA LEU C 105 -6.92 -28.32 2.85
C LEU C 105 -6.43 -28.03 4.27
N ARG C 106 -7.37 -27.98 5.19
CA ARG C 106 -7.06 -27.79 6.61
C ARG C 106 -6.31 -29.02 7.18
N GLY C 107 -6.75 -30.20 6.78
CA GLY C 107 -6.06 -31.46 7.11
C GLY C 107 -4.59 -31.48 6.61
N GLN C 108 -4.41 -31.14 5.34
CA GLN C 108 -3.12 -31.02 4.74
C GLN C 108 -2.23 -30.02 5.45
N ALA C 109 -2.77 -28.85 5.77
CA ALA C 109 -1.96 -27.81 6.41
C ALA C 109 -1.48 -28.27 7.79
N MET C 110 -2.40 -28.84 8.53
CA MET C 110 -2.11 -29.36 9.89
C MET C 110 -1.04 -30.46 9.78
N GLY C 111 -1.24 -31.39 8.85
CA GLY C 111 -0.29 -32.47 8.63
C GLY C 111 1.12 -31.97 8.36
N GLU C 112 1.24 -30.90 7.57
CA GLU C 112 2.54 -30.31 7.26
C GLU C 112 3.21 -29.81 8.51
N GLU C 113 2.43 -29.22 9.42
CA GLU C 113 3.02 -28.60 10.65
C GLU C 113 3.40 -29.70 11.62
N PHE C 114 2.52 -30.69 11.78
CA PHE C 114 2.87 -31.85 12.65
C PHE C 114 4.18 -32.54 12.15
N SER C 115 4.21 -32.86 10.85
CA SER C 115 5.35 -33.53 10.23
C SER C 115 6.66 -32.81 10.44
N ASP C 116 6.65 -31.50 10.22
CA ASP C 116 7.85 -30.62 10.41
C ASP C 116 8.34 -30.45 11.85
N LYS C 117 7.51 -30.76 12.84
CA LYS C 117 7.94 -30.80 14.25
C LYS C 117 8.47 -32.18 14.65
N GLY C 118 8.39 -33.15 13.74
CA GLY C 118 8.79 -34.53 14.02
C GLY C 118 7.72 -35.36 14.71
N ILE C 119 6.46 -35.04 14.43
CA ILE C 119 5.36 -35.79 14.98
C ILE C 119 4.85 -36.78 13.92
N ASP C 120 4.64 -38.02 14.35
CA ASP C 120 4.24 -39.10 13.46
C ASP C 120 2.75 -39.33 13.45
N VAL C 121 2.08 -38.97 14.53
CA VAL C 121 0.66 -39.24 14.69
C VAL C 121 -0.03 -38.01 15.21
N GLN C 122 -1.04 -37.54 14.46
CA GLN C 122 -1.85 -36.46 14.92
C GLN C 122 -3.04 -37.11 15.67
N LEU C 123 -3.33 -36.58 16.85
CA LEU C 123 -4.46 -37.10 17.64
C LEU C 123 -5.74 -36.34 17.28
N GLY C 124 -6.26 -36.70 16.10
CA GLY C 124 -7.41 -36.06 15.49
C GLY C 124 -7.48 -36.51 14.03
N PRO C 125 -8.60 -36.22 13.34
CA PRO C 125 -9.68 -35.40 13.81
C PRO C 125 -10.74 -36.19 14.67
N ALA C 126 -11.84 -35.53 15.02
CA ALA C 126 -12.88 -36.10 15.89
C ALA C 126 -14.26 -36.17 15.27
N ALA C 127 -14.92 -37.31 15.44
CA ALA C 127 -16.35 -37.45 15.17
C ALA C 127 -17.12 -38.10 16.37
N GLY C 128 -16.52 -38.07 17.55
CA GLY C 128 -17.06 -38.66 18.74
C GLY C 128 -16.49 -37.83 19.87
N PRO C 129 -17.30 -37.03 20.59
CA PRO C 129 -18.74 -36.98 20.53
C PRO C 129 -19.26 -36.43 19.19
N LEU C 130 -20.31 -37.08 18.70
CA LEU C 130 -21.02 -36.65 17.50
C LEU C 130 -21.80 -35.41 17.77
N GLY C 131 -22.55 -35.43 18.86
CA GLY C 131 -23.20 -34.24 19.39
C GLY C 131 -24.65 -34.45 19.80
N ALA C 132 -24.92 -35.53 20.53
CA ALA C 132 -26.27 -35.83 21.02
C ALA C 132 -26.77 -34.77 21.98
N HIS C 133 -25.88 -34.18 22.77
CA HIS C 133 -26.23 -33.20 23.79
C HIS C 133 -25.67 -31.83 23.38
N PRO C 134 -26.51 -30.79 23.18
CA PRO C 134 -25.93 -29.50 22.72
C PRO C 134 -25.01 -28.86 23.76
N ASP C 135 -25.15 -29.28 25.02
CA ASP C 135 -24.31 -28.84 26.09
C ASP C 135 -23.08 -29.75 26.36
N GLY C 136 -22.91 -30.83 25.56
CA GLY C 136 -21.73 -31.69 25.70
C GLY C 136 -20.46 -30.87 25.51
N GLY C 137 -19.50 -31.05 26.41
CA GLY C 137 -18.39 -30.13 26.49
C GLY C 137 -17.41 -30.14 25.32
N ARG C 138 -17.36 -31.24 24.55
CA ARG C 138 -16.39 -31.42 23.46
C ARG C 138 -16.96 -31.55 22.03
N ASN C 139 -18.24 -31.29 21.84
CA ASN C 139 -18.86 -31.40 20.51
C ASN C 139 -18.08 -30.55 19.48
N TRP C 140 -17.67 -29.36 19.89
CA TRP C 140 -16.94 -28.42 19.06
C TRP C 140 -15.67 -28.97 18.38
N GLU C 141 -15.05 -30.02 18.99
CA GLU C 141 -13.81 -30.58 18.46
C GLU C 141 -14.09 -31.40 17.20
N GLY C 142 -15.32 -31.91 17.13
CA GLY C 142 -15.80 -32.71 16.04
C GLY C 142 -16.37 -31.86 14.92
N PHE C 143 -17.51 -32.27 14.36
CA PHE C 143 -18.12 -31.56 13.25
C PHE C 143 -19.55 -31.21 13.57
N SER C 144 -20.46 -32.13 13.35
CA SER C 144 -21.89 -31.84 13.46
C SER C 144 -22.60 -33.04 14.11
N PRO C 145 -23.77 -32.81 14.76
CA PRO C 145 -24.54 -33.94 15.14
C PRO C 145 -25.00 -34.74 13.95
N ASP C 146 -25.06 -34.15 12.75
CA ASP C 146 -25.45 -34.95 11.59
C ASP C 146 -24.35 -35.90 11.12
N PRO C 147 -24.65 -37.21 11.01
CA PRO C 147 -23.61 -38.17 10.66
C PRO C 147 -23.10 -38.10 9.23
N ALA C 148 -23.97 -37.73 8.29
CA ALA C 148 -23.55 -37.60 6.90
C ALA C 148 -22.56 -36.45 6.74
N LEU C 149 -22.94 -35.27 7.19
CA LEU C 149 -22.06 -34.09 7.12
C LEU C 149 -20.75 -34.35 7.84
N THR C 150 -20.85 -34.84 9.07
CA THR C 150 -19.63 -35.18 9.85
C THR C 150 -18.76 -36.19 9.12
N GLY C 151 -19.36 -37.27 8.62
CA GLY C 151 -18.60 -38.32 7.96
C GLY C 151 -17.77 -37.87 6.76
N VAL C 152 -18.38 -37.05 5.93
CA VAL C 152 -17.70 -36.52 4.75
C VAL C 152 -16.52 -35.65 5.14
N LEU C 153 -16.71 -34.75 6.07
CA LEU C 153 -15.67 -33.77 6.41
C LEU C 153 -14.57 -34.37 7.32
N PHE C 154 -14.95 -35.38 8.10
CA PHE C 154 -14.03 -36.24 8.88
C PHE C 154 -13.08 -36.91 7.94
N ALA C 155 -13.65 -37.62 6.94
CA ALA C 155 -12.87 -38.34 5.96
C ALA C 155 -11.94 -37.44 5.18
N GLU C 156 -12.41 -36.25 4.77
CA GLU C 156 -11.54 -35.34 4.00
C GLU C 156 -10.42 -34.82 4.83
N THR C 157 -10.72 -34.51 6.07
CA THR C 157 -9.69 -34.06 7.00
C THR C 157 -8.63 -35.15 7.16
N ILE C 158 -9.05 -36.40 7.30
CA ILE C 158 -8.14 -37.53 7.45
C ILE C 158 -7.23 -37.63 6.22
N LYS C 159 -7.83 -37.60 5.04
CA LYS C 159 -7.08 -37.68 3.77
C LYS C 159 -6.06 -36.58 3.67
N GLY C 160 -6.40 -35.38 4.14
CA GLY C 160 -5.47 -34.28 4.12
C GLY C 160 -4.29 -34.51 5.02
N ILE C 161 -4.57 -34.93 6.24
CA ILE C 161 -3.48 -35.19 7.22
C ILE C 161 -2.54 -36.30 6.75
N GLN C 162 -3.12 -37.39 6.27
CA GLN C 162 -2.33 -38.53 5.77
C GLN C 162 -1.61 -38.35 4.44
N ASP C 163 -2.16 -37.58 3.50
CA ASP C 163 -1.44 -37.18 2.30
C ASP C 163 -0.24 -36.31 2.68
N ALA C 164 -0.29 -35.56 3.77
CA ALA C 164 0.90 -34.80 4.22
C ALA C 164 1.90 -35.62 5.08
N GLY C 165 1.66 -36.93 5.21
CA GLY C 165 2.62 -37.89 5.72
C GLY C 165 2.59 -38.09 7.25
N VAL C 166 1.41 -37.90 7.85
CA VAL C 166 1.21 -38.02 9.29
C VAL C 166 0.02 -38.95 9.48
N ILE C 167 0.11 -39.86 10.46
CA ILE C 167 -0.97 -40.75 10.74
C ILE C 167 -2.09 -39.91 11.39
N ALA C 168 -3.34 -40.08 10.88
CA ALA C 168 -4.49 -39.50 11.55
C ALA C 168 -5.10 -40.49 12.52
N THR C 169 -5.75 -39.95 13.56
CA THR C 169 -6.41 -40.76 14.59
C THR C 169 -7.87 -40.39 14.70
N ALA C 170 -8.74 -41.27 14.22
CA ALA C 170 -10.18 -41.09 14.32
C ALA C 170 -10.57 -41.25 15.78
N LYS C 171 -11.08 -40.20 16.40
CA LYS C 171 -11.46 -40.29 17.80
C LYS C 171 -12.78 -39.59 18.08
N HIS C 172 -13.42 -39.78 19.23
CA HIS C 172 -13.19 -40.87 20.24
C HIS C 172 -14.18 -42.00 19.99
N TYR C 173 -13.66 -43.22 19.86
CA TYR C 173 -14.42 -44.37 19.49
C TYR C 173 -14.80 -45.15 20.77
N ILE C 174 -16.03 -45.06 21.27
CA ILE C 174 -17.21 -44.45 20.69
C ILE C 174 -18.23 -44.22 21.78
N MET C 175 -19.17 -43.30 21.54
CA MET C 175 -20.28 -42.96 22.44
C MET C 175 -19.90 -42.09 23.64
N ASN C 176 -18.77 -41.37 23.52
CA ASN C 176 -18.34 -40.45 24.57
C ASN C 176 -19.06 -39.11 24.33
N GLU C 177 -20.38 -39.12 24.54
CA GLU C 177 -21.20 -37.99 24.18
C GLU C 177 -21.26 -36.90 25.24
N GLN C 178 -20.66 -37.15 26.40
CA GLN C 178 -20.58 -36.14 27.44
C GLN C 178 -19.33 -36.31 28.26
N GLU C 179 -18.97 -35.26 28.98
CA GLU C 179 -17.78 -35.27 29.85
C GLU C 179 -18.05 -35.73 31.28
N HIS C 180 -19.23 -35.42 31.82
CA HIS C 180 -19.58 -35.82 33.20
C HIS C 180 -19.41 -37.31 33.39
N PHE C 181 -18.64 -37.72 34.40
CA PHE C 181 -18.46 -39.13 34.73
C PHE C 181 -17.68 -39.92 33.66
N ARG C 182 -16.93 -39.24 32.79
CA ARG C 182 -16.16 -39.96 31.80
C ARG C 182 -15.05 -40.77 32.40
N GLN C 183 -14.50 -40.28 33.52
CA GLN C 183 -13.46 -40.94 34.26
C GLN C 183 -13.84 -40.94 35.74
N GLN C 184 -13.65 -42.10 36.37
CA GLN C 184 -13.96 -42.25 37.81
C GLN C 184 -13.15 -41.26 38.69
N PRO C 185 -11.81 -41.18 38.53
CA PRO C 185 -11.11 -40.21 39.35
C PRO C 185 -11.49 -38.73 39.15
N GLU C 186 -11.95 -38.35 37.94
CA GLU C 186 -12.43 -36.97 37.70
C GLU C 186 -13.70 -36.72 38.44
N ALA C 187 -14.61 -37.67 38.36
CA ALA C 187 -15.87 -37.59 39.09
C ALA C 187 -15.61 -37.47 40.61
N ALA C 188 -14.69 -38.29 41.12
CA ALA C 188 -14.29 -38.22 42.53
C ALA C 188 -13.84 -36.83 42.87
N GLY C 189 -12.97 -36.27 42.06
CA GLY C 189 -12.47 -34.92 42.31
C GLY C 189 -13.55 -33.87 42.28
N TYR C 190 -14.62 -34.13 41.54
CA TYR C 190 -15.74 -33.25 41.55
C TYR C 190 -16.81 -33.62 42.59
N GLY C 191 -16.46 -34.48 43.56
CA GLY C 191 -17.34 -34.81 44.68
C GLY C 191 -18.37 -35.89 44.44
N PHE C 192 -18.25 -36.70 43.38
CA PHE C 192 -19.15 -37.81 43.19
C PHE C 192 -18.46 -39.10 43.59
N ASN C 193 -19.24 -40.07 44.04
CA ASN C 193 -18.67 -41.36 44.40
C ASN C 193 -19.29 -42.39 43.49
N VAL C 194 -18.54 -42.80 42.48
CA VAL C 194 -19.00 -43.79 41.50
C VAL C 194 -17.90 -44.78 41.33
N SER C 195 -18.24 -46.02 41.01
CA SER C 195 -17.25 -47.06 40.95
C SER C 195 -16.61 -47.24 39.55
N ASP C 196 -17.25 -46.70 38.54
CA ASP C 196 -16.68 -46.70 37.18
C ASP C 196 -17.28 -45.54 36.33
N SER C 197 -16.69 -45.37 35.13
CA SER C 197 -17.13 -44.35 34.18
C SER C 197 -18.55 -44.57 33.75
N LEU C 198 -19.22 -43.47 33.39
CA LEU C 198 -20.51 -43.49 32.70
C LEU C 198 -20.57 -44.53 31.61
N SER C 199 -21.69 -45.23 31.52
CA SER C 199 -21.98 -46.11 30.43
C SER C 199 -23.02 -45.50 29.52
N SER C 200 -22.68 -45.47 28.22
CA SER C 200 -23.58 -45.10 27.16
C SER C 200 -24.21 -46.35 26.65
N ASN C 201 -25.54 -46.42 26.75
CA ASN C 201 -26.26 -47.62 26.38
C ASN C 201 -27.08 -47.36 25.14
N VAL C 202 -26.73 -48.03 24.05
CA VAL C 202 -27.26 -47.66 22.76
C VAL C 202 -27.60 -48.91 21.99
N ASP C 203 -28.73 -48.86 21.29
CA ASP C 203 -29.17 -49.99 20.51
C ASP C 203 -28.34 -50.18 19.22
N ASP C 204 -28.45 -51.37 18.62
CA ASP C 204 -27.60 -51.76 17.50
C ASP C 204 -27.95 -50.98 16.23
N LYS C 205 -29.24 -50.71 16.02
CA LYS C 205 -29.70 -49.92 14.86
C LYS C 205 -29.16 -48.49 14.91
N THR C 206 -29.36 -47.83 16.04
CA THR C 206 -28.89 -46.49 16.26
C THR C 206 -27.37 -46.37 16.16
N MET C 207 -26.69 -47.38 16.66
CA MET C 207 -25.25 -47.41 16.57
C MET C 207 -24.87 -47.34 15.09
N HIS C 208 -25.47 -48.22 14.29
CA HIS C 208 -25.09 -48.32 12.89
C HIS C 208 -25.50 -47.11 12.03
N GLU C 209 -26.68 -46.56 12.32
CA GLU C 209 -27.27 -45.48 11.50
C GLU C 209 -26.81 -44.09 11.92
N LEU C 210 -26.29 -43.94 13.15
CA LEU C 210 -25.91 -42.65 13.63
C LEU C 210 -24.43 -42.62 14.04
N TYR C 211 -24.09 -43.21 15.18
CA TYR C 211 -22.79 -42.93 15.83
C TYR C 211 -21.60 -43.55 15.11
N LEU C 212 -21.79 -44.77 14.59
CA LEU C 212 -20.75 -45.50 13.87
C LEU C 212 -20.51 -45.00 12.44
N TRP C 213 -21.52 -44.41 11.83
CA TRP C 213 -21.48 -44.00 10.42
C TRP C 213 -20.23 -43.16 10.03
N PRO C 214 -19.92 -42.08 10.78
CA PRO C 214 -18.73 -41.33 10.38
C PRO C 214 -17.43 -42.16 10.52
N PHE C 215 -17.40 -43.15 11.41
CA PHE C 215 -16.26 -43.99 11.55
C PHE C 215 -16.12 -44.92 10.40
N ALA C 216 -17.22 -45.40 9.84
CA ALA C 216 -17.14 -46.14 8.56
C ALA C 216 -16.46 -45.30 7.48
N ASP C 217 -16.89 -44.04 7.36
CA ASP C 217 -16.23 -43.06 6.45
C ASP C 217 -14.72 -42.95 6.71
N ALA C 218 -14.32 -42.81 7.97
CA ALA C 218 -12.90 -42.71 8.33
C ALA C 218 -12.11 -43.96 7.89
N VAL C 219 -12.68 -45.12 8.13
CA VAL C 219 -12.02 -46.34 7.76
C VAL C 219 -11.89 -46.42 6.24
N ARG C 220 -12.98 -46.10 5.53
CA ARG C 220 -12.98 -46.09 4.09
C ARG C 220 -11.99 -45.07 3.54
N ALA C 221 -11.80 -43.97 4.23
CA ALA C 221 -10.81 -42.99 3.81
C ALA C 221 -9.36 -43.39 4.08
N GLY C 222 -9.13 -44.56 4.73
CA GLY C 222 -7.81 -45.07 4.99
C GLY C 222 -7.14 -44.54 6.24
N VAL C 223 -7.93 -44.13 7.23
CA VAL C 223 -7.40 -43.67 8.51
C VAL C 223 -6.47 -44.74 9.13
N GLY C 224 -5.32 -44.31 9.60
CA GLY C 224 -4.27 -45.17 10.17
C GLY C 224 -4.54 -45.63 11.60
N ALA C 225 -5.14 -44.76 12.41
CA ALA C 225 -5.42 -45.09 13.84
C ALA C 225 -6.80 -44.66 14.28
N VAL C 226 -7.30 -45.32 15.34
CA VAL C 226 -8.54 -44.99 16.01
C VAL C 226 -8.21 -44.90 17.51
N MET C 227 -8.73 -43.90 18.20
CA MET C 227 -8.52 -43.78 19.63
C MET C 227 -9.80 -44.25 20.33
N CYS C 228 -9.70 -45.29 21.15
CA CYS C 228 -10.90 -45.79 21.88
C CYS C 228 -11.17 -44.88 23.11
N SER C 229 -12.42 -44.86 23.58
CA SER C 229 -12.89 -43.81 24.50
C SER C 229 -12.85 -44.13 26.01
N TYR C 230 -12.95 -43.08 26.83
CA TYR C 230 -13.00 -43.20 28.30
C TYR C 230 -14.26 -43.89 28.87
N ASN C 231 -15.41 -43.66 28.22
CA ASN C 231 -16.69 -44.12 28.69
C ASN C 231 -16.85 -45.62 28.46
N GLN C 232 -17.88 -46.18 29.07
CA GLN C 232 -18.27 -47.54 28.74
C GLN C 232 -19.34 -47.48 27.68
N ILE C 233 -19.49 -48.58 26.95
CA ILE C 233 -20.65 -48.77 26.12
C ILE C 233 -21.32 -50.07 26.57
N ASN C 234 -22.60 -49.99 26.94
CA ASN C 234 -23.31 -51.10 27.59
C ASN C 234 -22.46 -51.73 28.68
N ASN C 235 -21.90 -50.90 29.54
CA ASN C 235 -21.06 -51.36 30.66
C ASN C 235 -19.85 -52.22 30.34
N SER C 236 -19.16 -51.85 29.25
CA SER C 236 -17.85 -52.38 28.93
C SER C 236 -17.03 -51.23 28.42
N TYR C 237 -15.89 -51.03 29.04
CA TYR C 237 -15.02 -49.89 28.70
C TYR C 237 -14.63 -49.82 27.21
N GLY C 238 -14.58 -48.59 26.70
CA GLY C 238 -14.27 -48.31 25.31
C GLY C 238 -13.02 -48.97 24.79
N CYS C 239 -12.00 -49.01 25.64
CA CYS C 239 -10.72 -49.64 25.30
C CYS C 239 -10.62 -51.13 25.61
N GLU C 240 -11.75 -51.76 25.89
CA GLU C 240 -11.78 -53.22 25.97
C GLU C 240 -13.16 -53.73 25.61
N ASN C 241 -13.82 -53.01 24.72
CA ASN C 241 -15.16 -53.37 24.34
C ASN C 241 -15.05 -54.24 23.10
N SER C 242 -15.33 -55.53 23.25
CA SER C 242 -15.11 -56.46 22.12
C SER C 242 -16.12 -56.26 20.98
N GLU C 243 -17.34 -55.83 21.33
CA GLU C 243 -18.32 -55.51 20.34
C GLU C 243 -17.85 -54.31 19.47
N THR C 244 -17.48 -53.20 20.08
CA THR C 244 -17.18 -52.01 19.29
C THR C 244 -15.83 -52.16 18.55
N LEU C 245 -14.80 -52.67 19.22
CA LEU C 245 -13.46 -52.83 18.64
C LEU C 245 -13.35 -54.03 17.73
N ASN C 246 -13.76 -55.21 18.20
CA ASN C 246 -13.56 -56.42 17.40
C ASN C 246 -14.68 -56.59 16.35
N LYS C 247 -15.96 -56.43 16.77
CA LYS C 247 -17.06 -56.74 15.89
C LYS C 247 -17.30 -55.62 14.89
N LEU C 248 -17.52 -54.41 15.38
CA LEU C 248 -17.91 -53.30 14.51
C LEU C 248 -16.70 -52.74 13.76
N LEU C 249 -15.69 -52.25 14.50
CA LEU C 249 -14.55 -51.60 13.88
C LEU C 249 -13.71 -52.55 13.02
N LYS C 250 -13.34 -53.72 13.57
CA LYS C 250 -12.40 -54.60 12.89
C LYS C 250 -13.08 -55.64 12.00
N ALA C 251 -14.12 -56.31 12.48
CA ALA C 251 -14.70 -57.33 11.65
C ALA C 251 -15.60 -56.72 10.54
N GLU C 252 -16.45 -55.79 10.93
CA GLU C 252 -17.50 -55.27 10.04
C GLU C 252 -16.86 -54.18 9.13
N LEU C 253 -16.30 -53.15 9.74
CA LEU C 253 -15.71 -52.04 8.96
C LEU C 253 -14.37 -52.36 8.32
N GLY C 254 -13.78 -53.48 8.72
CA GLY C 254 -12.54 -53.96 8.12
C GLY C 254 -11.32 -53.11 8.42
N PHE C 255 -11.36 -52.34 9.52
CA PHE C 255 -10.25 -51.47 9.92
C PHE C 255 -8.94 -52.28 9.99
N GLN C 256 -7.92 -51.77 9.28
CA GLN C 256 -6.57 -52.40 9.17
C GLN C 256 -5.48 -51.73 9.97
N GLY C 257 -5.75 -50.55 10.52
CA GLY C 257 -4.81 -49.86 11.33
C GLY C 257 -4.87 -50.24 12.79
N PHE C 258 -4.42 -49.34 13.68
CA PHE C 258 -4.26 -49.70 15.09
C PHE C 258 -5.14 -48.87 16.00
N VAL C 259 -5.66 -49.52 17.03
CA VAL C 259 -6.47 -48.83 18.04
C VAL C 259 -5.58 -48.43 19.21
N MET C 260 -5.53 -47.12 19.53
CA MET C 260 -4.81 -46.61 20.70
C MET C 260 -5.82 -46.19 21.74
N SER C 261 -5.42 -46.24 23.01
CA SER C 261 -6.26 -45.77 24.11
C SER C 261 -6.18 -44.27 24.25
N ASP C 262 -7.29 -43.69 24.68
CA ASP C 262 -7.25 -42.37 25.29
C ASP C 262 -6.41 -42.47 26.54
N TRP C 263 -6.04 -41.32 27.08
CA TRP C 263 -4.92 -41.24 28.00
C TRP C 263 -5.41 -41.66 29.38
N THR C 264 -5.02 -42.88 29.79
CA THR C 264 -5.52 -43.55 31.01
C THR C 264 -6.91 -44.16 30.77
N ALA C 265 -7.23 -44.42 29.53
CA ALA C 265 -8.48 -45.12 29.23
C ALA C 265 -8.27 -46.67 29.16
N HIS C 266 -7.01 -47.11 29.22
CA HIS C 266 -6.64 -48.52 29.19
C HIS C 266 -6.79 -49.05 30.67
N HIS C 267 -7.62 -50.07 30.82
CA HIS C 267 -8.03 -50.61 32.13
C HIS C 267 -7.51 -52.01 32.48
N SER C 268 -7.07 -52.79 31.50
CA SER C 268 -6.53 -54.14 31.79
C SER C 268 -5.67 -54.67 30.68
N GLY C 269 -4.67 -55.48 31.05
CA GLY C 269 -3.68 -55.96 30.08
C GLY C 269 -4.22 -57.03 29.17
N VAL C 270 -4.61 -58.14 29.77
CA VAL C 270 -5.15 -59.26 29.02
C VAL C 270 -6.47 -58.91 28.39
N GLY C 271 -7.37 -58.32 29.18
CA GLY C 271 -8.74 -58.06 28.70
C GLY C 271 -8.78 -57.14 27.46
N ALA C 272 -8.11 -55.99 27.58
CA ALA C 272 -7.97 -55.03 26.46
C ALA C 272 -7.33 -55.71 25.19
N ALA C 273 -6.22 -56.42 25.40
CA ALA C 273 -5.48 -56.97 24.27
C ALA C 273 -6.37 -57.94 23.47
N LEU C 274 -7.17 -58.76 24.15
CA LEU C 274 -7.96 -59.74 23.48
C LEU C 274 -9.24 -59.12 22.94
N ALA C 275 -9.66 -58.03 23.56
CA ALA C 275 -10.84 -57.30 23.16
C ALA C 275 -10.61 -56.32 21.97
N GLY C 276 -9.33 -56.07 21.64
CA GLY C 276 -8.95 -55.41 20.39
C GLY C 276 -8.10 -54.15 20.50
N LEU C 277 -7.68 -53.77 21.70
CA LEU C 277 -6.71 -52.70 21.83
C LEU C 277 -5.38 -53.07 21.17
N ASP C 278 -4.70 -52.05 20.62
CA ASP C 278 -3.37 -52.24 20.03
C ASP C 278 -2.25 -51.41 20.62
N MET C 279 -2.59 -50.38 21.39
CA MET C 279 -1.59 -49.42 21.85
C MET C 279 -2.08 -48.73 23.13
N SER C 280 -1.22 -48.76 24.17
CA SER C 280 -1.53 -48.18 25.49
C SER C 280 -0.87 -46.85 25.63
N MET C 281 -1.64 -45.80 25.82
CA MET C 281 -1.12 -44.46 25.98
C MET C 281 -1.69 -43.79 27.23
N PRO C 282 -0.88 -43.03 27.95
CA PRO C 282 0.55 -42.78 27.63
C PRO C 282 1.54 -43.87 28.09
N GLY C 283 1.03 -45.03 28.52
CA GLY C 283 1.86 -46.20 28.71
C GLY C 283 1.80 -46.73 30.14
N ASP C 284 1.53 -45.84 31.09
CA ASP C 284 1.43 -46.20 32.47
C ASP C 284 -0.01 -46.56 32.90
N VAL C 285 -0.14 -47.21 34.05
CA VAL C 285 -1.46 -47.53 34.62
C VAL C 285 -2.22 -46.23 34.96
N THR C 286 -1.53 -45.32 35.63
CA THR C 286 -1.96 -43.95 35.81
C THR C 286 -0.70 -43.11 35.57
N PHE C 287 -0.88 -41.81 35.39
CA PHE C 287 0.20 -40.93 35.04
C PHE C 287 1.33 -41.04 35.99
N ASP C 288 2.50 -41.40 35.46
CA ASP C 288 3.72 -41.55 36.25
C ASP C 288 3.66 -42.58 37.41
N SER C 289 2.80 -43.58 37.27
CA SER C 289 2.80 -44.73 38.19
C SER C 289 4.06 -45.60 38.11
N GLY C 290 4.85 -45.51 37.04
CA GLY C 290 5.96 -46.42 36.82
C GLY C 290 5.53 -47.89 36.63
N THR C 291 4.26 -48.14 36.38
CA THR C 291 3.73 -49.46 36.09
C THR C 291 2.91 -49.36 34.85
N SER C 292 2.55 -50.48 34.23
CA SER C 292 1.76 -50.48 32.99
C SER C 292 0.88 -51.70 32.97
N PHE C 293 -0.29 -51.58 32.37
CA PHE C 293 -1.09 -52.74 32.10
C PHE C 293 -0.48 -53.61 31.03
N TRP C 294 0.34 -53.00 30.17
CA TRP C 294 1.13 -53.71 29.18
C TRP C 294 2.61 -53.57 29.56
N GLY C 295 3.49 -53.17 28.65
CA GLY C 295 4.96 -53.22 28.93
C GLY C 295 5.30 -54.63 29.40
N ALA C 296 5.98 -54.73 30.54
CA ALA C 296 6.31 -56.04 31.15
C ALA C 296 5.13 -56.97 31.32
N ASN C 297 3.99 -56.43 31.73
CA ASN C 297 2.78 -57.25 31.76
C ASN C 297 2.34 -57.87 30.44
N LEU C 298 2.66 -57.20 29.33
CA LEU C 298 2.27 -57.74 28.05
C LEU C 298 3.29 -58.83 27.68
N THR C 299 4.56 -58.57 27.93
CA THR C 299 5.62 -59.55 27.70
C THR C 299 5.31 -60.84 28.48
N VAL C 300 4.94 -60.67 29.75
CA VAL C 300 4.54 -61.79 30.61
C VAL C 300 3.29 -62.47 30.12
N GLY C 301 2.29 -61.69 29.73
CA GLY C 301 1.04 -62.28 29.26
C GLY C 301 1.23 -63.14 28.03
N VAL C 302 2.26 -62.84 27.22
CA VAL C 302 2.61 -63.70 26.10
C VAL C 302 3.41 -64.91 26.58
N LEU C 303 4.46 -64.65 27.34
CA LEU C 303 5.34 -65.70 27.86
C LEU C 303 4.61 -66.80 28.66
N ASN C 304 3.59 -66.43 29.43
CA ASN C 304 2.83 -67.40 30.20
C ASN C 304 1.73 -68.10 29.48
N GLY C 305 1.63 -67.85 28.17
CA GLY C 305 0.68 -68.55 27.33
C GLY C 305 -0.76 -68.04 27.31
N THR C 306 -1.05 -66.90 27.93
CA THR C 306 -2.42 -66.37 28.00
C THR C 306 -2.79 -65.57 26.75
N ILE C 307 -1.94 -64.59 26.40
CA ILE C 307 -2.13 -63.76 25.20
C ILE C 307 -1.43 -64.37 23.99
N PRO C 308 -2.18 -64.92 23.01
CA PRO C 308 -1.50 -65.57 21.90
C PRO C 308 -0.51 -64.66 21.18
N GLN C 309 0.59 -65.25 20.71
CA GLN C 309 1.62 -64.50 20.02
C GLN C 309 1.01 -63.74 18.81
N TRP C 310 0.10 -64.40 18.10
CA TRP C 310 -0.57 -63.74 16.97
C TRP C 310 -1.29 -62.44 17.29
N ARG C 311 -1.87 -62.34 18.50
CA ARG C 311 -2.50 -61.10 18.93
C ARG C 311 -1.47 -59.98 19.04
N VAL C 312 -0.39 -60.18 19.80
CA VAL C 312 0.63 -59.11 19.93
C VAL C 312 1.36 -58.86 18.63
N ASP C 313 1.61 -59.89 17.85
CA ASP C 313 2.13 -59.66 16.48
C ASP C 313 1.21 -58.76 15.64
N ASP C 314 -0.10 -59.04 15.71
CA ASP C 314 -1.12 -58.27 14.99
C ASP C 314 -1.10 -56.81 15.40
N MET C 315 -0.88 -56.55 16.67
CA MET C 315 -0.76 -55.16 17.13
C MET C 315 0.37 -54.46 16.44
N ALA C 316 1.52 -55.12 16.39
CA ALA C 316 2.69 -54.52 15.75
C ALA C 316 2.53 -54.39 14.22
N VAL C 317 1.87 -55.35 13.60
CA VAL C 317 1.60 -55.31 12.17
C VAL C 317 0.73 -54.08 11.86
N ARG C 318 -0.36 -53.91 12.65
CA ARG C 318 -1.29 -52.78 12.45
C ARG C 318 -0.59 -51.44 12.63
N ILE C 319 0.26 -51.32 13.66
CA ILE C 319 1.00 -50.10 13.90
C ILE C 319 1.98 -49.80 12.77
N MET C 320 2.77 -50.79 12.39
CA MET C 320 3.77 -50.58 11.31
C MET C 320 3.10 -50.36 9.97
N ALA C 321 1.95 -50.99 9.75
CA ALA C 321 1.25 -50.84 8.50
C ALA C 321 0.78 -49.37 8.32
N ALA C 322 0.24 -48.79 9.40
CA ALA C 322 -0.18 -47.41 9.42
C ALA C 322 1.00 -46.44 9.22
N TYR C 323 2.12 -46.75 9.83
CA TYR C 323 3.35 -45.95 9.71
C TYR C 323 3.87 -45.91 8.26
N TYR C 324 3.91 -47.06 7.64
CA TYR C 324 4.25 -47.17 6.22
C TYR C 324 3.20 -46.58 5.25
N LYS C 325 1.93 -46.72 5.56
CA LYS C 325 0.84 -46.20 4.74
C LYS C 325 0.92 -44.73 4.48
N VAL C 326 1.28 -43.92 5.49
CA VAL C 326 1.46 -42.50 5.28
C VAL C 326 2.86 -42.11 4.83
N GLY C 327 3.77 -43.08 4.69
CA GLY C 327 5.15 -42.80 4.30
C GLY C 327 6.04 -42.23 5.41
N ARG C 328 5.75 -42.59 6.68
CA ARG C 328 6.51 -42.01 7.78
C ARG C 328 7.95 -42.49 7.79
N ASP C 329 8.19 -43.66 7.21
CA ASP C 329 9.57 -44.14 7.08
C ASP C 329 10.42 -43.24 6.20
N THR C 330 9.84 -42.57 5.22
CA THR C 330 10.56 -41.62 4.39
C THR C 330 10.54 -40.19 4.94
N LYS C 331 9.53 -39.83 5.71
CA LYS C 331 9.37 -38.45 6.19
C LYS C 331 9.88 -38.25 7.58
N TYR C 332 10.34 -39.33 8.25
CA TYR C 332 10.70 -39.24 9.66
C TYR C 332 11.71 -38.15 9.94
N THR C 333 11.45 -37.35 10.95
CA THR C 333 12.46 -36.46 11.55
C THR C 333 12.23 -36.46 13.07
N PRO C 334 13.32 -36.37 13.88
CA PRO C 334 13.08 -36.53 15.33
C PRO C 334 12.29 -35.35 15.91
N PRO C 335 11.45 -35.58 16.93
CA PRO C 335 10.79 -34.46 17.59
C PRO C 335 11.77 -33.35 17.89
N ASN C 336 11.42 -32.11 17.52
CA ASN C 336 12.36 -30.99 17.66
C ASN C 336 11.85 -29.95 18.61
N PHE C 337 10.89 -30.36 19.44
CA PHE C 337 10.29 -29.55 20.48
C PHE C 337 10.02 -30.46 21.69
N SER C 338 9.67 -29.82 22.81
CA SER C 338 9.17 -30.49 23.98
C SER C 338 7.77 -30.03 24.35
N SER C 339 6.88 -30.97 24.68
CA SER C 339 5.54 -30.65 25.19
C SER C 339 5.55 -30.02 26.56
N TRP C 340 6.64 -30.21 27.31
CA TRP C 340 6.63 -29.97 28.77
C TRP C 340 7.29 -28.69 29.21
N THR C 341 8.03 -28.04 28.32
CA THR C 341 8.64 -26.76 28.62
C THR C 341 8.80 -26.03 27.30
N ARG C 342 8.80 -24.72 27.36
CA ARG C 342 9.18 -23.89 26.26
C ARG C 342 10.65 -23.47 26.31
N ASP C 343 11.39 -23.89 27.35
CA ASP C 343 12.83 -23.57 27.42
C ASP C 343 13.62 -24.24 26.32
N GLU C 344 14.71 -23.61 25.94
CA GLU C 344 15.60 -24.21 24.99
C GLU C 344 16.22 -25.52 25.47
N TYR C 345 16.65 -25.55 26.73
CA TYR C 345 17.36 -26.69 27.33
C TYR C 345 16.57 -27.30 28.45
N GLY C 346 16.71 -28.62 28.58
CA GLY C 346 16.07 -29.34 29.67
C GLY C 346 16.55 -30.75 29.71
N PHE C 347 16.13 -31.48 30.73
CA PHE C 347 16.36 -32.91 30.79
C PHE C 347 15.55 -33.68 29.74
N ALA C 348 16.19 -34.69 29.14
CA ALA C 348 15.55 -35.57 28.19
C ALA C 348 14.25 -36.20 28.77
N HIS C 349 14.24 -36.51 30.05
CA HIS C 349 13.08 -37.14 30.70
C HIS C 349 12.52 -36.16 31.74
N ASN C 350 11.51 -35.43 31.31
CA ASN C 350 11.16 -34.22 32.00
C ASN C 350 10.60 -34.48 33.39
N HIS C 351 9.72 -35.44 33.55
CA HIS C 351 9.01 -35.57 34.82
C HIS C 351 9.93 -35.88 36.02
N VAL C 352 11.06 -36.55 35.75
CA VAL C 352 11.99 -37.03 36.79
C VAL C 352 13.33 -36.32 36.75
N SER C 353 13.53 -35.39 35.81
CA SER C 353 14.81 -34.72 35.61
C SER C 353 15.98 -35.73 35.46
N GLU C 354 15.83 -36.68 34.56
CA GLU C 354 16.88 -37.63 34.25
C GLU C 354 17.16 -37.64 32.73
N GLY C 355 18.16 -38.42 32.32
CA GLY C 355 18.68 -38.39 30.97
C GLY C 355 19.54 -37.16 30.75
N ALA C 356 20.00 -36.97 29.52
CA ALA C 356 20.86 -35.84 29.16
C ALA C 356 20.19 -34.51 29.36
N TYR C 357 20.95 -33.53 29.78
CA TYR C 357 20.50 -32.18 29.82
C TYR C 357 20.87 -31.62 28.47
N GLU C 358 19.86 -31.39 27.62
CA GLU C 358 20.10 -31.11 26.22
C GLU C 358 19.12 -30.09 25.64
N ARG C 359 19.34 -29.73 24.38
CA ARG C 359 18.43 -28.85 23.64
C ARG C 359 17.14 -29.58 23.33
N VAL C 360 16.08 -29.22 24.03
CA VAL C 360 14.79 -29.88 23.83
C VAL C 360 13.82 -29.08 22.94
N ASN C 361 14.14 -27.81 22.63
CA ASN C 361 13.34 -27.01 21.72
C ASN C 361 14.26 -26.34 20.72
N GLU C 362 13.98 -26.60 19.44
CA GLU C 362 14.73 -26.02 18.35
C GLU C 362 13.96 -24.86 17.72
N PHE C 363 12.73 -24.61 18.18
CA PHE C 363 11.95 -23.42 17.78
C PHE C 363 11.71 -23.40 16.28
N VAL C 364 11.39 -24.53 15.71
CA VAL C 364 11.28 -24.60 14.26
C VAL C 364 9.97 -23.94 13.80
N ASP C 365 10.09 -22.94 12.92
CA ASP C 365 8.95 -22.24 12.34
C ASP C 365 8.22 -23.18 11.38
N VAL C 366 7.04 -23.70 11.73
CA VAL C 366 6.30 -24.64 10.86
C VAL C 366 5.05 -24.03 10.26
N GLN C 367 4.90 -22.71 10.38
CA GLN C 367 3.64 -22.03 10.04
C GLN C 367 3.39 -21.89 8.55
N ARG C 368 4.46 -21.91 7.75
CA ARG C 368 4.36 -21.63 6.32
C ARG C 368 3.47 -20.38 6.10
N ASP C 369 2.54 -20.47 5.14
CA ASP C 369 1.57 -19.42 4.85
C ASP C 369 0.16 -19.90 5.32
N HIS C 370 0.11 -20.79 6.32
CA HIS C 370 -1.15 -21.36 6.76
C HIS C 370 -2.07 -20.35 7.42
N ALA C 371 -1.55 -19.24 7.90
CA ALA C 371 -2.39 -18.12 8.32
C ALA C 371 -3.47 -17.67 7.29
N ASP C 372 -3.12 -17.66 6.01
CA ASP C 372 -4.09 -17.25 4.95
C ASP C 372 -5.26 -18.20 4.91
N LEU C 373 -4.97 -19.51 4.96
CA LEU C 373 -6.00 -20.54 4.98
C LEU C 373 -6.88 -20.45 6.22
N ILE C 374 -6.26 -20.12 7.35
CA ILE C 374 -7.01 -19.98 8.56
C ILE C 374 -7.98 -18.80 8.48
N ARG C 375 -7.50 -17.64 8.05
CA ARG C 375 -8.36 -16.48 7.82
C ARG C 375 -9.52 -16.80 6.88
N ARG C 376 -9.22 -17.53 5.82
CA ARG C 376 -10.22 -17.92 4.82
CA ARG C 376 -10.21 -17.92 4.83
C ARG C 376 -11.28 -18.86 5.38
N ILE C 377 -10.83 -19.90 6.12
CA ILE C 377 -11.78 -20.84 6.71
C ILE C 377 -12.66 -20.15 7.76
N GLY C 378 -12.05 -19.26 8.52
CA GLY C 378 -12.83 -18.45 9.45
C GLY C 378 -13.96 -17.73 8.75
N ALA C 379 -13.65 -17.07 7.61
CA ALA C 379 -14.66 -16.28 6.90
C ALA C 379 -15.73 -17.17 6.31
N GLN C 380 -15.29 -18.30 5.81
CA GLN C 380 -16.15 -19.24 5.18
C GLN C 380 -16.98 -20.09 6.10
N SER C 381 -16.64 -20.04 7.38
CA SER C 381 -17.38 -20.80 8.42
C SER C 381 -18.29 -19.85 9.22
N THR C 382 -18.35 -18.57 8.84
CA THR C 382 -19.19 -17.58 9.50
C THR C 382 -20.62 -17.65 8.91
N VAL C 383 -21.59 -18.03 9.75
CA VAL C 383 -22.97 -18.17 9.33
C VAL C 383 -23.70 -16.88 9.55
N LEU C 384 -24.25 -16.32 8.48
CA LEU C 384 -25.10 -15.17 8.56
C LEU C 384 -26.52 -15.68 8.87
N LEU C 385 -27.03 -15.32 10.04
CA LEU C 385 -28.35 -15.81 10.51
C LEU C 385 -29.54 -14.81 10.33
N LYS C 386 -29.24 -13.52 10.38
CA LYS C 386 -30.19 -12.45 10.20
C LYS C 386 -29.49 -11.24 9.57
N ASN C 387 -30.13 -10.61 8.58
CA ASN C 387 -29.59 -9.38 8.01
C ASN C 387 -30.71 -8.56 7.44
N LYS C 388 -31.06 -7.48 8.14
CA LYS C 388 -32.10 -6.54 7.74
C LYS C 388 -31.44 -5.36 7.06
N GLY C 389 -30.77 -5.62 5.94
CA GLY C 389 -29.98 -4.60 5.23
C GLY C 389 -28.90 -3.89 6.04
N ALA C 390 -28.37 -4.50 7.08
CA ALA C 390 -27.28 -3.91 7.84
C ALA C 390 -25.96 -4.20 7.18
N LEU C 391 -25.85 -5.37 6.53
CA LEU C 391 -24.57 -5.86 6.06
C LEU C 391 -24.57 -6.09 4.57
N PRO C 392 -23.44 -5.90 3.89
CA PRO C 392 -22.14 -5.55 4.50
C PRO C 392 -22.02 -4.09 4.86
N LEU C 393 -21.12 -3.79 5.79
CA LEU C 393 -20.80 -2.43 6.14
C LEU C 393 -20.02 -1.73 5.01
N SER C 394 -20.05 -0.41 5.02
CA SER C 394 -19.42 0.38 3.94
C SER C 394 -18.02 0.93 4.25
N ARG C 395 -17.69 1.03 5.54
CA ARG C 395 -16.47 1.74 5.97
C ARG C 395 -16.58 3.28 5.91
N LYS C 396 -17.77 3.78 5.59
CA LYS C 396 -18.07 5.20 5.71
C LYS C 396 -18.99 5.47 6.93
N GLU C 397 -19.32 4.45 7.71
CA GLU C 397 -20.11 4.64 8.93
C GLU C 397 -19.42 5.69 9.82
N LYS C 398 -20.20 6.60 10.39
CA LYS C 398 -19.67 7.77 11.07
C LYS C 398 -19.04 7.38 12.39
N LEU C 399 -19.66 6.46 13.10
CA LEU C 399 -19.14 5.97 14.38
C LEU C 399 -19.52 4.51 14.61
N VAL C 400 -18.52 3.70 14.92
CA VAL C 400 -18.71 2.27 15.13
C VAL C 400 -18.48 2.01 16.60
N ALA C 401 -19.38 1.27 17.24
CA ALA C 401 -19.19 0.81 18.62
C ALA C 401 -18.96 -0.67 18.60
N LEU C 402 -17.89 -1.10 19.27
CA LEU C 402 -17.51 -2.51 19.42
C LEU C 402 -17.76 -2.83 20.87
N LEU C 403 -18.61 -3.81 21.12
CA LEU C 403 -19.23 -3.96 22.43
C LEU C 403 -19.19 -5.43 22.87
N GLY C 404 -18.71 -5.62 24.10
CA GLY C 404 -18.61 -6.93 24.69
C GLY C 404 -17.19 -7.39 24.87
N GLU C 405 -17.00 -8.18 25.92
CA GLU C 405 -15.70 -8.77 26.20
C GLU C 405 -15.20 -9.68 25.09
N ASP C 406 -16.10 -10.40 24.41
CA ASP C 406 -15.69 -11.20 23.30
C ASP C 406 -14.98 -10.46 22.12
N ALA C 407 -15.08 -9.12 22.08
CA ALA C 407 -14.39 -8.33 21.08
C ALA C 407 -12.95 -8.12 21.44
N GLY C 408 -12.63 -8.25 22.73
CA GLY C 408 -11.36 -7.78 23.25
C GLY C 408 -10.29 -8.84 23.48
N SER C 409 -9.22 -8.42 24.17
CA SER C 409 -8.05 -9.27 24.44
C SER C 409 -8.16 -10.08 25.70
N ASN C 410 -7.58 -11.27 25.67
CA ASN C 410 -7.25 -11.99 26.90
C ASN C 410 -6.07 -11.27 27.53
N SER C 411 -6.30 -10.61 28.67
CA SER C 411 -5.22 -9.80 29.28
C SER C 411 -4.05 -10.63 29.87
N TRP C 412 -4.20 -11.96 29.94
CA TRP C 412 -3.09 -12.86 30.28
C TRP C 412 -2.31 -13.36 29.04
N GLY C 413 -2.64 -12.85 27.83
CA GLY C 413 -2.05 -13.33 26.58
C GLY C 413 -2.93 -14.37 25.94
N ALA C 414 -2.79 -14.51 24.63
CA ALA C 414 -3.56 -15.44 23.88
C ALA C 414 -3.46 -16.82 24.45
N ASN C 415 -2.27 -17.20 24.92
CA ASN C 415 -2.07 -18.50 25.58
C ASN C 415 -1.97 -18.40 27.11
N GLY C 416 -2.51 -17.36 27.69
CA GLY C 416 -2.42 -17.13 29.12
C GLY C 416 -3.20 -18.02 30.07
N CYS C 417 -4.17 -18.80 29.57
CA CYS C 417 -4.85 -19.78 30.41
C CYS C 417 -4.41 -21.16 29.92
N ASP C 418 -3.97 -22.01 30.86
CA ASP C 418 -3.48 -23.34 30.52
C ASP C 418 -4.58 -24.10 29.84
N ASP C 419 -4.23 -24.79 28.75
CA ASP C 419 -5.21 -25.52 27.96
C ASP C 419 -6.45 -24.64 27.56
N ARG C 420 -6.26 -23.34 27.41
CA ARG C 420 -7.32 -22.40 27.06
C ARG C 420 -8.48 -22.43 28.06
N GLY C 421 -8.18 -22.81 29.30
CA GLY C 421 -9.20 -23.00 30.36
C GLY C 421 -9.68 -21.70 30.96
N CYS C 422 -10.28 -20.86 30.13
CA CYS C 422 -10.94 -19.64 30.57
C CYS C 422 -11.78 -19.09 29.44
N ASP C 423 -12.59 -18.09 29.75
CA ASP C 423 -13.38 -17.38 28.75
C ASP C 423 -13.09 -15.90 28.91
N ASN C 424 -11.82 -15.54 28.80
CA ASN C 424 -11.37 -14.17 28.92
C ASN C 424 -11.03 -13.58 27.55
N GLY C 425 -11.58 -12.43 27.22
CA GLY C 425 -11.44 -11.83 25.89
C GLY C 425 -12.13 -12.65 24.84
N THR C 426 -11.72 -12.46 23.57
CA THR C 426 -12.36 -13.15 22.45
C THR C 426 -12.22 -14.69 22.54
N LEU C 427 -13.28 -15.40 22.19
CA LEU C 427 -13.25 -16.82 22.25
C LEU C 427 -12.88 -17.33 20.86
N ALA C 428 -11.63 -17.73 20.69
CA ALA C 428 -11.18 -18.28 19.40
C ALA C 428 -10.87 -19.77 19.46
N MET C 429 -10.92 -20.36 20.66
CA MET C 429 -10.51 -21.76 20.87
C MET C 429 -11.06 -22.15 22.20
N ALA C 430 -11.75 -23.26 22.23
CA ALA C 430 -12.36 -23.78 23.48
C ALA C 430 -11.29 -24.57 24.29
N TRP C 431 -11.65 -25.30 25.37
CA TRP C 431 -10.58 -25.75 26.32
C TRP C 431 -10.37 -27.24 26.39
N GLY C 432 -9.20 -27.59 26.90
CA GLY C 432 -8.86 -28.99 27.16
C GLY C 432 -7.69 -29.44 26.34
N SER C 433 -7.68 -30.72 26.01
CA SER C 433 -6.56 -31.28 25.25
C SER C 433 -6.67 -31.01 23.75
N GLY C 434 -7.85 -30.62 23.28
CA GLY C 434 -8.08 -30.32 21.88
C GLY C 434 -7.67 -28.94 21.47
N THR C 435 -6.50 -28.54 21.92
CA THR C 435 -6.07 -27.14 21.86
C THR C 435 -4.69 -27.06 21.21
N ALA C 436 -4.32 -25.85 20.84
CA ALA C 436 -2.96 -25.53 20.44
C ALA C 436 -2.60 -24.18 21.03
N ASN C 437 -1.31 -23.88 21.04
CA ASN C 437 -0.87 -22.54 21.36
C ASN C 437 -0.96 -21.64 20.12
N PHE C 438 -1.52 -20.46 20.35
CA PHE C 438 -1.58 -19.41 19.33
C PHE C 438 -0.19 -18.82 19.05
N PRO C 439 0.12 -18.52 17.77
CA PRO C 439 1.32 -17.79 17.50
C PRO C 439 1.08 -16.31 17.74
N TYR C 440 -0.20 -15.94 17.70
CA TYR C 440 -0.74 -14.61 17.96
C TYR C 440 -2.25 -14.76 17.86
N LEU C 441 -2.98 -13.74 18.26
CA LEU C 441 -4.44 -13.82 18.11
C LEU C 441 -4.95 -12.43 17.74
N VAL C 442 -5.51 -12.34 16.52
CA VAL C 442 -6.10 -11.08 16.08
C VAL C 442 -7.52 -11.02 16.65
N THR C 443 -7.79 -10.02 17.49
CA THR C 443 -9.12 -9.87 18.13
C THR C 443 -10.06 -9.04 17.21
N PRO C 444 -11.38 -9.18 17.42
CA PRO C 444 -12.29 -8.35 16.68
C PRO C 444 -12.04 -6.88 16.88
N GLU C 445 -11.76 -6.47 18.10
CA GLU C 445 -11.46 -5.09 18.42
C GLU C 445 -10.31 -4.59 17.54
N GLN C 446 -9.27 -5.41 17.39
CA GLN C 446 -8.11 -5.03 16.57
C GLN C 446 -8.45 -4.91 15.08
N ALA C 447 -9.05 -5.95 14.55
CA ALA C 447 -9.29 -6.01 13.13
C ALA C 447 -10.29 -4.98 12.68
N ILE C 448 -11.36 -4.80 13.42
CA ILE C 448 -12.39 -3.83 13.06
C ILE C 448 -11.92 -2.41 13.27
N GLN C 449 -11.23 -2.13 14.36
CA GLN C 449 -10.66 -0.80 14.51
C GLN C 449 -9.75 -0.49 13.36
N ASN C 450 -8.89 -1.41 12.99
CA ASN C 450 -8.00 -1.13 11.85
CA ASN C 450 -8.01 -1.19 11.83
C ASN C 450 -8.77 -0.87 10.55
N GLU C 451 -9.87 -1.60 10.31
CA GLU C 451 -10.69 -1.37 9.16
C GLU C 451 -11.27 0.06 9.16
N VAL C 452 -11.87 0.46 10.28
CA VAL C 452 -12.50 1.74 10.40
C VAL C 452 -11.51 2.85 10.24
N LEU C 453 -10.34 2.70 10.82
CA LEU C 453 -9.30 3.73 10.75
C LEU C 453 -8.67 3.91 9.40
N GLN C 454 -8.95 3.03 8.43
CA GLN C 454 -8.60 3.33 7.04
C GLN C 454 -9.45 4.49 6.47
N GLY C 455 -10.61 4.79 7.07
CA GLY C 455 -11.46 5.91 6.66
C GLY C 455 -11.57 6.98 7.73
N ARG C 456 -12.64 7.75 7.71
CA ARG C 456 -12.90 8.81 8.70
C ARG C 456 -13.70 8.36 9.91
N GLY C 457 -14.11 7.09 9.96
CA GLY C 457 -14.97 6.65 11.06
C GLY C 457 -14.32 6.84 12.41
N ASN C 458 -15.15 7.19 13.39
CA ASN C 458 -14.76 7.22 14.78
C ASN C 458 -15.11 5.82 15.31
N VAL C 459 -14.43 5.38 16.36
CA VAL C 459 -14.66 4.03 16.86
C VAL C 459 -14.27 3.91 18.31
N PHE C 460 -15.14 3.20 19.04
CA PHE C 460 -14.97 2.96 20.50
C PHE C 460 -15.20 1.49 20.77
N ALA C 461 -14.43 0.95 21.71
CA ALA C 461 -14.52 -0.42 22.05
C ALA C 461 -14.74 -0.55 23.55
N VAL C 462 -15.90 -1.10 23.91
CA VAL C 462 -16.25 -1.31 25.30
C VAL C 462 -16.29 -2.81 25.53
N THR C 463 -15.26 -3.31 26.22
CA THR C 463 -15.02 -4.71 26.32
C THR C 463 -15.20 -5.23 27.76
N ASP C 464 -15.78 -4.42 28.64
CA ASP C 464 -16.32 -4.89 29.92
C ASP C 464 -17.84 -5.21 29.79
N SER C 465 -18.18 -6.49 29.73
CA SER C 465 -19.55 -6.89 29.59
C SER C 465 -20.44 -6.63 30.81
N TRP C 466 -19.83 -6.24 31.94
CA TRP C 466 -20.55 -5.86 33.13
C TRP C 466 -20.69 -4.35 33.32
N ALA C 467 -20.13 -3.55 32.42
CA ALA C 467 -20.28 -2.11 32.45
C ALA C 467 -21.39 -1.68 31.47
N LEU C 468 -22.63 -2.05 31.80
CA LEU C 468 -23.76 -1.79 30.91
C LEU C 468 -23.99 -0.28 30.67
N ASP C 469 -23.72 0.56 31.67
CA ASP C 469 -23.78 1.98 31.47
C ASP C 469 -22.81 2.45 30.33
N LYS C 470 -21.59 1.90 30.29
CA LYS C 470 -20.60 2.26 29.26
C LYS C 470 -21.00 1.68 27.90
N ILE C 471 -21.51 0.46 27.91
CA ILE C 471 -22.10 -0.15 26.71
C ILE C 471 -23.22 0.70 26.11
N ALA C 472 -24.19 1.10 26.94
CA ALA C 472 -25.30 1.96 26.48
C ALA C 472 -24.82 3.25 25.87
N ALA C 473 -23.93 3.93 26.59
CA ALA C 473 -23.43 5.25 26.14
C ALA C 473 -22.71 5.21 24.78
N ALA C 474 -21.94 4.16 24.53
CA ALA C 474 -21.25 4.04 23.26
C ALA C 474 -22.25 3.68 22.16
N ALA C 475 -23.17 2.79 22.48
CA ALA C 475 -24.22 2.37 21.55
C ALA C 475 -25.08 3.54 21.05
N ARG C 476 -25.48 4.39 22.01
CA ARG C 476 -26.22 5.64 21.71
C ARG C 476 -25.57 6.53 20.66
N GLN C 477 -24.24 6.62 20.66
CA GLN C 477 -23.52 7.46 19.72
C GLN C 477 -23.24 6.83 18.36
N ALA C 478 -23.45 5.53 18.23
CA ALA C 478 -22.97 4.78 17.08
C ALA C 478 -23.91 4.75 15.90
N SER C 479 -23.35 4.75 14.70
CA SER C 479 -24.09 4.43 13.50
C SER C 479 -24.38 2.95 13.46
N VAL C 480 -23.44 2.17 13.98
CA VAL C 480 -23.58 0.72 14.02
C VAL C 480 -22.88 0.22 15.27
N SER C 481 -23.53 -0.71 15.96
CA SER C 481 -23.01 -1.35 17.15
C SER C 481 -22.75 -2.80 16.78
N LEU C 482 -21.49 -3.23 16.95
CA LEU C 482 -21.09 -4.60 16.68
C LEU C 482 -20.87 -5.27 18.02
N VAL C 483 -21.81 -6.14 18.38
CA VAL C 483 -21.82 -6.77 19.67
C VAL C 483 -21.22 -8.17 19.50
N PHE C 484 -20.18 -8.45 20.26
CA PHE C 484 -19.55 -9.77 20.32
C PHE C 484 -19.89 -10.47 21.62
N VAL C 485 -20.29 -11.73 21.50
CA VAL C 485 -20.69 -12.50 22.64
C VAL C 485 -20.34 -13.95 22.46
N ASN C 486 -20.28 -14.70 23.57
CA ASN C 486 -19.78 -16.07 23.49
C ASN C 486 -20.34 -17.02 24.49
N SER C 487 -20.09 -18.31 24.26
CA SER C 487 -20.38 -19.41 25.20
C SER C 487 -19.30 -20.46 24.99
N ASP C 488 -18.74 -20.94 26.10
CA ASP C 488 -17.54 -21.80 26.09
C ASP C 488 -17.84 -23.13 26.75
N SER C 489 -17.02 -24.12 26.43
CA SER C 489 -17.04 -25.46 27.05
C SER C 489 -15.70 -26.15 26.77
N GLY C 490 -15.52 -27.32 27.32
CA GLY C 490 -14.31 -28.06 27.07
C GLY C 490 -14.26 -29.44 27.69
N GLU C 491 -13.04 -29.96 27.81
CA GLU C 491 -12.81 -31.31 28.30
C GLU C 491 -13.05 -31.37 29.80
N GLY C 492 -13.56 -32.54 30.22
CA GLY C 492 -14.02 -32.78 31.59
C GLY C 492 -13.06 -32.57 32.74
N TYR C 493 -11.74 -32.67 32.48
CA TYR C 493 -10.74 -32.52 33.53
C TYR C 493 -10.58 -31.11 34.00
N LEU C 494 -11.09 -30.14 33.25
CA LEU C 494 -10.87 -28.75 33.53
C LEU C 494 -12.22 -28.12 33.77
N SER C 495 -12.35 -27.44 34.90
CA SER C 495 -13.60 -26.77 35.27
C SER C 495 -13.42 -25.26 35.18
N VAL C 496 -14.27 -24.57 34.40
CA VAL C 496 -14.24 -23.11 34.32
C VAL C 496 -15.57 -22.58 34.82
N ASP C 497 -15.51 -21.78 35.89
CA ASP C 497 -16.67 -21.23 36.57
C ASP C 497 -17.74 -22.29 36.89
N GLY C 498 -17.30 -23.42 37.42
CA GLY C 498 -18.21 -24.53 37.72
C GLY C 498 -18.67 -25.38 36.57
N ASN C 499 -18.25 -25.07 35.35
CA ASN C 499 -18.60 -25.90 34.21
C ASN C 499 -17.54 -26.99 34.03
N GLU C 500 -17.91 -28.23 34.37
CA GLU C 500 -16.97 -29.33 34.41
C GLU C 500 -16.88 -29.95 33.02
N GLY C 501 -16.21 -29.21 32.13
CA GLY C 501 -16.18 -29.53 30.74
C GLY C 501 -17.47 -29.22 30.02
N ASP C 502 -18.44 -30.11 30.20
CA ASP C 502 -19.80 -29.86 29.77
C ASP C 502 -20.22 -28.48 30.24
N ARG C 503 -21.03 -27.78 29.44
CA ARG C 503 -21.52 -26.48 29.89
C ARG C 503 -22.85 -26.67 30.66
N ASN C 504 -22.96 -25.98 31.79
CA ASN C 504 -24.12 -26.09 32.67
C ASN C 504 -25.39 -25.52 32.10
N ASN C 505 -25.26 -24.59 31.15
CA ASN C 505 -26.39 -24.12 30.36
C ASN C 505 -25.94 -23.80 28.93
N ILE C 506 -26.87 -23.44 28.07
CA ILE C 506 -26.51 -23.00 26.72
C ILE C 506 -26.87 -21.52 26.49
N THR C 507 -26.71 -20.72 27.55
CA THR C 507 -26.93 -19.31 27.52
C THR C 507 -25.60 -18.59 27.34
N LEU C 508 -25.61 -17.37 26.77
CA LEU C 508 -24.36 -16.64 26.55
C LEU C 508 -23.67 -16.37 27.88
N TRP C 509 -22.34 -16.51 27.90
CA TRP C 509 -21.55 -16.27 29.09
C TRP C 509 -21.32 -14.79 29.25
N LYS C 510 -20.74 -14.43 30.39
CA LYS C 510 -20.27 -13.09 30.64
C LYS C 510 -21.37 -12.07 30.25
N ASN C 511 -22.58 -12.24 30.81
CA ASN C 511 -23.61 -11.20 30.78
C ASN C 511 -24.01 -10.89 29.32
N GLY C 512 -23.85 -11.85 28.41
CA GLY C 512 -24.04 -11.62 27.01
C GLY C 512 -25.41 -11.16 26.53
N ASP C 513 -26.48 -11.82 27.00
CA ASP C 513 -27.84 -11.40 26.70
C ASP C 513 -28.07 -9.95 27.11
N ASN C 514 -27.56 -9.55 28.28
CA ASN C 514 -27.66 -8.16 28.70
C ASN C 514 -26.88 -7.18 27.87
N VAL C 515 -25.74 -7.61 27.33
CA VAL C 515 -24.97 -6.78 26.44
C VAL C 515 -25.77 -6.50 25.18
N VAL C 516 -26.31 -7.54 24.59
CA VAL C 516 -27.10 -7.41 23.38
C VAL C 516 -28.30 -6.47 23.65
N LYS C 517 -29.00 -6.71 24.77
CA LYS C 517 -30.24 -5.96 25.04
C LYS C 517 -29.96 -4.48 25.28
N THR C 518 -28.89 -4.21 26.02
CA THR C 518 -28.48 -2.85 26.29
C THR C 518 -28.10 -2.15 25.01
N ALA C 519 -27.38 -2.85 24.14
CA ALA C 519 -26.98 -2.25 22.88
C ALA C 519 -28.25 -1.99 22.03
N ALA C 520 -29.09 -2.99 21.89
CA ALA C 520 -30.25 -2.90 21.01
C ALA C 520 -31.25 -1.87 21.48
N ASN C 521 -31.34 -1.66 22.78
CA ASN C 521 -32.17 -0.60 23.34
C ASN C 521 -31.66 0.81 23.11
N ASN C 522 -30.37 0.96 22.78
CA ASN C 522 -29.77 2.26 22.53
C ASN C 522 -29.32 2.55 21.12
N CYS C 523 -29.36 1.55 20.23
CA CYS C 523 -28.85 1.68 18.88
C CYS C 523 -29.74 0.92 17.94
N ASN C 524 -30.17 1.61 16.88
CA ASN C 524 -31.13 1.07 15.92
C ASN C 524 -30.48 0.20 14.86
N ASN C 525 -29.14 0.03 14.91
CA ASN C 525 -28.44 -0.84 13.98
C ASN C 525 -27.41 -1.66 14.74
N THR C 526 -27.92 -2.61 15.49
CA THR C 526 -27.12 -3.51 16.31
C THR C 526 -26.91 -4.86 15.61
N VAL C 527 -25.63 -5.20 15.36
CA VAL C 527 -25.26 -6.49 14.77
C VAL C 527 -24.61 -7.31 15.88
N VAL C 528 -25.05 -8.55 16.00
CA VAL C 528 -24.56 -9.47 17.01
C VAL C 528 -23.72 -10.55 16.33
N ILE C 529 -22.48 -10.73 16.80
CA ILE C 529 -21.61 -11.81 16.38
C ILE C 529 -21.36 -12.79 17.56
N ILE C 530 -21.60 -14.05 17.32
CA ILE C 530 -21.47 -15.07 18.37
C ILE C 530 -20.28 -15.97 18.10
N HIS C 531 -19.36 -16.05 19.06
CA HIS C 531 -18.30 -17.08 19.03
C HIS C 531 -18.68 -18.11 20.07
N SER C 532 -18.89 -19.34 19.66
CA SER C 532 -19.32 -20.34 20.60
C SER C 532 -19.04 -21.74 20.15
N VAL C 533 -19.05 -22.64 21.12
CA VAL C 533 -18.83 -24.04 20.94
C VAL C 533 -19.96 -24.78 20.29
N GLY C 534 -21.12 -24.16 20.31
CA GLY C 534 -22.30 -24.71 19.64
C GLY C 534 -23.48 -23.78 19.88
N PRO C 535 -24.71 -24.29 19.76
CA PRO C 535 -25.87 -23.39 19.80
C PRO C 535 -26.04 -22.69 21.14
N VAL C 536 -26.54 -21.45 21.10
CA VAL C 536 -26.91 -20.72 22.28
C VAL C 536 -28.35 -20.28 22.18
N LEU C 537 -28.94 -19.97 23.33
CA LEU C 537 -30.31 -19.43 23.37
C LEU C 537 -30.31 -17.97 22.95
N ILE C 538 -31.04 -17.66 21.89
CA ILE C 538 -31.10 -16.29 21.37
C ILE C 538 -32.53 -15.74 21.41
N ASP C 539 -33.45 -16.51 21.99
CA ASP C 539 -34.88 -16.19 21.99
C ASP C 539 -35.21 -14.84 22.60
N GLU C 540 -34.44 -14.41 23.59
CA GLU C 540 -34.65 -13.13 24.24
C GLU C 540 -34.28 -11.88 23.45
N TRP C 541 -33.58 -12.01 22.33
CA TRP C 541 -33.21 -10.78 21.56
C TRP C 541 -33.15 -10.92 20.05
N TYR C 542 -33.26 -12.12 19.50
CA TYR C 542 -32.99 -12.31 18.06
C TYR C 542 -33.95 -11.52 17.17
N ASP C 543 -35.19 -11.32 17.64
CA ASP C 543 -36.22 -10.60 16.86
C ASP C 543 -36.46 -9.17 17.35
N HIS C 544 -35.55 -8.65 18.18
CA HIS C 544 -35.60 -7.28 18.59
C HIS C 544 -35.51 -6.45 17.30
N PRO C 545 -36.29 -5.36 17.17
CA PRO C 545 -36.33 -4.65 15.90
C PRO C 545 -35.00 -3.92 15.60
N ASN C 546 -34.25 -3.58 16.62
CA ASN C 546 -32.93 -3.00 16.47
C ASN C 546 -31.75 -3.97 16.26
N VAL C 547 -31.97 -5.28 16.38
CA VAL C 547 -30.97 -6.27 16.05
C VAL C 547 -31.09 -6.49 14.57
N THR C 548 -30.24 -5.80 13.82
CA THR C 548 -30.31 -5.81 12.35
C THR C 548 -29.43 -6.88 11.71
N GLY C 549 -28.55 -7.47 12.51
CA GLY C 549 -27.68 -8.53 12.04
C GLY C 549 -27.35 -9.53 13.14
N ILE C 550 -27.28 -10.81 12.76
CA ILE C 550 -26.82 -11.87 13.65
C ILE C 550 -25.90 -12.79 12.84
N LEU C 551 -24.71 -13.03 13.40
CA LEU C 551 -23.77 -14.01 12.81
C LEU C 551 -23.24 -14.98 13.87
N TRP C 552 -23.02 -16.23 13.45
CA TRP C 552 -22.31 -17.20 14.28
C TRP C 552 -20.97 -17.52 13.63
N ALA C 553 -19.91 -17.23 14.35
CA ALA C 553 -18.52 -17.39 13.82
C ALA C 553 -17.73 -18.55 14.48
N GLY C 554 -18.33 -19.29 15.41
CA GLY C 554 -17.68 -20.43 16.03
C GLY C 554 -16.41 -20.09 16.79
N LEU C 555 -15.35 -20.88 16.53
CA LEU C 555 -14.06 -20.80 17.23
C LEU C 555 -12.97 -20.70 16.11
N PRO C 556 -12.69 -19.50 15.64
CA PRO C 556 -11.99 -19.36 14.36
C PRO C 556 -10.45 -19.49 14.38
N GLY C 557 -9.83 -19.64 15.54
CA GLY C 557 -8.39 -19.67 15.62
C GLY C 557 -7.78 -18.26 15.46
N GLN C 558 -6.49 -18.25 15.08
CA GLN C 558 -5.61 -17.13 15.27
C GLN C 558 -5.96 -15.89 14.50
N GLU C 559 -6.65 -16.07 13.37
CA GLU C 559 -7.05 -14.95 12.48
C GLU C 559 -8.51 -14.44 12.74
N SER C 560 -9.06 -14.75 13.92
CA SER C 560 -10.49 -14.44 14.24
C SER C 560 -10.97 -13.05 13.84
N GLY C 561 -10.32 -12.00 14.32
CA GLY C 561 -10.68 -10.65 13.94
C GLY C 561 -10.72 -10.37 12.43
N ASN C 562 -9.74 -10.86 11.70
CA ASN C 562 -9.65 -10.65 10.28
C ASN C 562 -10.75 -11.40 9.57
N SER C 563 -11.01 -12.63 9.99
CA SER C 563 -12.05 -13.45 9.39
C SER C 563 -13.41 -12.74 9.48
N ILE C 564 -13.70 -12.13 10.63
CA ILE C 564 -15.00 -11.49 10.82
C ILE C 564 -15.02 -10.17 10.08
N ALA C 565 -13.93 -9.45 10.08
CA ALA C 565 -13.87 -8.19 9.35
C ALA C 565 -14.09 -8.45 7.86
N ASP C 566 -13.51 -9.52 7.31
CA ASP C 566 -13.73 -9.88 5.93
C ASP C 566 -15.21 -10.07 5.56
N VAL C 567 -15.94 -10.74 6.44
CA VAL C 567 -17.37 -10.89 6.27
C VAL C 567 -18.13 -9.58 6.43
N LEU C 568 -17.91 -8.89 7.53
CA LEU C 568 -18.71 -7.75 7.83
C LEU C 568 -18.57 -6.67 6.76
N TYR C 569 -17.37 -6.50 6.21
CA TYR C 569 -17.11 -5.46 5.22
C TYR C 569 -17.30 -5.98 3.78
N GLY C 570 -17.74 -7.21 3.64
CA GLY C 570 -18.11 -7.75 2.34
C GLY C 570 -17.01 -8.22 1.41
N ARG C 571 -15.77 -8.30 1.88
CA ARG C 571 -14.74 -8.96 1.12
C ARG C 571 -15.06 -10.43 0.92
N VAL C 572 -15.77 -11.05 1.86
CA VAL C 572 -16.27 -12.39 1.70
C VAL C 572 -17.75 -12.28 1.91
N ASN C 573 -18.51 -12.86 0.98
CA ASN C 573 -19.94 -12.91 1.08
C ASN C 573 -20.20 -14.19 1.86
N PRO C 574 -20.77 -14.10 3.06
CA PRO C 574 -20.89 -15.34 3.84
C PRO C 574 -21.79 -16.37 3.20
N GLY C 575 -21.35 -17.63 3.24
CA GLY C 575 -22.09 -18.74 2.67
C GLY C 575 -22.12 -19.98 3.55
N ALA C 576 -21.70 -19.86 4.80
CA ALA C 576 -21.73 -21.00 5.74
C ALA C 576 -23.23 -21.27 6.10
N LYS C 577 -23.53 -22.52 6.40
CA LYS C 577 -24.83 -22.91 6.89
C LYS C 577 -24.64 -23.49 8.30
N SER C 578 -25.65 -23.30 9.16
CA SER C 578 -25.61 -23.86 10.51
C SER C 578 -25.46 -25.40 10.50
N PRO C 579 -24.48 -25.91 11.24
CA PRO C 579 -24.27 -27.37 11.29
C PRO C 579 -25.01 -28.03 12.44
N PHE C 580 -25.82 -27.24 13.13
CA PHE C 580 -26.71 -27.71 14.19
C PHE C 580 -27.97 -26.85 14.22
N THR C 581 -28.92 -27.26 15.04
CA THR C 581 -30.15 -26.54 15.21
C THR C 581 -30.04 -25.49 16.31
N TRP C 582 -30.65 -24.32 16.09
CA TRP C 582 -30.81 -23.28 17.11
C TRP C 582 -32.28 -23.34 17.62
N GLY C 583 -32.47 -23.87 18.83
CA GLY C 583 -33.82 -24.10 19.39
C GLY C 583 -34.24 -23.00 20.35
N LYS C 584 -35.53 -22.97 20.74
CA LYS C 584 -36.05 -21.88 21.59
C LYS C 584 -35.58 -22.00 23.00
N THR C 585 -35.53 -23.23 23.48
CA THR C 585 -35.10 -23.53 24.84
C THR C 585 -34.10 -24.69 24.84
N ARG C 586 -33.44 -24.91 25.98
CA ARG C 586 -32.67 -26.14 26.17
C ARG C 586 -33.56 -27.36 25.98
N GLU C 587 -34.80 -27.27 26.48
CA GLU C 587 -35.73 -28.40 26.45
C GLU C 587 -36.17 -28.78 25.03
N SER C 588 -36.19 -27.83 24.11
CA SER C 588 -36.46 -28.10 22.69
CA SER C 588 -36.49 -28.12 22.70
C SER C 588 -35.60 -29.18 22.05
N TYR C 589 -34.38 -29.39 22.60
CA TYR C 589 -33.39 -30.34 22.07
C TYR C 589 -33.57 -31.75 22.59
N GLY C 590 -34.29 -31.90 23.70
CA GLY C 590 -34.35 -33.19 24.39
C GLY C 590 -32.98 -33.56 24.89
N SER C 591 -32.64 -34.84 24.80
CA SER C 591 -31.31 -35.38 25.14
C SER C 591 -30.62 -34.62 26.30
N PRO C 592 -31.19 -34.69 27.53
CA PRO C 592 -30.52 -34.08 28.65
C PRO C 592 -29.20 -34.84 28.97
N LEU C 593 -28.21 -34.13 29.49
CA LEU C 593 -26.97 -34.75 29.96
C LEU C 593 -27.23 -35.51 31.24
N VAL C 594 -26.46 -36.55 31.51
CA VAL C 594 -26.49 -37.21 32.82
C VAL C 594 -25.54 -36.45 33.71
N LYS C 595 -26.09 -35.59 34.56
CA LYS C 595 -25.34 -34.76 35.50
C LYS C 595 -25.32 -35.27 36.94
N ASP C 596 -26.02 -36.38 37.20
CA ASP C 596 -26.13 -36.92 38.54
C ASP C 596 -25.71 -38.38 38.55
N ALA C 597 -25.16 -38.81 39.67
CA ALA C 597 -24.78 -40.19 39.85
C ALA C 597 -26.07 -40.99 39.96
N ASN C 598 -26.61 -41.40 38.80
CA ASN C 598 -27.97 -41.93 38.74
C ASN C 598 -28.09 -43.45 38.95
N ASN C 599 -27.00 -44.09 39.41
CA ASN C 599 -26.98 -45.52 39.60
C ASN C 599 -26.31 -45.86 40.91
N GLY C 600 -26.70 -45.13 41.96
CA GLY C 600 -26.13 -45.29 43.25
C GLY C 600 -24.67 -44.94 43.25
N ASN C 601 -23.86 -45.80 43.85
CA ASN C 601 -22.42 -45.66 43.82
C ASN C 601 -21.81 -46.43 42.62
N GLY C 602 -22.66 -46.94 41.73
CA GLY C 602 -22.20 -47.64 40.51
C GLY C 602 -21.93 -46.64 39.39
N ALA C 603 -21.59 -47.19 38.22
CA ALA C 603 -21.39 -46.39 37.02
C ALA C 603 -22.72 -45.75 36.60
N PRO C 604 -22.77 -44.40 36.51
CA PRO C 604 -23.95 -43.78 35.96
C PRO C 604 -24.29 -44.29 34.57
N GLN C 605 -25.58 -44.27 34.25
CA GLN C 605 -26.09 -44.91 33.04
C GLN C 605 -26.72 -43.82 32.21
N SER C 606 -26.43 -43.81 30.91
CA SER C 606 -27.03 -42.87 29.97
C SER C 606 -27.60 -43.73 28.82
N ASP C 607 -28.93 -43.82 28.81
CA ASP C 607 -29.62 -44.60 27.80
C ASP C 607 -29.94 -43.73 26.61
N PHE C 608 -29.61 -44.22 25.43
CA PHE C 608 -29.80 -43.43 24.19
C PHE C 608 -31.13 -43.75 23.59
N THR C 609 -32.18 -43.39 24.34
CA THR C 609 -33.56 -43.76 24.01
C THR C 609 -34.10 -42.92 22.86
N GLN C 610 -33.46 -41.77 22.58
CA GLN C 610 -33.79 -40.97 21.41
C GLN C 610 -33.46 -41.66 20.07
N GLY C 611 -32.61 -42.68 20.08
CA GLY C 611 -32.24 -43.41 18.87
C GLY C 611 -31.54 -42.47 17.90
N VAL C 612 -31.95 -42.51 16.64
CA VAL C 612 -31.38 -41.62 15.62
C VAL C 612 -31.86 -40.16 15.73
N PHE C 613 -32.83 -39.88 16.63
CA PHE C 613 -33.52 -38.61 16.66
C PHE C 613 -32.79 -37.65 17.52
N ILE C 614 -31.67 -37.16 17.01
CA ILE C 614 -30.94 -36.08 17.70
C ILE C 614 -30.98 -34.85 16.81
N ASP C 615 -30.60 -33.72 17.38
CA ASP C 615 -30.59 -32.41 16.69
C ASP C 615 -31.85 -32.28 15.79
N TYR C 616 -31.72 -31.95 14.50
CA TYR C 616 -32.87 -31.65 13.67
C TYR C 616 -33.80 -32.82 13.54
N ARG C 617 -33.31 -34.05 13.65
CA ARG C 617 -34.21 -35.18 13.62
C ARG C 617 -35.19 -35.15 14.83
N HIS C 618 -34.72 -34.72 15.99
CA HIS C 618 -35.56 -34.59 17.20
C HIS C 618 -36.61 -33.49 17.04
N PHE C 619 -36.14 -32.31 16.60
CA PHE C 619 -37.01 -31.18 16.29
C PHE C 619 -38.10 -31.58 15.30
N ASP C 620 -37.73 -32.30 14.26
CA ASP C 620 -38.68 -32.66 13.23
C ASP C 620 -39.70 -33.65 13.81
N LYS C 621 -39.26 -34.65 14.57
CA LYS C 621 -40.17 -35.65 15.15
C LYS C 621 -41.15 -35.04 16.16
N PHE C 622 -40.65 -34.19 17.04
CA PHE C 622 -41.51 -33.59 18.08
C PHE C 622 -42.23 -32.31 17.60
N ASN C 623 -42.24 -32.03 16.30
CA ASN C 623 -42.78 -30.74 15.74
C ASN C 623 -42.33 -29.47 16.51
N GLU C 624 -41.08 -29.41 16.91
CA GLU C 624 -40.51 -28.28 17.56
C GLU C 624 -39.97 -27.37 16.46
N THR C 625 -40.35 -26.10 16.46
CA THR C 625 -39.89 -25.18 15.42
C THR C 625 -38.59 -24.49 15.86
N PRO C 626 -37.49 -24.74 15.15
CA PRO C 626 -36.28 -24.03 15.45
C PRO C 626 -36.41 -22.55 15.18
N ILE C 627 -35.69 -21.72 15.92
CA ILE C 627 -35.48 -20.34 15.50
C ILE C 627 -34.71 -20.35 14.16
N TYR C 628 -33.58 -21.06 14.12
CA TYR C 628 -32.78 -21.26 12.92
C TYR C 628 -32.45 -22.73 12.77
N GLU C 629 -32.78 -23.32 11.62
CA GLU C 629 -32.76 -24.75 11.46
C GLU C 629 -31.41 -25.26 10.99
N PHE C 630 -31.16 -26.56 11.21
CA PHE C 630 -30.00 -27.20 10.66
C PHE C 630 -29.95 -26.94 9.15
N GLY C 631 -28.79 -26.50 8.68
CA GLY C 631 -28.57 -26.24 7.27
C GLY C 631 -28.90 -24.85 6.78
N TYR C 632 -29.27 -23.98 7.70
CA TYR C 632 -29.75 -22.66 7.34
C TYR C 632 -28.68 -21.58 7.44
N GLY C 633 -28.68 -20.68 6.47
CA GLY C 633 -27.83 -19.51 6.55
C GLY C 633 -28.19 -18.59 5.38
N LEU C 634 -27.84 -17.31 5.54
CA LEU C 634 -28.17 -16.29 4.56
C LEU C 634 -26.92 -15.92 3.79
N SER C 635 -27.07 -14.93 2.93
CA SER C 635 -25.98 -14.51 2.07
C SER C 635 -26.23 -13.06 1.70
N TYR C 636 -25.25 -12.35 1.15
CA TYR C 636 -25.51 -11.02 0.61
C TYR C 636 -26.18 -11.05 -0.81
N THR C 637 -26.46 -12.24 -1.33
CA THR C 637 -27.21 -12.41 -2.56
C THR C 637 -28.38 -13.36 -2.32
N THR C 638 -29.06 -13.76 -3.40
CA THR C 638 -30.14 -14.74 -3.33
C THR C 638 -29.91 -15.85 -4.35
N PHE C 639 -30.47 -17.02 -4.08
CA PHE C 639 -30.33 -18.15 -4.97
C PHE C 639 -31.66 -18.83 -5.18
N GLU C 640 -31.76 -19.55 -6.29
CA GLU C 640 -32.94 -20.37 -6.61
C GLU C 640 -32.51 -21.72 -7.10
N LEU C 641 -33.22 -22.72 -6.64
CA LEU C 641 -32.97 -24.06 -7.07
C LEU C 641 -34.11 -24.48 -7.98
N SER C 642 -33.82 -25.17 -9.06
CA SER C 642 -34.91 -25.65 -9.94
C SER C 642 -34.52 -26.87 -10.73
N ASP C 643 -35.50 -27.48 -11.40
CA ASP C 643 -35.19 -28.49 -12.42
C ASP C 643 -34.53 -29.78 -11.80
N LEU C 644 -35.16 -30.32 -10.75
CA LEU C 644 -34.68 -31.57 -10.12
C LEU C 644 -34.89 -32.76 -11.04
N HIS C 645 -33.82 -33.47 -11.40
CA HIS C 645 -33.96 -34.75 -12.13
C HIS C 645 -33.27 -35.93 -11.42
N VAL C 646 -33.87 -37.11 -11.57
CA VAL C 646 -33.46 -38.36 -10.95
C VAL C 646 -33.30 -39.43 -12.01
N GLN C 647 -32.10 -39.94 -12.13
CA GLN C 647 -31.80 -41.04 -13.03
C GLN C 647 -31.49 -42.34 -12.24
N PRO C 648 -32.36 -43.33 -12.32
CA PRO C 648 -31.96 -44.69 -11.86
C PRO C 648 -30.77 -45.25 -12.60
N LEU C 649 -29.84 -45.84 -11.84
CA LEU C 649 -28.61 -46.39 -12.40
C LEU C 649 -28.71 -47.89 -12.46
N ASN C 650 -28.08 -48.50 -13.48
CA ASN C 650 -28.03 -49.96 -13.63
C ASN C 650 -26.90 -50.40 -12.68
N ALA C 651 -27.25 -50.69 -11.44
CA ALA C 651 -26.27 -50.99 -10.38
C ALA C 651 -26.12 -52.50 -10.16
N SER C 652 -24.94 -52.93 -9.71
CA SER C 652 -24.75 -54.32 -9.32
C SER C 652 -25.47 -54.58 -7.99
N ARG C 653 -25.99 -55.80 -7.88
CA ARG C 653 -26.74 -56.20 -6.70
C ARG C 653 -25.89 -56.17 -5.44
N TYR C 654 -26.55 -56.12 -4.30
CA TYR C 654 -25.87 -56.22 -3.03
C TYR C 654 -25.67 -57.71 -2.81
N THR C 655 -24.46 -58.13 -2.49
CA THR C 655 -24.19 -59.50 -2.11
C THR C 655 -23.73 -59.49 -0.66
N PRO C 656 -24.54 -60.07 0.26
CA PRO C 656 -24.06 -60.19 1.65
C PRO C 656 -22.78 -61.02 1.69
N THR C 657 -21.78 -60.55 2.42
CA THR C 657 -20.50 -61.21 2.46
C THR C 657 -20.60 -62.54 3.23
N SER C 658 -19.92 -63.57 2.72
CA SER C 658 -19.87 -64.91 3.32
C SER C 658 -18.45 -65.43 3.29
N GLY C 659 -18.26 -66.70 3.66
CA GLY C 659 -16.96 -67.29 3.71
C GLY C 659 -16.20 -66.96 5.00
N MET C 660 -14.89 -67.20 4.94
CA MET C 660 -14.03 -67.32 6.13
C MET C 660 -12.84 -66.45 5.95
N THR C 661 -12.29 -65.96 7.05
CA THR C 661 -10.98 -65.32 7.02
C THR C 661 -9.87 -66.40 6.87
N GLU C 662 -8.60 -65.99 6.77
CA GLU C 662 -7.46 -66.87 7.02
C GLU C 662 -7.39 -67.12 8.53
N ALA C 663 -6.66 -68.16 8.89
CA ALA C 663 -6.28 -68.40 10.29
C ALA C 663 -5.18 -67.44 10.67
N ALA C 664 -5.09 -67.14 11.96
CA ALA C 664 -4.05 -66.24 12.49
C ALA C 664 -2.63 -66.78 12.26
N LYS C 665 -1.67 -65.89 12.14
CA LYS C 665 -0.28 -66.27 11.95
C LYS C 665 0.62 -65.65 12.99
N ASN C 666 1.66 -66.40 13.36
CA ASN C 666 2.75 -65.89 14.16
C ASN C 666 3.81 -65.39 13.26
N PHE C 667 4.32 -64.20 13.55
CA PHE C 667 5.35 -63.56 12.75
C PHE C 667 6.55 -63.38 13.68
N GLY C 668 7.65 -64.06 13.36
CA GLY C 668 8.82 -64.13 14.21
C GLY C 668 8.68 -65.23 15.26
N GLU C 669 9.70 -65.35 16.10
CA GLU C 669 9.81 -66.45 17.07
C GLU C 669 9.82 -65.84 18.43
N ILE C 670 9.31 -66.58 19.41
CA ILE C 670 9.53 -66.25 20.81
C ILE C 670 10.37 -67.34 21.49
N GLY C 671 11.44 -66.94 22.17
CA GLY C 671 12.27 -67.89 22.86
C GLY C 671 11.93 -68.00 24.33
N ASP C 672 12.99 -68.22 25.11
CA ASP C 672 12.94 -68.41 26.53
C ASP C 672 12.72 -67.11 27.27
N ALA C 673 12.02 -67.15 28.41
CA ALA C 673 11.84 -65.99 29.28
C ALA C 673 13.14 -65.21 29.48
N SER C 674 14.24 -65.92 29.68
CA SER C 674 15.57 -65.30 29.92
C SER C 674 16.03 -64.33 28.83
N GLU C 675 15.56 -64.54 27.59
CA GLU C 675 15.92 -63.63 26.49
C GLU C 675 15.39 -62.19 26.69
N TYR C 676 14.32 -62.06 27.46
CA TYR C 676 13.58 -60.80 27.63
C TYR C 676 13.77 -60.10 28.98
N VAL C 677 14.71 -60.59 29.80
CA VAL C 677 15.06 -59.92 31.08
C VAL C 677 15.78 -58.64 30.72
N TYR C 678 15.68 -57.62 31.58
CA TYR C 678 16.42 -56.36 31.38
C TYR C 678 17.88 -56.64 31.01
N PRO C 679 18.47 -55.90 30.03
CA PRO C 679 19.91 -56.01 29.83
C PRO C 679 20.69 -55.46 30.99
N GLU C 680 21.84 -56.10 31.26
CA GLU C 680 22.64 -55.82 32.45
C GLU C 680 22.99 -54.34 32.60
N GLY C 681 23.47 -53.70 31.51
CA GLY C 681 24.07 -52.33 31.58
C GLY C 681 23.12 -51.14 31.35
N LEU C 682 21.83 -51.41 31.20
CA LEU C 682 20.87 -50.36 30.90
C LEU C 682 20.51 -49.59 32.20
N GLU C 683 20.76 -48.27 32.21
CA GLU C 683 20.34 -47.41 33.30
C GLU C 683 18.84 -47.20 33.13
N ARG C 684 18.10 -47.73 34.08
CA ARG C 684 16.66 -47.59 34.08
C ARG C 684 16.26 -46.19 34.55
N ILE C 685 15.55 -45.46 33.68
CA ILE C 685 15.02 -44.13 34.02
C ILE C 685 13.79 -44.37 34.88
N HIS C 686 13.67 -43.64 35.99
CA HIS C 686 12.51 -43.77 36.86
C HIS C 686 11.23 -43.38 36.14
N GLU C 687 10.17 -44.10 36.42
CA GLU C 687 8.83 -43.95 35.84
C GLU C 687 8.73 -44.32 34.37
N PHE C 688 9.82 -44.64 33.70
CA PHE C 688 9.83 -44.99 32.32
C PHE C 688 9.32 -46.41 32.16
N ILE C 689 8.52 -46.62 31.13
CA ILE C 689 7.89 -47.90 30.90
C ILE C 689 8.70 -48.62 29.80
N TYR C 690 9.30 -49.75 30.18
CA TYR C 690 10.15 -50.59 29.32
C TYR C 690 9.41 -51.90 29.04
N PRO C 691 9.84 -52.67 28.00
CA PRO C 691 9.16 -53.91 27.66
C PRO C 691 9.68 -55.13 28.44
N TRP C 692 10.83 -54.96 29.07
CA TRP C 692 11.61 -56.01 29.69
C TRP C 692 11.01 -56.47 31.03
N ILE C 693 11.32 -57.72 31.39
CA ILE C 693 10.88 -58.30 32.68
C ILE C 693 12.04 -58.33 33.68
N ASN C 694 11.72 -58.15 34.96
CA ASN C 694 12.76 -58.15 36.01
C ASN C 694 13.54 -59.48 36.08
N SER C 695 12.83 -60.60 35.99
CA SER C 695 13.44 -61.93 36.06
C SER C 695 12.57 -62.91 35.31
N THR C 696 13.07 -64.15 35.19
CA THR C 696 12.30 -65.21 34.54
C THR C 696 11.13 -65.69 35.38
N ASP C 697 10.99 -65.20 36.61
CA ASP C 697 9.80 -65.44 37.41
C ASP C 697 8.70 -64.52 36.87
N LEU C 698 7.74 -65.10 36.17
CA LEU C 698 6.73 -64.33 35.47
C LEU C 698 5.73 -63.69 36.44
N LYS C 699 5.23 -64.46 37.40
CA LYS C 699 4.33 -63.92 38.45
C LYS C 699 4.91 -62.68 39.11
N ALA C 700 6.18 -62.79 39.49
CA ALA C 700 6.83 -61.72 40.22
C ALA C 700 7.07 -60.55 39.29
N SER C 701 7.41 -60.83 38.04
CA SER C 701 7.70 -59.77 37.07
C SER C 701 6.47 -58.93 36.73
N SER C 702 5.28 -59.55 36.78
CA SER C 702 4.00 -58.88 36.61
C SER C 702 3.57 -58.09 37.83
N ASP C 703 3.57 -58.75 38.98
CA ASP C 703 3.24 -58.11 40.27
C ASP C 703 1.75 -57.88 40.40
N ASP C 704 0.93 -58.45 39.51
CA ASP C 704 -0.51 -58.29 39.59
C ASP C 704 -0.97 -59.22 40.72
N SER C 705 -1.54 -58.67 41.77
CA SER C 705 -2.01 -59.46 42.91
C SER C 705 -3.07 -60.52 42.58
N ASN C 706 -3.72 -60.45 41.41
CA ASN C 706 -4.61 -61.52 40.95
C ASN C 706 -3.98 -62.39 39.86
N TYR C 707 -2.66 -62.37 39.73
CA TYR C 707 -1.96 -63.12 38.68
C TYR C 707 -2.26 -64.63 38.71
N GLY C 708 -2.46 -65.23 37.54
CA GLY C 708 -2.32 -66.64 37.37
C GLY C 708 -3.56 -67.50 37.32
N TRP C 709 -4.74 -66.91 37.23
CA TRP C 709 -5.95 -67.71 37.11
C TRP C 709 -6.03 -68.44 35.81
N GLU C 710 -6.83 -69.51 35.81
CA GLU C 710 -7.16 -70.24 34.59
C GLU C 710 -8.01 -69.29 33.69
N ASP C 711 -7.82 -69.40 32.38
CA ASP C 711 -8.43 -68.50 31.38
C ASP C 711 -9.97 -68.34 31.57
N SER C 712 -10.67 -69.45 31.73
CA SER C 712 -12.14 -69.47 31.85
C SER C 712 -12.69 -68.69 33.05
N LYS C 713 -11.84 -68.38 34.02
CA LYS C 713 -12.26 -67.58 35.14
C LYS C 713 -12.46 -66.09 34.80
N TYR C 714 -11.73 -65.57 33.79
CA TYR C 714 -11.77 -64.12 33.50
C TYR C 714 -11.61 -63.72 32.02
N ILE C 715 -11.73 -64.68 31.08
CA ILE C 715 -11.52 -64.46 29.65
C ILE C 715 -12.70 -65.14 28.93
N PRO C 716 -13.42 -64.41 28.05
CA PRO C 716 -14.53 -65.02 27.37
C PRO C 716 -14.11 -66.12 26.41
N GLU C 717 -15.04 -66.99 26.08
CA GLU C 717 -14.80 -68.04 25.10
C GLU C 717 -14.36 -67.44 23.75
N GLY C 718 -13.43 -68.09 23.07
CA GLY C 718 -13.02 -67.66 21.74
C GLY C 718 -11.95 -66.61 21.71
N ALA C 719 -11.65 -65.99 22.86
CA ALA C 719 -10.71 -64.87 22.90
C ALA C 719 -9.28 -65.22 22.45
N THR C 720 -8.93 -66.50 22.53
CA THR C 720 -7.60 -66.96 22.10
C THR C 720 -7.74 -67.95 20.93
N ASP C 721 -8.92 -68.00 20.28
CA ASP C 721 -9.14 -68.86 19.11
C ASP C 721 -8.49 -68.23 17.84
N GLY C 722 -7.44 -68.83 17.32
CA GLY C 722 -6.74 -68.34 16.13
C GLY C 722 -7.16 -68.99 14.83
N SER C 723 -8.26 -69.74 14.83
CA SER C 723 -8.69 -70.39 13.60
C SER C 723 -9.38 -69.37 12.65
N ALA C 724 -9.45 -69.72 11.37
CA ALA C 724 -10.29 -69.03 10.38
C ALA C 724 -11.66 -68.73 10.98
N GLN C 725 -12.11 -67.48 10.85
CA GLN C 725 -13.40 -67.04 11.39
C GLN C 725 -14.38 -66.65 10.28
N PRO C 726 -15.68 -66.66 10.58
CA PRO C 726 -16.66 -66.29 9.59
C PRO C 726 -16.55 -64.80 9.30
N ARG C 727 -16.73 -64.43 8.03
CA ARG C 727 -16.88 -63.01 7.68
C ARG C 727 -18.34 -62.52 7.95
N LEU C 728 -18.49 -61.31 8.47
CA LEU C 728 -19.79 -60.79 8.76
C LEU C 728 -20.46 -60.31 7.49
N PRO C 729 -21.82 -60.35 7.45
CA PRO C 729 -22.51 -60.08 6.16
C PRO C 729 -22.28 -58.65 5.69
N ALA C 730 -22.25 -57.70 6.62
CA ALA C 730 -22.06 -56.29 6.29
C ALA C 730 -20.59 -55.90 6.09
N SER C 731 -19.68 -56.87 6.22
CA SER C 731 -18.26 -56.65 5.94
C SER C 731 -17.97 -56.81 4.47
N GLY C 732 -16.71 -56.71 4.11
CA GLY C 732 -16.21 -57.03 2.78
C GLY C 732 -15.25 -56.04 2.17
N GLY C 733 -15.09 -54.88 2.80
CA GLY C 733 -14.16 -53.85 2.32
C GLY C 733 -14.01 -52.76 3.37
N ALA C 734 -13.24 -51.74 3.06
CA ALA C 734 -12.98 -50.64 4.01
C ALA C 734 -14.23 -49.84 4.19
N GLY C 735 -14.76 -49.85 5.41
CA GLY C 735 -16.01 -49.16 5.70
C GLY C 735 -17.23 -49.99 5.43
N GLY C 736 -17.02 -51.29 5.23
CA GLY C 736 -18.12 -52.23 5.09
C GLY C 736 -18.18 -52.81 3.70
N ASN C 737 -19.16 -53.70 3.53
CA ASN C 737 -19.48 -54.31 2.26
C ASN C 737 -19.41 -53.30 1.08
N PRO C 738 -18.61 -53.57 0.03
CA PRO C 738 -18.48 -52.57 -1.02
C PRO C 738 -19.80 -52.30 -1.79
N GLY C 739 -20.74 -53.23 -1.75
CA GLY C 739 -22.09 -53.00 -2.23
C GLY C 739 -22.84 -51.81 -1.63
N LEU C 740 -22.46 -51.40 -0.44
CA LEU C 740 -23.02 -50.24 0.15
C LEU C 740 -22.73 -48.99 -0.67
N TYR C 741 -21.58 -48.99 -1.36
CA TYR C 741 -21.04 -47.79 -1.99
C TYR C 741 -21.26 -47.83 -3.50
N GLU C 742 -22.12 -48.73 -3.93
CA GLU C 742 -22.65 -48.74 -5.28
C GLU C 742 -23.68 -47.59 -5.46
N ASP C 743 -23.54 -46.83 -6.53
CA ASP C 743 -24.47 -45.75 -6.88
C ASP C 743 -25.77 -46.30 -7.40
N LEU C 744 -26.87 -45.94 -6.77
CA LEU C 744 -28.20 -46.34 -7.22
C LEU C 744 -28.95 -45.28 -8.03
N PHE C 745 -28.74 -44.00 -7.73
CA PHE C 745 -29.41 -42.91 -8.43
C PHE C 745 -28.39 -41.81 -8.66
N ARG C 746 -28.53 -41.18 -9.83
CA ARG C 746 -27.89 -39.88 -10.10
C ARG C 746 -28.93 -38.77 -9.97
N VAL C 747 -28.64 -37.74 -9.16
CA VAL C 747 -29.57 -36.68 -8.86
C VAL C 747 -28.93 -35.36 -9.27
N SER C 748 -29.64 -34.57 -10.07
CA SER C 748 -29.15 -33.28 -10.52
C SER C 748 -30.19 -32.20 -10.24
N VAL C 749 -29.71 -30.98 -9.97
CA VAL C 749 -30.55 -29.82 -9.77
C VAL C 749 -29.79 -28.58 -10.27
N LYS C 750 -30.53 -27.57 -10.73
CA LYS C 750 -29.95 -26.29 -11.17
C LYS C 750 -29.93 -25.30 -10.00
N VAL C 751 -28.84 -24.57 -9.87
CA VAL C 751 -28.72 -23.55 -8.82
C VAL C 751 -28.38 -22.24 -9.52
N LYS C 752 -29.07 -21.16 -9.18
CA LYS C 752 -28.87 -19.88 -9.82
C LYS C 752 -28.70 -18.77 -8.83
N ASN C 753 -27.72 -17.91 -9.04
CA ASN C 753 -27.56 -16.70 -8.26
C ASN C 753 -28.47 -15.65 -8.90
N THR C 754 -29.56 -15.36 -8.18
CA THR C 754 -30.57 -14.40 -8.63
C THR C 754 -30.38 -12.97 -8.10
N GLY C 755 -29.29 -12.68 -7.38
CA GLY C 755 -29.06 -11.35 -6.80
C GLY C 755 -27.88 -10.64 -7.45
N ASN C 756 -27.32 -9.67 -6.75
CA ASN C 756 -26.37 -8.74 -7.33
C ASN C 756 -24.93 -8.86 -6.86
N VAL C 757 -24.64 -9.85 -6.02
CA VAL C 757 -23.28 -10.09 -5.57
C VAL C 757 -22.92 -11.57 -5.70
N ALA C 758 -21.67 -11.82 -6.10
CA ALA C 758 -21.11 -13.15 -6.21
C ALA C 758 -21.15 -13.81 -4.83
N GLY C 759 -21.44 -15.11 -4.80
CA GLY C 759 -21.56 -15.80 -3.51
C GLY C 759 -21.67 -17.31 -3.63
N ASP C 760 -21.66 -17.98 -2.47
CA ASP C 760 -21.77 -19.44 -2.41
C ASP C 760 -23.15 -19.85 -1.95
N GLU C 761 -23.69 -20.91 -2.54
CA GLU C 761 -24.89 -21.56 -2.02
C GLU C 761 -24.50 -22.98 -1.66
N VAL C 762 -25.20 -23.53 -0.67
CA VAL C 762 -25.02 -24.90 -0.25
C VAL C 762 -26.32 -25.65 -0.48
N PRO C 763 -26.52 -26.14 -1.71
CA PRO C 763 -27.62 -27.01 -1.90
C PRO C 763 -27.44 -28.31 -1.12
N GLN C 764 -28.56 -28.88 -0.68
CA GLN C 764 -28.63 -30.04 0.20
C GLN C 764 -29.70 -31.06 -0.26
N LEU C 765 -29.37 -32.35 -0.20
CA LEU C 765 -30.26 -33.43 -0.61
C LEU C 765 -30.53 -34.21 0.66
N TYR C 766 -31.82 -34.32 1.00
CA TYR C 766 -32.31 -35.03 2.18
C TYR C 766 -33.14 -36.19 1.67
N VAL C 767 -33.15 -37.30 2.41
CA VAL C 767 -34.04 -38.41 2.05
C VAL C 767 -34.98 -38.78 3.19
N SER C 768 -36.16 -39.25 2.78
CA SER C 768 -37.12 -39.90 3.65
C SER C 768 -36.97 -41.36 3.35
N LEU C 769 -36.42 -42.11 4.30
CA LEU C 769 -36.23 -43.54 4.14
C LEU C 769 -37.51 -44.36 4.24
N GLY C 770 -38.52 -43.80 4.90
N GLY C 770 -38.53 -43.81 4.91
CA GLY C 770 -39.84 -44.40 4.94
CA GLY C 770 -39.86 -44.42 5.01
C GLY C 770 -39.95 -45.47 6.01
C GLY C 770 -39.98 -45.37 6.19
N GLY C 771 -41.18 -45.83 6.30
N GLY C 771 -41.19 -45.55 6.74
CA GLY C 771 -41.42 -46.76 7.37
CA GLY C 771 -41.43 -46.44 7.92
C GLY C 771 -41.63 -46.05 8.66
C GLY C 771 -41.81 -45.63 9.16
N PRO C 772 -42.06 -46.79 9.69
N PRO C 772 -42.80 -46.11 9.97
CA PRO C 772 -42.43 -46.17 10.95
CA PRO C 772 -43.26 -45.25 11.10
C PRO C 772 -41.19 -46.02 11.81
C PRO C 772 -42.18 -44.95 12.15
N ASN C 773 -41.23 -45.01 12.68
N ASN C 773 -41.09 -45.70 12.09
CA ASN C 773 -40.10 -44.56 13.50
CA ASN C 773 -39.89 -45.52 12.96
C ASN C 773 -38.82 -44.20 12.74
C ASN C 773 -38.68 -44.83 12.27
N GLU C 774 -38.94 -43.88 11.44
N GLU C 774 -38.93 -44.05 11.22
CA GLU C 774 -37.84 -43.30 10.67
CA GLU C 774 -37.84 -43.34 10.55
C GLU C 774 -37.99 -41.79 10.59
C GLU C 774 -37.99 -41.81 10.54
N PRO C 775 -36.87 -41.05 10.63
CA PRO C 775 -37.00 -39.59 10.53
C PRO C 775 -37.61 -39.13 9.20
N LYS C 776 -38.39 -38.08 9.28
CA LYS C 776 -39.03 -37.49 8.10
C LYS C 776 -37.98 -37.26 7.03
N VAL C 777 -36.87 -36.63 7.43
CA VAL C 777 -35.71 -36.41 6.56
C VAL C 777 -34.40 -36.63 7.29
N VAL C 778 -33.44 -37.18 6.56
CA VAL C 778 -32.02 -37.21 6.99
C VAL C 778 -31.16 -36.68 5.81
N LEU C 779 -30.18 -35.88 6.14
CA LEU C 779 -29.24 -35.39 5.15
C LEU C 779 -28.47 -36.53 4.51
N ARG C 780 -28.26 -36.45 3.21
CA ARG C 780 -27.40 -37.42 2.52
C ARG C 780 -26.33 -36.82 1.66
N LYS C 781 -26.59 -35.73 0.95
CA LYS C 781 -25.59 -35.09 0.08
C LYS C 781 -25.68 -33.57 0.15
N PHE C 782 -24.59 -32.90 -0.24
CA PHE C 782 -24.50 -31.45 -0.17
C PHE C 782 -23.26 -31.02 -0.96
N GLU C 783 -23.17 -29.73 -1.23
CA GLU C 783 -22.02 -29.18 -1.97
C GLU C 783 -22.06 -27.68 -1.82
N ARG C 784 -20.92 -27.04 -1.78
CA ARG C 784 -20.86 -25.62 -1.71
C ARG C 784 -20.45 -25.16 -3.10
N ILE C 785 -21.24 -24.29 -3.71
CA ILE C 785 -21.07 -23.85 -5.10
C ILE C 785 -20.98 -22.32 -5.18
N HIS C 786 -19.94 -21.81 -5.81
CA HIS C 786 -19.74 -20.36 -5.97
C HIS C 786 -20.34 -19.89 -7.31
N LEU C 787 -21.14 -18.83 -7.26
CA LEU C 787 -21.87 -18.33 -8.44
C LEU C 787 -21.77 -16.82 -8.54
N ALA C 788 -21.41 -16.34 -9.73
CA ALA C 788 -21.49 -14.90 -10.04
C ALA C 788 -22.94 -14.51 -10.17
N PRO C 789 -23.25 -13.20 -10.04
CA PRO C 789 -24.62 -12.72 -10.20
C PRO C 789 -25.13 -13.14 -11.58
N SER C 790 -26.35 -13.71 -11.59
CA SER C 790 -27.00 -14.30 -12.77
C SER C 790 -26.47 -15.69 -13.19
N GLN C 791 -25.32 -16.13 -12.69
CA GLN C 791 -24.79 -17.43 -13.05
C GLN C 791 -25.67 -18.61 -12.59
N GLU C 792 -25.73 -19.63 -13.41
CA GLU C 792 -26.39 -20.90 -13.10
C GLU C 792 -25.41 -22.04 -13.28
N ALA C 793 -25.55 -23.05 -12.43
CA ALA C 793 -24.78 -24.27 -12.51
C ALA C 793 -25.67 -25.43 -12.09
N VAL C 794 -25.47 -26.58 -12.72
CA VAL C 794 -26.16 -27.76 -12.33
C VAL C 794 -25.26 -28.55 -11.38
N TRP C 795 -25.82 -28.94 -10.24
CA TRP C 795 -25.14 -29.79 -9.28
C TRP C 795 -25.61 -31.22 -9.49
N THR C 796 -24.66 -32.12 -9.80
CA THR C 796 -24.96 -33.55 -9.82
C THR C 796 -24.30 -34.30 -8.64
N THR C 797 -25.09 -35.11 -7.95
CA THR C 797 -24.62 -35.96 -6.90
C THR C 797 -25.15 -37.37 -7.17
N THR C 798 -24.79 -38.31 -6.29
CA THR C 798 -25.36 -39.64 -6.35
C THR C 798 -25.90 -40.04 -5.02
N LEU C 799 -26.80 -41.02 -5.05
CA LEU C 799 -27.23 -41.73 -3.86
C LEU C 799 -26.74 -43.16 -3.97
N THR C 800 -26.01 -43.59 -2.94
CA THR C 800 -25.51 -44.95 -2.81
C THR C 800 -26.57 -45.83 -2.18
N ARG C 801 -26.36 -47.13 -2.28
CA ARG C 801 -27.14 -48.08 -1.55
C ARG C 801 -27.20 -47.77 -0.05
N ARG C 802 -26.08 -47.47 0.52
CA ARG C 802 -26.02 -47.14 1.93
C ARG C 802 -26.87 -45.93 2.27
N ASP C 803 -26.87 -44.94 1.39
CA ASP C 803 -27.66 -43.72 1.58
C ASP C 803 -29.14 -44.04 1.70
N LEU C 804 -29.58 -45.13 1.09
CA LEU C 804 -31.00 -45.52 1.10
C LEU C 804 -31.35 -46.69 2.01
N ALA C 805 -30.38 -47.19 2.75
CA ALA C 805 -30.55 -48.44 3.52
C ALA C 805 -30.87 -48.19 4.97
N ASN C 806 -31.32 -49.27 5.61
CA ASN C 806 -31.45 -49.31 7.05
C ASN C 806 -30.70 -50.50 7.60
N TRP C 807 -30.26 -50.41 8.85
CA TRP C 807 -29.61 -51.54 9.52
C TRP C 807 -30.69 -52.49 10.08
N ASP C 808 -30.60 -53.74 9.66
CA ASP C 808 -31.51 -54.81 10.03
C ASP C 808 -30.83 -55.63 11.11
N VAL C 809 -31.34 -55.52 12.33
CA VAL C 809 -30.71 -56.17 13.46
C VAL C 809 -30.77 -57.72 13.35
N SER C 810 -31.79 -58.27 12.71
CA SER C 810 -31.94 -59.71 12.53
C SER C 810 -30.99 -60.31 11.53
N ALA C 811 -30.84 -59.65 10.38
CA ALA C 811 -29.92 -60.11 9.37
C ALA C 811 -28.51 -59.71 9.71
N GLN C 812 -28.34 -58.79 10.66
CA GLN C 812 -27.04 -58.15 10.88
C GLN C 812 -26.46 -57.68 9.55
N ASP C 813 -27.27 -56.88 8.87
CA ASP C 813 -26.90 -56.37 7.56
C ASP C 813 -27.67 -55.10 7.25
N TRP C 814 -27.16 -54.38 6.26
CA TRP C 814 -27.82 -53.17 5.76
C TRP C 814 -28.81 -53.62 4.71
N THR C 815 -30.00 -53.11 4.78
CA THR C 815 -31.06 -53.49 3.87
C THR C 815 -31.77 -52.23 3.38
N VAL C 816 -32.03 -52.17 2.08
CA VAL C 816 -32.90 -51.17 1.53
C VAL C 816 -34.34 -51.69 1.71
N THR C 817 -35.11 -51.06 2.59
CA THR C 817 -36.42 -51.56 3.00
C THR C 817 -37.45 -51.33 1.89
N PRO C 818 -38.56 -52.11 1.90
CA PRO C 818 -39.59 -51.93 0.83
C PRO C 818 -40.35 -50.62 0.94
N TYR C 819 -40.25 -49.92 2.05
CA TYR C 819 -40.92 -48.64 2.17
C TYR C 819 -40.52 -47.67 1.07
N PRO C 820 -41.49 -46.90 0.56
CA PRO C 820 -41.15 -45.93 -0.48
C PRO C 820 -40.23 -44.82 0.03
N LYS C 821 -39.27 -44.45 -0.80
CA LYS C 821 -38.29 -43.40 -0.44
C LYS C 821 -38.55 -42.17 -1.28
N THR C 822 -38.37 -41.01 -0.67
CA THR C 822 -38.57 -39.72 -1.29
C THR C 822 -37.35 -38.86 -1.02
N ILE C 823 -36.93 -38.10 -2.03
CA ILE C 823 -35.88 -37.11 -1.88
C ILE C 823 -36.40 -35.70 -1.85
N TYR C 824 -35.70 -34.84 -1.11
CA TYR C 824 -36.01 -33.44 -0.94
C TYR C 824 -34.73 -32.63 -1.15
N VAL C 825 -34.80 -31.62 -2.02
CA VAL C 825 -33.67 -30.81 -2.37
C VAL C 825 -34.02 -29.38 -2.06
N GLY C 826 -33.04 -28.71 -1.50
CA GLY C 826 -33.23 -27.35 -1.08
C GLY C 826 -31.98 -26.76 -0.49
N ASN C 827 -32.12 -25.72 0.32
CA ASN C 827 -30.92 -25.11 0.91
C ASN C 827 -31.01 -24.97 2.46
N SER C 828 -31.89 -25.73 3.08
CA SER C 828 -31.83 -26.01 4.51
C SER C 828 -32.64 -27.26 4.78
N SER C 829 -32.59 -27.75 6.01
CA SER C 829 -33.41 -28.90 6.39
C SER C 829 -34.94 -28.61 6.41
N ARG C 830 -35.33 -27.33 6.36
CA ARG C 830 -36.71 -26.94 6.25
C ARG C 830 -37.09 -26.13 5.00
N LYS C 831 -36.14 -25.82 4.14
CA LYS C 831 -36.40 -25.08 2.92
C LYS C 831 -36.06 -26.05 1.80
N LEU C 832 -37.05 -26.85 1.47
CA LEU C 832 -36.95 -27.97 0.56
C LEU C 832 -38.07 -27.90 -0.47
N PRO C 833 -37.99 -26.95 -1.43
CA PRO C 833 -39.06 -26.76 -2.42
C PRO C 833 -39.13 -27.82 -3.52
N LEU C 834 -38.07 -28.61 -3.73
CA LEU C 834 -38.06 -29.63 -4.75
C LEU C 834 -38.06 -31.01 -4.12
N GLN C 835 -38.76 -31.93 -4.77
CA GLN C 835 -38.91 -33.28 -4.29
C GLN C 835 -39.21 -34.25 -5.40
N ALA C 836 -38.97 -35.52 -5.11
CA ALA C 836 -39.27 -36.60 -6.04
C ALA C 836 -39.33 -37.92 -5.29
N SER C 837 -40.31 -38.75 -5.66
CA SER C 837 -40.37 -40.14 -5.21
C SER C 837 -39.37 -40.96 -5.97
N LEU C 838 -38.66 -41.84 -5.29
CA LEU C 838 -37.66 -42.64 -5.95
C LEU C 838 -38.34 -43.93 -6.34
N PRO C 839 -38.04 -44.45 -7.53
CA PRO C 839 -38.50 -45.81 -7.81
C PRO C 839 -37.73 -46.82 -6.97
N LYS C 840 -38.29 -48.02 -6.88
CA LYS C 840 -37.65 -49.15 -6.24
C LYS C 840 -36.28 -49.39 -6.87
N ALA C 841 -35.26 -49.25 -6.01
CA ALA C 841 -33.91 -49.77 -6.13
C ALA C 841 -33.77 -50.74 -4.96
N GLN C 842 -32.82 -51.67 -5.08
CA GLN C 842 -32.40 -52.56 -3.98
C GLN C 842 -30.88 -52.49 -3.85
N LEU D 4 2.01 36.60 58.49
CA LEU D 4 1.20 36.05 57.32
C LEU D 4 1.42 36.88 56.07
N ALA D 5 1.72 36.23 54.95
CA ALA D 5 2.15 36.94 53.76
C ALA D 5 1.07 37.90 53.28
N TYR D 6 1.47 39.07 52.81
CA TYR D 6 0.53 40.14 52.46
C TYR D 6 0.76 40.58 51.01
N SER D 7 -0.33 40.76 50.27
CA SER D 7 -0.29 41.23 48.90
C SER D 7 -0.64 42.71 48.85
N PRO D 8 0.36 43.58 48.63
CA PRO D 8 0.00 45.01 48.67
C PRO D 8 -0.93 45.50 47.55
N PRO D 9 -1.59 46.66 47.78
CA PRO D 9 -2.55 47.17 46.80
C PRO D 9 -1.86 47.85 45.63
N PHE D 10 -2.38 47.64 44.43
CA PHE D 10 -1.99 48.41 43.27
C PHE D 10 -3.25 48.81 42.52
N TYR D 11 -3.51 50.11 42.51
CA TYR D 11 -4.72 50.65 41.92
C TYR D 11 -4.40 51.96 41.27
N PRO D 12 -5.21 52.42 40.32
CA PRO D 12 -6.36 51.75 39.72
C PRO D 12 -5.98 50.62 38.73
N SER D 13 -7.01 49.88 38.31
CA SER D 13 -6.86 48.86 37.31
C SER D 13 -6.55 49.51 35.97
N PRO D 14 -5.32 49.32 35.43
CA PRO D 14 -5.00 50.02 34.19
C PRO D 14 -5.97 49.76 33.05
N TRP D 15 -6.27 50.82 32.32
CA TRP D 15 -7.22 50.75 31.22
C TRP D 15 -6.47 50.53 29.95
N ALA D 16 -7.12 49.87 28.98
CA ALA D 16 -6.55 49.62 27.66
C ALA D 16 -6.13 50.91 26.97
N ASP D 17 -5.18 50.81 26.05
CA ASP D 17 -4.73 51.98 25.28
C ASP D 17 -4.33 51.71 23.83
N GLY D 18 -4.67 50.53 23.29
CA GLY D 18 -4.31 50.16 21.92
C GLY D 18 -2.83 50.19 21.61
N GLN D 19 -1.99 49.97 22.62
CA GLN D 19 -0.54 49.90 22.41
C GLN D 19 -0.13 48.77 21.44
N GLY D 20 0.91 49.06 20.67
CA GLY D 20 1.55 48.08 19.82
C GLY D 20 0.59 47.56 18.78
N GLU D 21 0.51 46.23 18.71
CA GLU D 21 -0.34 45.53 17.71
C GLU D 21 -1.84 45.62 17.98
N TRP D 22 -2.24 46.24 19.09
CA TRP D 22 -3.65 46.30 19.44
C TRP D 22 -4.31 47.60 18.94
N ALA D 23 -3.58 48.48 18.25
CA ALA D 23 -4.09 49.85 17.94
C ALA D 23 -5.41 49.87 17.17
N GLU D 24 -5.53 49.08 16.11
CA GLU D 24 -6.74 49.09 15.29
C GLU D 24 -7.89 48.42 15.95
N VAL D 25 -7.63 47.30 16.63
CA VAL D 25 -8.74 46.58 17.30
C VAL D 25 -9.24 47.33 18.56
N TYR D 26 -8.34 48.03 19.25
CA TYR D 26 -8.73 48.93 20.35
C TYR D 26 -9.66 50.06 19.87
N LYS D 27 -9.29 50.71 18.77
CA LYS D 27 -10.16 51.72 18.12
C LYS D 27 -11.54 51.14 17.80
N ARG D 28 -11.58 49.98 17.16
CA ARG D 28 -12.86 49.36 16.82
C ARG D 28 -13.63 48.92 18.06
N ALA D 29 -12.93 48.50 19.10
CA ALA D 29 -13.57 48.04 20.34
C ALA D 29 -14.23 49.21 21.07
N VAL D 30 -13.49 50.29 21.20
CA VAL D 30 -14.03 51.53 21.71
C VAL D 30 -15.27 52.01 20.91
N ASP D 31 -15.19 51.97 19.57
CA ASP D 31 -16.27 52.41 18.67
C ASP D 31 -17.56 51.64 18.93
N ILE D 32 -17.49 50.31 18.99
CA ILE D 32 -18.69 49.52 19.31
C ILE D 32 -19.16 49.54 20.80
N VAL D 33 -18.23 49.56 21.75
CA VAL D 33 -18.58 49.65 23.19
C VAL D 33 -19.22 51.03 23.52
N SER D 34 -18.81 52.06 22.78
CA SER D 34 -19.45 53.36 22.88
C SER D 34 -20.93 53.38 22.52
N GLN D 35 -21.37 52.46 21.68
CA GLN D 35 -22.76 52.31 21.30
C GLN D 35 -23.55 51.45 22.28
N MET D 36 -22.91 50.82 23.26
CA MET D 36 -23.61 49.87 24.14
C MET D 36 -24.30 50.54 25.33
N THR D 37 -25.41 49.96 25.78
CA THR D 37 -26.03 50.34 27.07
C THR D 37 -25.28 49.64 28.20
N LEU D 38 -25.48 50.05 29.45
CA LEU D 38 -24.78 49.44 30.58
C LEU D 38 -25.02 47.94 30.68
N THR D 39 -26.25 47.50 30.49
CA THR D 39 -26.60 46.09 30.57
C THR D 39 -26.06 45.23 29.40
N GLU D 40 -25.85 45.85 28.23
CA GLU D 40 -25.19 45.17 27.12
C GLU D 40 -23.72 44.89 27.44
N LYS D 41 -23.06 45.88 28.03
CA LYS D 41 -21.69 45.76 28.49
C LYS D 41 -21.54 44.69 29.59
N VAL D 42 -22.40 44.77 30.59
CA VAL D 42 -22.40 43.77 31.66
C VAL D 42 -22.60 42.35 31.11
N ASN D 43 -23.37 42.23 30.04
CA ASN D 43 -23.63 40.94 29.43
C ASN D 43 -22.31 40.28 28.96
N LEU D 44 -21.41 41.06 28.38
CA LEU D 44 -20.14 40.53 27.86
C LEU D 44 -19.25 40.07 29.00
N THR D 45 -19.36 40.74 30.15
CA THR D 45 -18.50 40.45 31.30
C THR D 45 -18.90 39.22 32.11
N THR D 46 -20.08 38.67 31.89
CA THR D 46 -20.65 37.72 32.86
C THR D 46 -21.24 36.54 32.14
N GLY D 47 -20.82 35.36 32.56
CA GLY D 47 -21.31 34.16 31.94
C GLY D 47 -22.75 33.96 32.36
N THR D 48 -23.45 33.13 31.61
CA THR D 48 -24.87 32.96 31.78
C THR D 48 -25.23 31.81 32.70
N GLY D 49 -24.23 31.23 33.37
CA GLY D 49 -24.44 30.16 34.35
C GLY D 49 -24.08 28.75 33.86
N TRP D 50 -23.64 27.94 34.81
CA TRP D 50 -23.16 26.59 34.54
C TRP D 50 -24.18 25.68 33.86
N GLN D 51 -23.84 25.15 32.69
CA GLN D 51 -24.69 24.20 32.01
C GLN D 51 -26.01 24.77 31.49
N LEU D 52 -26.03 26.07 31.24
CA LEU D 52 -27.21 26.74 30.71
C LEU D 52 -27.26 27.01 29.21
N GLU D 53 -26.09 27.01 28.56
CA GLU D 53 -26.04 27.08 27.10
C GLU D 53 -25.21 25.93 26.50
N ARG D 54 -24.41 26.14 25.46
CA ARG D 54 -23.71 25.06 24.76
C ARG D 54 -22.30 24.80 25.27
N CYS D 55 -21.58 25.86 25.58
CA CYS D 55 -20.18 25.80 25.88
C CYS D 55 -19.94 25.85 27.37
N VAL D 56 -18.75 25.44 27.78
CA VAL D 56 -18.42 25.40 29.21
C VAL D 56 -18.49 26.81 29.83
N GLY D 57 -18.24 27.83 29.02
CA GLY D 57 -18.50 29.22 29.38
C GLY D 57 -19.18 29.89 28.22
N GLN D 58 -20.18 30.73 28.49
CA GLN D 58 -20.84 31.58 27.44
C GLN D 58 -21.20 32.89 28.05
N THR D 59 -20.83 33.97 27.37
CA THR D 59 -21.16 35.28 27.88
C THR D 59 -22.60 35.59 27.48
N GLY D 60 -23.12 36.70 28.01
CA GLY D 60 -24.35 37.26 27.47
C GLY D 60 -24.05 37.79 26.08
N SER D 61 -25.11 38.06 25.31
CA SER D 61 -25.01 38.58 23.95
C SER D 61 -25.34 40.08 23.91
N VAL D 62 -25.15 40.69 22.75
CA VAL D 62 -25.59 42.05 22.49
C VAL D 62 -26.36 42.04 21.19
N PRO D 63 -27.59 41.48 21.21
CA PRO D 63 -28.34 41.27 19.97
C PRO D 63 -28.68 42.55 19.24
N ARG D 64 -28.94 43.64 19.96
CA ARG D 64 -29.15 44.95 19.31
C ARG D 64 -28.00 45.35 18.35
N LEU D 65 -26.76 45.04 18.69
CA LEU D 65 -25.59 45.33 17.82
C LEU D 65 -25.04 44.14 16.98
N ASN D 66 -25.81 43.04 16.86
CA ASN D 66 -25.38 41.84 16.14
C ASN D 66 -24.06 41.24 16.74
N ILE D 67 -23.90 41.28 18.06
CA ILE D 67 -22.78 40.61 18.72
C ILE D 67 -23.32 39.36 19.40
N PRO D 68 -22.97 38.19 18.85
CA PRO D 68 -23.37 36.97 19.54
C PRO D 68 -22.59 36.70 20.81
N SER D 69 -23.14 35.80 21.61
CA SER D 69 -22.49 35.29 22.82
C SER D 69 -21.09 34.70 22.49
N LEU D 70 -20.10 35.00 23.32
CA LEU D 70 -18.79 34.38 23.20
C LEU D 70 -18.85 33.01 23.81
N CYS D 71 -18.52 31.99 23.01
CA CYS D 71 -18.45 30.60 23.48
C CYS D 71 -16.97 30.26 23.86
N LEU D 72 -16.77 29.81 25.10
CA LEU D 72 -15.47 29.54 25.71
C LEU D 72 -15.42 28.04 25.99
N GLN D 73 -14.38 27.34 25.50
CA GLN D 73 -14.32 25.87 25.63
C GLN D 73 -12.93 25.38 25.98
N ASP D 74 -12.87 24.47 26.97
CA ASP D 74 -11.70 23.65 27.25
C ASP D 74 -11.39 22.82 25.96
N SER D 75 -10.19 22.29 25.74
CA SER D 75 -9.05 22.24 26.64
C SER D 75 -7.76 22.65 25.89
N PRO D 76 -6.63 22.72 26.61
CA PRO D 76 -5.37 23.01 25.96
C PRO D 76 -4.86 21.95 24.96
N LEU D 77 -5.48 20.77 24.90
CA LEU D 77 -5.06 19.68 24.00
C LEU D 77 -6.18 19.18 23.10
N GLY D 78 -7.27 19.94 23.01
CA GLY D 78 -8.40 19.55 22.18
C GLY D 78 -9.75 19.94 22.76
N ILE D 79 -10.76 19.92 21.90
CA ILE D 79 -12.07 20.37 22.29
C ILE D 79 -12.62 19.41 23.34
N ARG D 80 -12.96 19.94 24.50
CA ARG D 80 -13.62 19.19 25.55
C ARG D 80 -15.12 19.02 25.29
N PHE D 81 -15.69 17.91 25.76
CA PHE D 81 -17.15 17.70 25.77
C PHE D 81 -17.80 17.82 24.39
N SER D 82 -17.20 17.19 23.39
CA SER D 82 -17.68 17.31 22.03
C SER D 82 -17.52 16.00 21.29
N ASP D 83 -17.65 16.05 19.97
CA ASP D 83 -17.52 14.85 19.15
C ASP D 83 -16.88 15.16 17.84
N TYR D 84 -16.50 14.12 17.11
CA TYR D 84 -15.85 14.27 15.79
C TYR D 84 -14.75 15.31 15.79
N ASN D 85 -13.96 15.27 16.86
CA ASN D 85 -12.81 16.12 17.12
C ASN D 85 -11.58 15.25 17.43
N SER D 86 -10.42 15.87 17.45
CA SER D 86 -9.16 15.17 17.65
C SER D 86 -8.71 15.32 19.11
N ALA D 87 -7.91 14.36 19.58
CA ALA D 87 -7.29 14.45 20.91
C ALA D 87 -5.82 14.56 20.69
N PHE D 88 -5.28 15.74 20.94
CA PHE D 88 -3.86 16.02 20.65
C PHE D 88 -2.96 15.53 21.81
N PRO D 89 -1.63 15.44 21.56
CA PRO D 89 -0.74 15.17 22.67
C PRO D 89 -0.74 16.34 23.64
N ALA D 90 -0.44 16.04 24.88
CA ALA D 90 -0.48 17.01 25.97
C ALA D 90 0.62 18.01 25.81
N GLY D 91 0.48 19.10 26.57
CA GLY D 91 1.48 20.12 26.51
C GLY D 91 2.86 19.63 26.86
N VAL D 92 2.96 18.71 27.84
CA VAL D 92 4.27 18.20 28.22
C VAL D 92 4.99 17.51 27.06
N ASN D 93 4.22 16.81 26.22
CA ASN D 93 4.76 16.26 25.00
C ASN D 93 5.32 17.37 24.09
N VAL D 94 4.61 18.47 23.97
CA VAL D 94 5.07 19.57 23.10
C VAL D 94 6.40 20.04 23.69
N ALA D 95 6.49 20.13 25.01
CA ALA D 95 7.73 20.56 25.64
C ALA D 95 8.88 19.62 25.28
N ALA D 96 8.61 18.31 25.34
CA ALA D 96 9.58 17.29 24.99
C ALA D 96 10.06 17.38 23.56
N THR D 97 9.28 17.97 22.65
CA THR D 97 9.72 18.13 21.25
C THR D 97 10.84 19.18 21.12
N TRP D 98 10.88 20.15 22.02
CA TRP D 98 11.78 21.27 21.94
C TRP D 98 11.67 21.94 20.56
N ASP D 99 10.47 21.92 19.99
CA ASP D 99 10.23 22.31 18.62
C ASP D 99 9.15 23.40 18.48
N LYS D 100 9.60 24.62 18.22
CA LYS D 100 8.74 25.80 17.98
C LYS D 100 7.70 25.63 16.89
N THR D 101 8.10 24.96 15.83
CA THR D 101 7.23 24.71 14.72
C THR D 101 6.11 23.73 15.05
N LEU D 102 6.41 22.62 15.72
CA LEU D 102 5.38 21.70 16.07
C LEU D 102 4.39 22.37 17.05
N ALA D 103 4.88 23.19 17.99
CA ALA D 103 3.97 23.90 18.92
C ALA D 103 3.02 24.78 18.16
N TYR D 104 3.58 25.56 17.23
CA TYR D 104 2.76 26.40 16.35
C TYR D 104 1.75 25.59 15.54
N LEU D 105 2.22 24.53 14.88
CA LEU D 105 1.34 23.70 14.04
C LEU D 105 0.19 23.02 14.82
N ARG D 106 0.49 22.63 16.05
CA ARG D 106 -0.51 22.04 16.94
C ARG D 106 -1.54 23.10 17.37
N GLY D 107 -1.06 24.32 17.66
CA GLY D 107 -1.92 25.46 17.95
C GLY D 107 -2.88 25.77 16.81
N GLN D 108 -2.35 25.81 15.59
CA GLN D 108 -3.12 25.99 14.40
C GLN D 108 -4.17 24.89 14.18
N ALA D 109 -3.78 23.63 14.33
CA ALA D 109 -4.69 22.51 14.12
C ALA D 109 -5.81 22.55 15.13
N MET D 110 -5.47 22.88 16.36
CA MET D 110 -6.48 23.00 17.43
C MET D 110 -7.44 24.14 17.14
N GLY D 111 -6.90 25.29 16.83
CA GLY D 111 -7.69 26.47 16.49
C GLY D 111 -8.68 26.23 15.37
N GLU D 112 -8.28 25.46 14.36
CA GLU D 112 -9.15 25.09 13.26
C GLU D 112 -10.33 24.32 13.76
N GLU D 113 -10.09 23.37 14.68
CA GLU D 113 -11.16 22.52 15.16
C GLU D 113 -12.10 23.32 16.04
N PHE D 114 -11.54 24.11 16.95
CA PHE D 114 -12.37 24.95 17.82
C PHE D 114 -13.28 25.86 16.99
N SER D 115 -12.67 26.56 16.04
CA SER D 115 -13.40 27.48 15.16
C SER D 115 -14.57 26.84 14.44
N ASP D 116 -14.34 25.67 13.86
CA ASP D 116 -15.33 24.91 13.11
C ASP D 116 -16.49 24.34 13.93
N LYS D 117 -16.32 24.22 15.24
CA LYS D 117 -17.41 23.89 16.17
C LYS D 117 -18.17 25.14 16.66
N GLY D 118 -17.74 26.33 16.25
CA GLY D 118 -18.37 27.58 16.67
C GLY D 118 -17.91 28.05 18.02
N ILE D 119 -16.67 27.74 18.35
CA ILE D 119 -16.09 28.19 19.57
C ILE D 119 -15.21 29.42 19.28
N ASP D 120 -15.35 30.43 20.12
CA ASP D 120 -14.62 31.69 19.99
C ASP D 120 -13.37 31.78 20.85
N VAL D 121 -13.35 31.05 21.99
CA VAL D 121 -12.25 31.13 22.93
C VAL D 121 -11.84 29.72 23.35
N GLN D 122 -10.55 29.40 23.12
CA GLN D 122 -9.98 28.15 23.58
C GLN D 122 -9.40 28.43 24.94
N LEU D 123 -9.72 27.56 25.90
CA LEU D 123 -9.25 27.72 27.27
C LEU D 123 -7.91 27.01 27.44
N GLY D 124 -6.91 27.67 26.88
CA GLY D 124 -5.56 27.13 26.79
C GLY D 124 -4.76 28.03 25.86
N PRO D 125 -3.44 27.90 25.85
CA PRO D 125 -2.70 26.83 26.50
C PRO D 125 -2.30 27.21 27.94
N ALA D 126 -1.49 26.36 28.62
CA ALA D 126 -1.16 26.54 30.02
C ALA D 126 0.33 26.68 30.26
N ALA D 127 0.71 27.64 31.10
CA ALA D 127 2.04 27.75 31.67
C ALA D 127 2.01 27.92 33.20
N GLY D 128 0.88 27.64 33.81
CA GLY D 128 0.69 27.75 35.24
C GLY D 128 -0.33 26.67 35.60
N PRO D 129 0.03 25.64 36.35
CA PRO D 129 1.33 25.46 36.99
C PRO D 129 2.51 25.29 36.03
N LEU D 130 3.61 25.98 36.37
CA LEU D 130 4.86 25.85 35.68
C LEU D 130 5.48 24.52 35.95
N GLY D 131 5.54 24.14 37.22
CA GLY D 131 5.94 22.78 37.62
C GLY D 131 6.93 22.71 38.74
N ALA D 132 6.70 23.50 39.78
CA ALA D 132 7.58 23.53 40.95
C ALA D 132 7.59 22.18 41.66
N HIS D 133 6.46 21.49 41.68
CA HIS D 133 6.33 20.21 42.37
C HIS D 133 6.20 19.10 41.33
N PRO D 134 7.12 18.13 41.27
CA PRO D 134 6.95 17.10 40.19
C PRO D 134 5.67 16.28 40.31
N ASP D 135 5.11 16.27 41.51
CA ASP D 135 3.86 15.57 41.81
C ASP D 135 2.63 16.44 41.69
N GLY D 136 2.79 17.70 41.28
CA GLY D 136 1.64 18.58 41.02
C GLY D 136 0.75 17.97 39.96
N GLY D 137 -0.55 17.95 40.22
CA GLY D 137 -1.46 17.18 39.46
C GLY D 137 -1.70 17.63 38.02
N ARG D 138 -1.43 18.90 37.71
CA ARG D 138 -1.67 19.47 36.39
C ARG D 138 -0.47 19.99 35.61
N ASN D 139 0.74 19.68 36.04
CA ASN D 139 1.93 20.14 35.33
C ASN D 139 1.88 19.73 33.84
N TRP D 140 1.45 18.50 33.59
CA TRP D 140 1.34 17.95 32.24
C TRP D 140 0.58 18.79 31.20
N GLU D 141 -0.38 19.60 31.66
CA GLU D 141 -1.18 20.45 30.76
C GLU D 141 -0.35 21.56 30.17
N GLY D 142 0.67 21.97 30.93
CA GLY D 142 1.58 23.04 30.57
C GLY D 142 2.73 22.49 29.73
N PHE D 143 3.94 22.96 29.99
CA PHE D 143 5.11 22.56 29.19
C PHE D 143 6.19 22.02 30.08
N SER D 144 6.98 22.88 30.71
CA SER D 144 8.15 22.45 31.43
C SER D 144 8.33 23.32 32.70
N PRO D 145 8.96 22.78 33.76
CA PRO D 145 9.33 23.65 34.82
C PRO D 145 10.27 24.76 34.35
N ASP D 146 10.98 24.56 33.23
CA ASP D 146 11.87 25.62 32.78
C ASP D 146 11.06 26.76 32.14
N PRO D 147 11.25 28.02 32.63
CA PRO D 147 10.50 29.16 32.10
C PRO D 147 10.81 29.55 30.68
N ALA D 148 12.07 29.42 30.24
CA ALA D 148 12.43 29.75 28.87
C ALA D 148 11.79 28.79 27.88
N LEU D 149 11.99 27.50 28.06
CA LEU D 149 11.38 26.50 27.16
C LEU D 149 9.86 26.67 27.13
N THR D 150 9.26 26.77 28.31
CA THR D 150 7.80 26.94 28.43
C THR D 150 7.33 28.18 27.72
N GLY D 151 8.00 29.31 27.98
CA GLY D 151 7.61 30.56 27.35
C GLY D 151 7.58 30.56 25.85
N VAL D 152 8.62 30.00 25.24
CA VAL D 152 8.73 29.93 23.80
C VAL D 152 7.56 29.09 23.20
N LEU D 153 7.32 27.93 23.77
CA LEU D 153 6.37 27.00 23.17
C LEU D 153 4.92 27.41 23.49
N PHE D 154 4.75 28.05 24.65
CA PHE D 154 3.48 28.72 25.09
C PHE D 154 3.10 29.76 24.07
N ALA D 155 4.03 30.68 23.79
CA ALA D 155 3.85 31.72 22.75
C ALA D 155 3.54 31.19 21.38
N GLU D 156 4.27 30.14 20.92
CA GLU D 156 4.01 29.60 19.58
C GLU D 156 2.64 28.96 19.50
N THR D 157 2.27 28.23 20.55
CA THR D 157 0.95 27.61 20.61
C THR D 157 -0.11 28.68 20.53
N ILE D 158 0.05 29.76 21.28
CA ILE D 158 -0.89 30.92 21.24
C ILE D 158 -1.00 31.48 19.82
N LYS D 159 0.15 31.73 19.16
CA LYS D 159 0.14 32.26 17.82
C LYS D 159 -0.58 31.35 16.84
N GLY D 160 -0.42 30.04 17.01
CA GLY D 160 -1.10 29.08 16.13
C GLY D 160 -2.60 29.09 16.32
N ILE D 161 -3.03 29.08 17.59
CA ILE D 161 -4.45 29.13 17.88
C ILE D 161 -5.05 30.43 17.30
N GLN D 162 -4.40 31.55 17.57
CA GLN D 162 -4.96 32.86 17.16
C GLN D 162 -4.88 33.14 15.66
N ASP D 163 -3.85 32.64 14.98
CA ASP D 163 -3.80 32.70 13.51
C ASP D 163 -4.93 31.86 12.88
N ALA D 164 -5.40 30.80 13.53
CA ALA D 164 -6.57 30.09 13.04
C ALA D 164 -7.93 30.74 13.46
N GLY D 165 -7.91 31.88 14.17
CA GLY D 165 -9.09 32.74 14.35
C GLY D 165 -9.88 32.49 15.63
N VAL D 166 -9.18 32.02 16.67
CA VAL D 166 -9.76 31.68 17.94
C VAL D 166 -8.94 32.42 18.95
N ILE D 167 -9.62 32.97 19.95
CA ILE D 167 -8.93 33.58 21.06
C ILE D 167 -8.28 32.51 21.93
N ALA D 168 -6.99 32.69 22.25
CA ALA D 168 -6.30 31.85 23.20
C ALA D 168 -6.34 32.44 24.59
N THR D 169 -6.30 31.58 25.60
CA THR D 169 -6.40 31.98 27.00
C THR D 169 -5.16 31.47 27.73
N ALA D 170 -4.24 32.36 28.05
CA ALA D 170 -3.07 32.01 28.85
C ALA D 170 -3.52 31.67 30.26
N LYS D 171 -3.29 30.44 30.70
CA LYS D 171 -3.70 30.05 32.06
C LYS D 171 -2.63 29.22 32.77
N HIS D 172 -2.71 29.00 34.09
CA HIS D 172 -3.55 29.69 35.06
C HIS D 172 -2.68 30.74 35.74
N TYR D 173 -3.17 31.98 35.71
CA TYR D 173 -2.45 33.14 36.23
C TYR D 173 -2.87 33.45 37.70
N ILE D 174 -2.10 33.11 38.71
CA ILE D 174 -0.72 32.60 38.64
C ILE D 174 -0.40 31.96 40.01
N MET D 175 0.61 31.10 40.03
CA MET D 175 1.10 30.40 41.23
C MET D 175 0.23 29.24 41.71
N ASN D 176 -0.57 28.69 40.80
CA ASN D 176 -1.39 27.53 41.09
C ASN D 176 -0.55 26.28 40.85
N GLU D 177 0.46 26.11 41.69
CA GLU D 177 1.47 25.07 41.50
C GLU D 177 1.07 23.70 42.10
N GLN D 178 -0.10 23.64 42.76
CA GLN D 178 -0.64 22.37 43.23
C GLN D 178 -2.15 22.40 43.27
N GLU D 179 -2.75 21.21 43.27
CA GLU D 179 -4.19 21.04 43.37
C GLU D 179 -4.72 21.04 44.80
N HIS D 180 -3.95 20.47 45.75
CA HIS D 180 -4.43 20.36 47.16
C HIS D 180 -4.81 21.73 47.68
N PHE D 181 -6.04 21.88 48.21
CA PHE D 181 -6.49 23.14 48.82
C PHE D 181 -6.69 24.28 47.82
N ARG D 182 -6.79 23.98 46.53
CA ARG D 182 -6.97 25.05 45.54
C ARG D 182 -8.31 25.73 45.69
N GLN D 183 -9.31 24.98 46.17
CA GLN D 183 -10.66 25.47 46.41
C GLN D 183 -11.12 24.99 47.75
N GLN D 184 -11.71 25.90 48.52
CA GLN D 184 -12.21 25.55 49.85
C GLN D 184 -13.25 24.42 49.81
N PRO D 185 -14.28 24.50 48.96
CA PRO D 185 -15.24 23.40 48.99
C PRO D 185 -14.67 22.04 48.60
N GLU D 186 -13.62 22.01 47.76
CA GLU D 186 -12.98 20.76 47.36
C GLU D 186 -12.29 20.18 48.55
N ALA D 187 -11.54 21.01 49.24
CA ALA D 187 -10.83 20.59 50.46
C ALA D 187 -11.84 20.03 51.48
N ALA D 188 -12.97 20.73 51.64
CA ALA D 188 -14.04 20.27 52.53
C ALA D 188 -14.50 18.88 52.16
N GLY D 189 -14.78 18.68 50.87
CA GLY D 189 -15.21 17.37 50.37
C GLY D 189 -14.18 16.27 50.58
N TYR D 190 -12.90 16.65 50.64
CA TYR D 190 -11.85 15.70 50.97
C TYR D 190 -11.53 15.61 52.47
N GLY D 191 -12.40 16.15 53.31
CA GLY D 191 -12.27 16.05 54.76
C GLY D 191 -11.35 17.05 55.44
N PHE D 192 -10.97 18.14 54.78
CA PHE D 192 -10.19 19.19 55.46
C PHE D 192 -11.13 20.33 55.85
N ASN D 193 -10.79 21.05 56.90
CA ASN D 193 -11.57 22.21 57.31
C ASN D 193 -10.66 23.43 57.23
N VAL D 194 -10.82 24.19 56.17
CA VAL D 194 -9.99 25.38 55.93
C VAL D 194 -10.94 26.48 55.53
N SER D 195 -10.57 27.71 55.84
CA SER D 195 -11.48 28.84 55.61
C SER D 195 -11.31 29.47 54.24
N ASP D 196 -10.17 29.20 53.59
CA ASP D 196 -9.95 29.68 52.22
C ASP D 196 -8.89 28.83 51.49
N SER D 197 -8.75 29.07 50.18
CA SER D 197 -7.78 28.37 49.31
C SER D 197 -6.37 28.59 49.76
N LEU D 198 -5.52 27.60 49.47
CA LEU D 198 -4.06 27.69 49.64
C LEU D 198 -3.53 29.00 49.10
N SER D 199 -2.61 29.57 49.87
CA SER D 199 -1.90 30.74 49.42
C SER D 199 -0.47 30.35 49.05
N SER D 200 -0.08 30.78 47.84
CA SER D 200 1.27 30.66 47.36
C SER D 200 1.94 31.97 47.69
N ASN D 201 2.99 31.90 48.51
CA ASN D 201 3.72 33.07 48.94
C ASN D 201 5.09 33.11 48.26
N VAL D 202 5.32 34.13 47.44
CA VAL D 202 6.46 34.15 46.56
C VAL D 202 7.03 35.54 46.47
N ASP D 203 8.35 35.61 46.44
CA ASP D 203 9.03 36.87 46.42
C ASP D 203 8.98 37.51 45.03
N ASP D 204 9.27 38.81 44.96
CA ASP D 204 9.13 39.58 43.75
C ASP D 204 10.16 39.19 42.67
N LYS D 205 11.39 38.89 43.10
CA LYS D 205 12.44 38.46 42.19
CA LYS D 205 12.48 38.45 42.20
C LYS D 205 12.11 37.13 41.50
N THR D 206 11.77 36.14 42.31
CA THR D 206 11.34 34.85 41.84
C THR D 206 10.12 34.92 40.93
N MET D 207 9.19 35.80 41.29
CA MET D 207 8.00 35.97 40.49
C MET D 207 8.42 36.41 39.08
N HIS D 208 9.28 37.40 39.00
CA HIS D 208 9.68 37.95 37.70
C HIS D 208 10.58 37.01 36.87
N GLU D 209 11.48 36.32 37.56
CA GLU D 209 12.53 35.52 36.88
C GLU D 209 12.06 34.10 36.54
N LEU D 210 11.02 33.62 37.22
CA LEU D 210 10.53 32.28 37.01
C LEU D 210 9.05 32.26 36.57
N TYR D 211 8.12 32.48 37.50
CA TYR D 211 6.70 32.12 37.26
C TYR D 211 5.98 33.04 36.27
N LEU D 212 6.32 34.32 36.30
CA LEU D 212 5.74 35.32 35.38
C LEU D 212 6.26 35.28 33.95
N TRP D 213 7.50 34.83 33.81
CA TRP D 213 8.25 34.93 32.55
C TRP D 213 7.52 34.37 31.37
N PRO D 214 6.96 33.15 31.49
CA PRO D 214 6.19 32.68 30.30
C PRO D 214 4.96 33.54 29.99
N PHE D 215 4.39 34.20 31.00
CA PHE D 215 3.23 35.05 30.76
C PHE D 215 3.64 36.34 30.03
N ALA D 216 4.83 36.85 30.30
CA ALA D 216 5.36 37.94 29.46
C ALA D 216 5.43 37.52 27.99
N ASP D 217 5.93 36.29 27.75
CA ASP D 217 5.96 35.73 26.41
C ASP D 217 4.57 35.69 25.80
N ALA D 218 3.59 35.21 26.56
CA ALA D 218 2.19 35.12 26.03
C ALA D 218 1.63 36.50 25.66
N VAL D 219 1.88 37.48 26.52
CA VAL D 219 1.44 38.85 26.24
C VAL D 219 2.10 39.40 24.98
N ARG D 220 3.41 39.19 24.87
CA ARG D 220 4.16 39.65 23.72
C ARG D 220 3.71 38.95 22.45
N ALA D 221 3.31 37.70 22.56
CA ALA D 221 2.78 36.98 21.43
C ALA D 221 1.35 37.39 21.01
N GLY D 222 0.74 38.30 21.75
CA GLY D 222 -0.57 38.86 21.40
C GLY D 222 -1.74 38.04 21.89
N VAL D 223 -1.54 37.31 23.00
CA VAL D 223 -2.62 36.50 23.55
C VAL D 223 -3.83 37.42 23.85
N GLY D 224 -5.01 36.95 23.50
CA GLY D 224 -6.25 37.68 23.74
C GLY D 224 -6.78 37.68 25.18
N ALA D 225 -6.61 36.57 25.90
CA ALA D 225 -7.16 36.39 27.25
C ALA D 225 -6.20 35.70 28.18
N VAL D 226 -6.37 35.98 29.48
CA VAL D 226 -5.66 35.36 30.58
C VAL D 226 -6.71 34.83 31.56
N MET D 227 -6.51 33.63 32.11
CA MET D 227 -7.42 33.07 33.11
C MET D 227 -6.77 33.17 34.46
N CYS D 228 -7.38 33.92 35.39
CA CYS D 228 -6.80 34.07 36.71
C CYS D 228 -7.09 32.81 37.55
N SER D 229 -6.25 32.52 38.55
CA SER D 229 -6.25 31.21 39.22
C SER D 229 -7.10 31.06 40.50
N TYR D 230 -7.38 29.81 40.86
CA TYR D 230 -8.13 29.47 42.09
C TYR D 230 -7.41 29.81 43.40
N ASN D 231 -6.08 29.66 43.42
CA ASN D 231 -5.30 29.86 44.63
C ASN D 231 -5.18 31.36 45.00
N GLN D 232 -4.67 31.61 46.21
CA GLN D 232 -4.30 32.97 46.58
C GLN D 232 -2.82 33.14 46.30
N ILE D 233 -2.40 34.38 46.11
CA ILE D 233 -0.99 34.73 46.11
C ILE D 233 -0.78 35.76 47.24
N ASN D 234 0.10 35.45 48.19
CA ASN D 234 0.28 36.23 49.41
C ASN D 234 -1.08 36.55 50.03
N ASN D 235 -1.93 35.53 50.17
CA ASN D 235 -3.27 35.67 50.77
C ASN D 235 -4.19 36.72 50.14
N SER D 236 -4.17 36.78 48.81
CA SER D 236 -5.14 37.52 48.02
C SER D 236 -5.49 36.66 46.82
N TYR D 237 -6.77 36.38 46.63
CA TYR D 237 -7.22 35.49 45.59
C TYR D 237 -6.72 35.93 44.22
N GLY D 238 -6.39 34.93 43.39
CA GLY D 238 -5.94 35.14 42.00
C GLY D 238 -6.80 36.05 41.17
N CYS D 239 -8.10 35.87 41.29
CA CYS D 239 -9.07 36.67 40.54
C CYS D 239 -9.49 37.99 41.23
N GLU D 240 -8.77 38.40 42.25
CA GLU D 240 -8.89 39.77 42.76
C GLU D 240 -7.56 40.25 43.33
N ASN D 241 -6.45 39.76 42.76
CA ASN D 241 -5.14 40.08 43.27
C ASN D 241 -4.68 41.30 42.50
N SER D 242 -4.65 42.47 43.15
CA SER D 242 -4.34 43.72 42.43
C SER D 242 -2.86 43.78 41.96
N GLU D 243 -1.98 43.16 42.75
CA GLU D 243 -0.56 43.08 42.35
C GLU D 243 -0.39 42.26 41.08
N THR D 244 -0.94 41.05 41.03
CA THR D 244 -0.70 40.20 39.86
C THR D 244 -1.46 40.69 38.65
N LEU D 245 -2.72 41.05 38.81
CA LEU D 245 -3.57 41.48 37.68
C LEU D 245 -3.32 42.92 37.25
N ASN D 246 -3.34 43.85 38.21
CA ASN D 246 -3.18 45.26 37.82
C ASN D 246 -1.70 45.65 37.62
N LYS D 247 -0.83 45.29 38.56
CA LYS D 247 0.54 45.77 38.55
C LYS D 247 1.38 44.98 37.52
N LEU D 248 1.41 43.66 37.65
CA LEU D 248 2.29 42.82 36.83
C LEU D 248 1.73 42.63 35.44
N LEU D 249 0.53 42.07 35.35
CA LEU D 249 -0.04 41.75 34.05
C LEU D 249 -0.39 42.96 33.24
N LYS D 250 -1.11 43.91 33.86
CA LYS D 250 -1.64 45.04 33.09
C LYS D 250 -0.70 46.25 33.04
N ALA D 251 -0.12 46.63 34.15
CA ALA D 251 0.72 47.84 34.15
C ALA D 251 2.11 47.55 33.61
N GLU D 252 2.72 46.45 34.07
CA GLU D 252 4.09 46.10 33.68
C GLU D 252 4.14 45.40 32.32
N LEU D 253 3.47 44.27 32.20
CA LEU D 253 3.44 43.53 30.89
C LEU D 253 2.61 44.15 29.80
N GLY D 254 1.81 45.16 30.15
CA GLY D 254 1.01 45.88 29.15
C GLY D 254 -0.13 45.11 28.50
N PHE D 255 -0.61 44.05 29.17
CA PHE D 255 -1.67 43.21 28.62
C PHE D 255 -2.89 44.06 28.24
N GLN D 256 -3.32 43.90 26.99
CA GLN D 256 -4.47 44.64 26.40
C GLN D 256 -5.76 43.86 26.31
N GLY D 257 -5.70 42.55 26.47
CA GLY D 257 -6.87 41.71 26.36
C GLY D 257 -7.61 41.64 27.70
N PHE D 258 -8.34 40.56 27.91
CA PHE D 258 -9.25 40.45 29.06
C PHE D 258 -8.89 39.31 29.99
N VAL D 259 -9.02 39.56 31.29
CA VAL D 259 -8.82 38.53 32.31
C VAL D 259 -10.16 37.88 32.67
N MET D 260 -10.24 36.56 32.46
CA MET D 260 -11.42 35.77 32.87
C MET D 260 -11.07 34.97 34.09
N SER D 261 -12.06 34.70 34.94
CA SER D 261 -11.88 33.81 36.08
C SER D 261 -11.87 32.34 35.65
N ASP D 262 -11.11 31.56 36.39
CA ASP D 262 -11.31 30.14 36.41
C ASP D 262 -12.71 29.93 37.03
N TRP D 263 -13.19 28.71 36.90
CA TRP D 263 -14.62 28.43 37.03
C TRP D 263 -14.95 28.33 38.52
N THR D 264 -15.58 29.38 39.05
CA THR D 264 -15.87 29.58 40.47
C THR D 264 -14.64 30.12 41.17
N ALA D 265 -13.75 30.76 40.42
CA ALA D 265 -12.59 31.41 41.05
C ALA D 265 -12.86 32.90 41.33
N HIS D 266 -14.02 33.37 40.88
CA HIS D 266 -14.47 34.74 41.12
C HIS D 266 -15.14 34.79 42.52
N HIS D 267 -14.59 35.62 43.40
CA HIS D 267 -14.96 35.70 44.83
C HIS D 267 -15.70 36.98 45.31
N SER D 268 -15.65 38.09 44.56
CA SER D 268 -16.42 39.30 44.93
C SER D 268 -16.64 40.23 43.75
N GLY D 269 -17.76 40.96 43.75
CA GLY D 269 -18.14 41.79 42.62
C GLY D 269 -17.27 43.02 42.50
N VAL D 270 -17.37 43.87 43.52
CA VAL D 270 -16.66 45.14 43.55
C VAL D 270 -15.16 44.93 43.67
N GLY D 271 -14.75 44.05 44.58
CA GLY D 271 -13.33 43.78 44.80
C GLY D 271 -12.58 43.31 43.52
N ALA D 272 -13.11 42.25 42.90
CA ALA D 272 -12.54 41.69 41.67
C ALA D 272 -12.49 42.75 40.54
N ALA D 273 -13.61 43.45 40.34
CA ALA D 273 -13.69 44.39 39.24
C ALA D 273 -12.64 45.49 39.34
N LEU D 274 -12.40 45.97 40.55
CA LEU D 274 -11.44 47.04 40.74
C LEU D 274 -10.01 46.50 40.79
N ALA D 275 -9.87 45.24 41.19
CA ALA D 275 -8.57 44.56 41.25
C ALA D 275 -8.07 44.05 39.89
N GLY D 276 -8.95 44.03 38.89
CA GLY D 276 -8.58 43.79 37.49
C GLY D 276 -9.23 42.66 36.74
N LEU D 277 -10.18 41.95 37.34
CA LEU D 277 -10.99 40.97 36.60
C LEU D 277 -11.82 41.65 35.51
N ASP D 278 -12.00 40.95 34.39
CA ASP D 278 -12.81 41.42 33.27
C ASP D 278 -13.97 40.51 32.87
N MET D 279 -13.97 39.26 33.34
CA MET D 279 -14.99 38.30 32.91
C MET D 279 -15.21 37.24 33.98
N SER D 280 -16.47 37.05 34.39
CA SER D 280 -16.86 36.11 35.43
C SER D 280 -17.37 34.82 34.81
N MET D 281 -16.68 33.70 35.04
CA MET D 281 -17.09 32.40 34.44
C MET D 281 -17.20 31.33 35.50
N PRO D 282 -18.19 30.44 35.38
CA PRO D 282 -19.20 30.42 34.35
C PRO D 282 -20.38 31.43 34.55
N GLY D 283 -20.27 32.34 35.50
CA GLY D 283 -21.21 33.47 35.60
C GLY D 283 -21.92 33.54 36.93
N ASP D 284 -22.11 32.37 37.56
CA ASP D 284 -22.80 32.30 38.82
C ASP D 284 -21.84 32.32 40.01
N VAL D 285 -22.41 32.54 41.20
CA VAL D 285 -21.60 32.58 42.43
C VAL D 285 -20.98 31.22 42.68
N THR D 286 -21.84 30.21 42.56
CA THR D 286 -21.45 28.80 42.53
C THR D 286 -22.30 28.19 41.46
N PHE D 287 -21.92 27.00 41.01
CA PHE D 287 -22.56 26.38 39.87
C PHE D 287 -24.06 26.28 40.11
N ASP D 288 -24.81 26.92 39.21
CA ASP D 288 -26.26 26.91 39.22
C ASP D 288 -26.92 27.51 40.48
N SER D 289 -26.23 28.46 41.11
CA SER D 289 -26.83 29.20 42.21
C SER D 289 -27.94 30.15 41.76
N GLY D 290 -28.01 30.47 40.46
CA GLY D 290 -28.90 31.52 39.97
C GLY D 290 -28.60 32.93 40.48
N THR D 291 -27.43 33.13 41.05
CA THR D 291 -26.97 34.42 41.50
C THR D 291 -25.59 34.63 40.88
N SER D 292 -25.09 35.87 40.90
CA SER D 292 -23.78 36.20 40.34
C SER D 292 -23.13 37.28 41.14
N PHE D 293 -21.78 37.23 41.27
CA PHE D 293 -21.06 38.35 41.86
C PHE D 293 -21.10 39.56 40.93
N TRP D 294 -21.33 39.33 39.65
CA TRP D 294 -21.57 40.39 38.68
C TRP D 294 -22.99 40.24 38.16
N GLY D 295 -23.23 40.22 36.86
CA GLY D 295 -24.61 40.31 36.32
C GLY D 295 -25.30 41.52 36.92
N ALA D 296 -26.49 41.31 37.49
CA ALA D 296 -27.22 42.38 38.20
C ALA D 296 -26.37 43.12 39.22
N ASN D 297 -25.57 42.38 39.99
CA ASN D 297 -24.65 43.05 40.93
C ASN D 297 -23.64 44.00 40.30
N LEU D 298 -23.28 43.77 39.05
CA LEU D 298 -22.32 44.64 38.39
C LEU D 298 -23.07 45.85 37.84
N THR D 299 -24.24 45.62 37.28
CA THR D 299 -25.15 46.71 36.90
C THR D 299 -25.41 47.65 38.09
N VAL D 300 -25.74 47.07 39.22
CA VAL D 300 -25.98 47.83 40.46
C VAL D 300 -24.73 48.54 40.95
N GLY D 301 -23.59 47.84 40.94
CA GLY D 301 -22.34 48.43 41.39
C GLY D 301 -21.91 49.64 40.57
N VAL D 302 -22.32 49.69 39.31
CA VAL D 302 -22.12 50.88 38.51
C VAL D 302 -23.19 51.93 38.85
N LEU D 303 -24.47 51.52 38.81
CA LEU D 303 -25.60 52.44 39.09
C LEU D 303 -25.50 53.17 40.44
N ASN D 304 -25.04 52.49 41.49
CA ASN D 304 -24.87 53.09 42.80
C ASN D 304 -23.61 53.91 43.01
N GLY D 305 -22.81 54.10 41.95
CA GLY D 305 -21.62 54.95 42.00
C GLY D 305 -20.35 54.37 42.60
N THR D 306 -20.33 53.06 42.88
CA THR D 306 -19.15 52.42 43.50
C THR D 306 -18.10 52.04 42.42
N ILE D 307 -18.53 51.29 41.41
CA ILE D 307 -17.66 50.84 40.33
C ILE D 307 -17.71 51.86 39.20
N PRO D 308 -16.60 52.60 38.97
CA PRO D 308 -16.68 53.61 37.94
C PRO D 308 -17.08 53.03 36.60
N GLN D 309 -17.78 53.82 35.81
CA GLN D 309 -18.18 53.42 34.48
C GLN D 309 -16.94 53.00 33.67
N TRP D 310 -15.85 53.77 33.78
CA TRP D 310 -14.65 53.48 32.98
C TRP D 310 -14.09 52.05 33.19
N ARG D 311 -14.22 51.52 34.41
CA ARG D 311 -13.80 50.17 34.72
C ARG D 311 -14.64 49.14 33.96
N VAL D 312 -15.96 49.21 34.04
CA VAL D 312 -16.79 48.28 33.25
C VAL D 312 -16.66 48.52 31.76
N ASP D 313 -16.51 49.76 31.33
CA ASP D 313 -16.29 50.03 29.90
C ASP D 313 -14.99 49.36 29.40
N ASP D 314 -13.96 49.47 30.22
CA ASP D 314 -12.68 48.86 29.94
C ASP D 314 -12.76 47.35 29.80
N MET D 315 -13.58 46.71 30.64
CA MET D 315 -13.80 45.27 30.52
C MET D 315 -14.31 44.93 29.15
N ALA D 316 -15.31 45.69 28.68
CA ALA D 316 -15.92 45.42 27.41
C ALA D 316 -14.99 45.76 26.24
N VAL D 317 -14.19 46.80 26.41
CA VAL D 317 -13.21 47.18 25.38
C VAL D 317 -12.16 46.06 25.21
N ARG D 318 -11.64 45.56 26.33
CA ARG D 318 -10.67 44.46 26.33
C ARG D 318 -11.24 43.19 25.70
N ILE D 319 -12.49 42.85 26.03
CA ILE D 319 -13.14 41.66 25.47
C ILE D 319 -13.35 41.78 23.96
N MET D 320 -13.90 42.90 23.53
CA MET D 320 -14.17 43.13 22.11
C MET D 320 -12.87 43.30 21.32
N ALA D 321 -11.84 43.88 21.93
CA ALA D 321 -10.57 44.06 21.22
C ALA D 321 -9.95 42.68 20.90
N ALA D 322 -10.01 41.76 21.86
CA ALA D 322 -9.52 40.39 21.66
C ALA D 322 -10.31 39.66 20.60
N TYR D 323 -11.61 39.87 20.61
CA TYR D 323 -12.52 39.22 19.62
C TYR D 323 -12.14 39.66 18.21
N TYR D 324 -11.93 40.97 18.06
CA TYR D 324 -11.55 41.52 16.75
C TYR D 324 -10.15 41.16 16.35
N LYS D 325 -9.25 41.10 17.32
CA LYS D 325 -7.84 40.78 17.06
C LYS D 325 -7.62 39.46 16.35
N VAL D 326 -8.37 38.42 16.72
CA VAL D 326 -8.28 37.14 16.00
C VAL D 326 -9.22 37.05 14.82
N GLY D 327 -10.00 38.07 14.54
CA GLY D 327 -10.92 38.05 13.38
C GLY D 327 -12.21 37.27 13.62
N ARG D 328 -12.65 37.18 14.89
CA ARG D 328 -13.82 36.35 15.22
C ARG D 328 -15.11 36.91 14.60
N ASP D 329 -15.14 38.22 14.38
CA ASP D 329 -16.26 38.84 13.69
C ASP D 329 -16.45 38.31 12.28
N THR D 330 -15.37 37.93 11.60
CA THR D 330 -15.45 37.37 10.25
C THR D 330 -15.55 35.86 10.25
N LYS D 331 -15.08 35.19 11.29
CA LYS D 331 -15.11 33.73 11.35
C LYS D 331 -16.31 33.17 12.13
N TYR D 332 -17.12 34.01 12.77
CA TYR D 332 -18.17 33.54 13.69
C TYR D 332 -19.11 32.53 13.04
N THR D 333 -19.35 31.45 13.75
CA THR D 333 -20.41 30.51 13.40
C THR D 333 -21.00 30.06 14.75
N PRO D 334 -22.34 29.89 14.83
CA PRO D 334 -22.90 29.49 16.13
C PRO D 334 -22.44 28.09 16.61
N PRO D 335 -22.26 27.92 17.92
CA PRO D 335 -21.94 26.59 18.41
C PRO D 335 -22.81 25.54 17.79
N ASN D 336 -22.20 24.47 17.26
CA ASN D 336 -22.95 23.43 16.56
C ASN D 336 -22.86 22.09 17.28
N PHE D 337 -22.53 22.14 18.57
CA PHE D 337 -22.54 20.99 19.50
C PHE D 337 -23.02 21.46 20.88
N SER D 338 -23.24 20.51 21.75
CA SER D 338 -23.47 20.75 23.17
C SER D 338 -22.43 20.08 24.03
N SER D 339 -21.93 20.77 25.03
CA SER D 339 -21.06 20.19 26.05
C SER D 339 -21.74 19.15 26.95
N TRP D 340 -23.06 19.20 27.08
CA TRP D 340 -23.76 18.54 28.18
C TRP D 340 -24.47 17.26 27.78
N THR D 341 -24.57 16.99 26.50
CA THR D 341 -25.10 15.71 26.01
C THR D 341 -24.48 15.43 24.63
N ARG D 342 -24.42 14.15 24.28
CA ARG D 342 -24.06 13.73 22.93
C ARG D 342 -25.29 13.39 22.09
N ASP D 343 -26.49 13.49 22.65
CA ASP D 343 -27.71 13.32 21.86
C ASP D 343 -27.87 14.40 20.76
N GLU D 344 -28.53 14.03 19.68
CA GLU D 344 -28.86 14.99 18.64
C GLU D 344 -29.75 16.13 19.13
N TYR D 345 -30.75 15.79 19.95
CA TYR D 345 -31.74 16.75 20.41
C TYR D 345 -31.63 16.95 21.89
N GLY D 346 -31.96 18.15 22.33
CA GLY D 346 -32.05 18.41 23.78
C GLY D 346 -32.55 19.83 24.03
N PHE D 347 -32.75 20.15 25.29
CA PHE D 347 -33.24 21.47 25.66
C PHE D 347 -32.13 22.46 25.49
N ALA D 348 -32.49 23.63 24.98
CA ALA D 348 -31.54 24.71 24.80
C ALA D 348 -30.82 25.05 26.11
N HIS D 349 -31.48 24.92 27.27
CA HIS D 349 -30.89 25.22 28.59
C HIS D 349 -30.82 23.96 29.48
N ASN D 350 -29.67 23.31 29.44
CA ASN D 350 -29.61 21.90 29.73
C ASN D 350 -29.87 21.64 31.20
N HIS D 351 -29.32 22.46 32.09
CA HIS D 351 -29.41 22.12 33.50
C HIS D 351 -30.83 22.12 34.05
N VAL D 352 -31.70 22.91 33.45
CA VAL D 352 -33.08 23.15 33.93
C VAL D 352 -34.14 22.61 32.98
N SER D 353 -33.73 22.04 31.85
CA SER D 353 -34.64 21.53 30.84
C SER D 353 -35.66 22.59 30.43
N GLU D 354 -35.17 23.77 30.06
CA GLU D 354 -36.01 24.85 29.56
C GLU D 354 -35.49 25.33 28.20
N GLY D 355 -36.21 26.27 27.59
CA GLY D 355 -35.96 26.73 26.22
C GLY D 355 -36.46 25.69 25.26
N ALA D 356 -36.23 25.93 23.98
CA ALA D 356 -36.66 25.02 22.93
C ALA D 356 -36.03 23.64 23.04
N TYR D 357 -36.79 22.60 22.69
CA TYR D 357 -36.27 21.28 22.52
C TYR D 357 -35.85 21.17 21.07
N GLU D 358 -34.55 21.19 20.83
CA GLU D 358 -34.03 21.40 19.49
C GLU D 358 -32.80 20.57 19.20
N ARG D 359 -32.32 20.65 17.98
CA ARG D 359 -31.07 20.02 17.58
C ARG D 359 -29.87 20.73 18.22
N VAL D 360 -29.29 20.09 19.22
CA VAL D 360 -28.14 20.68 19.95
C VAL D 360 -26.78 20.13 19.48
N ASN D 361 -26.78 19.08 18.67
CA ASN D 361 -25.57 18.52 18.09
C ASN D 361 -25.76 18.28 16.63
N GLU D 362 -24.88 18.89 15.84
CA GLU D 362 -24.90 18.72 14.40
C GLU D 362 -23.79 17.76 13.93
N PHE D 363 -22.95 17.29 14.84
CA PHE D 363 -21.98 16.22 14.56
C PHE D 363 -21.02 16.62 13.48
N VAL D 364 -20.55 17.84 13.54
CA VAL D 364 -19.69 18.34 12.49
C VAL D 364 -18.30 17.73 12.62
N ASP D 365 -17.86 17.07 11.57
CA ASP D 365 -16.55 16.49 11.49
C ASP D 365 -15.52 17.60 11.37
N VAL D 366 -14.76 17.87 12.41
CA VAL D 366 -13.73 18.95 12.39
C VAL D 366 -12.29 18.43 12.39
N GLN D 367 -12.11 17.13 12.14
CA GLN D 367 -10.83 16.49 12.33
C GLN D 367 -9.83 16.77 11.24
N ARG D 368 -10.32 17.11 10.05
CA ARG D 368 -9.46 17.28 8.89
C ARG D 368 -8.47 16.10 8.80
N ASP D 369 -7.20 16.38 8.56
CA ASP D 369 -6.13 15.41 8.50
C ASP D 369 -5.23 15.52 9.78
N HIS D 370 -5.79 16.03 10.88
CA HIS D 370 -5.01 16.36 12.05
C HIS D 370 -4.44 15.10 12.73
N ALA D 371 -5.05 13.93 12.47
CA ALA D 371 -4.49 12.66 12.92
C ALA D 371 -3.03 12.45 12.51
N ASP D 372 -2.67 12.86 11.31
CA ASP D 372 -1.26 12.77 10.88
C ASP D 372 -0.35 13.59 11.75
N LEU D 373 -0.75 14.83 12.03
CA LEU D 373 0.07 15.71 12.86
C LEU D 373 0.20 15.13 14.28
N ILE D 374 -0.87 14.54 14.77
CA ILE D 374 -0.87 13.99 16.11
C ILE D 374 0.09 12.82 16.21
N ARG D 375 0.01 11.91 15.25
CA ARG D 375 0.95 10.80 15.14
C ARG D 375 2.39 11.30 15.09
N ARG D 376 2.62 12.37 14.32
CA ARG D 376 3.97 12.93 14.14
CA ARG D 376 3.99 12.89 14.16
C ARG D 376 4.51 13.54 15.42
N ILE D 377 3.67 14.32 16.12
CA ILE D 377 4.08 14.97 17.38
C ILE D 377 4.32 13.95 18.48
N GLY D 378 3.47 12.92 18.51
CA GLY D 378 3.72 11.77 19.36
C GLY D 378 5.12 11.18 19.12
N ALA D 379 5.47 10.89 17.87
CA ALA D 379 6.78 10.31 17.57
C ALA D 379 7.93 11.23 17.93
N GLN D 380 7.75 12.51 17.64
CA GLN D 380 8.73 13.53 17.88
C GLN D 380 8.83 14.01 19.31
N SER D 381 7.90 13.57 20.17
CA SER D 381 7.93 13.92 21.61
C SER D 381 8.40 12.70 22.41
N THR D 382 8.75 11.59 21.75
CA THR D 382 9.20 10.37 22.43
C THR D 382 10.68 10.48 22.73
N VAL D 383 11.03 10.53 24.01
CA VAL D 383 12.44 10.66 24.44
C VAL D 383 13.07 9.30 24.61
N LEU D 384 14.14 9.07 23.87
CA LEU D 384 14.93 7.86 24.01
C LEU D 384 15.94 8.11 25.13
N LEU D 385 15.79 7.37 26.24
CA LEU D 385 16.62 7.59 27.43
C LEU D 385 17.79 6.62 27.59
N LYS D 386 17.63 5.41 27.05
CA LYS D 386 18.61 4.36 27.08
C LYS D 386 18.44 3.51 25.81
N ASN D 387 19.56 3.16 25.17
CA ASN D 387 19.52 2.16 24.10
C ASN D 387 20.85 1.45 24.03
N LYS D 388 20.89 0.19 24.48
CA LYS D 388 22.06 -0.66 24.38
C LYS D 388 21.95 -1.53 23.11
N GLY D 389 21.95 -0.89 21.96
CA GLY D 389 21.71 -1.58 20.69
C GLY D 389 20.45 -2.40 20.55
N ALA D 390 19.40 -2.10 21.32
CA ALA D 390 18.11 -2.78 21.16
C ALA D 390 17.29 -2.20 20.01
N LEU D 391 17.44 -0.92 19.75
CA LEU D 391 16.55 -0.17 18.87
C LEU D 391 17.33 0.48 17.76
N PRO D 392 16.73 0.63 16.59
CA PRO D 392 15.34 0.25 16.32
C PRO D 392 15.18 -1.25 16.09
N LEU D 393 13.97 -1.76 16.27
CA LEU D 393 13.65 -3.15 15.98
C LEU D 393 13.64 -3.40 14.48
N SER D 394 13.85 -4.65 14.09
CA SER D 394 13.89 -5.02 12.66
C SER D 394 12.57 -5.49 12.04
N ARG D 395 11.62 -5.97 12.86
CA ARG D 395 10.42 -6.68 12.38
C ARG D 395 10.70 -8.13 11.91
N LYS D 396 11.92 -8.61 12.11
CA LYS D 396 12.27 -9.99 11.94
C LYS D 396 12.44 -10.70 13.31
N GLU D 397 12.16 -10.02 14.41
CA GLU D 397 12.22 -10.62 15.73
C GLU D 397 11.28 -11.81 15.78
N LYS D 398 11.75 -12.89 16.34
CA LYS D 398 11.04 -14.17 16.25
C LYS D 398 9.75 -14.17 17.10
N LEU D 399 9.83 -13.57 18.29
CA LEU D 399 8.67 -13.47 19.15
C LEU D 399 8.76 -12.17 19.96
N VAL D 400 7.69 -11.39 19.92
CA VAL D 400 7.61 -10.13 20.65
C VAL D 400 6.60 -10.28 21.79
N ALA D 401 6.96 -9.83 22.98
CA ALA D 401 6.05 -9.83 24.13
C ALA D 401 5.74 -8.39 24.46
N LEU D 402 4.44 -8.08 24.55
CA LEU D 402 3.93 -6.76 24.88
C LEU D 402 3.39 -6.94 26.25
N LEU D 403 3.87 -6.15 27.19
CA LEU D 403 3.68 -6.43 28.59
C LEU D 403 3.30 -5.18 29.37
N GLY D 404 2.27 -5.34 30.20
CA GLY D 404 1.74 -4.25 31.01
C GLY D 404 0.39 -3.76 30.56
N GLU D 405 -0.42 -3.35 31.55
CA GLU D 405 -1.74 -2.78 31.26
C GLU D 405 -1.67 -1.50 30.41
N ASP D 406 -0.61 -0.72 30.56
CA ASP D 406 -0.43 0.43 29.67
C ASP D 406 -0.34 0.15 28.17
N ALA D 407 -0.07 -1.09 27.78
CA ALA D 407 -0.11 -1.47 26.39
C ALA D 407 -1.52 -1.63 25.86
N GLY D 408 -2.47 -1.93 26.76
CA GLY D 408 -3.79 -2.42 26.33
C GLY D 408 -4.89 -1.37 26.34
N SER D 409 -6.12 -1.85 26.19
CA SER D 409 -7.30 -1.00 26.00
C SER D 409 -7.94 -0.67 27.31
N ASN D 410 -8.49 0.53 27.38
CA ASN D 410 -9.50 0.87 28.40
C ASN D 410 -10.78 0.09 28.07
N SER D 411 -11.13 -0.92 28.88
CA SER D 411 -12.28 -1.78 28.54
C SER D 411 -13.64 -1.08 28.67
N TRP D 412 -13.66 0.15 29.22
CA TRP D 412 -14.85 1.02 29.21
C TRP D 412 -14.95 1.94 27.97
N GLY D 413 -14.03 1.77 27.00
CA GLY D 413 -13.91 2.64 25.86
C GLY D 413 -12.92 3.72 26.12
N ALA D 414 -12.35 4.24 25.02
CA ALA D 414 -11.39 5.30 25.12
C ALA D 414 -11.91 6.46 25.98
N ASN D 415 -13.19 6.78 25.84
CA ASN D 415 -13.80 7.88 26.65
C ASN D 415 -14.65 7.36 27.83
N GLY D 416 -14.39 6.14 28.27
CA GLY D 416 -15.24 5.47 29.26
C GLY D 416 -15.19 6.00 30.67
N CYS D 417 -14.16 6.78 31.00
CA CYS D 417 -14.07 7.38 32.33
C CYS D 417 -14.27 8.87 32.14
N ASP D 418 -15.21 9.40 32.90
CA ASP D 418 -15.59 10.81 32.78
C ASP D 418 -14.39 11.68 33.02
N ASP D 419 -14.16 12.68 32.17
CA ASP D 419 -12.97 13.54 32.29
C ASP D 419 -11.64 12.75 32.31
N ARG D 420 -11.63 11.54 31.69
CA ARG D 420 -10.45 10.64 31.73
C ARG D 420 -10.00 10.26 33.15
N GLY D 421 -10.95 10.25 34.12
CA GLY D 421 -10.62 10.04 35.55
C GLY D 421 -10.42 8.56 35.90
N CYS D 422 -9.42 7.97 35.28
CA CYS D 422 -8.96 6.63 35.60
C CYS D 422 -7.58 6.40 34.97
N ASP D 423 -6.96 5.29 35.33
CA ASP D 423 -5.75 4.84 34.71
C ASP D 423 -5.94 3.43 34.22
N ASN D 424 -6.92 3.25 33.34
CA ASN D 424 -7.26 1.93 32.78
C ASN D 424 -6.78 1.82 31.36
N GLY D 425 -6.06 0.77 31.03
CA GLY D 425 -5.46 0.64 29.71
C GLY D 425 -4.39 1.71 29.48
N THR D 426 -4.09 1.96 28.21
CA THR D 426 -2.97 2.88 27.86
C THR D 426 -3.26 4.29 28.31
N LEU D 427 -2.25 4.95 28.83
CA LEU D 427 -2.41 6.30 29.30
C LEU D 427 -2.04 7.26 28.17
N ALA D 428 -3.05 7.81 27.50
CA ALA D 428 -2.83 8.74 26.38
C ALA D 428 -3.25 10.17 26.69
N MET D 429 -3.87 10.36 27.86
CA MET D 429 -4.42 11.64 28.27
C MET D 429 -4.68 11.54 29.73
N ALA D 430 -4.25 12.55 30.47
CA ALA D 430 -4.44 12.61 31.90
C ALA D 430 -5.82 13.24 32.22
N TRP D 431 -6.16 13.54 33.47
CA TRP D 431 -7.57 13.76 33.83
C TRP D 431 -7.92 15.19 34.26
N GLY D 432 -9.22 15.48 34.15
CA GLY D 432 -9.78 16.74 34.64
C GLY D 432 -10.40 17.51 33.51
N SER D 433 -10.35 18.82 33.61
CA SER D 433 -10.90 19.67 32.61
C SER D 433 -9.99 19.89 31.39
N GLY D 434 -8.70 19.55 31.51
CA GLY D 434 -7.76 19.69 30.42
C GLY D 434 -7.79 18.52 29.47
N THR D 435 -8.99 18.08 29.12
CA THR D 435 -9.22 16.84 28.39
C THR D 435 -10.08 17.05 27.16
N ALA D 436 -10.07 16.06 26.27
CA ALA D 436 -10.96 16.02 25.13
C ALA D 436 -11.44 14.62 25.00
N ASN D 437 -12.51 14.45 24.23
CA ASN D 437 -12.94 13.15 23.86
C ASN D 437 -12.17 12.63 22.66
N PHE D 438 -11.72 11.38 22.78
CA PHE D 438 -11.02 10.68 21.70
C PHE D 438 -12.00 10.36 20.57
N PRO D 439 -11.56 10.54 19.30
CA PRO D 439 -12.38 9.99 18.23
C PRO D 439 -12.18 8.48 18.10
N TYR D 440 -11.06 8.00 18.62
CA TYR D 440 -10.63 6.61 18.67
C TYR D 440 -9.34 6.65 19.46
N LEU D 441 -8.83 5.49 19.83
CA LEU D 441 -7.52 5.49 20.43
C LEU D 441 -6.79 4.26 19.96
N VAL D 442 -5.65 4.47 19.33
CA VAL D 442 -4.79 3.37 18.93
C VAL D 442 -3.88 3.01 20.10
N THR D 443 -3.99 1.78 20.59
CA THR D 443 -3.17 1.34 21.71
C THR D 443 -1.80 0.84 21.20
N PRO D 444 -0.78 0.82 22.09
CA PRO D 444 0.44 0.09 21.78
C PRO D 444 0.24 -1.37 21.36
N GLU D 445 -0.62 -2.10 22.06
CA GLU D 445 -0.90 -3.48 21.73
C GLU D 445 -1.35 -3.57 20.25
N GLN D 446 -2.24 -2.66 19.86
CA GLN D 446 -2.79 -2.70 18.51
C GLN D 446 -1.70 -2.39 17.47
N ALA D 447 -1.01 -1.28 17.67
CA ALA D 447 -0.09 -0.81 16.67
C ALA D 447 1.07 -1.79 16.48
N ILE D 448 1.60 -2.31 17.59
CA ILE D 448 2.77 -3.19 17.53
C ILE D 448 2.40 -4.55 17.04
N GLN D 449 1.25 -5.09 17.45
CA GLN D 449 0.85 -6.36 16.87
C GLN D 449 0.71 -6.21 15.40
N ASN D 450 0.06 -5.14 14.94
CA ASN D 450 -0.09 -4.91 13.48
C ASN D 450 1.25 -4.91 12.80
N GLU D 451 2.22 -4.26 13.41
CA GLU D 451 3.56 -4.19 12.85
C GLU D 451 4.20 -5.56 12.73
N VAL D 452 4.16 -6.33 13.81
CA VAL D 452 4.74 -7.68 13.83
C VAL D 452 4.08 -8.63 12.84
N LEU D 453 2.77 -8.56 12.74
CA LEU D 453 2.04 -9.42 11.81
C LEU D 453 2.22 -9.11 10.34
N GLN D 454 2.89 -8.01 9.98
CA GLN D 454 3.37 -7.84 8.61
C GLN D 454 4.49 -8.81 8.25
N GLY D 455 5.20 -9.35 9.24
CA GLY D 455 6.21 -10.37 9.02
C GLY D 455 5.83 -11.72 9.63
N ARG D 456 6.85 -12.53 9.93
CA ARG D 456 6.63 -13.88 10.51
C ARG D 456 6.62 -13.90 12.06
N GLY D 457 6.86 -12.76 12.69
CA GLY D 457 6.95 -12.73 14.14
C GLY D 457 5.69 -13.24 14.85
N ASN D 458 5.90 -13.98 15.93
CA ASN D 458 4.85 -14.38 16.82
C ASN D 458 4.74 -13.22 17.82
N VAL D 459 3.56 -13.06 18.44
CA VAL D 459 3.42 -11.98 19.39
C VAL D 459 2.32 -12.27 20.40
N PHE D 460 2.61 -11.93 21.66
CA PHE D 460 1.71 -12.12 22.80
C PHE D 460 1.61 -10.79 23.56
N ALA D 461 0.40 -10.49 24.02
CA ALA D 461 0.17 -9.27 24.80
C ALA D 461 -0.42 -9.64 26.13
N VAL D 462 0.35 -9.39 27.19
CA VAL D 462 -0.08 -9.64 28.53
C VAL D 462 -0.30 -8.27 29.16
N THR D 463 -1.57 -7.93 29.32
CA THR D 463 -1.97 -6.58 29.78
C THR D 463 -2.59 -6.51 31.17
N ASP D 464 -2.47 -7.61 31.95
CA ASP D 464 -2.75 -7.58 33.38
C ASP D 464 -1.44 -7.39 34.16
N SER D 465 -1.25 -6.20 34.69
CA SER D 465 -0.01 -5.89 35.39
C SER D 465 0.14 -6.61 36.74
N TRP D 466 -0.93 -7.27 37.20
CA TRP D 466 -0.88 -8.07 38.43
C TRP D 466 -0.65 -9.53 38.18
N ALA D 467 -0.63 -9.96 36.93
CA ALA D 467 -0.40 -11.37 36.59
C ALA D 467 1.07 -11.59 36.27
N LEU D 468 1.92 -11.50 37.28
CA LEU D 468 3.35 -11.57 37.09
C LEU D 468 3.80 -12.92 36.57
N ASP D 469 3.10 -13.99 36.95
CA ASP D 469 3.40 -15.27 36.39
C ASP D 469 3.23 -15.30 34.85
N LYS D 470 2.18 -14.64 34.35
CA LYS D 470 1.89 -14.60 32.91
C LYS D 470 2.91 -13.68 32.23
N ILE D 471 3.26 -12.59 32.89
CA ILE D 471 4.27 -11.69 32.40
C ILE D 471 5.61 -12.40 32.23
N ALA D 472 6.03 -13.14 33.25
CA ALA D 472 7.29 -13.88 33.24
C ALA D 472 7.32 -14.90 32.13
N ALA D 473 6.24 -15.65 31.99
CA ALA D 473 6.19 -16.70 30.99
C ALA D 473 6.31 -16.18 29.55
N ALA D 474 5.66 -15.06 29.26
CA ALA D 474 5.72 -14.49 27.91
C ALA D 474 7.12 -13.92 27.66
N ALA D 475 7.66 -13.24 28.67
CA ALA D 475 8.98 -12.64 28.61
C ALA D 475 10.09 -13.67 28.34
N ARG D 476 10.01 -14.81 29.02
CA ARG D 476 10.89 -15.96 28.78
C ARG D 476 10.94 -16.42 27.37
N GLN D 477 9.81 -16.43 26.68
CA GLN D 477 9.74 -16.89 25.29
C GLN D 477 10.12 -15.83 24.23
N ALA D 478 10.25 -14.59 24.61
CA ALA D 478 10.42 -13.49 23.66
C ALA D 478 11.86 -13.20 23.23
N SER D 479 12.03 -12.77 21.97
CA SER D 479 13.25 -12.15 21.49
C SER D 479 13.38 -10.78 22.05
N VAL D 480 12.24 -10.09 22.19
CA VAL D 480 12.21 -8.74 22.75
C VAL D 480 10.91 -8.59 23.55
N SER D 481 11.05 -7.99 24.73
CA SER D 481 9.92 -7.67 25.60
C SER D 481 9.75 -6.14 25.63
N LEU D 482 8.56 -5.68 25.26
CA LEU D 482 8.23 -4.26 25.22
C LEU D 482 7.27 -4.06 26.37
N VAL D 483 7.79 -3.42 27.39
CA VAL D 483 7.07 -3.21 28.64
C VAL D 483 6.54 -1.79 28.63
N PHE D 484 5.22 -1.66 28.77
CA PHE D 484 4.55 -0.36 28.88
C PHE D 484 4.09 -0.13 30.31
N VAL D 485 4.37 1.04 30.81
CA VAL D 485 4.05 1.39 32.17
C VAL D 485 3.67 2.84 32.24
N ASN D 486 2.97 3.22 33.31
CA ASN D 486 2.49 4.60 33.43
C ASN D 486 2.38 5.13 34.81
N SER D 487 2.21 6.46 34.91
CA SER D 487 1.87 7.19 36.14
C SER D 487 0.96 8.39 35.72
N ASP D 488 -0.15 8.53 36.44
CA ASP D 488 -1.24 9.46 36.11
C ASP D 488 -1.46 10.48 37.20
N SER D 489 -2.05 11.62 36.80
CA SER D 489 -2.45 12.67 37.72
C SER D 489 -3.48 13.56 37.00
N GLY D 490 -4.01 14.54 37.71
CA GLY D 490 -5.01 15.40 37.12
C GLY D 490 -5.47 16.55 37.99
N GLU D 491 -6.61 17.10 37.61
CA GLU D 491 -7.21 18.23 38.33
C GLU D 491 -7.82 17.81 39.67
N GLY D 492 -7.75 18.74 40.63
CA GLY D 492 -8.04 18.49 42.04
C GLY D 492 -9.43 18.02 42.38
N TYR D 493 -10.41 18.31 41.52
CA TYR D 493 -11.80 17.96 41.78
C TYR D 493 -12.04 16.51 41.64
N LEU D 494 -11.12 15.78 41.01
CA LEU D 494 -11.35 14.37 40.67
C LEU D 494 -10.27 13.55 41.35
N SER D 495 -10.68 12.55 42.11
CA SER D 495 -9.76 11.73 42.88
C SER D 495 -9.73 10.38 42.25
N VAL D 496 -8.55 9.90 41.87
CA VAL D 496 -8.41 8.53 41.34
C VAL D 496 -7.53 7.76 42.30
N ASP D 497 -8.06 6.68 42.86
CA ASP D 497 -7.35 5.83 43.84
C ASP D 497 -6.73 6.63 44.95
N GLY D 498 -7.49 7.57 45.49
CA GLY D 498 -6.98 8.43 46.56
C GLY D 498 -6.04 9.54 46.13
N ASN D 499 -5.71 9.64 44.85
CA ASN D 499 -4.90 10.76 44.38
C ASN D 499 -5.81 11.92 44.05
N GLU D 500 -5.79 12.93 44.89
CA GLU D 500 -6.70 14.08 44.78
C GLU D 500 -6.13 15.10 43.79
N GLY D 501 -6.17 14.73 42.51
CA GLY D 501 -5.50 15.49 41.47
C GLY D 501 -3.99 15.32 41.49
N ASP D 502 -3.35 15.96 42.43
CA ASP D 502 -1.92 15.73 42.72
C ASP D 502 -1.70 14.25 42.89
N ARG D 503 -0.55 13.79 42.44
CA ARG D 503 -0.22 12.37 42.65
C ARG D 503 0.50 12.19 43.98
N ASN D 504 0.07 11.18 44.74
CA ASN D 504 0.57 10.91 46.08
C ASN D 504 1.99 10.44 46.11
N ASN D 505 2.45 9.85 45.00
CA ASN D 505 3.86 9.56 44.80
C ASN D 505 4.25 9.74 43.34
N ILE D 506 5.54 9.60 43.03
CA ILE D 506 5.96 9.62 41.62
C ILE D 506 6.51 8.26 41.17
N THR D 507 5.90 7.20 41.69
CA THR D 507 6.23 5.84 41.35
C THR D 507 5.25 5.36 40.26
N LEU D 508 5.64 4.37 39.47
CA LEU D 508 4.76 3.83 38.42
C LEU D 508 3.50 3.24 39.02
N TRP D 509 2.33 3.46 38.38
CA TRP D 509 1.08 2.97 38.88
C TRP D 509 0.93 1.54 38.45
N LYS D 510 -0.10 0.89 38.98
CA LYS D 510 -0.52 -0.44 38.51
C LYS D 510 0.64 -1.42 38.49
N ASN D 511 1.36 -1.52 39.60
CA ASN D 511 2.38 -2.51 39.78
C ASN D 511 3.55 -2.39 38.76
N GLY D 512 3.80 -1.19 38.25
CA GLY D 512 4.70 -1.02 37.14
C GLY D 512 6.15 -1.43 37.32
N ASP D 513 6.75 -1.05 38.45
CA ASP D 513 8.10 -1.50 38.78
C ASP D 513 8.21 -3.00 38.77
N ASN D 514 7.19 -3.69 39.28
CA ASN D 514 7.20 -5.13 39.26
C ASN D 514 7.05 -5.75 37.89
N VAL D 515 6.28 -5.09 37.02
CA VAL D 515 6.17 -5.53 35.63
C VAL D 515 7.55 -5.46 34.97
N VAL D 516 8.25 -4.34 35.11
CA VAL D 516 9.59 -4.15 34.54
C VAL D 516 10.55 -5.21 35.07
N LYS D 517 10.54 -5.36 36.39
CA LYS D 517 11.47 -6.32 37.02
C LYS D 517 11.23 -7.74 36.57
N THR D 518 9.97 -8.14 36.53
CA THR D 518 9.63 -9.51 36.17
C THR D 518 10.07 -9.74 34.73
N ALA D 519 9.84 -8.74 33.87
CA ALA D 519 10.20 -8.88 32.49
C ALA D 519 11.74 -8.94 32.36
N ALA D 520 12.44 -8.03 33.01
CA ALA D 520 13.88 -7.97 32.90
C ALA D 520 14.59 -9.19 33.52
N ASN D 521 14.00 -9.76 34.54
CA ASN D 521 14.51 -11.02 35.11
C ASN D 521 14.35 -12.24 34.18
N ASN D 522 13.44 -12.17 33.22
CA ASN D 522 13.17 -13.30 32.31
C ASN D 522 13.60 -13.12 30.88
N CYS D 523 13.99 -11.90 30.49
CA CYS D 523 14.25 -11.56 29.11
C CYS D 523 15.44 -10.65 29.06
N ASN D 524 16.42 -11.03 28.25
CA ASN D 524 17.68 -10.31 28.19
C ASN D 524 17.60 -9.06 27.28
N ASN D 525 16.44 -8.84 26.66
CA ASN D 525 16.22 -7.69 25.77
C ASN D 525 14.87 -7.00 26.06
N THR D 526 14.83 -6.36 27.22
CA THR D 526 13.63 -5.72 27.75
C THR D 526 13.68 -4.20 27.52
N VAL D 527 12.71 -3.70 26.75
CA VAL D 527 12.59 -2.26 26.42
C VAL D 527 11.38 -1.75 27.17
N VAL D 528 11.58 -0.65 27.90
CA VAL D 528 10.55 -0.09 28.74
C VAL D 528 10.08 1.22 28.08
N ILE D 529 8.77 1.36 27.89
CA ILE D 529 8.15 2.56 27.40
C ILE D 529 7.26 3.14 28.52
N ILE D 530 7.51 4.39 28.88
CA ILE D 530 6.74 5.06 29.91
C ILE D 530 5.77 6.09 29.30
N HIS D 531 4.48 5.96 29.62
CA HIS D 531 3.52 7.05 29.44
C HIS D 531 3.21 7.68 30.79
N SER D 532 3.48 8.97 30.93
CA SER D 532 3.28 9.60 32.20
C SER D 532 3.15 11.10 32.12
N VAL D 533 2.54 11.64 33.17
CA VAL D 533 2.32 13.07 33.36
C VAL D 533 3.58 13.85 33.64
N GLY D 534 4.62 13.15 34.03
CA GLY D 534 5.89 13.78 34.31
C GLY D 534 6.86 12.72 34.83
N PRO D 535 7.94 13.17 35.50
CA PRO D 535 8.98 12.20 35.88
C PRO D 535 8.47 11.09 36.79
N VAL D 536 9.02 9.88 36.62
CA VAL D 536 8.78 8.81 37.56
C VAL D 536 10.10 8.29 38.11
N LEU D 537 10.03 7.60 39.23
CA LEU D 537 11.21 6.94 39.80
C LEU D 537 11.56 5.69 39.00
N ILE D 538 12.75 5.66 38.43
CA ILE D 538 13.22 4.53 37.66
C ILE D 538 14.43 3.84 38.31
N ASP D 539 14.85 4.33 39.46
CA ASP D 539 16.11 3.93 40.06
C ASP D 539 16.22 2.40 40.30
N GLU D 540 15.11 1.74 40.61
CA GLU D 540 15.13 0.32 40.87
C GLU D 540 15.36 -0.60 39.66
N TRP D 541 15.24 -0.09 38.44
CA TRP D 541 15.43 -0.94 37.28
C TRP D 541 16.13 -0.33 36.08
N TYR D 542 16.44 0.96 36.05
CA TYR D 542 16.91 1.58 34.82
C TYR D 542 18.25 1.01 34.36
N ASP D 543 19.08 0.56 35.31
CA ASP D 543 20.40 0.03 35.00
C ASP D 543 20.48 -1.50 35.15
N HIS D 544 19.34 -2.16 35.19
CA HIS D 544 19.26 -3.60 35.11
C HIS D 544 19.93 -4.00 33.77
N PRO D 545 20.78 -5.03 33.77
CA PRO D 545 21.56 -5.34 32.56
C PRO D 545 20.70 -5.86 31.41
N ASN D 546 19.56 -6.42 31.75
CA ASN D 546 18.55 -6.77 30.76
C ASN D 546 17.58 -5.69 30.27
N VAL D 547 17.58 -4.51 30.87
CA VAL D 547 16.82 -3.38 30.34
C VAL D 547 17.68 -2.75 29.26
N THR D 548 17.38 -3.09 27.99
CA THR D 548 18.15 -2.65 26.89
C THR D 548 17.65 -1.40 26.24
N GLY D 549 16.45 -0.99 26.62
CA GLY D 549 15.89 0.23 26.14
C GLY D 549 14.99 0.89 27.14
N ILE D 550 15.00 2.21 27.13
CA ILE D 550 14.03 3.01 27.91
C ILE D 550 13.56 4.22 27.06
N LEU D 551 12.23 4.41 26.98
CA LEU D 551 11.66 5.57 26.31
C LEU D 551 10.57 6.20 27.15
N TRP D 552 10.50 7.52 27.10
CA TRP D 552 9.39 8.24 27.73
C TRP D 552 8.56 8.89 26.65
N ALA D 553 7.28 8.52 26.59
CA ALA D 553 6.37 8.94 25.51
C ALA D 553 5.23 9.89 25.95
N GLY D 554 5.18 10.23 27.24
CA GLY D 554 4.27 11.23 27.73
C GLY D 554 2.81 10.80 27.60
N LEU D 555 1.99 11.72 27.10
CA LEU D 555 0.57 11.54 26.92
C LEU D 555 0.21 11.87 25.42
N PRO D 556 0.33 10.88 24.54
CA PRO D 556 0.40 11.19 23.11
C PRO D 556 -0.95 11.42 22.36
N GLY D 557 -2.10 11.29 23.02
CA GLY D 557 -3.36 11.45 22.33
C GLY D 557 -3.72 10.23 21.50
N GLN D 558 -4.60 10.47 20.54
CA GLN D 558 -5.32 9.40 19.86
C GLN D 558 -4.49 8.43 19.06
N GLU D 559 -3.34 8.88 18.58
CA GLU D 559 -2.47 8.03 17.71
C GLU D 559 -1.30 7.35 18.52
N SER D 560 -1.46 7.25 19.83
CA SER D 560 -0.42 6.72 20.72
C SER D 560 0.33 5.46 20.20
N GLY D 561 -0.39 4.39 19.86
CA GLY D 561 0.23 3.18 19.41
C GLY D 561 1.10 3.36 18.16
N ASN D 562 0.57 4.14 17.21
CA ASN D 562 1.26 4.41 15.98
C ASN D 562 2.48 5.25 16.19
N SER D 563 2.37 6.25 17.02
CA SER D 563 3.52 7.10 17.36
C SER D 563 4.70 6.31 17.94
N ILE D 564 4.41 5.37 18.85
CA ILE D 564 5.47 4.58 19.48
C ILE D 564 5.97 3.52 18.50
N ALA D 565 5.09 2.91 17.71
CA ALA D 565 5.58 1.97 16.72
C ALA D 565 6.56 2.65 15.74
N ASP D 566 6.27 3.88 15.33
CA ASP D 566 7.12 4.62 14.40
C ASP D 566 8.52 4.76 14.93
N VAL D 567 8.62 5.09 16.21
CA VAL D 567 9.92 5.20 16.87
C VAL D 567 10.63 3.84 17.04
N LEU D 568 9.93 2.84 17.56
CA LEU D 568 10.54 1.59 17.85
C LEU D 568 11.04 0.89 16.60
N TYR D 569 10.32 1.00 15.49
CA TYR D 569 10.71 0.38 14.25
C TYR D 569 11.56 1.26 13.33
N GLY D 570 11.92 2.44 13.82
CA GLY D 570 12.86 3.30 13.14
C GLY D 570 12.35 4.08 11.96
N ARG D 571 11.03 4.15 11.76
CA ARG D 571 10.47 5.13 10.80
C ARG D 571 10.72 6.55 11.24
N VAL D 572 10.79 6.79 12.54
CA VAL D 572 11.17 8.09 13.07
C VAL D 572 12.34 7.80 14.00
N ASN D 573 13.42 8.55 13.81
CA ASN D 573 14.58 8.46 14.63
C ASN D 573 14.26 9.41 15.78
N PRO D 574 14.18 8.90 16.99
CA PRO D 574 13.76 9.83 18.04
C PRO D 574 14.76 10.94 18.26
N GLY D 575 14.26 12.15 18.47
CA GLY D 575 15.07 13.30 18.81
C GLY D 575 14.53 14.23 19.91
N ALA D 576 13.52 13.78 20.67
CA ALA D 576 13.01 14.55 21.79
C ALA D 576 14.06 14.57 22.89
N LYS D 577 14.04 15.63 23.71
CA LYS D 577 14.84 15.73 24.93
C LYS D 577 13.90 15.87 26.13
N SER D 578 14.34 15.35 27.26
CA SER D 578 13.58 15.46 28.52
C SER D 578 13.31 16.92 28.91
N PRO D 579 12.03 17.31 29.11
CA PRO D 579 11.70 18.66 29.54
C PRO D 579 11.64 18.86 31.04
N PHE D 580 12.07 17.84 31.75
CA PHE D 580 12.23 17.87 33.19
C PHE D 580 13.35 16.90 33.61
N THR D 581 13.72 16.96 34.88
CA THR D 581 14.74 16.15 35.45
C THR D 581 14.17 14.82 35.97
N TRP D 582 14.92 13.73 35.77
CA TRP D 582 14.62 12.41 36.30
C TRP D 582 15.58 12.19 37.48
N GLY D 583 15.06 12.33 38.71
CA GLY D 583 15.87 12.24 39.92
C GLY D 583 15.85 10.84 40.54
N LYS D 584 16.75 10.59 41.49
CA LYS D 584 16.81 9.24 42.13
C LYS D 584 15.63 9.00 43.05
N THR D 585 15.22 10.03 43.78
CA THR D 585 14.13 9.93 44.76
C THR D 585 13.22 11.13 44.63
N ARG D 586 12.06 11.03 45.27
CA ARG D 586 11.17 12.19 45.37
C ARG D 586 11.90 13.34 46.05
N GLU D 587 12.69 13.00 47.04
CA GLU D 587 13.39 14.01 47.86
C GLU D 587 14.47 14.75 47.09
N SER D 588 15.04 14.11 46.06
CA SER D 588 16.04 14.77 45.18
C SER D 588 15.57 16.07 44.54
N TYR D 589 14.25 16.18 44.36
CA TYR D 589 13.62 17.35 43.75
C TYR D 589 13.45 18.53 44.71
N GLY D 590 13.45 18.26 46.02
CA GLY D 590 12.96 19.28 46.98
C GLY D 590 11.47 19.60 46.76
N SER D 591 11.10 20.86 46.94
CA SER D 591 9.77 21.39 46.70
C SER D 591 8.64 20.41 47.04
N PRO D 592 8.48 20.06 48.33
CA PRO D 592 7.35 19.19 48.69
C PRO D 592 6.01 19.92 48.49
N LEU D 593 4.96 19.18 48.15
CA LEU D 593 3.62 19.73 48.08
C LEU D 593 3.13 20.02 49.50
N VAL D 594 2.28 21.00 49.63
CA VAL D 594 1.53 21.18 50.88
C VAL D 594 0.32 20.25 50.83
N LYS D 595 0.43 19.11 51.53
CA LYS D 595 -0.65 18.09 51.62
C LYS D 595 -1.45 18.10 52.95
N ASP D 596 -1.11 19.03 53.86
CA ASP D 596 -1.79 19.13 55.15
C ASP D 596 -2.28 20.56 55.39
N ALA D 597 -3.40 20.67 56.10
CA ALA D 597 -3.94 21.97 56.51
C ALA D 597 -2.97 22.57 57.52
N ASN D 598 -1.93 23.25 57.01
CA ASN D 598 -0.79 23.63 57.84
C ASN D 598 -0.93 24.99 58.54
N ASN D 599 -2.12 25.54 58.55
CA ASN D 599 -2.37 26.86 59.17
C ASN D 599 -3.64 26.84 59.98
N GLY D 600 -3.81 25.80 60.77
CA GLY D 600 -5.01 25.59 61.55
C GLY D 600 -6.20 25.40 60.66
N ASN D 601 -7.27 26.14 60.97
CA ASN D 601 -8.46 26.14 60.13
C ASN D 601 -8.42 27.28 59.11
N GLY D 602 -7.28 27.96 59.02
CA GLY D 602 -7.08 29.02 58.04
C GLY D 602 -6.60 28.47 56.71
N ALA D 603 -6.35 29.38 55.78
CA ALA D 603 -5.85 29.03 54.46
C ALA D 603 -4.45 28.44 54.57
N PRO D 604 -4.23 27.21 54.06
CA PRO D 604 -2.87 26.65 54.11
C PRO D 604 -1.91 27.54 53.35
N GLN D 605 -0.65 27.51 53.75
CA GLN D 605 0.35 28.43 53.26
C GLN D 605 1.43 27.62 52.62
N SER D 606 1.86 28.04 51.43
CA SER D 606 2.94 27.38 50.68
C SER D 606 3.93 28.46 50.30
N ASP D 607 5.06 28.43 51.00
CA ASP D 607 6.09 29.43 50.81
C ASP D 607 7.05 28.94 49.75
N PHE D 608 7.36 29.81 48.78
CA PHE D 608 8.22 29.45 47.70
C PHE D 608 9.65 29.86 48.04
N THR D 609 10.17 29.19 49.04
CA THR D 609 11.51 29.46 49.59
C THR D 609 12.64 28.94 48.70
N GLN D 610 12.35 28.00 47.79
CA GLN D 610 13.32 27.58 46.77
C GLN D 610 13.69 28.68 45.75
N GLY D 611 12.87 29.73 45.64
CA GLY D 611 13.12 30.82 44.71
C GLY D 611 13.11 30.29 43.28
N VAL D 612 14.10 30.70 42.49
CA VAL D 612 14.25 30.23 41.11
C VAL D 612 14.77 28.79 41.00
N PHE D 613 15.14 28.15 42.12
CA PHE D 613 15.77 26.84 42.11
C PHE D 613 14.76 25.72 42.14
N ILE D 614 14.10 25.51 40.99
CA ILE D 614 13.26 24.36 40.80
C ILE D 614 13.84 23.47 39.70
N ASP D 615 13.34 22.24 39.63
CA ASP D 615 13.81 21.20 38.65
C ASP D 615 15.36 21.21 38.54
N TYR D 616 15.93 21.32 37.33
CA TYR D 616 17.39 21.21 37.19
C TYR D 616 18.17 22.28 37.94
N ARG D 617 17.58 23.44 38.18
CA ARG D 617 18.26 24.47 39.02
C ARG D 617 18.44 24.00 40.49
N HIS D 618 17.47 23.26 41.04
CA HIS D 618 17.60 22.66 42.36
C HIS D 618 18.66 21.57 42.42
N PHE D 619 18.61 20.63 41.46
CA PHE D 619 19.58 19.58 41.32
C PHE D 619 20.98 20.14 41.22
N ASP D 620 21.14 21.19 40.43
CA ASP D 620 22.46 21.80 40.25
C ASP D 620 22.94 22.41 41.58
N LYS D 621 22.07 23.17 42.24
CA LYS D 621 22.47 23.86 43.48
C LYS D 621 22.80 22.88 44.61
N PHE D 622 21.99 21.84 44.78
CA PHE D 622 22.20 20.87 45.84
C PHE D 622 23.12 19.73 45.41
N ASN D 623 23.82 19.86 44.29
CA ASN D 623 24.69 18.80 43.79
C ASN D 623 24.06 17.38 43.74
N GLU D 624 22.79 17.31 43.37
CA GLU D 624 22.09 16.03 43.23
C GLU D 624 22.36 15.61 41.81
N THR D 625 22.81 14.39 41.60
CA THR D 625 23.06 13.88 40.22
C THR D 625 21.81 13.21 39.67
N PRO D 626 21.25 13.77 38.58
CA PRO D 626 20.03 13.14 38.02
C PRO D 626 20.41 11.82 37.40
N ILE D 627 19.49 10.87 37.38
CA ILE D 627 19.66 9.69 36.52
C ILE D 627 19.70 10.17 35.05
N TYR D 628 18.68 10.96 34.67
CA TYR D 628 18.61 11.60 33.34
C TYR D 628 18.30 13.06 33.54
N GLU D 629 19.15 13.92 32.98
CA GLU D 629 19.07 15.34 33.27
C GLU D 629 18.08 16.06 32.38
N PHE D 630 17.67 17.24 32.82
CA PHE D 630 16.91 18.17 31.96
C PHE D 630 17.67 18.40 30.64
N GLY D 631 16.98 18.27 29.53
CA GLY D 631 17.57 18.47 28.22
C GLY D 631 18.25 17.26 27.58
N TYR D 632 18.13 16.09 28.21
CA TYR D 632 18.82 14.91 27.75
C TYR D 632 17.95 14.01 26.89
N GLY D 633 18.55 13.43 25.86
CA GLY D 633 17.91 12.35 25.11
C GLY D 633 18.87 11.80 24.09
N LEU D 634 18.59 10.59 23.62
CA LEU D 634 19.46 9.88 22.69
C LEU D 634 18.86 9.88 21.34
N SER D 635 19.54 9.20 20.41
CA SER D 635 19.09 9.12 19.04
C SER D 635 19.63 7.84 18.42
N TYR D 636 19.13 7.44 17.27
CA TYR D 636 19.74 6.34 16.53
C TYR D 636 21.01 6.77 15.72
N THR D 637 21.40 8.05 15.81
CA THR D 637 22.65 8.51 15.29
C THR D 637 23.42 9.23 16.40
N THR D 638 24.55 9.83 16.03
CA THR D 638 25.39 10.57 16.98
C THR D 638 25.66 11.97 16.40
N PHE D 639 25.90 12.93 17.28
CA PHE D 639 26.15 14.30 16.88
C PHE D 639 27.35 14.81 17.61
N GLU D 640 28.00 15.83 17.02
CA GLU D 640 29.08 16.59 17.65
C GLU D 640 28.87 18.08 17.49
N LEU D 641 29.17 18.82 18.55
CA LEU D 641 29.05 20.28 18.54
C LEU D 641 30.44 20.85 18.58
N SER D 642 30.71 21.87 17.80
CA SER D 642 32.04 22.50 17.83
C SER D 642 31.98 23.94 17.35
N ASP D 643 33.11 24.66 17.50
CA ASP D 643 33.31 26.01 16.94
C ASP D 643 32.30 27.03 17.45
N LEU D 644 32.22 27.17 18.79
CA LEU D 644 31.35 28.18 19.40
C LEU D 644 31.87 29.58 19.15
N HIS D 645 31.07 30.43 18.53
CA HIS D 645 31.42 31.85 18.34
C HIS D 645 30.33 32.79 18.82
N VAL D 646 30.77 33.96 19.28
CA VAL D 646 29.93 34.98 19.83
C VAL D 646 30.15 36.27 19.03
N GLN D 647 29.08 36.81 18.44
CA GLN D 647 29.10 38.09 17.75
C GLN D 647 28.32 39.21 18.51
N PRO D 648 29.06 40.19 19.11
CA PRO D 648 28.33 41.31 19.75
C PRO D 648 27.60 42.08 18.69
N LEU D 649 26.38 42.52 19.02
CA LEU D 649 25.54 43.27 18.12
C LEU D 649 25.52 44.71 18.56
N ASN D 650 25.41 45.63 17.60
CA ASN D 650 25.30 47.04 17.96
C ASN D 650 23.87 47.34 18.37
N ALA D 651 23.63 47.35 19.68
CA ALA D 651 22.28 47.46 20.25
C ALA D 651 21.99 48.84 20.86
N SER D 652 20.72 49.25 20.86
CA SER D 652 20.31 50.45 21.60
C SER D 652 20.31 50.20 23.10
N ARG D 653 20.63 51.24 23.87
CA ARG D 653 20.66 51.20 25.34
C ARG D 653 19.24 50.93 25.91
N TYR D 654 19.20 50.42 27.13
CA TYR D 654 17.93 50.21 27.83
C TYR D 654 17.52 51.55 28.40
N THR D 655 16.26 51.95 28.18
CA THR D 655 15.71 53.19 28.73
C THR D 655 14.57 52.81 29.64
N PRO D 656 14.75 52.95 30.97
CA PRO D 656 13.61 52.75 31.87
C PRO D 656 12.43 53.65 31.48
N THR D 657 11.24 53.08 31.45
CA THR D 657 10.07 53.81 31.00
C THR D 657 9.66 54.83 32.05
N SER D 658 9.24 56.00 31.59
CA SER D 658 8.78 57.10 32.51
C SER D 658 7.50 57.72 31.93
N GLY D 659 7.01 58.78 32.57
CA GLY D 659 5.82 59.49 32.09
C GLY D 659 4.54 58.86 32.61
N MET D 660 3.44 59.21 31.95
CA MET D 660 2.09 59.05 32.50
C MET D 660 1.23 58.40 31.47
N THR D 661 0.24 57.63 31.92
CA THR D 661 -0.81 57.14 30.99
C THR D 661 -1.76 58.32 30.64
N GLU D 662 -2.73 58.06 29.77
N GLU D 662 -2.69 58.11 29.73
CA GLU D 662 -3.90 58.92 29.65
CA GLU D 662 -3.86 59.00 29.62
C GLU D 662 -4.81 58.69 30.87
C GLU D 662 -4.85 58.67 30.76
N ALA D 663 -5.70 59.65 31.11
CA ALA D 663 -6.75 59.49 32.12
C ALA D 663 -7.82 58.53 31.55
N ALA D 664 -8.54 57.84 32.44
CA ALA D 664 -9.59 56.91 32.02
C ALA D 664 -10.70 57.62 31.24
N LYS D 665 -11.36 56.90 30.35
CA LYS D 665 -12.48 57.45 29.59
C LYS D 665 -13.74 56.61 29.75
N ASN D 666 -14.88 57.30 29.71
CA ASN D 666 -16.19 56.66 29.65
C ASN D 666 -16.58 56.57 28.21
N PHE D 667 -17.07 55.40 27.79
CA PHE D 667 -17.45 55.14 26.42
C PHE D 667 -18.91 54.79 26.46
N GLY D 668 -19.73 55.64 25.84
CA GLY D 668 -21.18 55.56 25.93
C GLY D 668 -21.71 56.29 27.17
N GLU D 669 -23.04 56.27 27.33
CA GLU D 669 -23.71 56.99 28.40
C GLU D 669 -24.48 55.99 29.25
N ILE D 670 -24.59 56.24 30.56
CA ILE D 670 -25.49 55.43 31.41
C ILE D 670 -26.63 56.34 31.94
N GLY D 671 -27.87 55.90 31.77
CA GLY D 671 -29.04 56.67 32.18
C GLY D 671 -29.56 56.33 33.56
N ASP D 672 -30.90 56.40 33.71
CA ASP D 672 -31.59 56.11 34.97
C ASP D 672 -31.69 54.61 35.22
N ALA D 673 -31.66 54.21 36.48
CA ALA D 673 -31.88 52.83 36.90
C ALA D 673 -33.01 52.14 36.15
N SER D 674 -34.13 52.85 35.97
CA SER D 674 -35.30 52.31 35.25
C SER D 674 -35.02 51.77 33.83
N GLU D 675 -34.00 52.31 33.15
CA GLU D 675 -33.65 51.84 31.81
C GLU D 675 -33.16 50.37 31.80
N TYR D 676 -32.64 49.91 32.94
CA TYR D 676 -31.98 48.62 33.09
C TYR D 676 -32.79 47.58 33.89
N VAL D 677 -34.06 47.85 34.17
CA VAL D 677 -34.97 46.85 34.76
C VAL D 677 -35.30 45.83 33.69
N TYR D 678 -35.56 44.58 34.09
CA TYR D 678 -35.93 43.48 33.15
C TYR D 678 -37.02 43.94 32.19
N PRO D 679 -36.95 43.57 30.91
CA PRO D 679 -38.07 43.87 30.03
C PRO D 679 -39.30 43.02 30.34
N GLU D 680 -40.49 43.58 30.08
CA GLU D 680 -41.77 42.91 30.32
C GLU D 680 -41.92 41.79 29.33
N GLY D 681 -42.13 40.57 29.80
CA GLY D 681 -42.40 39.47 28.91
C GLY D 681 -41.19 38.80 28.29
N LEU D 682 -39.99 39.15 28.77
CA LEU D 682 -38.87 38.25 28.60
C LEU D 682 -39.15 37.11 29.55
N GLU D 683 -39.25 35.90 29.02
CA GLU D 683 -39.36 34.70 29.85
C GLU D 683 -38.00 34.40 30.47
N ARG D 684 -37.92 34.55 31.78
CA ARG D 684 -36.70 34.32 32.50
C ARG D 684 -36.47 32.83 32.68
N ILE D 685 -35.35 32.35 32.14
CA ILE D 685 -34.94 30.97 32.30
C ILE D 685 -34.36 30.83 33.72
N HIS D 686 -34.76 29.77 34.45
CA HIS D 686 -34.27 29.54 35.81
C HIS D 686 -32.77 29.28 35.77
N GLU D 687 -32.07 29.80 36.78
CA GLU D 687 -30.62 29.73 36.95
C GLU D 687 -29.82 30.51 35.95
N PHE D 688 -30.45 31.09 34.94
CA PHE D 688 -29.75 31.87 33.93
C PHE D 688 -29.38 33.23 34.50
N ILE D 689 -28.17 33.68 34.17
CA ILE D 689 -27.61 34.94 34.68
C ILE D 689 -27.78 36.01 33.62
N TYR D 690 -28.60 36.99 33.97
CA TYR D 690 -28.96 38.11 33.07
C TYR D 690 -28.28 39.40 33.63
N PRO D 691 -28.17 40.45 32.81
CA PRO D 691 -27.56 41.70 33.27
C PRO D 691 -28.55 42.68 33.97
N TRP D 692 -29.84 42.41 33.80
CA TRP D 692 -30.95 43.27 34.25
C TRP D 692 -31.19 43.22 35.77
N ILE D 693 -31.77 44.31 36.27
CA ILE D 693 -32.11 44.42 37.70
C ILE D 693 -33.62 44.22 37.90
N ASN D 694 -34.01 43.62 39.04
CA ASN D 694 -35.43 43.38 39.32
C ASN D 694 -36.25 44.67 39.38
N SER D 695 -35.70 45.69 40.02
CA SER D 695 -36.37 47.00 40.15
C SER D 695 -35.35 48.10 40.27
N THR D 696 -35.82 49.35 40.29
CA THR D 696 -34.95 50.50 40.56
C THR D 696 -34.47 50.60 42.01
N ASP D 697 -34.95 49.72 42.90
CA ASP D 697 -34.36 49.58 44.24
C ASP D 697 -33.06 48.81 44.11
N LEU D 698 -31.93 49.51 44.23
CA LEU D 698 -30.63 48.90 43.97
C LEU D 698 -30.26 47.91 45.06
N LYS D 699 -30.43 48.30 46.33
CA LYS D 699 -30.11 47.40 47.46
C LYS D 699 -30.84 46.07 47.34
N ALA D 700 -32.13 46.15 47.03
CA ALA D 700 -32.95 44.96 46.90
C ALA D 700 -32.54 44.16 45.68
N SER D 701 -32.22 44.85 44.58
CA SER D 701 -31.84 44.17 43.33
C SER D 701 -30.52 43.36 43.45
N SER D 702 -29.61 43.83 44.28
CA SER D 702 -28.35 43.16 44.62
C SER D 702 -28.56 42.01 45.59
N ASP D 703 -29.24 42.30 46.72
CA ASP D 703 -29.56 41.31 47.74
C ASP D 703 -28.36 40.90 48.54
N ASP D 704 -27.25 41.63 48.40
CA ASP D 704 -26.07 41.34 49.17
C ASP D 704 -26.34 41.83 50.59
N SER D 705 -26.32 40.93 51.55
CA SER D 705 -26.62 41.29 52.94
C SER D 705 -25.67 42.33 53.57
N ASN D 706 -24.50 42.58 52.96
CA ASN D 706 -23.61 43.66 53.42
C ASN D 706 -23.63 44.87 52.48
N TYR D 707 -24.66 44.99 51.65
CA TYR D 707 -24.78 46.07 50.69
C TYR D 707 -24.71 47.46 51.33
N GLY D 708 -24.00 48.38 50.68
CA GLY D 708 -24.15 49.79 50.93
C GLY D 708 -23.15 50.50 51.83
N TRP D 709 -22.05 49.87 52.21
CA TRP D 709 -21.03 50.57 53.02
C TRP D 709 -20.36 51.70 52.24
N GLU D 710 -19.76 52.63 52.97
CA GLU D 710 -18.91 53.64 52.39
C GLU D 710 -17.65 52.94 51.85
N ASP D 711 -17.13 53.46 50.73
CA ASP D 711 -16.00 52.87 49.99
C ASP D 711 -14.79 52.54 50.87
N SER D 712 -14.35 53.51 51.67
CA SER D 712 -13.18 53.37 52.56
C SER D 712 -13.27 52.22 53.57
N LYS D 713 -14.48 51.68 53.81
CA LYS D 713 -14.64 50.54 54.71
C LYS D 713 -14.14 49.20 54.09
N TYR D 714 -14.18 49.07 52.77
CA TYR D 714 -13.85 47.78 52.13
C TYR D 714 -13.15 47.85 50.74
N ILE D 715 -12.66 49.02 50.34
CA ILE D 715 -12.10 49.26 49.01
C ILE D 715 -10.80 50.03 49.23
N PRO D 716 -9.66 49.56 48.67
CA PRO D 716 -8.39 50.25 48.92
C PRO D 716 -8.35 51.62 48.29
N GLU D 717 -7.43 52.47 48.78
CA GLU D 717 -7.18 53.81 48.19
C GLU D 717 -6.84 53.67 46.71
N GLY D 718 -7.34 54.59 45.89
CA GLY D 718 -7.00 54.63 44.50
C GLY D 718 -7.81 53.74 43.59
N ALA D 719 -8.58 52.79 44.15
CA ALA D 719 -9.31 51.79 43.33
C ALA D 719 -10.33 52.39 42.36
N THR D 720 -10.80 53.60 42.64
CA THR D 720 -11.73 54.30 41.76
C THR D 720 -11.10 55.62 41.23
N ASP D 721 -9.78 55.77 41.34
CA ASP D 721 -9.05 56.89 40.76
C ASP D 721 -8.89 56.73 39.24
N GLY D 722 -9.57 57.55 38.46
CA GLY D 722 -9.45 57.52 37.00
C GLY D 722 -8.44 58.47 36.38
N SER D 723 -7.60 59.11 37.19
CA SER D 723 -6.63 60.08 36.64
C SER D 723 -5.45 59.37 35.94
N ALA D 724 -4.77 60.10 35.04
CA ALA D 724 -3.48 59.68 34.49
C ALA D 724 -2.61 59.07 35.59
N GLN D 725 -2.03 57.88 35.32
CA GLN D 725 -1.16 57.17 36.29
C GLN D 725 0.28 57.14 35.79
N PRO D 726 1.24 57.04 36.71
CA PRO D 726 2.63 56.84 36.31
C PRO D 726 2.86 55.49 35.59
N ARG D 727 3.73 55.50 34.59
CA ARG D 727 4.12 54.27 33.91
C ARG D 727 5.22 53.60 34.71
N LEU D 728 5.18 52.27 34.81
CA LEU D 728 6.19 51.57 35.57
C LEU D 728 7.50 51.51 34.73
N PRO D 729 8.67 51.52 35.41
CA PRO D 729 9.94 51.48 34.67
C PRO D 729 10.11 50.25 33.73
N ALA D 730 9.67 49.07 34.17
CA ALA D 730 9.78 47.83 33.37
C ALA D 730 8.66 47.66 32.36
N SER D 731 7.77 48.65 32.26
CA SER D 731 6.72 48.65 31.24
C SER D 731 7.21 49.28 29.97
N GLY D 732 6.32 49.38 28.99
CA GLY D 732 6.56 50.15 27.77
C GLY D 732 6.12 49.48 26.50
N GLY D 733 5.74 48.21 26.56
CA GLY D 733 5.32 47.46 25.36
C GLY D 733 4.76 46.11 25.76
N ALA D 734 4.33 45.33 24.79
CA ALA D 734 3.75 43.99 25.05
C ALA D 734 4.81 43.06 25.61
N GLY D 735 4.66 42.66 26.85
CA GLY D 735 5.61 41.80 27.53
C GLY D 735 6.70 42.57 28.23
N GLY D 736 6.49 43.88 28.37
CA GLY D 736 7.40 44.70 29.10
C GLY D 736 8.13 45.69 28.19
N ASN D 737 8.98 46.49 28.84
CA ASN D 737 9.87 47.45 28.19
C ASN D 737 10.46 46.83 26.91
N PRO D 738 10.25 47.47 25.75
CA PRO D 738 10.80 46.90 24.52
C PRO D 738 12.35 46.74 24.52
N GLY D 739 13.06 47.49 25.37
CA GLY D 739 14.48 47.34 25.55
C GLY D 739 14.91 45.99 26.06
N LEU D 740 14.01 45.26 26.70
CA LEU D 740 14.27 43.86 27.08
C LEU D 740 14.50 42.92 25.88
N TYR D 741 13.91 43.26 24.74
CA TYR D 741 13.89 42.39 23.56
C TYR D 741 14.81 42.89 22.46
N GLU D 742 15.69 43.78 22.84
CA GLU D 742 16.80 44.16 22.01
C GLU D 742 17.81 43.01 21.98
N ASP D 743 18.27 42.66 20.78
CA ASP D 743 19.32 41.63 20.59
C ASP D 743 20.69 42.11 20.92
N LEU D 744 21.34 41.44 21.87
CA LEU D 744 22.68 41.87 22.28
C LEU D 744 23.80 41.04 21.58
N PHE D 745 23.56 39.75 21.36
CA PHE D 745 24.59 38.82 20.87
C PHE D 745 23.97 37.84 19.95
N ARG D 746 24.69 37.53 18.88
CA ARG D 746 24.44 36.35 18.09
CA ARG D 746 24.43 36.34 18.09
C ARG D 746 25.46 35.28 18.44
N VAL D 747 24.96 34.09 18.71
CA VAL D 747 25.79 32.96 19.17
C VAL D 747 25.64 31.83 18.16
N SER D 748 26.77 31.35 17.63
CA SER D 748 26.76 30.33 16.63
C SER D 748 27.57 29.11 17.10
N VAL D 749 27.14 27.94 16.68
CA VAL D 749 27.85 26.71 16.92
C VAL D 749 27.61 25.77 15.75
N LYS D 750 28.58 24.91 15.45
CA LYS D 750 28.45 23.91 14.38
C LYS D 750 27.90 22.64 14.98
N VAL D 751 26.95 22.02 14.29
CA VAL D 751 26.38 20.76 14.74
C VAL D 751 26.60 19.80 13.59
N LYS D 752 27.10 18.61 13.89
CA LYS D 752 27.34 17.62 12.85
C LYS D 752 26.71 16.27 13.22
N ASN D 753 26.02 15.65 12.27
CA ASN D 753 25.59 14.24 12.38
C ASN D 753 26.78 13.34 12.01
N THR D 754 27.36 12.74 13.03
CA THR D 754 28.54 11.90 12.90
C THR D 754 28.22 10.38 12.78
N GLY D 755 26.95 10.00 12.69
CA GLY D 755 26.55 8.59 12.57
C GLY D 755 25.95 8.26 11.23
N ASN D 756 25.16 7.19 11.17
CA ASN D 756 24.73 6.62 9.88
C ASN D 756 23.27 6.80 9.54
N VAL D 757 22.52 7.47 10.38
CA VAL D 757 21.10 7.68 10.15
C VAL D 757 20.79 9.16 10.29
N ALA D 758 19.91 9.63 9.43
CA ALA D 758 19.37 10.99 9.50
C ALA D 758 18.65 11.13 10.83
N GLY D 759 18.76 12.32 11.41
CA GLY D 759 18.13 12.53 12.72
C GLY D 759 18.19 13.96 13.19
N ASP D 760 17.53 14.22 14.31
CA ASP D 760 17.44 15.59 14.87
C ASP D 760 18.33 15.68 16.06
N GLU D 761 19.01 16.80 16.23
CA GLU D 761 19.68 17.14 17.49
C GLU D 761 19.02 18.41 18.01
N VAL D 762 19.08 18.58 19.33
CA VAL D 762 18.59 19.77 20.01
C VAL D 762 19.72 20.45 20.74
N PRO D 763 20.49 21.28 20.02
CA PRO D 763 21.51 22.05 20.70
C PRO D 763 20.84 23.09 21.62
N GLN D 764 21.50 23.37 22.74
CA GLN D 764 20.95 24.17 23.82
C GLN D 764 21.99 25.15 24.32
N LEU D 765 21.55 26.37 24.61
CA LEU D 765 22.41 27.46 25.10
C LEU D 765 21.90 27.80 26.48
N TYR D 766 22.79 27.71 27.45
CA TYR D 766 22.54 28.00 28.83
C TYR D 766 23.39 29.19 29.21
N VAL D 767 22.92 30.03 30.14
CA VAL D 767 23.74 31.13 30.66
C VAL D 767 23.92 31.05 32.17
N SER D 768 25.10 31.52 32.59
CA SER D 768 25.41 31.78 33.97
C SER D 768 25.31 33.28 34.08
N LEU D 769 24.31 33.76 34.80
CA LEU D 769 24.11 35.19 34.95
C LEU D 769 25.06 35.84 35.91
N GLY D 770 25.62 35.05 36.80
CA GLY D 770 26.68 35.50 37.67
C GLY D 770 26.14 36.16 38.90
N GLY D 771 27.02 36.32 39.86
CA GLY D 771 26.64 36.88 41.13
C GLY D 771 26.29 35.74 42.06
N PRO D 772 26.10 36.06 43.38
N PRO D 772 26.27 36.03 43.37
CA PRO D 772 26.07 35.09 44.52
CA PRO D 772 25.91 34.97 44.29
C PRO D 772 24.93 34.03 44.62
C PRO D 772 24.41 34.75 44.21
N ASN D 773 23.65 34.44 44.63
N ASN D 773 23.94 33.63 44.75
CA ASN D 773 22.53 33.47 44.75
CA ASN D 773 22.51 33.32 44.78
C ASN D 773 21.88 33.14 43.40
C ASN D 773 21.84 33.20 43.39
N GLU D 774 22.65 33.15 42.31
CA GLU D 774 22.15 32.86 40.95
C GLU D 774 22.44 31.42 40.54
N PRO D 775 21.53 30.80 39.77
CA PRO D 775 21.84 29.43 39.33
C PRO D 775 23.13 29.37 38.47
N LYS D 776 23.83 28.26 38.60
CA LYS D 776 25.01 28.01 37.78
C LYS D 776 24.68 28.19 36.31
N VAL D 777 23.58 27.54 35.88
CA VAL D 777 23.08 27.70 34.53
C VAL D 777 21.57 27.77 34.47
N VAL D 778 21.08 28.55 33.53
CA VAL D 778 19.66 28.59 33.19
C VAL D 778 19.55 28.52 31.68
N LEU D 779 18.58 27.75 31.19
CA LEU D 779 18.37 27.69 29.72
C LEU D 779 17.93 29.03 29.17
N ARG D 780 18.46 29.38 28.00
CA ARG D 780 17.99 30.54 27.29
C ARG D 780 17.57 30.30 25.86
N LYS D 781 18.30 29.49 25.09
CA LYS D 781 17.93 29.21 23.70
C LYS D 781 18.08 27.72 23.34
N PHE D 782 17.46 27.30 22.25
CA PHE D 782 17.50 25.94 21.79
C PHE D 782 16.92 25.90 20.40
N GLU D 783 17.08 24.77 19.74
CA GLU D 783 16.54 24.58 18.42
C GLU D 783 16.63 23.11 18.11
N ARG D 784 15.73 22.60 17.33
CA ARG D 784 15.76 21.24 16.90
C ARG D 784 16.16 21.29 15.42
N ILE D 785 17.25 20.62 15.10
CA ILE D 785 17.87 20.66 13.76
C ILE D 785 17.94 19.27 13.18
N HIS D 786 17.42 19.11 11.99
CA HIS D 786 17.49 17.84 11.28
C HIS D 786 18.76 17.77 10.41
N LEU D 787 19.51 16.67 10.53
CA LEU D 787 20.76 16.47 9.80
C LEU D 787 20.83 15.12 9.18
N ALA D 788 21.16 15.08 7.88
CA ALA D 788 21.50 13.85 7.23
C ALA D 788 22.83 13.34 7.78
N PRO D 789 23.09 12.02 7.63
CA PRO D 789 24.40 11.51 8.03
C PRO D 789 25.51 12.32 7.36
N SER D 790 26.52 12.69 8.13
CA SER D 790 27.66 13.55 7.69
C SER D 790 27.34 15.04 7.55
N GLN D 791 26.06 15.42 7.57
CA GLN D 791 25.68 16.82 7.42
C GLN D 791 26.08 17.68 8.60
N GLU D 792 26.54 18.88 8.28
CA GLU D 792 26.88 19.90 9.25
C GLU D 792 26.09 21.15 8.99
N ALA D 793 25.70 21.80 10.06
CA ALA D 793 24.97 23.03 9.96
C ALA D 793 25.46 23.86 11.11
N VAL D 794 25.53 25.15 10.87
CA VAL D 794 25.78 26.09 11.91
C VAL D 794 24.44 26.59 12.42
N TRP D 795 24.24 26.51 13.73
CA TRP D 795 23.06 27.04 14.40
C TRP D 795 23.41 28.39 14.94
N THR D 796 22.67 29.41 14.51
CA THR D 796 22.84 30.72 15.11
C THR D 796 21.54 31.06 15.91
N THR D 797 21.71 31.45 17.14
CA THR D 797 20.66 32.03 17.94
C THR D 797 21.08 33.40 18.47
N THR D 798 20.17 34.05 19.15
CA THR D 798 20.39 35.42 19.70
C THR D 798 20.15 35.46 21.18
N LEU D 799 20.89 36.29 21.89
CA LEU D 799 20.61 36.58 23.27
C LEU D 799 20.10 38.02 23.32
N THR D 800 18.91 38.19 23.92
CA THR D 800 18.34 39.48 24.21
C THR D 800 18.85 40.04 25.53
N ARG D 801 18.57 41.33 25.76
CA ARG D 801 18.80 41.92 27.05
C ARG D 801 18.12 41.18 28.20
N ARG D 802 16.88 40.84 28.00
CA ARG D 802 16.17 40.11 29.01
C ARG D 802 16.84 38.76 29.35
N ASP D 803 17.39 38.08 28.31
CA ASP D 803 18.07 36.81 28.51
C ASP D 803 19.27 36.94 29.44
N LEU D 804 19.84 38.14 29.54
CA LEU D 804 21.01 38.42 30.39
C LEU D 804 20.72 39.25 31.67
N ALA D 805 19.46 39.57 31.93
CA ALA D 805 19.07 40.46 33.00
C ALA D 805 18.59 39.76 34.28
N ASN D 806 18.61 40.52 35.37
CA ASN D 806 18.02 40.13 36.65
C ASN D 806 17.03 41.17 37.13
N TRP D 807 16.04 40.73 37.89
CA TRP D 807 15.01 41.63 38.39
C TRP D 807 15.53 42.26 39.64
N ASP D 808 15.57 43.58 39.63
CA ASP D 808 16.09 44.41 40.74
C ASP D 808 14.86 44.91 41.51
N VAL D 809 14.66 44.35 42.68
CA VAL D 809 13.51 44.70 43.49
C VAL D 809 13.48 46.19 43.90
N SER D 810 14.66 46.80 44.10
CA SER D 810 14.76 48.21 44.48
C SER D 810 14.43 49.16 43.37
N ALA D 811 14.92 48.89 42.18
CA ALA D 811 14.60 49.75 41.04
C ALA D 811 13.25 49.42 40.47
N GLN D 812 12.69 48.28 40.85
CA GLN D 812 11.52 47.74 40.17
C GLN D 812 11.76 47.76 38.66
N ASP D 813 12.88 47.16 38.28
CA ASP D 813 13.27 47.09 36.90
C ASP D 813 14.19 45.89 36.64
N TRP D 814 14.29 45.55 35.36
CA TRP D 814 15.22 44.53 34.92
C TRP D 814 16.56 45.20 34.72
N THR D 815 17.58 44.57 35.24
CA THR D 815 18.92 45.12 35.12
C THR D 815 19.91 44.02 34.69
N VAL D 816 20.78 44.33 33.73
CA VAL D 816 21.90 43.47 33.42
C VAL D 816 22.97 43.79 34.43
N THR D 817 23.23 42.87 35.35
CA THR D 817 24.12 43.15 36.47
C THR D 817 25.58 43.23 35.98
N PRO D 818 26.48 43.89 36.75
CA PRO D 818 27.91 43.91 36.36
C PRO D 818 28.66 42.57 36.49
N TYR D 819 28.09 41.58 37.18
CA TYR D 819 28.69 40.26 37.23
C TYR D 819 28.96 39.66 35.84
N PRO D 820 30.12 39.00 35.68
CA PRO D 820 30.43 38.45 34.36
C PRO D 820 29.44 37.37 33.97
N LYS D 821 29.00 37.40 32.72
CA LYS D 821 28.11 36.37 32.25
C LYS D 821 28.91 35.43 31.36
N THR D 822 28.56 34.15 31.44
CA THR D 822 29.20 33.07 30.71
C THR D 822 28.11 32.22 30.03
N ILE D 823 28.34 31.85 28.78
CA ILE D 823 27.45 30.95 28.07
C ILE D 823 28.05 29.54 27.97
N TYR D 824 27.15 28.57 27.91
CA TYR D 824 27.47 27.13 27.82
C TYR D 824 26.59 26.54 26.74
N VAL D 825 27.19 25.82 25.80
CA VAL D 825 26.50 25.25 24.66
C VAL D 825 26.77 23.76 24.63
N GLY D 826 25.70 23.03 24.35
CA GLY D 826 25.78 21.58 24.40
C GLY D 826 24.45 20.95 24.01
N ASN D 827 24.22 19.73 24.42
CA ASN D 827 22.99 19.08 24.08
C ASN D 827 22.25 18.49 25.28
N SER D 828 22.61 18.93 26.49
CA SER D 828 21.78 18.75 27.66
C SER D 828 22.23 19.77 28.71
N SER D 829 21.51 19.86 29.82
CA SER D 829 21.88 20.80 30.90
C SER D 829 23.15 20.36 31.61
N ARG D 830 23.62 19.12 31.39
CA ARG D 830 24.93 18.67 31.90
C ARG D 830 26.00 18.27 30.87
N LYS D 831 25.68 18.29 29.57
CA LYS D 831 26.60 17.96 28.52
C LYS D 831 26.82 19.24 27.77
N LEU D 832 27.71 20.05 28.34
CA LEU D 832 27.98 21.41 27.91
C LEU D 832 29.46 21.60 27.68
N PRO D 833 30.02 20.99 26.64
CA PRO D 833 31.46 21.05 26.41
C PRO D 833 32.00 22.38 25.91
N LEU D 834 31.14 23.24 25.38
CA LEU D 834 31.58 24.51 24.81
C LEU D 834 31.12 25.64 25.72
N GLN D 835 31.98 26.65 25.85
CA GLN D 835 31.72 27.81 26.70
C GLN D 835 32.49 29.06 26.26
N ALA D 836 31.99 30.20 26.71
CA ALA D 836 32.59 31.49 26.41
C ALA D 836 32.09 32.55 27.40
N SER D 837 33.01 33.41 27.85
CA SER D 837 32.68 34.61 28.59
C SER D 837 32.12 35.63 27.64
N LEU D 838 31.03 36.27 28.03
CA LEU D 838 30.45 37.32 27.20
C LEU D 838 31.09 38.65 27.54
N PRO D 839 31.34 39.49 26.53
CA PRO D 839 31.75 40.86 26.89
C PRO D 839 30.57 41.64 27.42
N LYS D 840 30.83 42.78 28.06
CA LYS D 840 29.79 43.71 28.49
C LYS D 840 28.95 44.22 27.32
N ALA D 841 27.63 44.24 27.47
CA ALA D 841 26.76 44.65 26.32
C ALA D 841 26.82 46.13 25.91
#